data_3U6N
#
_entry.id   3U6N
#
_cell.length_a   137.648
_cell.length_b   210.816
_cell.length_c   238.758
_cell.angle_alpha   90.000
_cell.angle_beta   90.000
_cell.angle_gamma   90.000
#
_symmetry.space_group_name_H-M   'P 21 21 21'
#
loop_
_entity.id
_entity.type
_entity.pdbx_description
1 polymer 'High-Conductance Ca2+-Activated K+ Channel protein'
2 non-polymer 'CALCIUM ION'
#
_entity_poly.entity_id   1
_entity_poly.type   'polypeptide(L)'
_entity_poly.pdbx_seq_one_letter_code
;MGRKHIVVCGHITLESVSNFLKDFLHKDRDDVNVEIVFLHNISPNLELEALFKRHFTQVEFYQGSVLNPHDLARVKIESA
DACLILANKYCADPDAEDASNIMRVISIKNYHPKIRIITQMLQYHNKAHLLNIPSWNWKEGDDAICLAELKAGFIAQSCL
AQGLSTMLANLFSMRSYIKIEEDTWQKYYLEGVANEMYTEYLSSAFVGLSFPTVCELCYVKLKLLLIAIEYKSEQRESRS
RKRILINPGNHVKMQEGTLGFFIASDAKEVKRAFFYCKACHDDITDPKRIKKCGCKRIEDEHPSTLSPKKKQRNGGMRNS
PNCSPKMMRHDPLLIPGNEQIESMDANVKRYDSTGMFHWCPSKEIEKVILTRSEASMTVLSGHVVVCIFGDVTSALVGLR
NLVMPLRASNFHYHELKPIVFVGSLDYLRREWETLHNFPKVFILPGTPLSRADLRAVNINLCDMCVILSANQNNIDDASL
QDKECILASLNIKSMQFDDSVTTGSNIPIITELVNDSNVQFLDQDDDDDPDTELYLTQPFACGTAFAVSVLDSLMSATYF
NDNILTLIRTLVTGGATPELEALLAEENALRGGYSTPQTLANRDRCRVAQLALYDGPFADLGDGGCYGDLFCKALKTYNM
LCFGIYRLRDAHLGAPSQCTKRYVITNPPYEFEMVPTDLIFCLMQFDSNSLEVLFQ
;
_entity_poly.pdbx_strand_id   A,B,C,D,E,F,G,H
#
# COMPACT_ATOMS: atom_id res chain seq x y z
N LYS A 4 -47.15 -8.41 5.46
CA LYS A 4 -46.40 -9.30 4.51
C LYS A 4 -45.07 -8.69 4.08
N HIS A 5 -44.03 -9.50 4.04
CA HIS A 5 -42.71 -9.04 3.61
C HIS A 5 -41.97 -10.09 2.83
N ILE A 6 -41.00 -9.67 2.03
CA ILE A 6 -40.19 -10.60 1.24
C ILE A 6 -38.69 -10.46 1.51
N VAL A 7 -37.94 -11.51 1.22
CA VAL A 7 -36.49 -11.51 1.41
C VAL A 7 -35.79 -11.68 0.06
N VAL A 8 -35.06 -10.66 -0.36
CA VAL A 8 -34.27 -10.74 -1.58
C VAL A 8 -32.81 -10.96 -1.22
N CYS A 9 -32.16 -11.90 -1.90
CA CYS A 9 -30.79 -12.28 -1.57
C CYS A 9 -30.02 -12.67 -2.83
N GLY A 10 -28.81 -13.20 -2.64
CA GLY A 10 -27.95 -13.58 -3.74
C GLY A 10 -27.14 -12.40 -4.21
N HIS A 11 -26.97 -12.30 -5.53
CA HIS A 11 -26.20 -11.21 -6.12
C HIS A 11 -26.96 -9.90 -6.11
N ILE A 12 -26.66 -9.10 -5.09
CA ILE A 12 -27.31 -7.82 -4.85
C ILE A 12 -26.34 -6.68 -5.07
N THR A 13 -26.47 -6.01 -6.21
CA THR A 13 -25.65 -4.85 -6.55
C THR A 13 -26.54 -3.65 -6.57
N LEU A 14 -25.93 -2.47 -6.42
CA LEU A 14 -26.64 -1.21 -6.58
C LEU A 14 -27.55 -1.27 -7.81
N GLU A 15 -26.96 -1.68 -8.94
CA GLU A 15 -27.70 -1.76 -10.21
C GLU A 15 -28.87 -2.76 -10.15
N SER A 16 -28.66 -3.88 -9.47
CA SER A 16 -29.68 -4.94 -9.41
C SER A 16 -30.83 -4.55 -8.50
N VAL A 17 -30.51 -3.92 -7.37
CA VAL A 17 -31.50 -3.42 -6.42
C VAL A 17 -32.39 -2.38 -7.09
N SER A 18 -31.77 -1.36 -7.67
CA SER A 18 -32.49 -0.25 -8.30
C SER A 18 -33.43 -0.77 -9.36
N ASN A 19 -32.93 -1.70 -10.18
CA ASN A 19 -33.75 -2.36 -11.20
C ASN A 19 -34.90 -3.17 -10.64
N PHE A 20 -34.65 -3.85 -9.53
CA PHE A 20 -35.68 -4.65 -8.88
C PHE A 20 -36.80 -3.77 -8.35
N LEU A 21 -36.41 -2.66 -7.72
CA LEU A 21 -37.37 -1.77 -7.11
C LEU A 21 -38.28 -1.09 -8.12
N LYS A 22 -37.72 -0.69 -9.26
CA LYS A 22 -38.49 -0.05 -10.33
C LYS A 22 -39.64 -0.95 -10.78
N ASP A 23 -39.33 -2.21 -11.04
CA ASP A 23 -40.28 -3.18 -11.57
C ASP A 23 -41.31 -3.62 -10.56
N PHE A 24 -41.05 -3.34 -9.29
CA PHE A 24 -41.93 -3.80 -8.22
C PHE A 24 -43.19 -2.93 -8.04
N LEU A 25 -43.07 -1.61 -8.23
CA LEU A 25 -44.05 -0.66 -7.67
C LEU A 25 -44.64 0.40 -8.62
N HIS A 26 -45.27 -0.04 -9.71
CA HIS A 26 -45.60 0.89 -10.81
C HIS A 26 -47.07 1.18 -11.00
N LYS A 27 -47.73 0.32 -11.78
CA LYS A 27 -49.15 0.42 -12.12
C LYS A 27 -49.91 -0.65 -11.35
N ASP A 28 -49.16 -1.57 -10.74
CA ASP A 28 -49.74 -2.70 -10.01
C ASP A 28 -50.73 -2.24 -8.95
N ARG A 29 -51.75 -3.07 -8.69
CA ARG A 29 -52.88 -2.68 -7.84
C ARG A 29 -52.50 -2.15 -6.46
N ASP A 30 -51.69 -2.90 -5.72
CA ASP A 30 -51.27 -2.49 -4.37
C ASP A 30 -49.79 -2.81 -4.10
N ASP A 31 -49.04 -1.78 -3.71
CA ASP A 31 -47.63 -1.94 -3.35
C ASP A 31 -47.42 -1.70 -1.85
N VAL A 32 -48.43 -1.11 -1.21
CA VAL A 32 -48.42 -0.76 0.21
C VAL A 32 -48.24 -1.98 1.14
N ASN A 33 -48.61 -3.14 0.62
CA ASN A 33 -48.62 -4.39 1.38
C ASN A 33 -47.25 -5.00 1.72
N VAL A 34 -46.31 -4.96 0.77
CA VAL A 34 -45.06 -5.71 0.89
C VAL A 34 -43.83 -4.90 1.32
N GLU A 35 -43.14 -5.38 2.34
CA GLU A 35 -41.86 -4.81 2.77
C GLU A 35 -40.74 -5.67 2.21
N ILE A 36 -39.82 -5.01 1.50
CA ILE A 36 -38.70 -5.70 0.84
C ILE A 36 -37.45 -5.64 1.71
N VAL A 37 -36.96 -6.81 2.11
CA VAL A 37 -35.78 -6.89 2.94
C VAL A 37 -34.64 -7.52 2.15
N PHE A 38 -33.66 -6.70 1.79
CA PHE A 38 -32.47 -7.19 1.07
C PHE A 38 -31.49 -7.79 2.05
N LEU A 39 -30.89 -8.91 1.64
CA LEU A 39 -29.83 -9.56 2.42
C LEU A 39 -28.62 -9.86 1.54
N HIS A 40 -27.57 -9.07 1.73
CA HIS A 40 -26.32 -9.20 0.99
C HIS A 40 -25.26 -9.73 1.90
N ASN A 41 -24.05 -9.95 1.38
CA ASN A 41 -22.89 -10.22 2.23
C ASN A 41 -21.69 -9.31 1.93
N ILE A 42 -21.92 -8.35 1.03
CA ILE A 42 -20.90 -7.38 0.65
C ILE A 42 -20.77 -6.27 1.68
N SER A 43 -19.73 -5.44 1.53
CA SER A 43 -19.47 -4.29 2.39
C SER A 43 -20.69 -3.40 2.51
N PRO A 44 -21.12 -3.11 3.75
CA PRO A 44 -22.36 -2.39 4.03
C PRO A 44 -22.63 -1.19 3.10
N ASN A 45 -21.66 -0.27 2.99
CA ASN A 45 -21.83 1.00 2.28
C ASN A 45 -23.07 1.76 2.79
N LEU A 46 -23.16 1.90 4.11
CA LEU A 46 -24.35 2.44 4.77
C LEU A 46 -24.90 3.68 4.09
N GLU A 47 -24.00 4.56 3.66
CA GLU A 47 -24.38 5.83 3.03
C GLU A 47 -25.27 5.64 1.79
N LEU A 48 -24.84 4.79 0.85
CA LEU A 48 -25.61 4.52 -0.37
C LEU A 48 -26.98 3.92 -0.05
N GLU A 49 -26.99 3.02 0.92
CA GLU A 49 -28.21 2.38 1.41
C GLU A 49 -29.09 3.40 2.13
N ALA A 50 -28.47 4.26 2.94
CA ALA A 50 -29.20 5.23 3.77
C ALA A 50 -30.28 5.98 3.00
N LEU A 51 -29.90 6.50 1.83
CA LEU A 51 -30.80 7.27 0.97
C LEU A 51 -31.97 6.43 0.46
N PHE A 52 -31.68 5.20 0.05
CA PHE A 52 -32.71 4.27 -0.39
C PHE A 52 -33.86 4.16 0.59
N LYS A 53 -33.52 3.85 1.84
CA LYS A 53 -34.48 3.69 2.94
C LYS A 53 -35.38 4.92 3.10
N ARG A 54 -34.82 6.10 2.80
CA ARG A 54 -35.55 7.37 2.86
C ARG A 54 -36.59 7.50 1.74
N HIS A 55 -36.27 7.04 0.52
CA HIS A 55 -37.22 7.09 -0.59
C HIS A 55 -38.30 6.04 -0.47
N PHE A 56 -37.91 4.79 -0.25
CA PHE A 56 -38.89 3.72 -0.03
C PHE A 56 -38.86 3.32 1.45
N THR A 57 -39.98 3.48 2.13
CA THR A 57 -40.08 3.15 3.55
C THR A 57 -40.35 1.64 3.72
N GLN A 58 -40.21 0.91 2.63
CA GLN A 58 -40.54 -0.51 2.59
C GLN A 58 -39.28 -1.35 2.45
N VAL A 59 -38.13 -0.69 2.52
CA VAL A 59 -36.85 -1.30 2.18
C VAL A 59 -35.88 -1.30 3.36
N GLU A 60 -35.41 -2.49 3.73
CA GLU A 60 -34.40 -2.66 4.78
C GLU A 60 -33.22 -3.52 4.31
N PHE A 61 -32.02 -3.11 4.69
CA PHE A 61 -30.79 -3.79 4.29
C PHE A 61 -30.13 -4.46 5.50
N TYR A 62 -29.78 -5.73 5.36
CA TYR A 62 -29.03 -6.45 6.40
C TYR A 62 -27.93 -7.25 5.72
N GLN A 63 -26.74 -7.25 6.29
CA GLN A 63 -25.68 -8.09 5.75
C GLN A 63 -25.53 -9.38 6.52
N GLY A 64 -24.96 -10.37 5.84
CA GLY A 64 -24.89 -11.74 6.33
C GLY A 64 -25.11 -12.73 5.20
N SER A 65 -25.03 -14.02 5.52
CA SER A 65 -25.18 -15.06 4.52
C SER A 65 -26.56 -15.68 4.57
N VAL A 66 -26.93 -16.34 3.48
CA VAL A 66 -28.20 -17.07 3.40
C VAL A 66 -27.98 -18.48 3.93
N LEU A 67 -26.73 -18.78 4.25
CA LEU A 67 -26.31 -20.09 4.73
C LEU A 67 -26.10 -20.07 6.24
N ASN A 68 -26.52 -18.98 6.88
CA ASN A 68 -26.37 -18.84 8.32
C ASN A 68 -27.71 -18.82 9.03
N PRO A 69 -28.06 -19.92 9.73
CA PRO A 69 -29.37 -20.07 10.39
C PRO A 69 -29.74 -18.88 11.28
N HIS A 70 -28.74 -18.21 11.85
CA HIS A 70 -28.96 -17.00 12.63
C HIS A 70 -29.46 -15.87 11.77
N ASP A 71 -28.80 -15.65 10.64
CA ASP A 71 -29.15 -14.58 9.70
C ASP A 71 -30.53 -14.76 9.08
N LEU A 72 -30.88 -16.00 8.72
CA LEU A 72 -32.19 -16.32 8.18
C LEU A 72 -33.30 -16.01 9.19
N ALA A 73 -33.01 -16.29 10.46
CA ALA A 73 -33.92 -15.96 11.55
C ALA A 73 -33.99 -14.45 11.82
N ARG A 74 -32.85 -13.77 11.66
CA ARG A 74 -32.77 -12.33 11.86
C ARG A 74 -33.60 -11.57 10.83
N VAL A 75 -33.56 -12.06 9.60
CA VAL A 75 -34.33 -11.48 8.50
C VAL A 75 -35.76 -12.02 8.52
N LYS A 76 -35.99 -13.00 9.39
CA LYS A 76 -37.29 -13.66 9.54
C LYS A 76 -37.81 -14.21 8.21
N ILE A 77 -37.03 -15.13 7.64
CA ILE A 77 -37.31 -15.77 6.36
C ILE A 77 -38.53 -16.65 6.49
N GLU A 78 -38.69 -17.26 7.66
CA GLU A 78 -39.79 -18.20 7.94
C GLU A 78 -41.19 -17.59 7.82
N SER A 79 -41.31 -16.32 8.16
CA SER A 79 -42.56 -15.60 8.10
C SER A 79 -42.79 -15.00 6.71
N ALA A 80 -41.69 -14.61 6.07
CA ALA A 80 -41.73 -13.93 4.76
C ALA A 80 -42.57 -14.62 3.70
N ASP A 81 -43.36 -13.81 2.99
CA ASP A 81 -44.22 -14.28 1.92
C ASP A 81 -43.43 -15.15 0.92
N ALA A 82 -42.31 -14.62 0.44
CA ALA A 82 -41.47 -15.33 -0.52
C ALA A 82 -40.03 -14.87 -0.41
N CYS A 83 -39.11 -15.68 -0.93
CA CYS A 83 -37.71 -15.31 -1.01
C CYS A 83 -37.19 -15.36 -2.46
N LEU A 84 -36.58 -14.26 -2.90
CA LEU A 84 -36.09 -14.19 -4.27
C LEU A 84 -34.57 -14.19 -4.31
N ILE A 85 -34.01 -15.08 -5.12
CA ILE A 85 -32.57 -15.23 -5.26
C ILE A 85 -32.09 -14.71 -6.61
N LEU A 86 -31.52 -13.50 -6.60
CA LEU A 86 -30.98 -12.93 -7.82
C LEU A 86 -29.62 -13.53 -8.15
N ALA A 87 -29.36 -13.74 -9.43
CA ALA A 87 -28.12 -14.34 -9.88
C ALA A 87 -27.20 -13.34 -10.57
N ASN A 88 -25.92 -13.70 -10.66
CA ASN A 88 -24.96 -12.91 -11.40
C ASN A 88 -25.04 -13.25 -12.88
N LYS A 89 -25.96 -12.58 -13.58
CA LYS A 89 -26.18 -12.84 -15.01
C LYS A 89 -24.85 -12.78 -15.78
N TYR A 90 -24.05 -11.74 -15.51
CA TYR A 90 -22.79 -11.53 -16.20
C TYR A 90 -21.65 -12.10 -15.39
N CYS A 91 -21.81 -13.37 -15.05
CA CYS A 91 -20.88 -14.10 -14.20
C CYS A 91 -19.62 -14.56 -14.92
N ALA A 92 -18.61 -14.95 -14.15
CA ALA A 92 -17.36 -15.53 -14.67
C ALA A 92 -17.57 -16.96 -15.17
N ASP A 93 -18.01 -17.85 -14.27
CA ASP A 93 -18.33 -19.23 -14.61
C ASP A 93 -19.80 -19.53 -14.31
N PRO A 94 -20.64 -19.61 -15.36
CA PRO A 94 -22.09 -19.83 -15.21
C PRO A 94 -22.45 -21.07 -14.39
N ASP A 95 -21.79 -22.18 -14.64
CA ASP A 95 -22.03 -23.40 -13.88
C ASP A 95 -21.76 -23.21 -12.38
N ALA A 96 -20.65 -22.54 -12.07
CA ALA A 96 -20.27 -22.26 -10.68
C ALA A 96 -21.30 -21.36 -10.00
N GLU A 97 -21.87 -20.43 -10.75
CA GLU A 97 -22.88 -19.52 -10.21
C GLU A 97 -24.14 -20.26 -9.81
N ASP A 98 -24.65 -21.11 -10.70
CA ASP A 98 -25.82 -21.91 -10.42
C ASP A 98 -25.56 -22.82 -9.23
N ALA A 99 -24.38 -23.45 -9.24
CA ALA A 99 -23.93 -24.26 -8.13
C ALA A 99 -24.10 -23.51 -6.81
N SER A 100 -23.63 -22.27 -6.80
CA SER A 100 -23.70 -21.41 -5.62
C SER A 100 -25.14 -21.08 -5.24
N ASN A 101 -25.96 -20.74 -6.24
CA ASN A 101 -27.37 -20.40 -6.02
C ASN A 101 -28.21 -21.58 -5.54
N ILE A 102 -27.97 -22.74 -6.12
CA ILE A 102 -28.65 -23.96 -5.70
C ILE A 102 -28.43 -24.19 -4.21
N MET A 103 -27.20 -23.99 -3.75
CA MET A 103 -26.85 -24.13 -2.34
C MET A 103 -27.71 -23.23 -1.45
N ARG A 104 -27.97 -22.01 -1.91
CA ARG A 104 -28.85 -21.09 -1.18
C ARG A 104 -30.24 -21.69 -1.08
N VAL A 105 -30.76 -22.16 -2.21
CA VAL A 105 -32.07 -22.80 -2.23
C VAL A 105 -32.10 -23.93 -1.19
N ILE A 106 -31.10 -24.81 -1.26
CA ILE A 106 -30.96 -25.89 -0.27
C ILE A 106 -31.04 -25.34 1.14
N SER A 107 -30.25 -24.29 1.42
CA SER A 107 -30.16 -23.71 2.76
C SER A 107 -31.47 -23.06 3.23
N ILE A 108 -32.08 -22.24 2.37
CA ILE A 108 -33.35 -21.58 2.69
C ILE A 108 -34.43 -22.62 2.94
N LYS A 109 -34.37 -23.71 2.19
CA LYS A 109 -35.31 -24.82 2.39
C LYS A 109 -34.98 -25.60 3.66
N ASN A 110 -33.70 -25.74 3.96
CA ASN A 110 -33.27 -26.41 5.19
C ASN A 110 -33.82 -25.71 6.43
N TYR A 111 -33.79 -24.37 6.43
CA TYR A 111 -34.24 -23.59 7.57
C TYR A 111 -35.77 -23.64 7.72
N HIS A 112 -36.47 -23.43 6.61
CA HIS A 112 -37.91 -23.49 6.61
C HIS A 112 -38.38 -23.92 5.26
N PRO A 113 -38.91 -25.15 5.17
CA PRO A 113 -39.22 -25.78 3.89
C PRO A 113 -40.42 -25.13 3.17
N LYS A 114 -41.42 -24.74 3.94
CA LYS A 114 -42.65 -24.16 3.39
C LYS A 114 -42.49 -22.68 3.02
N ILE A 115 -41.50 -22.40 2.17
CA ILE A 115 -41.23 -21.05 1.68
C ILE A 115 -41.37 -21.02 0.16
N ARG A 116 -41.87 -19.92 -0.36
CA ARG A 116 -41.88 -19.67 -1.80
C ARG A 116 -40.51 -19.13 -2.23
N ILE A 117 -39.87 -19.81 -3.17
CA ILE A 117 -38.55 -19.40 -3.67
C ILE A 117 -38.60 -19.11 -5.16
N ILE A 118 -38.36 -17.86 -5.53
CA ILE A 118 -38.17 -17.50 -6.93
C ILE A 118 -36.67 -17.37 -7.16
N THR A 119 -36.13 -18.10 -8.13
CA THR A 119 -34.67 -18.06 -8.36
C THR A 119 -34.27 -18.02 -9.84
N GLN A 120 -33.20 -17.29 -10.13
CA GLN A 120 -32.68 -17.22 -11.49
C GLN A 120 -31.66 -18.33 -11.74
N MET A 121 -31.67 -18.87 -12.95
CA MET A 121 -30.69 -19.89 -13.34
C MET A 121 -30.04 -19.54 -14.67
N LEU A 122 -28.72 -19.71 -14.73
CA LEU A 122 -27.97 -19.31 -15.92
C LEU A 122 -27.93 -20.38 -17.01
N GLN A 123 -27.89 -21.64 -16.61
CA GLN A 123 -27.83 -22.76 -17.55
C GLN A 123 -29.04 -23.63 -17.31
N TYR A 124 -29.67 -24.16 -18.38
CA TYR A 124 -30.82 -25.05 -18.20
C TYR A 124 -30.44 -26.31 -17.41
N HIS A 125 -29.42 -27.03 -17.87
CA HIS A 125 -29.06 -28.33 -17.29
C HIS A 125 -29.01 -28.35 -15.79
N ASN A 126 -28.63 -27.21 -15.20
CA ASN A 126 -28.58 -27.04 -13.75
C ASN A 126 -29.97 -26.89 -13.13
N LYS A 127 -30.89 -26.27 -13.87
CA LYS A 127 -32.26 -26.06 -13.41
C LYS A 127 -32.94 -27.37 -13.00
N ALA A 128 -32.62 -28.43 -13.74
CA ALA A 128 -33.07 -29.77 -13.40
C ALA A 128 -32.76 -30.13 -11.93
N HIS A 129 -31.51 -29.91 -11.50
CA HIS A 129 -31.06 -30.26 -10.14
C HIS A 129 -31.99 -29.83 -9.05
N LEU A 130 -32.66 -28.70 -9.25
CA LEU A 130 -33.55 -28.12 -8.23
C LEU A 130 -34.66 -29.06 -7.80
N LEU A 131 -34.98 -30.03 -8.66
CA LEU A 131 -36.03 -30.99 -8.37
C LEU A 131 -35.62 -32.06 -7.36
N ASN A 132 -34.31 -32.31 -7.28
CA ASN A 132 -33.73 -33.23 -6.30
C ASN A 132 -33.88 -32.74 -4.87
N ILE A 133 -34.01 -31.43 -4.71
CA ILE A 133 -34.24 -30.84 -3.40
C ILE A 133 -35.65 -31.19 -2.92
N PRO A 134 -35.74 -31.89 -1.78
CA PRO A 134 -37.00 -32.40 -1.20
C PRO A 134 -38.10 -31.34 -1.06
N SER A 135 -37.76 -30.17 -0.52
CA SER A 135 -38.77 -29.19 -0.18
C SER A 135 -39.21 -28.35 -1.37
N TRP A 136 -38.56 -28.57 -2.51
CA TRP A 136 -38.86 -27.83 -3.74
C TRP A 136 -40.20 -28.21 -4.30
N ASN A 137 -41.11 -27.24 -4.33
CA ASN A 137 -42.47 -27.47 -4.80
C ASN A 137 -42.80 -26.81 -6.13
N TRP A 138 -42.63 -27.56 -7.22
CA TRP A 138 -42.97 -27.10 -8.57
C TRP A 138 -44.43 -26.80 -8.71
N LYS A 139 -45.23 -27.46 -7.87
CA LYS A 139 -46.69 -27.33 -7.85
C LYS A 139 -47.14 -26.23 -6.89
N GLU A 140 -46.37 -25.97 -5.83
CA GLU A 140 -46.61 -24.80 -5.01
C GLU A 140 -45.94 -23.58 -5.66
N GLY A 141 -45.68 -22.53 -4.87
CA GLY A 141 -45.15 -21.26 -5.39
C GLY A 141 -43.74 -21.24 -5.98
N ASP A 142 -42.91 -22.20 -5.58
CA ASP A 142 -41.53 -22.29 -6.04
C ASP A 142 -41.45 -22.37 -7.55
N ASP A 143 -40.68 -21.46 -8.14
CA ASP A 143 -40.45 -21.44 -9.58
C ASP A 143 -39.05 -20.91 -9.87
N ALA A 144 -38.42 -21.44 -10.91
CA ALA A 144 -37.10 -20.98 -11.28
C ALA A 144 -37.07 -20.40 -12.69
N ILE A 145 -36.76 -19.12 -12.78
CA ILE A 145 -36.61 -18.46 -14.08
C ILE A 145 -35.28 -18.85 -14.71
N CYS A 146 -35.32 -19.73 -15.71
CA CYS A 146 -34.08 -20.05 -16.40
C CYS A 146 -33.79 -19.04 -17.48
N LEU A 147 -32.74 -18.25 -17.27
CA LEU A 147 -32.37 -17.16 -18.17
C LEU A 147 -31.90 -17.67 -19.52
N ALA A 148 -31.17 -18.78 -19.53
CA ALA A 148 -30.69 -19.37 -20.78
C ALA A 148 -31.85 -19.77 -21.69
N GLU A 149 -32.84 -20.46 -21.12
CA GLU A 149 -33.94 -21.02 -21.91
C GLU A 149 -34.88 -19.95 -22.46
N LEU A 150 -35.07 -18.88 -21.70
CA LEU A 150 -35.95 -17.80 -22.11
C LEU A 150 -35.28 -16.89 -23.13
N LYS A 151 -34.04 -16.48 -22.88
CA LYS A 151 -33.27 -15.68 -23.85
C LYS A 151 -33.33 -16.36 -25.20
N ALA A 152 -33.04 -17.67 -25.20
CA ALA A 152 -33.05 -18.47 -26.42
C ALA A 152 -34.43 -18.48 -27.05
N GLY A 153 -35.45 -18.79 -26.25
CA GLY A 153 -36.83 -18.83 -26.74
C GLY A 153 -37.30 -17.52 -27.36
N PHE A 154 -37.02 -16.41 -26.69
CA PHE A 154 -37.41 -15.09 -27.20
C PHE A 154 -36.80 -14.83 -28.58
N ILE A 155 -35.53 -15.17 -28.74
CA ILE A 155 -34.86 -15.01 -30.01
C ILE A 155 -35.47 -15.98 -31.03
N ALA A 156 -35.80 -17.19 -30.58
CA ALA A 156 -36.43 -18.21 -31.44
C ALA A 156 -37.77 -17.73 -31.96
N GLN A 157 -38.56 -17.16 -31.05
CA GLN A 157 -39.87 -16.63 -31.40
C GLN A 157 -39.77 -15.49 -32.40
N SER A 158 -38.62 -14.84 -32.46
CA SER A 158 -38.38 -13.78 -33.43
C SER A 158 -38.11 -14.30 -34.84
N CYS A 159 -37.67 -15.55 -34.95
CA CYS A 159 -37.48 -16.19 -36.26
C CYS A 159 -38.81 -16.42 -36.99
N LEU A 160 -39.84 -16.76 -36.22
CA LEU A 160 -41.19 -16.95 -36.73
C LEU A 160 -41.83 -15.61 -37.04
N ALA A 161 -41.80 -14.69 -36.07
CA ALA A 161 -42.32 -13.34 -36.27
C ALA A 161 -41.31 -12.31 -35.80
N GLN A 162 -40.59 -11.70 -36.74
CA GLN A 162 -39.54 -10.74 -36.38
C GLN A 162 -40.09 -9.58 -35.58
N GLY A 163 -39.45 -9.32 -34.45
CA GLY A 163 -39.87 -8.26 -33.55
C GLY A 163 -40.67 -8.77 -32.36
N LEU A 164 -41.05 -10.05 -32.40
CA LEU A 164 -41.79 -10.64 -31.30
C LEU A 164 -40.98 -10.57 -30.00
N SER A 165 -39.67 -10.83 -30.09
CA SER A 165 -38.78 -10.77 -28.93
C SER A 165 -38.96 -9.50 -28.11
N THR A 166 -38.94 -8.34 -28.76
CA THR A 166 -39.03 -7.07 -28.06
C THR A 166 -40.48 -6.73 -27.73
N MET A 167 -41.41 -7.27 -28.49
CA MET A 167 -42.82 -7.09 -28.20
C MET A 167 -43.21 -7.83 -26.94
N LEU A 168 -42.70 -9.05 -26.83
CA LEU A 168 -42.97 -9.95 -25.72
C LEU A 168 -42.18 -9.52 -24.47
N ALA A 169 -41.23 -8.61 -24.64
CA ALA A 169 -40.40 -8.14 -23.54
C ALA A 169 -40.98 -6.89 -22.90
N ASN A 170 -41.34 -5.91 -23.71
CA ASN A 170 -41.96 -4.66 -23.26
C ASN A 170 -43.27 -4.93 -22.56
N LEU A 171 -43.95 -5.97 -23.04
CA LEU A 171 -45.20 -6.47 -22.49
C LEU A 171 -45.02 -6.90 -21.04
N PHE A 172 -43.83 -7.38 -20.70
CA PHE A 172 -43.55 -7.97 -19.39
C PHE A 172 -42.98 -7.03 -18.35
N SER A 173 -42.19 -6.08 -18.82
CA SER A 173 -41.60 -5.08 -17.95
C SER A 173 -42.63 -4.01 -17.64
N MET A 174 -42.91 -3.82 -16.34
CA MET A 174 -43.88 -2.83 -15.89
C MET A 174 -43.42 -1.42 -16.29
N ARG A 175 -44.19 -0.81 -17.19
CA ARG A 175 -43.91 0.53 -17.72
C ARG A 175 -45.18 1.28 -18.00
N SER A 176 -45.12 2.61 -17.85
CA SER A 176 -46.30 3.48 -18.02
C SER A 176 -46.30 4.27 -19.33
N TYR A 177 -47.44 4.90 -19.62
CA TYR A 177 -47.68 5.64 -20.86
C TYR A 177 -46.91 6.96 -20.91
N ILE A 178 -46.36 7.30 -22.07
CA ILE A 178 -45.47 8.45 -22.19
C ILE A 178 -46.04 9.64 -22.99
N LYS A 179 -46.80 9.35 -24.05
CA LYS A 179 -47.50 10.39 -24.84
C LYS A 179 -46.58 11.45 -25.41
N ILE A 180 -45.69 11.05 -26.31
CA ILE A 180 -44.87 12.04 -27.02
C ILE A 180 -45.76 12.83 -27.99
N GLU A 181 -45.63 14.16 -27.94
CA GLU A 181 -46.51 15.06 -28.69
C GLU A 181 -46.26 15.01 -30.19
N GLU A 182 -44.99 15.11 -30.57
CA GLU A 182 -44.62 15.13 -31.99
C GLU A 182 -44.87 13.80 -32.69
N ASP A 183 -45.18 13.87 -33.99
CA ASP A 183 -45.43 12.68 -34.79
C ASP A 183 -44.11 12.05 -35.25
N THR A 184 -43.75 10.95 -34.60
CA THR A 184 -42.65 10.06 -35.00
C THR A 184 -43.00 8.66 -34.52
N TRP A 185 -42.28 7.65 -34.99
CA TRP A 185 -42.56 6.27 -34.59
C TRP A 185 -42.51 6.08 -33.09
N GLN A 186 -41.70 6.87 -32.41
CA GLN A 186 -41.60 6.81 -30.94
C GLN A 186 -43.00 6.81 -30.33
N LYS A 187 -43.81 7.77 -30.76
CA LYS A 187 -45.19 7.91 -30.28
C LYS A 187 -45.91 6.58 -30.30
N TYR A 188 -45.97 5.98 -31.48
CA TYR A 188 -46.75 4.76 -31.69
C TYR A 188 -46.15 3.58 -30.95
N TYR A 189 -44.82 3.51 -30.99
CA TYR A 189 -44.08 2.47 -30.29
C TYR A 189 -44.37 2.50 -28.80
N LEU A 190 -44.29 3.70 -28.21
CA LEU A 190 -44.45 3.89 -26.78
C LEU A 190 -45.89 3.68 -26.33
N GLU A 191 -46.83 4.09 -27.18
CA GLU A 191 -48.25 3.88 -26.92
C GLU A 191 -48.51 2.39 -26.72
N GLY A 192 -47.69 1.56 -27.37
CA GLY A 192 -47.73 0.12 -27.19
C GLY A 192 -46.97 -0.31 -25.95
N VAL A 193 -45.76 0.22 -25.79
CA VAL A 193 -44.89 -0.11 -24.67
C VAL A 193 -45.60 0.00 -23.32
N ALA A 194 -46.49 0.99 -23.21
CA ALA A 194 -47.30 1.30 -22.02
C ALA A 194 -48.03 0.06 -21.44
N ASN A 195 -48.03 -1.00 -22.23
CA ASN A 195 -48.62 -2.25 -21.81
C ASN A 195 -47.79 -3.06 -20.83
N GLU A 196 -48.53 -3.89 -20.10
CA GLU A 196 -48.04 -4.85 -19.16
C GLU A 196 -49.16 -5.88 -19.17
N MET A 197 -48.82 -7.16 -19.03
CA MET A 197 -49.82 -8.22 -19.13
C MET A 197 -50.33 -8.65 -17.76
N TYR A 198 -51.63 -8.46 -17.52
CA TYR A 198 -52.21 -8.76 -16.20
C TYR A 198 -53.13 -9.98 -16.19
N THR A 199 -53.32 -10.53 -15.00
CA THR A 199 -54.16 -11.70 -14.82
C THR A 199 -55.48 -11.31 -14.13
N GLU A 200 -56.60 -11.83 -14.63
CA GLU A 200 -57.93 -11.55 -14.08
C GLU A 200 -58.93 -12.67 -14.30
N TYR A 201 -59.85 -12.81 -13.34
CA TYR A 201 -60.96 -13.75 -13.44
C TYR A 201 -62.09 -13.19 -14.29
N LEU A 202 -62.66 -14.06 -15.13
CA LEU A 202 -63.75 -13.69 -16.03
C LEU A 202 -65.05 -13.51 -15.26
N SER A 203 -65.84 -12.52 -15.66
CA SER A 203 -67.17 -12.28 -15.09
C SER A 203 -68.08 -13.49 -15.35
N SER A 204 -68.98 -13.75 -14.40
CA SER A 204 -69.94 -14.85 -14.52
C SER A 204 -70.71 -14.80 -15.84
N ALA A 205 -70.82 -13.59 -16.39
CA ALA A 205 -71.55 -13.34 -17.64
C ALA A 205 -71.07 -14.17 -18.82
N PHE A 206 -69.77 -14.36 -18.91
CA PHE A 206 -69.16 -15.03 -20.07
C PHE A 206 -69.33 -16.54 -20.09
N VAL A 207 -69.68 -17.13 -18.94
CA VAL A 207 -69.79 -18.58 -18.80
C VAL A 207 -70.54 -19.22 -19.97
N GLY A 208 -69.95 -20.25 -20.56
CA GLY A 208 -70.60 -21.01 -21.62
C GLY A 208 -70.36 -20.49 -23.02
N LEU A 209 -70.04 -19.21 -23.15
CA LEU A 209 -69.70 -18.61 -24.45
C LEU A 209 -68.41 -19.21 -25.00
N SER A 210 -68.19 -19.03 -26.31
CA SER A 210 -66.95 -19.48 -26.93
C SER A 210 -65.87 -18.44 -26.70
N PHE A 211 -64.65 -18.88 -26.44
CA PHE A 211 -63.52 -17.97 -26.23
C PHE A 211 -63.52 -16.82 -27.26
N PRO A 212 -63.55 -17.15 -28.57
CA PRO A 212 -63.58 -16.13 -29.62
C PRO A 212 -64.60 -15.02 -29.40
N THR A 213 -65.84 -15.39 -29.07
CA THR A 213 -66.90 -14.41 -28.85
C THR A 213 -66.63 -13.61 -27.57
N VAL A 214 -66.12 -14.28 -26.54
CA VAL A 214 -65.71 -13.61 -25.29
C VAL A 214 -64.62 -12.58 -25.60
N CYS A 215 -63.62 -13.01 -26.37
CA CYS A 215 -62.50 -12.17 -26.74
C CYS A 215 -62.92 -10.89 -27.45
N GLU A 216 -63.88 -11.02 -28.37
CA GLU A 216 -64.44 -9.87 -29.08
C GLU A 216 -65.10 -8.90 -28.11
N LEU A 217 -65.96 -9.42 -27.23
CA LEU A 217 -66.67 -8.60 -26.26
C LEU A 217 -65.69 -7.83 -25.38
N CYS A 218 -64.60 -8.49 -24.98
CA CYS A 218 -63.59 -7.87 -24.14
C CYS A 218 -62.88 -6.74 -24.87
N TYR A 219 -62.59 -6.95 -26.15
CA TYR A 219 -61.89 -5.96 -26.95
C TYR A 219 -62.80 -4.82 -27.38
N VAL A 220 -64.04 -5.15 -27.74
CA VAL A 220 -65.00 -4.17 -28.25
C VAL A 220 -65.65 -3.35 -27.14
N LYS A 221 -66.15 -4.04 -26.11
CA LYS A 221 -66.81 -3.38 -24.98
C LYS A 221 -65.85 -2.82 -23.93
N LEU A 222 -64.66 -3.43 -23.79
CA LEU A 222 -63.73 -3.05 -22.73
C LEU A 222 -62.34 -2.56 -23.19
N LYS A 223 -61.98 -2.83 -24.44
CA LYS A 223 -60.64 -2.51 -24.96
C LYS A 223 -59.50 -3.31 -24.28
N LEU A 224 -59.88 -4.41 -23.64
CA LEU A 224 -58.91 -5.36 -23.06
C LEU A 224 -58.65 -6.51 -24.02
N LEU A 225 -57.43 -6.59 -24.54
CA LEU A 225 -57.04 -7.69 -25.42
C LEU A 225 -56.75 -8.96 -24.59
N LEU A 226 -57.64 -9.94 -24.71
CA LEU A 226 -57.47 -11.22 -24.00
C LEU A 226 -56.73 -12.22 -24.88
N ILE A 227 -55.75 -12.94 -24.31
CA ILE A 227 -54.95 -13.90 -25.09
C ILE A 227 -55.00 -15.36 -24.66
N ALA A 228 -55.38 -15.64 -23.42
CA ALA A 228 -55.41 -17.02 -22.93
C ALA A 228 -56.28 -17.22 -21.68
N ILE A 229 -56.82 -18.44 -21.56
CA ILE A 229 -57.58 -18.86 -20.38
C ILE A 229 -56.78 -19.89 -19.57
N GLU A 230 -57.21 -20.15 -18.34
CA GLU A 230 -56.57 -21.16 -17.49
C GLU A 230 -57.57 -22.25 -17.08
N TYR A 231 -57.90 -23.12 -18.02
CA TYR A 231 -58.94 -24.17 -17.85
C TYR A 231 -58.66 -25.11 -16.68
N LYS A 232 -59.69 -25.35 -15.87
CA LYS A 232 -59.60 -26.25 -14.71
C LYS A 232 -59.85 -27.69 -15.13
N LYS A 242 -53.10 -26.21 -12.89
CA LYS A 242 -53.87 -26.75 -14.01
C LYS A 242 -53.32 -26.25 -15.34
N ARG A 243 -53.69 -26.94 -16.43
CA ARG A 243 -53.25 -26.59 -17.78
C ARG A 243 -53.80 -25.25 -18.26
N ILE A 244 -53.00 -24.53 -19.05
CA ILE A 244 -53.41 -23.23 -19.59
C ILE A 244 -53.45 -23.28 -21.12
N LEU A 245 -54.47 -22.65 -21.72
CA LEU A 245 -54.66 -22.65 -23.18
C LEU A 245 -54.54 -21.26 -23.79
N ILE A 246 -53.55 -21.08 -24.66
CA ILE A 246 -53.30 -19.81 -25.36
C ILE A 246 -54.10 -19.75 -26.67
N ASN A 247 -54.97 -18.74 -26.78
CA ASN A 247 -55.92 -18.58 -27.90
C ASN A 247 -56.66 -19.87 -28.30
N PRO A 248 -57.53 -20.40 -27.41
CA PRO A 248 -58.24 -21.61 -27.81
C PRO A 248 -59.19 -21.36 -28.97
N GLY A 249 -59.54 -22.43 -29.69
CA GLY A 249 -60.52 -22.36 -30.78
C GLY A 249 -61.90 -22.00 -30.27
N ASN A 250 -62.87 -21.89 -31.18
CA ASN A 250 -64.22 -21.45 -30.81
C ASN A 250 -64.99 -22.38 -29.87
N HIS A 251 -64.55 -23.64 -29.77
CA HIS A 251 -65.28 -24.68 -29.04
C HIS A 251 -65.15 -24.51 -27.55
N VAL A 252 -63.97 -24.08 -27.11
CA VAL A 252 -63.69 -23.86 -25.69
C VAL A 252 -64.70 -22.90 -25.06
N LYS A 253 -65.39 -23.38 -24.03
CA LYS A 253 -66.39 -22.58 -23.31
C LYS A 253 -65.99 -22.40 -21.84
N MET A 254 -66.35 -21.24 -21.29
CA MET A 254 -65.92 -20.83 -19.96
C MET A 254 -66.53 -21.65 -18.84
N GLN A 255 -65.68 -22.06 -17.89
CA GLN A 255 -66.09 -22.93 -16.80
C GLN A 255 -66.16 -22.15 -15.49
N GLU A 256 -67.38 -21.73 -15.15
CA GLU A 256 -67.64 -20.93 -13.95
C GLU A 256 -66.68 -19.74 -13.89
N GLY A 257 -65.79 -19.74 -12.91
CA GLY A 257 -64.76 -18.71 -12.78
C GLY A 257 -63.48 -19.18 -13.43
N THR A 258 -63.28 -18.76 -14.68
CA THR A 258 -62.05 -19.05 -15.41
C THR A 258 -61.07 -17.89 -15.17
N LEU A 259 -59.78 -18.19 -15.27
CA LEU A 259 -58.72 -17.18 -15.17
C LEU A 259 -58.22 -16.81 -16.56
N GLY A 260 -58.18 -15.51 -16.84
CA GLY A 260 -57.80 -15.03 -18.16
C GLY A 260 -56.62 -14.08 -18.15
N PHE A 261 -55.76 -14.22 -19.14
CA PHE A 261 -54.59 -13.36 -19.26
C PHE A 261 -54.87 -12.23 -20.25
N PHE A 262 -54.84 -11.00 -19.75
CA PHE A 262 -55.17 -9.83 -20.53
C PHE A 262 -53.95 -8.95 -20.76
N ILE A 263 -54.01 -8.15 -21.82
CA ILE A 263 -52.96 -7.19 -22.12
C ILE A 263 -53.56 -5.79 -22.08
N ALA A 264 -53.48 -5.13 -20.93
CA ALA A 264 -54.01 -3.79 -20.80
C ALA A 264 -53.00 -2.82 -20.21
N SER A 265 -53.23 -1.53 -20.45
CA SER A 265 -52.36 -0.44 -19.99
C SER A 265 -51.98 -0.55 -18.51
N ASP A 266 -53.00 -0.56 -17.65
CA ASP A 266 -52.86 -0.48 -16.21
C ASP A 266 -53.50 -1.71 -15.59
N ALA A 267 -53.06 -2.09 -14.39
CA ALA A 267 -53.64 -3.23 -13.66
C ALA A 267 -55.13 -3.04 -13.31
N LYS A 268 -55.53 -1.80 -13.01
CA LYS A 268 -56.92 -1.46 -12.68
C LYS A 268 -57.85 -1.54 -13.89
N GLU A 269 -57.29 -1.33 -15.08
CA GLU A 269 -58.02 -1.48 -16.34
C GLU A 269 -58.61 -2.88 -16.48
N VAL A 270 -57.83 -3.89 -16.09
CA VAL A 270 -58.20 -5.28 -16.26
C VAL A 270 -59.27 -5.71 -15.26
N LYS A 271 -59.35 -5.01 -14.13
CA LYS A 271 -60.37 -5.30 -13.11
C LYS A 271 -61.77 -5.29 -13.72
N ARG A 272 -61.98 -4.40 -14.69
CA ARG A 272 -63.27 -4.22 -15.37
C ARG A 272 -63.79 -5.45 -16.11
N ALA A 273 -62.92 -6.43 -16.37
CA ALA A 273 -63.33 -7.67 -17.02
C ALA A 273 -64.17 -8.54 -16.09
N PHE A 274 -64.69 -7.91 -15.05
CA PHE A 274 -65.37 -8.59 -13.96
C PHE A 274 -66.74 -7.94 -13.66
N PHE A 275 -67.52 -7.69 -14.71
CA PHE A 275 -68.85 -7.09 -14.59
C PHE A 275 -69.82 -7.56 -15.68
N LYS A 349 -41.47 -43.62 -35.59
CA LYS A 349 -41.24 -42.64 -34.52
C LYS A 349 -40.86 -41.26 -35.09
N ARG A 350 -41.88 -40.42 -35.30
CA ARG A 350 -41.69 -39.10 -35.89
C ARG A 350 -41.80 -37.93 -34.89
N TYR A 351 -42.15 -38.25 -33.64
CA TYR A 351 -42.31 -37.24 -32.59
C TYR A 351 -41.62 -37.61 -31.27
N ASP A 352 -41.44 -36.62 -30.40
CA ASP A 352 -40.92 -36.82 -29.05
C ASP A 352 -41.92 -37.62 -28.23
N SER A 353 -41.48 -38.13 -27.08
CA SER A 353 -42.36 -38.86 -26.17
C SER A 353 -43.67 -38.11 -25.95
N THR A 354 -43.59 -36.80 -25.78
CA THR A 354 -44.75 -35.93 -25.58
C THR A 354 -45.58 -35.75 -26.85
N GLY A 355 -44.91 -35.81 -28.00
CA GLY A 355 -45.56 -35.52 -29.28
C GLY A 355 -45.67 -34.02 -29.48
N MET A 356 -44.89 -33.28 -28.69
CA MET A 356 -44.87 -31.83 -28.78
C MET A 356 -43.85 -31.36 -29.79
N PHE A 357 -42.75 -32.09 -29.90
CA PHE A 357 -41.62 -31.69 -30.74
C PHE A 357 -41.31 -32.76 -31.81
N HIS A 358 -40.81 -32.31 -32.97
CA HIS A 358 -40.40 -33.21 -34.04
C HIS A 358 -39.14 -33.96 -33.70
N TRP A 359 -39.29 -35.26 -33.48
CA TRP A 359 -38.15 -36.12 -33.18
C TRP A 359 -37.61 -36.74 -34.43
N CYS A 360 -36.30 -37.00 -34.42
CA CYS A 360 -35.59 -37.61 -35.52
C CYS A 360 -34.54 -38.54 -34.92
N PRO A 361 -34.24 -39.67 -35.59
CA PRO A 361 -33.24 -40.59 -35.01
C PRO A 361 -31.92 -39.88 -34.78
N SER A 362 -31.38 -40.03 -33.57
CA SER A 362 -30.13 -39.37 -33.22
C SER A 362 -29.10 -39.59 -34.32
N LYS A 363 -28.61 -38.50 -34.90
CA LYS A 363 -27.66 -38.55 -36.01
C LYS A 363 -26.23 -38.32 -35.52
N GLU A 364 -25.25 -38.91 -36.21
CA GLU A 364 -23.83 -38.69 -35.89
C GLU A 364 -23.37 -37.37 -36.49
N ILE A 365 -22.66 -36.59 -35.69
CA ILE A 365 -22.35 -35.20 -36.02
C ILE A 365 -21.75 -34.96 -37.42
N GLU A 366 -20.82 -35.85 -37.80
CA GLU A 366 -20.14 -35.74 -39.10
C GLU A 366 -21.07 -35.87 -40.29
N LYS A 367 -22.24 -36.47 -40.09
CA LYS A 367 -23.28 -36.56 -41.11
C LYS A 367 -23.88 -35.20 -41.42
N VAL A 368 -23.77 -34.29 -40.46
CA VAL A 368 -24.43 -32.98 -40.54
C VAL A 368 -23.48 -31.90 -41.07
N ILE A 369 -22.19 -32.04 -40.77
CA ILE A 369 -21.18 -31.06 -41.18
C ILE A 369 -21.14 -30.84 -42.69
N LEU A 370 -21.38 -29.60 -43.11
CA LEU A 370 -21.27 -29.22 -44.51
C LEU A 370 -19.89 -28.65 -44.78
N THR A 371 -19.31 -29.01 -45.92
CA THR A 371 -18.11 -28.33 -46.43
C THR A 371 -18.59 -26.96 -46.91
N ARG A 372 -17.67 -26.03 -47.16
CA ARG A 372 -18.06 -24.75 -47.73
C ARG A 372 -18.73 -24.95 -49.09
N SER A 373 -18.17 -25.85 -49.89
CA SER A 373 -18.73 -26.20 -51.19
C SER A 373 -20.10 -26.88 -51.09
N GLU A 374 -20.15 -28.03 -50.42
CA GLU A 374 -21.41 -28.76 -50.20
C GLU A 374 -22.55 -27.80 -49.81
N ALA A 375 -22.21 -26.76 -49.06
CA ALA A 375 -23.18 -25.76 -48.61
C ALA A 375 -23.54 -24.75 -49.70
N SER A 376 -22.53 -24.31 -50.45
CA SER A 376 -22.74 -23.35 -51.53
C SER A 376 -23.54 -23.97 -52.66
N MET A 377 -23.36 -25.28 -52.83
CA MET A 377 -24.13 -26.10 -53.78
C MET A 377 -25.63 -25.99 -53.56
N THR A 378 -26.06 -26.17 -52.31
CA THR A 378 -27.47 -26.05 -51.95
C THR A 378 -27.86 -24.59 -51.81
N VAL A 379 -28.88 -24.20 -52.57
CA VAL A 379 -29.48 -22.87 -52.46
C VAL A 379 -30.54 -22.86 -51.36
N LEU A 380 -30.09 -22.62 -50.14
CA LEU A 380 -30.96 -22.64 -48.96
C LEU A 380 -31.69 -21.32 -48.83
N SER A 381 -32.98 -21.39 -48.47
CA SER A 381 -33.81 -20.21 -48.20
C SER A 381 -34.92 -20.51 -47.19
N GLY A 382 -35.45 -19.48 -46.55
CA GLY A 382 -36.45 -19.66 -45.51
C GLY A 382 -35.89 -20.41 -44.30
N HIS A 383 -34.58 -20.28 -44.10
CA HIS A 383 -33.88 -20.97 -43.03
C HIS A 383 -33.40 -20.02 -41.96
N VAL A 384 -32.81 -20.57 -40.90
CA VAL A 384 -32.26 -19.76 -39.84
C VAL A 384 -30.76 -20.01 -39.80
N VAL A 385 -29.99 -18.94 -39.92
CA VAL A 385 -28.53 -19.03 -39.83
C VAL A 385 -28.09 -18.51 -38.47
N VAL A 386 -27.94 -19.43 -37.52
CA VAL A 386 -27.40 -19.08 -36.21
C VAL A 386 -25.90 -19.18 -36.30
N CYS A 387 -25.21 -18.06 -36.17
CA CYS A 387 -23.75 -18.09 -36.24
C CYS A 387 -23.15 -17.72 -34.90
N ILE A 388 -22.46 -18.68 -34.29
CA ILE A 388 -21.90 -18.50 -32.96
C ILE A 388 -20.40 -18.33 -33.00
N PHE A 389 -19.92 -17.35 -32.24
CA PHE A 389 -18.52 -17.24 -31.91
C PHE A 389 -18.23 -18.15 -30.73
N GLY A 390 -16.99 -18.62 -30.63
CA GLY A 390 -16.61 -19.43 -29.47
C GLY A 390 -15.62 -20.53 -29.77
N ASP A 391 -14.87 -20.90 -28.74
CA ASP A 391 -13.93 -22.01 -28.82
C ASP A 391 -14.37 -23.09 -27.83
N VAL A 392 -13.56 -24.15 -27.70
CA VAL A 392 -13.90 -25.32 -26.88
C VAL A 392 -14.10 -24.98 -25.40
N THR A 393 -13.35 -23.99 -24.91
CA THR A 393 -13.40 -23.58 -23.50
C THR A 393 -14.31 -22.38 -23.25
N SER A 394 -15.53 -22.44 -23.79
CA SER A 394 -16.51 -21.38 -23.58
C SER A 394 -17.69 -21.92 -22.80
N ALA A 395 -18.50 -21.00 -22.26
CA ALA A 395 -19.77 -21.38 -21.63
C ALA A 395 -20.70 -21.93 -22.70
N LEU A 396 -21.53 -22.88 -22.31
CA LEU A 396 -22.51 -23.44 -23.24
C LEU A 396 -23.72 -22.52 -23.31
N VAL A 397 -24.00 -21.99 -24.50
CA VAL A 397 -25.12 -21.07 -24.71
C VAL A 397 -26.48 -21.77 -24.46
N GLY A 398 -26.51 -23.09 -24.66
CA GLY A 398 -27.74 -23.86 -24.49
C GLY A 398 -28.57 -23.81 -25.77
N LEU A 399 -27.95 -24.19 -26.88
CA LEU A 399 -28.57 -24.12 -28.20
C LEU A 399 -29.84 -24.96 -28.28
N ARG A 400 -29.90 -26.02 -27.46
CA ARG A 400 -31.12 -26.81 -27.31
C ARG A 400 -32.35 -25.91 -27.29
N ASN A 401 -32.28 -24.86 -26.48
CA ASN A 401 -33.42 -23.96 -26.27
C ASN A 401 -33.73 -23.02 -27.42
N LEU A 402 -32.79 -22.89 -28.37
CA LEU A 402 -33.04 -22.10 -29.57
C LEU A 402 -33.76 -22.93 -30.61
N VAL A 403 -33.33 -24.17 -30.80
CA VAL A 403 -33.93 -25.02 -31.81
C VAL A 403 -35.30 -25.56 -31.39
N MET A 404 -35.48 -25.87 -30.11
CA MET A 404 -36.71 -26.53 -29.61
C MET A 404 -38.02 -25.87 -30.03
N PRO A 405 -38.17 -24.56 -29.76
CA PRO A 405 -39.37 -23.87 -30.22
C PRO A 405 -39.49 -23.81 -31.74
N LEU A 406 -38.37 -23.94 -32.44
CA LEU A 406 -38.38 -23.99 -33.90
C LEU A 406 -38.73 -25.38 -34.43
N ARG A 407 -38.80 -26.35 -33.52
CA ARG A 407 -39.14 -27.73 -33.84
C ARG A 407 -40.41 -28.20 -33.11
N ALA A 408 -41.28 -27.27 -32.74
CA ALA A 408 -42.55 -27.65 -32.13
C ALA A 408 -43.45 -28.37 -33.15
N SER A 409 -44.38 -29.18 -32.66
CA SER A 409 -45.21 -30.01 -33.53
C SER A 409 -46.35 -29.26 -34.23
N ASN A 410 -46.52 -27.99 -33.92
CA ASN A 410 -47.59 -27.17 -34.48
C ASN A 410 -47.30 -26.75 -35.92
N PHE A 411 -46.11 -27.10 -36.42
CA PHE A 411 -45.72 -26.80 -37.79
C PHE A 411 -45.54 -28.11 -38.52
N HIS A 412 -45.87 -28.12 -39.80
CA HIS A 412 -45.66 -29.31 -40.64
C HIS A 412 -44.20 -29.43 -40.96
N TYR A 413 -43.75 -30.66 -41.17
CA TYR A 413 -42.37 -30.93 -41.56
C TYR A 413 -41.95 -30.09 -42.76
N HIS A 414 -42.90 -29.88 -43.67
CA HIS A 414 -42.75 -28.99 -44.83
C HIS A 414 -42.51 -27.56 -44.41
N GLU A 415 -43.22 -27.12 -43.38
CA GLU A 415 -43.12 -25.76 -42.85
C GLU A 415 -41.85 -25.49 -42.01
N LEU A 416 -41.21 -26.55 -41.48
CA LEU A 416 -40.04 -26.42 -40.60
C LEU A 416 -38.85 -25.69 -41.24
N LYS A 417 -38.26 -24.77 -40.48
CA LYS A 417 -37.13 -23.97 -40.96
C LYS A 417 -35.84 -24.69 -40.63
N PRO A 418 -35.02 -25.01 -41.65
CA PRO A 418 -33.74 -25.65 -41.36
C PRO A 418 -32.77 -24.68 -40.65
N ILE A 419 -31.92 -25.23 -39.80
CA ILE A 419 -31.03 -24.43 -38.99
C ILE A 419 -29.58 -24.72 -39.37
N VAL A 420 -28.84 -23.66 -39.67
CA VAL A 420 -27.42 -23.79 -40.00
C VAL A 420 -26.54 -23.05 -38.98
N PHE A 421 -25.72 -23.80 -38.27
CA PHE A 421 -24.77 -23.19 -37.35
C PHE A 421 -23.47 -22.91 -38.08
N VAL A 422 -23.01 -21.67 -37.97
CA VAL A 422 -21.72 -21.27 -38.51
C VAL A 422 -20.79 -20.95 -37.35
N GLY A 423 -19.92 -21.90 -37.00
CA GLY A 423 -19.00 -21.71 -35.88
C GLY A 423 -17.75 -22.56 -35.92
N SER A 424 -17.11 -22.73 -34.76
CA SER A 424 -16.02 -23.68 -34.62
C SER A 424 -16.60 -25.05 -34.33
N LEU A 425 -16.14 -26.05 -35.07
CA LEU A 425 -16.62 -27.41 -34.91
C LEU A 425 -16.32 -27.91 -33.50
N ASP A 426 -15.11 -27.63 -33.01
CA ASP A 426 -14.68 -28.03 -31.66
C ASP A 426 -15.66 -27.55 -30.60
N TYR A 427 -16.06 -26.28 -30.69
CA TYR A 427 -17.08 -25.75 -29.80
C TYR A 427 -18.40 -26.48 -30.00
N LEU A 428 -18.85 -26.54 -31.25
CA LEU A 428 -20.19 -27.04 -31.53
C LEU A 428 -20.45 -28.45 -31.01
N ARG A 429 -19.52 -29.36 -31.29
CA ARG A 429 -19.71 -30.79 -30.98
C ARG A 429 -20.09 -31.09 -29.54
N ARG A 430 -19.52 -30.35 -28.61
CA ARG A 430 -19.84 -30.54 -27.19
C ARG A 430 -21.28 -30.21 -26.88
N GLU A 431 -21.80 -29.16 -27.51
CA GLU A 431 -23.22 -28.83 -27.40
C GLU A 431 -24.09 -29.75 -28.24
N TRP A 432 -23.55 -30.18 -29.37
CA TRP A 432 -24.29 -30.96 -30.36
C TRP A 432 -25.13 -32.07 -29.81
N GLU A 433 -24.61 -32.79 -28.81
CA GLU A 433 -25.27 -34.00 -28.29
C GLU A 433 -26.75 -33.81 -27.94
N THR A 434 -27.14 -32.59 -27.58
CA THR A 434 -28.55 -32.30 -27.29
C THR A 434 -29.38 -32.15 -28.57
N LEU A 435 -28.72 -31.84 -29.67
CA LEU A 435 -29.41 -31.51 -30.89
C LEU A 435 -29.61 -32.69 -31.86
N HIS A 436 -28.82 -33.75 -31.71
CA HIS A 436 -28.86 -34.82 -32.72
C HIS A 436 -30.24 -35.33 -33.03
N ASN A 437 -31.15 -35.16 -32.07
CA ASN A 437 -32.53 -35.61 -32.22
C ASN A 437 -33.39 -34.76 -33.15
N PHE A 438 -33.05 -33.48 -33.29
CA PHE A 438 -33.86 -32.57 -34.11
C PHE A 438 -33.54 -32.67 -35.61
N PRO A 439 -34.57 -32.53 -36.45
CA PRO A 439 -34.39 -32.64 -37.90
C PRO A 439 -33.99 -31.31 -38.55
N LYS A 440 -33.45 -31.41 -39.76
CA LYS A 440 -33.03 -30.25 -40.56
C LYS A 440 -32.06 -29.32 -39.82
N VAL A 441 -31.03 -29.93 -39.22
CA VAL A 441 -29.99 -29.20 -38.51
C VAL A 441 -28.66 -29.36 -39.27
N PHE A 442 -27.93 -28.26 -39.42
CA PHE A 442 -26.68 -28.27 -40.19
C PHE A 442 -25.56 -27.47 -39.53
N ILE A 443 -24.32 -27.90 -39.77
CA ILE A 443 -23.16 -27.19 -39.26
C ILE A 443 -22.23 -26.86 -40.42
N LEU A 444 -21.84 -25.59 -40.52
CA LEU A 444 -20.80 -25.16 -41.46
C LEU A 444 -19.64 -24.57 -40.68
N PRO A 445 -18.60 -25.38 -40.44
CA PRO A 445 -17.43 -24.88 -39.73
C PRO A 445 -16.81 -23.65 -40.39
N GLY A 446 -16.46 -22.65 -39.58
CA GLY A 446 -15.94 -21.38 -40.07
C GLY A 446 -16.44 -20.22 -39.24
N THR A 447 -15.90 -19.03 -39.50
CA THR A 447 -16.25 -17.82 -38.73
C THR A 447 -17.37 -16.99 -39.40
N PRO A 448 -18.29 -16.45 -38.59
CA PRO A 448 -19.34 -15.54 -39.07
C PRO A 448 -18.81 -14.23 -39.68
N LEU A 449 -17.49 -14.06 -39.65
CA LEU A 449 -16.85 -12.87 -40.20
C LEU A 449 -16.33 -13.08 -41.63
N SER A 450 -16.25 -14.34 -42.05
CA SER A 450 -15.84 -14.66 -43.42
C SER A 450 -17.07 -14.72 -44.30
N ARG A 451 -17.07 -13.92 -45.36
CA ARG A 451 -18.20 -13.86 -46.27
C ARG A 451 -18.30 -15.14 -47.07
N ALA A 452 -17.16 -15.79 -47.29
CA ALA A 452 -17.13 -17.09 -47.96
C ALA A 452 -18.12 -18.07 -47.32
N ASP A 453 -17.98 -18.25 -46.01
CA ASP A 453 -18.87 -19.11 -45.25
C ASP A 453 -20.29 -18.58 -45.32
N LEU A 454 -20.43 -17.26 -45.25
CA LEU A 454 -21.74 -16.60 -45.21
C LEU A 454 -22.49 -16.66 -46.53
N ARG A 455 -21.78 -16.41 -47.64
CA ARG A 455 -22.38 -16.50 -48.97
C ARG A 455 -22.79 -17.93 -49.29
N ALA A 456 -21.99 -18.88 -48.80
CA ALA A 456 -22.25 -20.31 -48.97
C ALA A 456 -23.65 -20.69 -48.46
N VAL A 457 -24.00 -20.18 -47.28
CA VAL A 457 -25.30 -20.48 -46.67
C VAL A 457 -26.42 -19.54 -47.10
N ASN A 458 -26.14 -18.70 -48.10
CA ASN A 458 -27.16 -17.88 -48.75
C ASN A 458 -27.98 -17.07 -47.73
N ILE A 459 -27.30 -16.19 -47.00
CA ILE A 459 -27.95 -15.39 -45.97
C ILE A 459 -29.10 -14.56 -46.53
N ASN A 460 -28.87 -13.94 -47.68
CA ASN A 460 -29.89 -13.16 -48.37
C ASN A 460 -31.30 -13.77 -48.29
N LEU A 461 -31.35 -15.09 -48.22
CA LEU A 461 -32.60 -15.85 -48.28
C LEU A 461 -33.24 -16.23 -46.93
N CYS A 462 -32.43 -16.28 -45.87
CA CYS A 462 -32.90 -16.70 -44.54
C CYS A 462 -33.99 -15.81 -43.94
N ASP A 463 -34.85 -16.42 -43.13
CA ASP A 463 -35.92 -15.70 -42.43
C ASP A 463 -35.41 -14.99 -41.19
N MET A 464 -34.26 -15.42 -40.70
CA MET A 464 -33.64 -14.85 -39.51
C MET A 464 -32.19 -15.32 -39.37
N CYS A 465 -31.32 -14.38 -39.01
CA CYS A 465 -29.92 -14.67 -38.75
C CYS A 465 -29.59 -14.25 -37.33
N VAL A 466 -29.40 -15.24 -36.48
CA VAL A 466 -29.11 -14.99 -35.06
C VAL A 466 -27.61 -14.91 -34.84
N ILE A 467 -27.16 -13.81 -34.23
CA ILE A 467 -25.75 -13.61 -33.88
C ILE A 467 -25.54 -13.73 -32.36
N LEU A 468 -24.81 -14.75 -31.94
CA LEU A 468 -24.58 -14.99 -30.52
C LEU A 468 -23.10 -14.85 -30.18
N SER A 469 -22.81 -14.42 -28.95
CA SER A 469 -21.44 -14.35 -28.45
C SER A 469 -21.28 -15.26 -27.24
N ALA A 470 -20.41 -16.25 -27.36
CA ALA A 470 -20.12 -17.12 -26.22
C ALA A 470 -19.15 -16.42 -25.28
N ASN A 471 -19.47 -16.46 -23.98
CA ASN A 471 -18.69 -15.80 -22.91
C ASN A 471 -17.29 -16.40 -22.65
N ALA A 478 -14.16 -8.43 -20.07
CA ALA A 478 -14.42 -9.68 -20.79
C ALA A 478 -15.66 -9.62 -21.69
N SER A 479 -16.61 -8.75 -21.34
CA SER A 479 -17.80 -8.50 -22.16
C SER A 479 -17.49 -7.52 -23.29
N LEU A 480 -16.40 -6.76 -23.13
CA LEU A 480 -15.80 -5.95 -24.19
C LEU A 480 -15.52 -6.81 -25.43
N GLN A 481 -15.19 -8.08 -25.18
CA GLN A 481 -14.93 -9.07 -26.23
C GLN A 481 -16.18 -9.44 -27.05
N ASP A 482 -17.34 -8.85 -26.74
CA ASP A 482 -18.53 -8.98 -27.61
C ASP A 482 -18.45 -8.03 -28.82
N LYS A 483 -17.39 -7.22 -28.86
CA LYS A 483 -17.03 -6.40 -30.04
C LYS A 483 -17.21 -7.15 -31.37
N GLU A 484 -16.94 -8.45 -31.34
CA GLU A 484 -17.14 -9.37 -32.46
C GLU A 484 -18.54 -9.32 -33.06
N CYS A 485 -19.57 -9.39 -32.20
CA CYS A 485 -20.96 -9.41 -32.64
C CYS A 485 -21.34 -8.20 -33.48
N ILE A 486 -20.89 -7.03 -33.03
CA ILE A 486 -21.09 -5.80 -33.76
C ILE A 486 -20.42 -5.92 -35.13
N LEU A 487 -19.16 -6.36 -35.15
CA LEU A 487 -18.43 -6.59 -36.40
C LEU A 487 -19.18 -7.49 -37.38
N ALA A 488 -19.61 -8.65 -36.90
CA ALA A 488 -20.37 -9.58 -37.71
C ALA A 488 -21.61 -8.91 -38.27
N SER A 489 -22.39 -8.29 -37.40
CA SER A 489 -23.60 -7.57 -37.76
C SER A 489 -23.35 -6.54 -38.87
N LEU A 490 -22.31 -5.72 -38.69
CA LEU A 490 -21.96 -4.70 -39.66
C LEU A 490 -21.53 -5.32 -40.99
N ASN A 491 -20.70 -6.34 -40.89
CA ASN A 491 -20.26 -7.14 -42.04
C ASN A 491 -21.43 -7.51 -42.95
N ILE A 492 -22.41 -8.21 -42.38
CA ILE A 492 -23.56 -8.69 -43.11
C ILE A 492 -24.35 -7.55 -43.78
N LYS A 493 -24.55 -6.45 -43.05
CA LYS A 493 -25.29 -5.29 -43.57
C LYS A 493 -24.63 -4.66 -44.80
N SER A 494 -23.32 -4.83 -44.94
CA SER A 494 -22.55 -4.22 -46.03
C SER A 494 -22.25 -5.15 -47.20
N MET A 495 -22.91 -6.30 -47.23
CA MET A 495 -22.76 -7.23 -48.34
C MET A 495 -23.75 -6.87 -49.45
N GLN A 496 -23.49 -7.36 -50.66
CA GLN A 496 -24.44 -7.27 -51.75
C GLN A 496 -24.54 -8.62 -52.43
N PHE A 497 -25.69 -9.28 -52.30
CA PHE A 497 -25.85 -10.64 -52.78
C PHE A 497 -26.00 -10.78 -54.31
N ASP A 498 -26.70 -9.84 -54.94
CA ASP A 498 -27.04 -9.88 -56.39
C ASP A 498 -28.21 -10.84 -56.69
N THR A 502 -31.66 -8.32 -53.90
CA THR A 502 -31.47 -8.07 -52.47
C THR A 502 -30.16 -7.31 -52.18
N THR A 503 -30.11 -6.68 -50.99
CA THR A 503 -28.91 -5.98 -50.51
C THR A 503 -28.72 -6.21 -49.02
N GLY A 504 -27.47 -6.26 -48.58
CA GLY A 504 -27.10 -6.66 -47.22
C GLY A 504 -27.91 -6.06 -46.09
N SER A 505 -28.32 -4.80 -46.25
CA SER A 505 -29.02 -4.05 -45.20
C SER A 505 -30.44 -4.57 -44.95
N ASN A 506 -30.95 -5.37 -45.87
CA ASN A 506 -32.32 -5.86 -45.79
C ASN A 506 -32.42 -7.32 -45.34
N ILE A 507 -31.50 -7.74 -44.47
CA ILE A 507 -31.48 -9.11 -43.99
C ILE A 507 -31.95 -9.18 -42.54
N PRO A 508 -32.88 -10.11 -42.24
CA PRO A 508 -33.38 -10.27 -40.87
C PRO A 508 -32.26 -10.71 -39.91
N ILE A 509 -31.73 -9.76 -39.15
CA ILE A 509 -30.67 -10.03 -38.18
C ILE A 509 -31.18 -9.76 -36.77
N ILE A 510 -30.65 -10.52 -35.81
CA ILE A 510 -30.92 -10.29 -34.40
C ILE A 510 -29.65 -10.55 -33.61
N THR A 511 -29.01 -9.47 -33.15
CA THR A 511 -27.74 -9.55 -32.45
C THR A 511 -27.99 -9.63 -30.95
N GLU A 512 -27.47 -10.69 -30.32
CA GLU A 512 -27.55 -10.79 -28.88
C GLU A 512 -26.42 -9.97 -28.28
N LEU A 513 -26.77 -8.94 -27.53
CA LEU A 513 -25.78 -8.10 -26.88
C LEU A 513 -25.69 -8.42 -25.41
N VAL A 514 -24.50 -8.21 -24.86
CA VAL A 514 -24.28 -8.45 -23.42
C VAL A 514 -24.34 -7.12 -22.67
N ASN A 515 -23.97 -6.04 -23.34
CA ASN A 515 -23.91 -4.72 -22.75
C ASN A 515 -24.88 -3.75 -23.40
N ASP A 516 -25.99 -3.48 -22.72
CA ASP A 516 -27.06 -2.63 -23.27
C ASP A 516 -26.52 -1.34 -23.93
N SER A 517 -25.41 -0.83 -23.42
CA SER A 517 -24.76 0.38 -23.94
C SER A 517 -24.33 0.23 -25.41
N ASN A 518 -23.93 -0.98 -25.77
CA ASN A 518 -23.37 -1.24 -27.09
C ASN A 518 -24.39 -1.18 -28.22
N VAL A 519 -25.66 -1.10 -27.85
CA VAL A 519 -26.75 -1.05 -28.83
C VAL A 519 -26.57 0.09 -29.82
N GLN A 520 -26.02 1.21 -29.31
CA GLN A 520 -25.73 2.39 -30.12
C GLN A 520 -25.13 2.05 -31.47
N PHE A 521 -24.20 1.08 -31.47
CA PHE A 521 -23.36 0.77 -32.63
C PHE A 521 -24.00 0.04 -33.80
N LEU A 522 -24.91 -0.91 -33.53
CA LEU A 522 -25.39 -1.78 -34.61
C LEU A 522 -26.20 -1.11 -35.69
N ASP A 523 -27.13 -0.23 -35.30
CA ASP A 523 -27.79 0.63 -36.27
C ASP A 523 -27.10 1.98 -36.23
N GLN A 524 -26.72 2.49 -37.39
CA GLN A 524 -25.88 3.69 -37.48
C GLN A 524 -26.59 4.95 -37.99
N ASP A 525 -27.92 4.91 -38.05
CA ASP A 525 -28.71 6.11 -38.36
C ASP A 525 -29.56 6.59 -37.17
N ASP A 526 -29.56 5.81 -36.09
CA ASP A 526 -30.40 6.13 -34.92
C ASP A 526 -29.74 7.18 -34.02
N ASP A 527 -30.54 7.79 -33.15
CA ASP A 527 -30.03 8.74 -32.15
C ASP A 527 -29.45 8.00 -30.94
N ASP A 528 -28.20 8.31 -30.61
CA ASP A 528 -27.46 7.55 -29.61
C ASP A 528 -27.20 8.34 -28.33
N ASP A 529 -27.29 7.64 -27.20
CA ASP A 529 -26.93 8.16 -25.89
C ASP A 529 -26.76 6.97 -24.97
N PRO A 530 -25.62 6.87 -24.27
CA PRO A 530 -25.37 5.77 -23.33
C PRO A 530 -26.41 5.68 -22.21
N ASP A 531 -26.92 6.84 -21.77
CA ASP A 531 -27.86 6.92 -20.65
C ASP A 531 -29.26 6.44 -21.02
N THR A 532 -29.66 6.68 -22.27
CA THR A 532 -30.96 6.25 -22.82
C THR A 532 -31.22 4.76 -22.60
N GLU A 533 -32.38 4.44 -22.03
CA GLU A 533 -32.76 3.05 -21.72
C GLU A 533 -32.85 2.20 -22.99
N LEU A 534 -32.60 0.90 -22.84
CA LEU A 534 -32.55 0.00 -24.00
C LEU A 534 -33.87 -0.08 -24.76
N TYR A 535 -34.98 -0.25 -24.04
CA TYR A 535 -36.29 -0.37 -24.67
C TYR A 535 -36.59 0.79 -25.63
N LEU A 536 -35.95 1.94 -25.41
CA LEU A 536 -36.17 3.13 -26.22
C LEU A 536 -35.34 3.23 -27.49
N THR A 537 -34.26 2.44 -27.57
CA THR A 537 -33.36 2.47 -28.73
C THR A 537 -34.00 1.85 -29.94
N GLN A 538 -33.70 2.43 -31.10
CA GLN A 538 -34.25 1.96 -32.38
C GLN A 538 -34.01 0.47 -32.61
N PRO A 539 -32.75 0.02 -32.49
CA PRO A 539 -32.43 -1.38 -32.76
C PRO A 539 -33.26 -2.34 -31.92
N PHE A 540 -33.54 -1.95 -30.68
CA PHE A 540 -34.40 -2.78 -29.84
C PHE A 540 -35.85 -2.69 -30.27
N ALA A 541 -36.33 -1.48 -30.53
CA ALA A 541 -37.70 -1.24 -30.98
C ALA A 541 -38.08 -2.12 -32.17
N CYS A 542 -37.07 -2.47 -32.97
CA CYS A 542 -37.27 -3.20 -34.22
C CYS A 542 -37.10 -4.71 -34.09
N GLY A 543 -36.44 -5.16 -33.03
CA GLY A 543 -36.15 -6.59 -32.88
C GLY A 543 -34.85 -6.98 -33.56
N THR A 544 -33.96 -6.00 -33.69
CA THR A 544 -32.63 -6.21 -34.23
C THR A 544 -31.69 -6.65 -33.10
N ALA A 545 -31.97 -6.20 -31.88
CA ALA A 545 -31.12 -6.47 -30.74
C ALA A 545 -31.90 -7.09 -29.58
N PHE A 546 -31.19 -7.81 -28.72
CA PHE A 546 -31.78 -8.39 -27.53
C PHE A 546 -30.70 -8.71 -26.51
N ALA A 547 -30.86 -8.20 -25.30
CA ALA A 547 -29.92 -8.45 -24.21
C ALA A 547 -30.53 -9.30 -23.11
N VAL A 548 -29.70 -10.02 -22.37
CA VAL A 548 -30.14 -10.81 -21.23
C VAL A 548 -30.75 -9.88 -20.18
N SER A 549 -30.27 -8.63 -20.17
CA SER A 549 -30.73 -7.57 -19.26
C SER A 549 -32.25 -7.47 -19.17
N VAL A 550 -32.89 -7.44 -20.33
CA VAL A 550 -34.31 -7.24 -20.48
C VAL A 550 -35.16 -8.13 -19.58
N LEU A 551 -34.74 -9.37 -19.39
CA LEU A 551 -35.51 -10.35 -18.62
C LEU A 551 -35.50 -10.16 -17.09
N ASP A 552 -34.55 -9.37 -16.58
CA ASP A 552 -34.46 -9.10 -15.15
C ASP A 552 -35.80 -8.64 -14.54
N SER A 553 -36.63 -7.97 -15.34
CA SER A 553 -37.94 -7.52 -14.92
C SER A 553 -38.86 -8.66 -14.47
N LEU A 554 -38.67 -9.82 -15.07
CA LEU A 554 -39.51 -11.01 -14.85
C LEU A 554 -39.57 -11.40 -13.38
N MET A 555 -38.42 -11.31 -12.71
CA MET A 555 -38.28 -11.65 -11.30
C MET A 555 -39.45 -11.18 -10.45
N SER A 556 -39.66 -9.87 -10.40
CA SER A 556 -40.77 -9.29 -9.65
C SER A 556 -42.11 -9.71 -10.24
N ALA A 557 -42.21 -9.64 -11.57
CA ALA A 557 -43.43 -9.95 -12.29
C ALA A 557 -43.94 -11.37 -12.04
N THR A 558 -43.03 -12.34 -11.94
CA THR A 558 -43.42 -13.73 -11.70
C THR A 558 -43.70 -14.00 -10.24
N TYR A 559 -43.22 -13.11 -9.37
CA TYR A 559 -43.61 -13.14 -7.96
C TYR A 559 -45.11 -12.88 -7.89
N PHE A 560 -45.54 -11.77 -8.50
CA PHE A 560 -46.95 -11.37 -8.46
C PHE A 560 -47.91 -12.39 -9.06
N ASN A 561 -47.55 -12.99 -10.19
CA ASN A 561 -48.39 -13.99 -10.84
C ASN A 561 -47.61 -15.20 -11.31
N ASP A 562 -47.76 -16.32 -10.59
CA ASP A 562 -47.10 -17.58 -10.95
C ASP A 562 -47.40 -17.94 -12.40
N ASN A 563 -48.66 -17.71 -12.77
CA ASN A 563 -49.16 -18.04 -14.10
C ASN A 563 -48.35 -17.37 -15.20
N ILE A 564 -48.10 -16.07 -15.04
CA ILE A 564 -47.35 -15.30 -16.01
C ILE A 564 -46.11 -16.06 -16.50
N LEU A 565 -45.28 -16.54 -15.57
CA LEU A 565 -44.09 -17.28 -15.93
C LEU A 565 -44.42 -18.56 -16.69
N THR A 566 -45.46 -19.27 -16.26
CA THR A 566 -45.81 -20.52 -16.95
C THR A 566 -46.48 -20.25 -18.29
N LEU A 567 -47.12 -19.10 -18.43
CA LEU A 567 -47.61 -18.67 -19.74
C LEU A 567 -46.43 -18.51 -20.69
N ILE A 568 -45.53 -17.57 -20.38
CA ILE A 568 -44.40 -17.27 -21.27
C ILE A 568 -43.60 -18.50 -21.64
N ARG A 569 -43.25 -19.31 -20.64
CA ARG A 569 -42.42 -20.48 -20.87
C ARG A 569 -43.14 -21.37 -21.90
N THR A 570 -44.45 -21.57 -21.68
CA THR A 570 -45.28 -22.35 -22.58
C THR A 570 -45.30 -21.70 -23.96
N LEU A 571 -45.58 -20.40 -23.99
CA LEU A 571 -45.64 -19.67 -25.25
C LEU A 571 -44.33 -19.71 -26.03
N VAL A 572 -43.22 -19.45 -25.34
CA VAL A 572 -41.92 -19.27 -25.96
C VAL A 572 -41.23 -20.56 -26.42
N THR A 573 -41.24 -21.59 -25.59
CA THR A 573 -40.54 -22.83 -25.93
C THR A 573 -41.32 -23.86 -26.76
N GLY A 574 -42.61 -23.62 -26.94
CA GLY A 574 -43.46 -24.55 -27.65
C GLY A 574 -44.18 -25.44 -26.67
N GLY A 575 -43.41 -26.23 -25.90
CA GLY A 575 -43.98 -27.22 -24.99
C GLY A 575 -43.44 -27.17 -23.58
N ALA A 576 -44.03 -27.97 -22.70
CA ALA A 576 -43.67 -28.03 -21.28
C ALA A 576 -44.22 -29.33 -20.67
N LEU A 580 -43.74 -34.28 -18.29
CA LEU A 580 -43.42 -32.95 -18.76
C LEU A 580 -41.94 -32.61 -18.47
N GLU A 581 -41.70 -32.08 -17.28
CA GLU A 581 -40.35 -31.73 -16.81
C GLU A 581 -39.53 -32.97 -16.42
N ALA A 582 -40.19 -33.96 -15.82
CA ALA A 582 -39.53 -35.18 -15.34
C ALA A 582 -38.87 -36.01 -16.45
N LEU A 583 -39.63 -36.31 -17.50
CA LEU A 583 -39.07 -36.96 -18.69
C LEU A 583 -37.87 -36.14 -19.17
N LEU A 584 -38.07 -34.82 -19.23
CA LEU A 584 -37.03 -33.88 -19.60
C LEU A 584 -35.89 -33.83 -18.56
N ALA A 585 -36.22 -34.09 -17.30
CA ALA A 585 -35.28 -33.94 -16.19
C ALA A 585 -34.39 -35.16 -15.94
N GLU A 586 -35.01 -36.34 -15.91
CA GLU A 586 -34.30 -37.58 -15.60
C GLU A 586 -33.12 -37.77 -16.54
N GLU A 587 -33.38 -37.56 -17.83
CA GLU A 587 -32.33 -37.49 -18.83
C GLU A 587 -32.37 -36.19 -19.60
N ASN A 588 -31.18 -35.62 -19.82
CA ASN A 588 -31.03 -34.42 -20.61
C ASN A 588 -31.25 -34.72 -22.10
N ALA A 589 -30.87 -35.92 -22.50
CA ALA A 589 -31.22 -36.45 -23.81
C ALA A 589 -32.74 -36.71 -23.85
N LEU A 590 -33.34 -36.44 -25.01
CA LEU A 590 -34.80 -36.46 -25.14
C LEU A 590 -35.36 -37.71 -25.84
N ARG A 591 -36.32 -38.36 -25.19
CA ARG A 591 -36.92 -39.60 -25.68
C ARG A 591 -37.91 -39.36 -26.82
N GLY A 592 -37.82 -40.19 -27.85
CA GLY A 592 -38.78 -40.16 -28.94
C GLY A 592 -39.58 -41.44 -28.94
N GLY A 593 -40.89 -41.33 -29.20
CA GLY A 593 -41.77 -42.49 -29.22
C GLY A 593 -42.71 -42.56 -30.41
N TYR A 594 -43.33 -43.73 -30.59
CA TYR A 594 -44.39 -43.89 -31.58
C TYR A 594 -45.61 -43.06 -31.18
N SER A 595 -46.24 -42.44 -32.17
CA SER A 595 -47.40 -41.58 -31.91
C SER A 595 -48.67 -42.37 -31.62
N THR A 596 -49.37 -41.96 -30.57
CA THR A 596 -50.71 -42.47 -30.24
C THR A 596 -51.71 -41.38 -30.65
N PRO A 597 -53.01 -41.73 -30.79
CA PRO A 597 -53.96 -40.69 -31.19
C PRO A 597 -54.10 -39.61 -30.12
N GLN A 598 -53.69 -39.95 -28.90
CA GLN A 598 -53.63 -39.00 -27.79
C GLN A 598 -52.44 -38.03 -27.91
N THR A 599 -51.35 -38.47 -28.54
CA THR A 599 -50.18 -37.60 -28.75
C THR A 599 -50.34 -36.72 -30.00
N LEU A 600 -50.79 -37.33 -31.10
CA LEU A 600 -51.11 -36.59 -32.33
C LEU A 600 -52.18 -35.53 -32.06
N ALA A 601 -52.82 -35.62 -30.89
CA ALA A 601 -53.80 -34.63 -30.44
C ALA A 601 -53.14 -33.35 -29.94
N ASN A 602 -51.91 -33.48 -29.43
CA ASN A 602 -51.19 -32.34 -28.86
C ASN A 602 -50.68 -31.33 -29.88
N ARG A 603 -50.63 -31.73 -31.15
CA ARG A 603 -50.22 -30.85 -32.24
C ARG A 603 -51.15 -29.64 -32.39
N ASP A 604 -52.28 -29.67 -31.71
CA ASP A 604 -53.35 -28.69 -31.87
C ASP A 604 -53.06 -27.29 -31.30
N ARG A 605 -51.93 -27.13 -30.60
CA ARG A 605 -51.50 -25.83 -30.06
C ARG A 605 -51.42 -24.75 -31.15
N CYS A 606 -51.77 -23.52 -30.78
CA CYS A 606 -51.64 -22.38 -31.68
C CYS A 606 -50.20 -22.14 -32.06
N ARG A 607 -49.96 -21.14 -32.91
CA ARG A 607 -48.60 -20.79 -33.30
C ARG A 607 -48.46 -19.31 -33.66
N VAL A 608 -47.31 -18.74 -33.32
CA VAL A 608 -47.02 -17.36 -33.65
C VAL A 608 -46.80 -17.27 -35.16
N ALA A 609 -47.30 -16.20 -35.76
CA ALA A 609 -47.02 -15.92 -37.16
C ALA A 609 -47.15 -14.44 -37.46
N GLN A 610 -46.48 -14.02 -38.52
CA GLN A 610 -46.52 -12.65 -38.97
C GLN A 610 -47.11 -12.64 -40.38
N LEU A 611 -48.13 -11.80 -40.58
CA LEU A 611 -48.88 -11.77 -41.83
C LEU A 611 -48.87 -10.39 -42.49
N ALA A 612 -49.09 -10.39 -43.80
CA ALA A 612 -49.14 -9.16 -44.58
C ALA A 612 -50.56 -8.83 -44.97
N LEU A 613 -50.85 -7.53 -45.12
CA LEU A 613 -52.15 -7.08 -45.61
C LEU A 613 -52.21 -7.19 -47.12
N TYR A 614 -51.10 -6.88 -47.79
CA TYR A 614 -50.97 -6.94 -49.25
C TYR A 614 -51.52 -8.23 -49.90
N ASP A 615 -51.11 -9.39 -49.38
CA ASP A 615 -51.55 -10.69 -49.90
C ASP A 615 -52.73 -11.22 -49.09
N GLY A 616 -53.06 -10.49 -48.03
CA GLY A 616 -54.03 -10.92 -47.03
C GLY A 616 -55.41 -11.28 -47.55
N PRO A 617 -56.06 -12.24 -46.89
CA PRO A 617 -57.47 -12.51 -47.14
C PRO A 617 -58.30 -11.34 -46.63
N PHE A 618 -57.82 -10.71 -45.56
CA PHE A 618 -58.42 -9.51 -44.98
C PHE A 618 -57.75 -8.24 -45.51
N ALA A 619 -57.17 -8.34 -46.71
CA ALA A 619 -56.44 -7.25 -47.37
C ALA A 619 -57.25 -5.98 -47.58
N ASP A 620 -58.52 -6.16 -47.93
CA ASP A 620 -59.45 -5.06 -48.21
C ASP A 620 -59.47 -3.99 -47.11
N LEU A 621 -59.24 -4.42 -45.87
CA LEU A 621 -59.20 -3.51 -44.71
C LEU A 621 -58.00 -2.56 -44.73
N GLY A 622 -56.88 -3.03 -45.27
CA GLY A 622 -55.69 -2.19 -45.44
C GLY A 622 -55.90 -1.06 -46.43
N ASP A 623 -54.97 -0.10 -46.43
CA ASP A 623 -55.05 1.13 -47.25
C ASP A 623 -55.96 2.20 -46.62
N GLY A 624 -56.19 2.09 -45.31
CA GLY A 624 -56.95 3.10 -44.58
C GLY A 624 -57.91 2.60 -43.51
N GLY A 625 -58.28 1.32 -43.58
CA GLY A 625 -59.25 0.73 -42.66
C GLY A 625 -58.78 0.69 -41.21
N CYS A 626 -59.73 0.58 -40.29
CA CYS A 626 -59.39 0.53 -38.87
C CYS A 626 -58.98 -0.87 -38.44
N TYR A 627 -57.98 -0.93 -37.56
CA TYR A 627 -57.48 -2.19 -37.03
C TYR A 627 -58.59 -2.93 -36.29
N GLY A 628 -59.38 -2.19 -35.50
CA GLY A 628 -60.52 -2.75 -34.79
C GLY A 628 -61.45 -3.54 -35.70
N ASP A 629 -61.80 -2.93 -36.84
CA ASP A 629 -62.63 -3.58 -37.85
C ASP A 629 -61.98 -4.88 -38.38
N LEU A 630 -60.66 -4.85 -38.56
CA LEU A 630 -59.92 -6.04 -39.01
C LEU A 630 -59.86 -7.12 -37.95
N PHE A 631 -59.42 -6.74 -36.75
CA PHE A 631 -59.21 -7.69 -35.67
C PHE A 631 -60.37 -8.69 -35.59
N CYS A 632 -61.57 -8.17 -35.35
CA CYS A 632 -62.76 -8.99 -35.17
C CYS A 632 -62.99 -9.92 -36.35
N LYS A 633 -62.96 -9.34 -37.56
CA LYS A 633 -63.09 -10.12 -38.79
C LYS A 633 -62.10 -11.27 -38.79
N ALA A 634 -60.84 -10.96 -38.52
CA ALA A 634 -59.76 -11.95 -38.45
C ALA A 634 -60.02 -13.04 -37.40
N LEU A 635 -60.60 -12.65 -36.27
CA LEU A 635 -60.90 -13.58 -35.18
C LEU A 635 -62.03 -14.54 -35.55
N LYS A 636 -63.22 -13.99 -35.82
CA LYS A 636 -64.43 -14.78 -36.08
C LYS A 636 -64.31 -15.70 -37.29
N THR A 637 -63.60 -15.24 -38.33
CA THR A 637 -63.48 -15.98 -39.58
C THR A 637 -62.44 -17.13 -39.56
N TYR A 638 -61.31 -16.94 -38.89
CA TYR A 638 -60.25 -17.99 -38.85
C TYR A 638 -59.75 -18.34 -37.44
N ASN A 639 -60.40 -17.77 -36.42
CA ASN A 639 -59.95 -17.89 -35.02
C ASN A 639 -58.51 -17.42 -34.81
N MET A 640 -58.14 -16.36 -35.52
CA MET A 640 -56.84 -15.71 -35.37
C MET A 640 -56.89 -14.59 -34.35
N LEU A 641 -55.85 -14.49 -33.53
CA LEU A 641 -55.70 -13.35 -32.62
C LEU A 641 -54.64 -12.40 -33.13
N CYS A 642 -55.03 -11.17 -33.39
CA CYS A 642 -54.06 -10.17 -33.76
C CYS A 642 -53.79 -9.31 -32.55
N PHE A 643 -52.53 -9.25 -32.15
CA PHE A 643 -52.13 -8.43 -31.01
C PHE A 643 -51.12 -7.33 -31.34
N GLY A 644 -50.72 -7.22 -32.60
CA GLY A 644 -49.76 -6.19 -32.96
C GLY A 644 -49.57 -5.89 -34.43
N ILE A 645 -49.32 -4.62 -34.72
CA ILE A 645 -48.87 -4.19 -36.03
C ILE A 645 -47.34 -4.06 -36.00
N TYR A 646 -46.68 -4.56 -37.05
CA TYR A 646 -45.22 -4.43 -37.20
C TYR A 646 -44.93 -3.47 -38.35
N ARG A 647 -45.23 -2.19 -38.10
CA ARG A 647 -45.18 -1.12 -39.10
C ARG A 647 -43.75 -0.72 -39.48
N LEU A 648 -43.58 -0.22 -40.71
CA LEU A 648 -42.35 0.44 -41.12
C LEU A 648 -42.19 1.73 -40.32
N ARG A 649 -40.95 2.19 -40.15
CA ARG A 649 -40.75 3.40 -39.35
C ARG A 649 -40.94 4.67 -40.17
N ASP A 650 -41.90 4.64 -41.10
CA ASP A 650 -42.15 5.79 -41.99
C ASP A 650 -43.63 6.08 -42.29
N ALA A 651 -44.02 7.35 -42.11
CA ALA A 651 -45.38 7.82 -42.37
C ALA A 651 -45.37 9.06 -43.26
N PRO A 656 -42.87 10.06 -49.21
CA PRO A 656 -41.46 9.70 -49.16
C PRO A 656 -41.24 8.37 -48.43
N SER A 657 -40.29 7.57 -48.90
CA SER A 657 -40.00 6.25 -48.30
C SER A 657 -38.64 5.72 -48.71
N GLN A 658 -37.92 5.13 -47.76
CA GLN A 658 -36.62 4.50 -48.07
C GLN A 658 -36.28 3.23 -47.30
N CYS A 659 -36.32 3.31 -45.97
CA CYS A 659 -35.87 2.24 -45.09
C CYS A 659 -36.81 1.03 -45.02
N THR A 660 -36.29 -0.10 -44.57
CA THR A 660 -37.06 -1.34 -44.47
C THR A 660 -37.37 -1.71 -43.02
N LYS A 661 -36.66 -1.05 -42.09
CA LYS A 661 -36.79 -1.31 -40.65
C LYS A 661 -38.23 -1.13 -40.18
N ARG A 662 -38.69 -2.09 -39.40
CA ARG A 662 -40.04 -2.05 -38.88
C ARG A 662 -39.99 -2.09 -37.36
N TYR A 663 -40.86 -1.31 -36.73
CA TYR A 663 -40.95 -1.28 -35.27
C TYR A 663 -42.26 -1.87 -34.79
N VAL A 664 -42.34 -2.17 -33.49
CA VAL A 664 -43.42 -2.96 -32.95
C VAL A 664 -44.46 -2.09 -32.22
N ILE A 665 -45.73 -2.30 -32.56
CA ILE A 665 -46.84 -1.66 -31.85
C ILE A 665 -47.76 -2.71 -31.22
N THR A 666 -47.67 -2.85 -29.90
CA THR A 666 -48.49 -3.81 -29.15
C THR A 666 -49.92 -3.33 -28.90
N ASN A 667 -50.87 -4.21 -29.19
CA ASN A 667 -52.29 -4.01 -28.85
C ASN A 667 -52.85 -2.62 -29.22
N PRO A 668 -52.95 -2.33 -30.52
CA PRO A 668 -53.43 -1.01 -30.92
C PRO A 668 -54.95 -0.89 -30.72
N PRO A 669 -55.46 0.36 -30.54
CA PRO A 669 -56.88 0.59 -30.22
C PRO A 669 -57.80 0.24 -31.38
N TYR A 670 -59.10 0.08 -31.08
CA TYR A 670 -60.11 -0.29 -32.10
C TYR A 670 -60.22 0.74 -33.23
N GLU A 671 -59.73 1.95 -32.97
CA GLU A 671 -59.75 3.03 -33.93
C GLU A 671 -58.32 3.38 -34.38
N PHE A 672 -57.66 2.44 -35.07
CA PHE A 672 -56.27 2.65 -35.46
C PHE A 672 -56.09 2.51 -36.97
N GLU A 673 -55.67 3.58 -37.62
CA GLU A 673 -55.49 3.61 -39.08
C GLU A 673 -54.39 2.67 -39.55
N MET A 674 -54.73 1.81 -40.50
CA MET A 674 -53.77 0.89 -41.11
C MET A 674 -53.08 1.52 -42.31
N VAL A 675 -52.24 0.73 -42.98
CA VAL A 675 -51.50 1.12 -44.18
C VAL A 675 -51.37 -0.21 -44.96
N PRO A 676 -51.09 -0.14 -46.28
CA PRO A 676 -50.82 -1.40 -46.98
C PRO A 676 -49.52 -2.07 -46.51
N THR A 677 -48.56 -1.28 -46.07
CA THR A 677 -47.21 -1.74 -45.72
C THR A 677 -47.16 -2.52 -44.40
N ASP A 678 -48.23 -2.42 -43.61
CA ASP A 678 -48.27 -3.04 -42.28
C ASP A 678 -48.15 -4.55 -42.27
N LEU A 679 -47.71 -5.09 -41.15
CA LEU A 679 -47.66 -6.53 -40.90
C LEU A 679 -48.36 -6.83 -39.58
N ILE A 680 -48.88 -8.05 -39.45
CA ILE A 680 -49.68 -8.41 -38.29
C ILE A 680 -49.08 -9.53 -37.44
N PHE A 681 -48.77 -9.20 -36.19
CA PHE A 681 -48.43 -10.23 -35.21
C PHE A 681 -49.73 -10.92 -34.84
N CYS A 682 -49.72 -12.26 -34.86
CA CYS A 682 -50.91 -13.03 -34.55
C CYS A 682 -50.65 -14.48 -34.12
N LEU A 683 -51.65 -15.05 -33.44
CA LEU A 683 -51.64 -16.44 -33.07
C LEU A 683 -52.67 -17.18 -33.91
N MET A 684 -52.18 -18.00 -34.84
CA MET A 684 -53.04 -18.78 -35.72
C MET A 684 -53.32 -20.15 -35.13
N GLN A 685 -54.46 -20.74 -35.51
CA GLN A 685 -54.82 -22.08 -35.07
C GLN A 685 -54.05 -23.15 -35.84
N PHE A 686 -54.42 -24.42 -35.66
CA PHE A 686 -53.75 -25.50 -36.35
C PHE A 686 -54.73 -26.34 -37.17
N LYS B 4 46.31 0.60 -12.49
CA LYS B 4 45.47 -0.45 -13.16
C LYS B 4 44.18 -0.66 -12.39
N HIS B 5 43.07 -0.82 -13.12
CA HIS B 5 41.78 -1.07 -12.50
C HIS B 5 40.92 -2.01 -13.32
N ILE B 6 39.94 -2.63 -12.68
CA ILE B 6 39.02 -3.52 -13.40
C ILE B 6 37.55 -3.12 -13.24
N VAL B 7 36.72 -3.60 -14.16
CA VAL B 7 35.29 -3.32 -14.12
C VAL B 7 34.52 -4.62 -13.99
N VAL B 8 33.84 -4.78 -12.87
CA VAL B 8 32.97 -5.93 -12.64
C VAL B 8 31.52 -5.52 -12.85
N CYS B 9 30.78 -6.31 -13.61
CA CYS B 9 29.39 -5.99 -13.97
C CYS B 9 28.53 -7.24 -14.06
N GLY B 10 27.33 -7.09 -14.57
CA GLY B 10 26.38 -8.20 -14.66
C GLY B 10 25.66 -8.38 -13.34
N HIS B 11 25.42 -9.62 -12.97
CA HIS B 11 24.69 -9.94 -11.75
C HIS B 11 25.54 -9.72 -10.52
N ILE B 12 25.35 -8.54 -9.93
CA ILE B 12 26.09 -8.11 -8.75
C ILE B 12 25.17 -8.03 -7.54
N THR B 13 25.27 -9.03 -6.66
CA THR B 13 24.52 -9.07 -5.42
C THR B 13 25.50 -8.92 -4.28
N LEU B 14 24.99 -8.47 -3.13
CA LEU B 14 25.77 -8.44 -1.90
C LEU B 14 26.58 -9.72 -1.77
N GLU B 15 25.91 -10.86 -1.91
CA GLU B 15 26.56 -12.15 -1.76
C GLU B 15 27.66 -12.36 -2.82
N SER B 16 27.42 -11.87 -4.03
CA SER B 16 28.34 -12.11 -5.14
C SER B 16 29.58 -11.24 -5.00
N VAL B 17 29.36 -10.00 -4.58
CA VAL B 17 30.44 -9.03 -4.34
C VAL B 17 31.36 -9.51 -3.23
N SER B 18 30.79 -9.86 -2.09
CA SER B 18 31.55 -10.31 -0.94
C SER B 18 32.40 -11.52 -1.30
N ASN B 19 31.79 -12.46 -2.01
CA ASN B 19 32.51 -13.65 -2.47
C ASN B 19 33.64 -13.32 -3.44
N PHE B 20 33.40 -12.37 -4.33
CA PHE B 20 34.41 -11.97 -5.31
C PHE B 20 35.60 -11.33 -4.63
N LEU B 21 35.33 -10.48 -3.63
CA LEU B 21 36.38 -9.76 -2.94
C LEU B 21 37.29 -10.67 -2.10
N LYS B 22 36.69 -11.66 -1.45
CA LYS B 22 37.44 -12.63 -0.66
C LYS B 22 38.49 -13.33 -1.51
N ASP B 23 38.07 -13.81 -2.70
CA ASP B 23 38.92 -14.59 -3.59
C ASP B 23 39.98 -13.75 -4.29
N PHE B 24 39.82 -12.44 -4.27
CA PHE B 24 40.72 -11.54 -4.97
C PHE B 24 42.03 -11.26 -4.22
N LEU B 25 41.98 -11.17 -2.88
CA LEU B 25 43.06 -10.52 -2.12
C LEU B 25 43.66 -11.30 -0.92
N HIS B 26 44.22 -12.49 -1.16
CA HIS B 26 44.55 -13.39 -0.06
C HIS B 26 46.03 -13.61 0.19
N LYS B 27 46.59 -14.60 -0.51
CA LYS B 27 47.98 -15.00 -0.44
C LYS B 27 48.71 -14.50 -1.68
N ASP B 28 47.95 -14.02 -2.66
CA ASP B 28 48.47 -13.57 -3.95
C ASP B 28 49.54 -12.49 -3.77
N ARG B 29 50.52 -12.47 -4.68
CA ARG B 29 51.73 -11.65 -4.53
C ARG B 29 51.45 -10.17 -4.27
N ASP B 30 50.63 -9.54 -5.12
CA ASP B 30 50.31 -8.12 -4.98
C ASP B 30 48.83 -7.83 -5.25
N ASP B 31 48.18 -7.20 -4.29
CA ASP B 31 46.78 -6.79 -4.42
C ASP B 31 46.67 -5.26 -4.49
N VAL B 32 47.75 -4.59 -4.08
CA VAL B 32 47.82 -3.11 -4.04
C VAL B 32 47.61 -2.45 -5.40
N ASN B 33 47.88 -3.19 -6.46
CA ASN B 33 47.85 -2.69 -7.84
C ASN B 33 46.46 -2.40 -8.42
N VAL B 34 45.49 -3.26 -8.13
CA VAL B 34 44.19 -3.22 -8.82
C VAL B 34 43.06 -2.54 -8.03
N GLU B 35 42.39 -1.60 -8.69
CA GLU B 35 41.16 -1.00 -8.15
C GLU B 35 39.96 -1.68 -8.81
N ILE B 36 39.06 -2.18 -7.96
CA ILE B 36 37.85 -2.86 -8.44
C ILE B 36 36.66 -1.90 -8.50
N VAL B 37 36.13 -1.71 -9.70
CA VAL B 37 34.96 -0.86 -9.90
C VAL B 37 33.75 -1.69 -10.29
N PHE B 38 32.81 -1.82 -9.36
CA PHE B 38 31.57 -2.53 -9.63
C PHE B 38 30.60 -1.62 -10.35
N LEU B 39 29.91 -2.19 -11.33
CA LEU B 39 28.85 -1.49 -12.05
C LEU B 39 27.58 -2.34 -12.08
N HIS B 40 26.59 -1.91 -11.30
CA HIS B 40 25.29 -2.58 -11.22
C HIS B 40 24.23 -1.70 -11.84
N ASN B 41 22.99 -2.19 -11.89
CA ASN B 41 21.86 -1.34 -12.28
C ASN B 41 20.71 -1.39 -11.27
N ILE B 42 20.96 -2.09 -10.16
CA ILE B 42 19.99 -2.22 -9.07
C ILE B 42 19.97 -0.97 -8.19
N SER B 43 18.99 -0.89 -7.30
CA SER B 43 18.84 0.19 -6.34
C SER B 43 20.14 0.39 -5.53
N PRO B 44 20.66 1.63 -5.53
CA PRO B 44 21.96 1.97 -4.93
C PRO B 44 22.26 1.30 -3.59
N ASN B 45 21.35 1.42 -2.62
CA ASN B 45 21.57 0.97 -1.24
C ASN B 45 22.90 1.53 -0.69
N LEU B 46 23.05 2.84 -0.83
CA LEU B 46 24.31 3.53 -0.51
C LEU B 46 24.91 3.07 0.83
N GLU B 47 24.04 2.89 1.83
CA GLU B 47 24.47 2.48 3.17
C GLU B 47 25.27 1.18 3.18
N LEU B 48 24.73 0.13 2.56
CA LEU B 48 25.41 -1.18 2.51
C LEU B 48 26.75 -1.07 1.78
N GLU B 49 26.75 -0.28 0.70
CA GLU B 49 27.95 0.01 -0.08
C GLU B 49 28.94 0.87 0.70
N ALA B 50 28.42 1.86 1.43
CA ALA B 50 29.24 2.80 2.17
C ALA B 50 30.33 2.11 3.00
N LEU B 51 29.93 1.11 3.77
CA LEU B 51 30.83 0.36 4.64
C LEU B 51 31.93 -0.38 3.86
N PHE B 52 31.53 -1.02 2.76
CA PHE B 52 32.48 -1.71 1.89
C PHE B 52 33.68 -0.83 1.53
N LYS B 53 33.37 0.35 0.98
CA LYS B 53 34.38 1.32 0.55
C LYS B 53 35.36 1.67 1.67
N ARG B 54 34.86 1.64 2.92
CA ARG B 54 35.69 1.89 4.11
C ARG B 54 36.67 0.75 4.40
N HIS B 55 36.25 -0.50 4.19
CA HIS B 55 37.15 -1.63 4.42
C HIS B 55 38.17 -1.78 3.31
N PHE B 56 37.71 -1.79 2.06
CA PHE B 56 38.62 -1.85 0.92
C PHE B 56 38.65 -0.49 0.24
N THR B 57 39.82 0.14 0.20
CA THR B 57 39.95 1.46 -0.43
C THR B 57 40.14 1.31 -1.94
N GLN B 58 39.89 0.10 -2.44
CA GLN B 58 40.12 -0.22 -3.84
C GLN B 58 38.80 -0.45 -4.57
N VAL B 59 37.70 -0.20 -3.86
CA VAL B 59 36.37 -0.57 -4.32
C VAL B 59 35.48 0.66 -4.50
N GLU B 60 34.94 0.82 -5.72
CA GLU B 60 33.99 1.89 -6.04
C GLU B 60 32.73 1.32 -6.71
N PHE B 61 31.58 1.84 -6.33
CA PHE B 61 30.28 1.40 -6.85
C PHE B 61 29.66 2.50 -7.72
N TYR B 62 29.20 2.13 -8.91
CA TYR B 62 28.46 3.06 -9.76
C TYR B 62 27.28 2.31 -10.34
N GLN B 63 26.11 2.96 -10.40
CA GLN B 63 24.97 2.33 -11.05
C GLN B 63 24.80 2.81 -12.49
N GLY B 64 24.10 2.00 -13.28
CA GLY B 64 23.95 2.24 -14.70
C GLY B 64 24.03 0.92 -15.45
N SER B 65 23.90 0.98 -16.77
CA SER B 65 23.94 -0.22 -17.60
C SER B 65 25.29 -0.39 -18.28
N VAL B 66 25.56 -1.61 -18.73
CA VAL B 66 26.76 -1.91 -19.50
C VAL B 66 26.48 -1.65 -20.97
N LEU B 67 25.22 -1.32 -21.27
CA LEU B 67 24.74 -1.09 -22.61
C LEU B 67 24.63 0.41 -22.90
N ASN B 68 25.15 1.22 -21.99
CA ASN B 68 25.08 2.68 -22.14
C ASN B 68 26.47 3.27 -22.32
N PRO B 69 26.78 3.72 -23.55
CA PRO B 69 28.10 4.24 -23.90
C PRO B 69 28.60 5.33 -22.94
N HIS B 70 27.68 6.08 -22.35
CA HIS B 70 28.01 7.09 -21.34
C HIS B 70 28.54 6.43 -20.08
N ASP B 71 27.82 5.42 -19.61
CA ASP B 71 28.20 4.71 -18.38
C ASP B 71 29.54 3.97 -18.51
N LEU B 72 29.77 3.33 -19.67
CA LEU B 72 31.02 2.65 -19.94
C LEU B 72 32.19 3.63 -19.89
N ALA B 73 31.96 4.84 -20.39
CA ALA B 73 32.94 5.91 -20.37
C ALA B 73 33.14 6.47 -18.96
N ARG B 74 32.05 6.49 -18.20
CA ARG B 74 32.07 7.00 -16.83
C ARG B 74 32.88 6.10 -15.92
N VAL B 75 32.76 4.80 -16.14
CA VAL B 75 33.50 3.79 -15.39
C VAL B 75 34.90 3.62 -16.00
N LYS B 76 35.11 4.25 -17.15
CA LYS B 76 36.37 4.18 -17.91
C LYS B 76 36.78 2.73 -18.20
N ILE B 77 35.90 2.04 -18.93
CA ILE B 77 36.09 0.65 -19.33
C ILE B 77 37.26 0.52 -20.28
N GLU B 78 37.44 1.53 -21.13
CA GLU B 78 38.48 1.56 -22.17
C GLU B 78 39.91 1.46 -21.63
N SER B 79 40.12 2.05 -20.46
CA SER B 79 41.41 2.06 -19.80
C SER B 79 41.60 0.80 -18.95
N ALA B 80 40.50 0.31 -18.39
CA ALA B 80 40.52 -0.82 -17.46
C ALA B 80 41.26 -2.05 -17.97
N ASP B 81 42.06 -2.65 -17.08
CA ASP B 81 42.82 -3.86 -17.35
C ASP B 81 41.95 -4.96 -17.96
N ALA B 82 40.84 -5.25 -17.28
CA ALA B 82 39.90 -6.29 -17.71
C ALA B 82 38.49 -6.01 -17.19
N CYS B 83 37.50 -6.59 -17.86
CA CYS B 83 36.12 -6.50 -17.41
C CYS B 83 35.53 -7.88 -17.15
N LEU B 84 34.97 -8.06 -15.96
CA LEU B 84 34.41 -9.35 -15.57
C LEU B 84 32.89 -9.29 -15.50
N ILE B 85 32.24 -10.23 -16.18
CA ILE B 85 30.79 -10.31 -16.21
C ILE B 85 30.29 -11.52 -15.41
N LEU B 86 29.81 -11.25 -14.20
CA LEU B 86 29.22 -12.29 -13.35
C LEU B 86 27.80 -12.61 -13.79
N ALA B 87 27.46 -13.89 -13.74
CA ALA B 87 26.15 -14.36 -14.18
C ALA B 87 25.28 -14.79 -13.00
N ASN B 88 23.98 -14.86 -13.26
CA ASN B 88 23.04 -15.36 -12.28
C ASN B 88 23.02 -16.88 -12.32
N LYS B 89 23.92 -17.49 -11.55
CA LYS B 89 24.06 -18.95 -11.56
C LYS B 89 22.71 -19.60 -11.27
N TYR B 90 22.00 -19.10 -10.26
CA TYR B 90 20.71 -19.66 -9.84
C TYR B 90 19.58 -18.91 -10.51
N CYS B 91 19.65 -18.85 -11.84
CA CYS B 91 18.74 -18.08 -12.67
C CYS B 91 17.41 -18.80 -12.89
N ALA B 92 16.42 -18.04 -13.38
CA ALA B 92 15.12 -18.59 -13.76
C ALA B 92 15.20 -19.37 -15.09
N ASP B 93 15.61 -18.68 -16.16
CA ASP B 93 15.82 -19.31 -17.46
C ASP B 93 17.29 -19.18 -17.89
N PRO B 94 18.06 -20.28 -17.80
CA PRO B 94 19.50 -20.25 -18.12
C PRO B 94 19.83 -19.70 -19.52
N ASP B 95 19.06 -20.12 -20.53
CA ASP B 95 19.27 -19.65 -21.90
C ASP B 95 19.10 -18.15 -22.01
N ALA B 96 18.07 -17.64 -21.34
CA ALA B 96 17.78 -16.21 -21.31
C ALA B 96 18.89 -15.42 -20.62
N GLU B 97 19.48 -16.02 -19.58
CA GLU B 97 20.58 -15.37 -18.86
C GLU B 97 21.82 -15.19 -19.74
N ASP B 98 22.23 -16.26 -20.41
CA ASP B 98 23.36 -16.21 -21.33
C ASP B 98 23.09 -15.21 -22.44
N ALA B 99 21.89 -15.29 -23.00
CA ALA B 99 21.45 -14.33 -24.00
C ALA B 99 21.74 -12.91 -23.52
N SER B 100 21.35 -12.62 -22.28
CA SER B 100 21.53 -11.31 -21.70
C SER B 100 23.01 -10.97 -21.54
N ASN B 101 23.79 -11.94 -21.05
CA ASN B 101 25.22 -11.73 -20.83
C ASN B 101 25.99 -11.55 -22.12
N ILE B 102 25.63 -12.32 -23.14
CA ILE B 102 26.26 -12.19 -24.45
C ILE B 102 26.11 -10.76 -24.97
N MET B 103 24.91 -10.20 -24.80
CA MET B 103 24.64 -8.83 -25.18
C MET B 103 25.61 -7.84 -24.53
N ARG B 104 25.93 -8.06 -23.26
CA ARG B 104 26.91 -7.23 -22.55
C ARG B 104 28.26 -7.33 -23.23
N VAL B 105 28.70 -8.56 -23.49
CA VAL B 105 29.97 -8.79 -24.18
C VAL B 105 29.98 -8.00 -25.49
N ILE B 106 28.91 -8.18 -26.29
CA ILE B 106 28.74 -7.43 -27.54
C ILE B 106 28.91 -5.93 -27.30
N SER B 107 28.22 -5.41 -26.28
CA SER B 107 28.24 -3.98 -25.96
C SER B 107 29.61 -3.48 -25.50
N ILE B 108 30.23 -4.20 -24.58
CA ILE B 108 31.55 -3.83 -24.05
C ILE B 108 32.57 -3.85 -25.18
N LYS B 109 32.41 -4.81 -26.10
CA LYS B 109 33.26 -4.88 -27.27
C LYS B 109 32.95 -3.78 -28.29
N ASN B 110 31.68 -3.41 -28.40
CA ASN B 110 31.27 -2.32 -29.26
C ASN B 110 31.91 -1.00 -28.86
N TYR B 111 31.97 -0.75 -27.55
CA TYR B 111 32.55 0.49 -27.05
C TYR B 111 34.07 0.52 -27.22
N HIS B 112 34.73 -0.56 -26.82
CA HIS B 112 36.17 -0.66 -26.96
C HIS B 112 36.54 -2.11 -27.14
N PRO B 113 36.99 -2.46 -28.35
CA PRO B 113 37.18 -3.87 -28.72
C PRO B 113 38.37 -4.51 -28.01
N LYS B 114 39.44 -3.73 -27.84
CA LYS B 114 40.68 -4.24 -27.25
C LYS B 114 40.61 -4.34 -25.71
N ILE B 115 39.60 -5.04 -25.22
CA ILE B 115 39.40 -5.23 -23.78
C ILE B 115 39.45 -6.71 -23.46
N ARG B 116 40.00 -7.05 -22.29
CA ARG B 116 39.95 -8.40 -21.78
C ARG B 116 38.60 -8.63 -21.09
N ILE B 117 37.87 -9.64 -21.53
CA ILE B 117 36.56 -9.96 -20.94
C ILE B 117 36.55 -11.37 -20.37
N ILE B 118 36.38 -11.48 -19.05
CA ILE B 118 36.14 -12.75 -18.41
C ILE B 118 34.64 -12.87 -18.15
N THR B 119 33.99 -13.93 -18.63
CA THR B 119 32.54 -14.04 -18.47
C THR B 119 32.07 -15.43 -18.12
N GLN B 120 31.04 -15.50 -17.27
CA GLN B 120 30.43 -16.79 -16.90
C GLN B 120 29.33 -17.19 -17.87
N MET B 121 29.24 -18.48 -18.17
CA MET B 121 28.18 -18.99 -19.04
C MET B 121 27.48 -20.18 -18.39
N LEU B 122 26.16 -20.19 -18.46
CA LEU B 122 25.37 -21.23 -17.80
C LEU B 122 25.20 -22.51 -18.62
N GLN B 123 25.10 -22.37 -19.94
CA GLN B 123 24.92 -23.50 -20.85
C GLN B 123 26.09 -23.52 -21.83
N TYR B 124 26.61 -24.70 -22.16
CA TYR B 124 27.71 -24.78 -23.13
C TYR B 124 27.29 -24.24 -24.49
N HIS B 125 26.20 -24.76 -25.04
CA HIS B 125 25.79 -24.44 -26.40
C HIS B 125 25.82 -22.97 -26.71
N ASN B 126 25.54 -22.14 -25.69
CA ASN B 126 25.59 -20.69 -25.82
C ASN B 126 27.00 -20.13 -25.88
N LYS B 127 27.92 -20.79 -25.17
CA LYS B 127 29.33 -20.39 -25.13
C LYS B 127 29.92 -20.28 -26.54
N ALA B 128 29.49 -21.19 -27.42
CA ALA B 128 29.86 -21.15 -28.82
C ALA B 128 29.61 -19.78 -29.47
N HIS B 129 28.41 -19.22 -29.27
CA HIS B 129 28.01 -17.93 -29.85
C HIS B 129 29.02 -16.83 -29.69
N LEU B 130 29.76 -16.85 -28.59
CA LEU B 130 30.74 -15.81 -28.29
C LEU B 130 31.81 -15.64 -29.36
N LEU B 131 32.02 -16.68 -30.14
CA LEU B 131 33.03 -16.66 -31.20
C LEU B 131 32.58 -15.85 -32.41
N ASN B 132 31.25 -15.74 -32.58
CA ASN B 132 30.66 -14.94 -33.66
C ASN B 132 30.92 -13.45 -33.49
N ILE B 133 31.16 -13.04 -32.25
CA ILE B 133 31.50 -11.66 -31.95
C ILE B 133 32.90 -11.35 -32.46
N PRO B 134 33.02 -10.39 -33.38
CA PRO B 134 34.27 -10.01 -34.06
C PRO B 134 35.45 -9.72 -33.14
N SER B 135 35.22 -8.94 -32.09
CA SER B 135 36.30 -8.47 -31.22
C SER B 135 36.73 -9.51 -30.17
N TRP B 136 36.00 -10.62 -30.12
CA TRP B 136 36.27 -11.69 -29.15
C TRP B 136 37.54 -12.40 -29.48
N ASN B 137 38.53 -12.30 -28.60
CA ASN B 137 39.85 -12.90 -28.81
C ASN B 137 40.14 -14.09 -27.91
N TRP B 138 39.88 -15.29 -28.41
CA TRP B 138 40.18 -16.54 -27.70
C TRP B 138 41.66 -16.72 -27.47
N LYS B 139 42.44 -16.10 -28.35
CA LYS B 139 43.91 -16.13 -28.29
C LYS B 139 44.50 -14.99 -27.44
N GLU B 140 43.81 -13.85 -27.38
CA GLU B 140 44.17 -12.82 -26.40
C GLU B 140 43.55 -13.19 -25.03
N GLY B 141 43.38 -12.20 -24.16
CA GLY B 141 42.92 -12.43 -22.78
C GLY B 141 41.49 -12.91 -22.57
N ASP B 142 40.61 -12.66 -23.54
CA ASP B 142 39.19 -13.04 -23.46
C ASP B 142 39.03 -14.54 -23.23
N ASP B 143 38.30 -14.88 -22.18
CA ASP B 143 37.98 -16.27 -21.84
C ASP B 143 36.60 -16.34 -21.20
N ALA B 144 35.89 -17.42 -21.46
CA ALA B 144 34.57 -17.63 -20.88
C ALA B 144 34.53 -18.90 -20.03
N ILE B 145 34.30 -18.71 -18.74
CA ILE B 145 34.13 -19.82 -17.81
C ILE B 145 32.73 -20.44 -17.99
N CYS B 146 32.66 -21.58 -18.66
CA CYS B 146 31.38 -22.26 -18.77
C CYS B 146 31.10 -23.09 -17.54
N LEU B 147 30.12 -22.66 -16.76
CA LEU B 147 29.80 -23.31 -15.50
C LEU B 147 29.21 -24.70 -15.69
N ALA B 148 28.42 -24.88 -16.74
CA ALA B 148 27.82 -26.18 -17.05
C ALA B 148 28.90 -27.23 -17.31
N GLU B 149 29.86 -26.88 -18.17
CA GLU B 149 30.88 -27.83 -18.61
C GLU B 149 31.85 -28.21 -17.49
N LEU B 150 32.16 -27.26 -16.62
CA LEU B 150 33.09 -27.50 -15.53
C LEU B 150 32.44 -28.28 -14.40
N LYS B 151 31.24 -27.88 -13.99
CA LYS B 151 30.48 -28.62 -12.97
C LYS B 151 30.42 -30.09 -13.38
N ALA B 152 30.05 -30.32 -14.64
CA ALA B 152 29.94 -31.67 -15.17
C ALA B 152 31.28 -32.40 -15.12
N GLY B 153 32.32 -31.74 -15.64
CA GLY B 153 33.65 -32.32 -15.66
C GLY B 153 34.19 -32.70 -14.29
N PHE B 154 34.03 -31.80 -13.33
CA PHE B 154 34.48 -32.05 -11.95
C PHE B 154 33.82 -33.32 -11.38
N ILE B 155 32.53 -33.45 -11.61
CA ILE B 155 31.78 -34.64 -11.17
C ILE B 155 32.25 -35.87 -11.95
N ALA B 156 32.53 -35.69 -13.24
CA ALA B 156 33.05 -36.77 -14.08
C ALA B 156 34.41 -37.27 -13.57
N GLN B 157 35.29 -36.32 -13.26
CA GLN B 157 36.61 -36.63 -12.75
C GLN B 157 36.54 -37.38 -11.44
N SER B 158 35.43 -37.21 -10.71
CA SER B 158 35.20 -37.95 -9.47
C SER B 158 34.82 -39.42 -9.70
N CYS B 159 34.30 -39.74 -10.88
CA CYS B 159 33.99 -41.12 -11.22
C CYS B 159 35.26 -41.95 -11.38
N LEU B 160 36.31 -41.32 -11.90
CA LEU B 160 37.62 -41.95 -12.05
C LEU B 160 38.33 -42.02 -10.71
N ALA B 161 38.43 -40.90 -10.03
CA ALA B 161 39.01 -40.87 -8.70
C ALA B 161 38.11 -40.14 -7.70
N GLN B 162 37.40 -40.91 -6.87
CA GLN B 162 36.45 -40.32 -5.94
C GLN B 162 37.12 -39.34 -5.00
N GLY B 163 36.56 -38.14 -4.94
CA GLY B 163 37.09 -37.08 -4.10
C GLY B 163 37.89 -36.08 -4.90
N LEU B 164 38.20 -36.41 -6.15
CA LEU B 164 38.92 -35.48 -7.01
C LEU B 164 38.19 -34.13 -7.15
N SER B 165 36.87 -34.18 -7.31
CA SER B 165 36.04 -32.97 -7.44
C SER B 165 36.36 -31.92 -6.38
N THR B 166 36.38 -32.34 -5.11
CA THR B 166 36.58 -31.40 -4.01
C THR B 166 38.06 -31.10 -3.83
N MET B 167 38.92 -32.01 -4.26
CA MET B 167 40.36 -31.79 -4.20
C MET B 167 40.75 -30.72 -5.21
N LEU B 168 40.15 -30.84 -6.39
CA LEU B 168 40.42 -29.94 -7.50
C LEU B 168 39.73 -28.59 -7.31
N ALA B 169 38.82 -28.54 -6.33
CA ALA B 169 38.08 -27.32 -6.03
C ALA B 169 38.78 -26.46 -4.97
N ASN B 170 39.19 -27.09 -3.87
CA ASN B 170 39.91 -26.43 -2.77
C ASN B 170 41.24 -25.88 -3.24
N LEU B 171 41.81 -26.60 -4.20
CA LEU B 171 43.05 -26.24 -4.87
C LEU B 171 42.92 -24.88 -5.56
N PHE B 172 41.72 -24.57 -6.05
CA PHE B 172 41.49 -23.39 -6.89
C PHE B 172 41.04 -22.16 -6.13
N SER B 173 40.28 -22.37 -5.07
CA SER B 173 39.80 -21.29 -4.24
C SER B 173 40.92 -20.84 -3.31
N MET B 174 41.27 -19.56 -3.42
CA MET B 174 42.33 -18.97 -2.58
C MET B 174 41.94 -19.07 -1.10
N ARG B 175 42.71 -19.87 -0.35
CA ARG B 175 42.48 -20.09 1.08
C ARG B 175 43.79 -20.32 1.82
N SER B 176 43.83 -19.92 3.08
CA SER B 176 45.05 -19.99 3.89
C SER B 176 45.04 -21.12 4.92
N TYR B 177 46.21 -21.34 5.53
CA TYR B 177 46.43 -22.42 6.49
C TYR B 177 45.76 -22.17 7.84
N ILE B 178 45.17 -23.21 8.41
CA ILE B 178 44.34 -23.04 9.62
C ILE B 178 44.95 -23.61 10.91
N LYS B 179 45.64 -24.74 10.81
CA LYS B 179 46.36 -25.35 11.95
C LYS B 179 45.49 -25.65 13.17
N ILE B 180 44.53 -26.55 13.01
CA ILE B 180 43.74 -27.01 14.15
C ILE B 180 44.64 -27.85 15.07
N GLU B 181 44.59 -27.54 16.37
CA GLU B 181 45.50 -28.14 17.35
C GLU B 181 45.17 -29.61 17.63
N GLU B 182 43.89 -29.89 17.87
CA GLU B 182 43.43 -31.23 18.20
C GLU B 182 43.56 -32.21 17.02
N ASP B 183 43.80 -33.48 17.32
CA ASP B 183 43.91 -34.51 16.30
C ASP B 183 42.54 -35.01 15.84
N THR B 184 42.15 -34.59 14.65
CA THR B 184 40.98 -35.08 13.93
C THR B 184 41.27 -34.89 12.45
N TRP B 185 40.45 -35.48 11.60
CA TRP B 185 40.65 -35.39 10.16
C TRP B 185 40.67 -33.98 9.67
N GLN B 186 39.94 -33.10 10.35
CA GLN B 186 39.92 -31.67 10.02
C GLN B 186 41.34 -31.14 9.82
N LYS B 187 42.20 -31.43 10.80
CA LYS B 187 43.60 -31.03 10.77
C LYS B 187 44.23 -31.34 9.43
N TYR B 188 44.20 -32.63 9.07
CA TYR B 188 44.87 -33.12 7.86
C TYR B 188 44.23 -32.59 6.59
N TYR B 189 42.90 -32.56 6.60
CA TYR B 189 42.12 -32.03 5.49
C TYR B 189 42.48 -30.57 5.20
N LEU B 190 42.50 -29.76 6.26
CA LEU B 190 42.80 -28.33 6.17
C LEU B 190 44.23 -28.02 5.80
N GLU B 191 45.16 -28.84 6.31
CA GLU B 191 46.57 -28.72 5.96
C GLU B 191 46.72 -28.84 4.44
N GLY B 192 45.84 -29.61 3.81
CA GLY B 192 45.80 -29.69 2.36
C GLY B 192 45.06 -28.51 1.73
N VAL B 193 43.89 -28.19 2.28
CA VAL B 193 43.05 -27.09 1.79
C VAL B 193 43.85 -25.81 1.59
N ALA B 194 44.81 -25.59 2.49
CA ALA B 194 45.71 -24.42 2.50
C ALA B 194 46.37 -24.13 1.15
N ASN B 195 46.26 -25.11 0.26
CA ASN B 195 46.79 -24.97 -1.08
C ASN B 195 45.96 -24.12 -2.03
N GLU B 196 46.69 -23.62 -3.01
CA GLU B 196 46.19 -22.83 -4.11
C GLU B 196 47.22 -23.13 -5.18
N MET B 197 46.81 -23.21 -6.43
CA MET B 197 47.70 -23.58 -7.51
C MET B 197 48.25 -22.38 -8.25
N TYR B 198 49.57 -22.17 -8.19
CA TYR B 198 50.20 -21.00 -8.79
C TYR B 198 51.03 -21.29 -10.04
N THR B 199 51.26 -20.24 -10.81
CA THR B 199 52.04 -20.32 -12.04
C THR B 199 53.42 -19.66 -11.86
N GLU B 200 54.46 -20.33 -12.35
CA GLU B 200 55.83 -19.82 -12.24
C GLU B 200 56.75 -20.33 -13.35
N TYR B 201 57.71 -19.49 -13.71
CA TYR B 201 58.76 -19.84 -14.69
C TYR B 201 59.87 -20.63 -14.03
N LEU B 202 60.34 -21.65 -14.75
CA LEU B 202 61.39 -22.53 -14.27
C LEU B 202 62.75 -21.83 -14.32
N SER B 203 63.57 -22.07 -13.30
CA SER B 203 64.95 -21.55 -13.26
C SER B 203 65.75 -22.11 -14.44
N SER B 204 66.67 -21.29 -14.95
CA SER B 204 67.56 -21.69 -16.04
C SER B 204 68.27 -23.02 -15.77
N ALA B 205 68.45 -23.34 -14.49
CA ALA B 205 69.12 -24.55 -14.03
C ALA B 205 68.52 -25.84 -14.59
N PHE B 206 67.19 -25.88 -14.67
CA PHE B 206 66.48 -27.10 -15.05
C PHE B 206 66.55 -27.43 -16.55
N VAL B 207 66.91 -26.45 -17.37
CA VAL B 207 66.94 -26.61 -18.82
C VAL B 207 67.59 -27.92 -19.25
N GLY B 208 66.89 -28.68 -20.10
CA GLY B 208 67.43 -29.91 -20.67
C GLY B 208 67.16 -31.17 -19.88
N LEU B 209 66.92 -31.02 -18.57
CA LEU B 209 66.57 -32.14 -17.72
C LEU B 209 65.20 -32.73 -18.13
N SER B 210 64.93 -33.95 -17.70
CA SER B 210 63.63 -34.55 -17.93
C SER B 210 62.63 -34.05 -16.90
N PHE B 211 61.39 -33.80 -17.32
CA PHE B 211 60.34 -33.34 -16.39
C PHE B 211 60.36 -34.11 -15.07
N PRO B 212 60.31 -35.46 -15.13
CA PRO B 212 60.36 -36.29 -13.92
C PRO B 212 61.46 -35.94 -12.93
N THR B 213 62.68 -35.77 -13.43
CA THR B 213 63.81 -35.42 -12.56
C THR B 213 63.69 -33.99 -12.02
N VAL B 214 63.19 -33.08 -12.85
CA VAL B 214 62.87 -31.70 -12.43
C VAL B 214 61.84 -31.73 -11.30
N CYS B 215 60.77 -32.49 -11.53
CA CYS B 215 59.68 -32.62 -10.58
C CYS B 215 60.16 -33.10 -9.19
N GLU B 216 61.07 -34.07 -9.18
CA GLU B 216 61.66 -34.59 -7.94
C GLU B 216 62.44 -33.50 -7.22
N LEU B 217 63.28 -32.80 -7.97
CA LEU B 217 64.10 -31.72 -7.41
C LEU B 217 63.23 -30.66 -6.77
N CYS B 218 62.13 -30.33 -7.44
CA CYS B 218 61.21 -29.32 -6.93
C CYS B 218 60.53 -29.78 -5.64
N TYR B 219 60.16 -31.05 -5.58
CA TYR B 219 59.49 -31.58 -4.41
C TYR B 219 60.46 -31.83 -3.26
N VAL B 220 61.66 -32.32 -3.59
CA VAL B 220 62.64 -32.70 -2.58
C VAL B 220 63.40 -31.49 -2.04
N LYS B 221 63.91 -30.66 -2.95
CA LYS B 221 64.68 -29.47 -2.57
C LYS B 221 63.81 -28.28 -2.18
N LEU B 222 62.60 -28.17 -2.74
CA LEU B 222 61.74 -27.01 -2.51
C LEU B 222 60.36 -27.25 -1.87
N LYS B 223 59.91 -28.50 -1.86
CA LYS B 223 58.56 -28.85 -1.34
C LYS B 223 57.43 -28.31 -2.22
N LEU B 224 57.76 -27.93 -3.46
CA LEU B 224 56.77 -27.48 -4.43
C LEU B 224 56.39 -28.63 -5.36
N LEU B 225 55.13 -29.07 -5.26
CA LEU B 225 54.62 -30.11 -6.14
C LEU B 225 54.29 -29.53 -7.53
N LEU B 226 55.11 -29.88 -8.52
CA LEU B 226 54.89 -29.44 -9.90
C LEU B 226 54.03 -30.44 -10.67
N ILE B 227 53.08 -29.96 -11.45
CA ILE B 227 52.16 -30.86 -12.17
C ILE B 227 52.14 -30.74 -13.70
N ALA B 228 52.55 -29.59 -14.23
CA ALA B 228 52.50 -29.39 -15.69
C ALA B 228 53.38 -28.27 -16.19
N ILE B 229 53.85 -28.44 -17.42
CA ILE B 229 54.65 -27.42 -18.12
C ILE B 229 53.83 -26.78 -19.24
N GLU B 230 54.31 -25.65 -19.77
CA GLU B 230 53.66 -24.97 -20.90
C GLU B 230 54.62 -24.85 -22.08
N TYR B 231 54.83 -25.97 -22.78
CA TYR B 231 55.80 -26.08 -23.89
C TYR B 231 55.51 -25.11 -25.03
N LYS B 232 56.57 -24.43 -25.50
CA LYS B 232 56.46 -23.47 -26.59
C LYS B 232 56.61 -24.18 -27.93
N LYS B 242 50.12 -21.25 -26.53
CA LYS B 242 50.78 -22.49 -26.89
C LYS B 242 50.20 -23.68 -26.11
N ARG B 243 50.49 -24.90 -26.58
CA ARG B 243 49.99 -26.14 -25.95
C ARG B 243 50.60 -26.36 -24.57
N ILE B 244 49.80 -26.92 -23.66
CA ILE B 244 50.26 -27.23 -22.30
C ILE B 244 50.22 -28.75 -22.04
N LEU B 245 51.25 -29.28 -21.37
CA LEU B 245 51.37 -30.71 -21.09
C LEU B 245 51.29 -31.02 -19.59
N ILE B 246 50.27 -31.76 -19.19
CA ILE B 246 50.09 -32.20 -17.78
C ILE B 246 50.83 -33.52 -17.50
N ASN B 247 51.74 -33.49 -16.53
CA ASN B 247 52.64 -34.62 -16.22
C ASN B 247 53.28 -35.30 -17.45
N PRO B 248 54.16 -34.59 -18.17
CA PRO B 248 54.75 -35.27 -19.33
C PRO B 248 55.67 -36.42 -18.92
N GLY B 249 55.90 -37.36 -19.83
CA GLY B 249 56.83 -38.47 -19.61
C GLY B 249 58.26 -37.99 -19.42
N ASN B 250 59.18 -38.92 -19.20
CA ASN B 250 60.58 -38.56 -18.92
C ASN B 250 61.34 -37.87 -20.06
N HIS B 251 60.82 -37.99 -21.28
CA HIS B 251 61.51 -37.53 -22.49
C HIS B 251 61.46 -36.04 -22.62
N VAL B 252 60.35 -35.45 -22.22
CA VAL B 252 60.16 -34.00 -22.26
C VAL B 252 61.24 -33.25 -21.50
N LYS B 253 61.96 -32.38 -22.23
CA LYS B 253 63.05 -31.59 -21.66
C LYS B 253 62.75 -30.10 -21.75
N MET B 254 63.19 -29.35 -20.74
CA MET B 254 62.87 -27.94 -20.57
C MET B 254 63.47 -27.03 -21.64
N GLN B 255 62.64 -26.14 -22.17
CA GLN B 255 63.04 -25.29 -23.27
C GLN B 255 63.24 -23.85 -22.78
N GLU B 256 64.50 -23.51 -22.50
CA GLU B 256 64.88 -22.19 -21.98
C GLU B 256 64.02 -21.83 -20.76
N GLY B 257 63.18 -20.79 -20.91
CA GLY B 257 62.23 -20.40 -19.88
C GLY B 257 60.88 -21.04 -20.12
N THR B 258 60.64 -22.17 -19.47
CA THR B 258 59.38 -22.86 -19.54
C THR B 258 58.49 -22.34 -18.40
N LEU B 259 57.18 -22.43 -18.59
CA LEU B 259 56.20 -22.06 -17.57
C LEU B 259 55.66 -23.32 -16.91
N GLY B 260 55.68 -23.33 -15.57
CA GLY B 260 55.27 -24.52 -14.81
C GLY B 260 54.16 -24.25 -13.81
N PHE B 261 53.23 -25.19 -13.71
CA PHE B 261 52.12 -25.05 -12.78
C PHE B 261 52.43 -25.81 -11.51
N PHE B 262 52.51 -25.07 -10.40
CA PHE B 262 52.88 -25.63 -9.11
C PHE B 262 51.71 -25.63 -8.14
N ILE B 263 51.77 -26.47 -7.12
CA ILE B 263 50.76 -26.50 -6.08
C ILE B 263 51.44 -26.23 -4.76
N ALA B 264 51.45 -24.98 -4.34
CA ALA B 264 52.10 -24.62 -3.09
C ALA B 264 51.20 -23.79 -2.21
N SER B 265 51.52 -23.76 -0.91
CA SER B 265 50.74 -23.07 0.10
C SER B 265 50.42 -21.61 -0.26
N ASP B 266 51.48 -20.84 -0.49
CA ASP B 266 51.43 -19.41 -0.70
C ASP B 266 52.03 -19.09 -2.07
N ALA B 267 51.61 -17.97 -2.67
CA ALA B 267 52.15 -17.50 -3.95
C ALA B 267 53.65 -17.22 -3.93
N LYS B 268 54.15 -16.70 -2.79
CA LYS B 268 55.58 -16.40 -2.60
C LYS B 268 56.43 -17.67 -2.50
N GLU B 269 55.82 -18.76 -2.03
CA GLU B 269 56.48 -20.07 -1.96
C GLU B 269 56.96 -20.51 -3.33
N VAL B 270 56.13 -20.28 -4.34
CA VAL B 270 56.41 -20.74 -5.70
C VAL B 270 57.51 -19.91 -6.36
N LYS B 271 57.70 -18.68 -5.91
CA LYS B 271 58.75 -17.80 -6.45
C LYS B 271 60.13 -18.49 -6.40
N ARG B 272 60.33 -19.28 -5.34
CA ARG B 272 61.59 -20.00 -5.12
C ARG B 272 61.99 -20.99 -6.20
N ALA B 273 61.05 -21.39 -7.05
CA ALA B 273 61.33 -22.32 -8.15
C ALA B 273 62.15 -21.62 -9.23
N PHE B 274 62.77 -20.51 -8.86
CA PHE B 274 63.46 -19.62 -9.77
C PHE B 274 64.88 -19.29 -9.29
N PHE B 275 65.62 -20.32 -8.87
CA PHE B 275 67.00 -20.16 -8.40
C PHE B 275 67.88 -21.38 -8.69
N LYS B 349 36.17 -46.16 -38.37
CA LYS B 349 36.07 -44.90 -37.62
C LYS B 349 35.77 -45.18 -36.14
N ARG B 350 36.82 -45.29 -35.33
CA ARG B 350 36.68 -45.59 -33.90
C ARG B 350 36.92 -44.38 -32.97
N TYR B 351 37.31 -43.24 -33.57
CA TYR B 351 37.59 -42.01 -32.81
C TYR B 351 36.95 -40.75 -33.40
N ASP B 352 36.89 -39.69 -32.57
CA ASP B 352 36.44 -38.38 -33.01
C ASP B 352 37.41 -37.80 -34.02
N SER B 353 37.01 -36.75 -34.72
CA SER B 353 37.88 -36.06 -35.67
C SER B 353 39.26 -35.78 -35.07
N THR B 354 39.25 -35.34 -33.81
CA THR B 354 40.47 -35.06 -33.06
C THR B 354 41.25 -36.32 -32.69
N GLY B 355 40.52 -37.42 -32.46
CA GLY B 355 41.12 -38.64 -31.94
C GLY B 355 41.32 -38.55 -30.45
N MET B 356 40.63 -37.59 -29.84
CA MET B 356 40.71 -37.38 -28.41
C MET B 356 39.66 -38.21 -27.69
N PHE B 357 38.50 -38.39 -28.31
CA PHE B 357 37.37 -39.08 -27.68
C PHE B 357 36.94 -40.30 -28.49
N HIS B 358 36.41 -41.31 -27.80
CA HIS B 358 35.89 -42.52 -28.44
C HIS B 358 34.62 -42.26 -29.19
N TRP B 359 34.69 -42.34 -30.51
CA TRP B 359 33.51 -42.12 -31.35
C TRP B 359 32.85 -43.42 -31.67
N CYS B 360 31.54 -43.36 -31.86
CA CYS B 360 30.74 -44.53 -32.19
C CYS B 360 29.65 -44.05 -33.15
N PRO B 361 29.23 -44.90 -34.12
CA PRO B 361 28.20 -44.47 -35.08
C PRO B 361 26.95 -44.01 -34.37
N SER B 362 26.45 -42.83 -34.73
CA SER B 362 25.27 -42.27 -34.09
C SER B 362 24.18 -43.36 -34.05
N LYS B 363 23.74 -43.70 -32.84
CA LYS B 363 22.72 -44.72 -32.60
C LYS B 363 21.34 -44.08 -32.37
N GLU B 364 20.28 -44.81 -32.75
CA GLU B 364 18.90 -44.35 -32.53
C GLU B 364 18.51 -44.64 -31.09
N ILE B 365 17.89 -43.65 -30.44
CA ILE B 365 17.66 -43.67 -29.00
C ILE B 365 16.99 -44.96 -28.47
N GLU B 366 16.01 -45.46 -29.20
CA GLU B 366 15.26 -46.65 -28.80
C GLU B 366 16.12 -47.91 -28.73
N LYS B 367 17.26 -47.90 -29.42
CA LYS B 367 18.22 -49.00 -29.37
C LYS B 367 18.91 -49.08 -28.00
N VAL B 368 18.93 -47.95 -27.29
CA VAL B 368 19.65 -47.82 -26.02
C VAL B 368 18.75 -48.04 -24.80
N ILE B 369 17.48 -47.69 -24.92
CA ILE B 369 16.50 -47.83 -23.84
C ILE B 369 16.40 -49.26 -23.33
N LEU B 370 16.72 -49.44 -22.05
CA LEU B 370 16.54 -50.73 -21.39
C LEU B 370 15.19 -50.78 -20.69
N THR B 371 14.51 -51.92 -20.79
CA THR B 371 13.35 -52.22 -19.96
C THR B 371 13.89 -52.46 -18.56
N ARG B 372 13.02 -52.47 -17.54
CA ARG B 372 13.47 -52.78 -16.19
C ARG B 372 14.06 -54.20 -16.14
N SER B 373 13.42 -55.13 -16.85
CA SER B 373 13.88 -56.51 -16.95
C SER B 373 15.20 -56.63 -17.71
N GLU B 374 15.21 -56.17 -18.97
CA GLU B 374 16.42 -56.19 -19.79
C GLU B 374 17.65 -55.70 -19.01
N ALA B 375 17.42 -54.74 -18.13
CA ALA B 375 18.47 -54.17 -17.29
C ALA B 375 18.83 -55.06 -16.09
N SER B 376 17.82 -55.63 -15.45
CA SER B 376 18.04 -56.51 -14.31
C SER B 376 18.73 -57.79 -14.75
N MET B 377 18.46 -58.19 -15.99
CA MET B 377 19.10 -59.33 -16.65
C MET B 377 20.63 -59.20 -16.65
N THR B 378 21.12 -58.04 -17.10
CA THR B 378 22.56 -57.77 -17.15
C THR B 378 23.07 -57.37 -15.77
N VAL B 379 24.05 -58.11 -15.30
CA VAL B 379 24.74 -57.78 -14.06
C VAL B 379 25.86 -56.76 -14.33
N LEU B 380 25.49 -55.48 -14.32
CA LEU B 380 26.42 -54.40 -14.61
C LEU B 380 27.25 -54.07 -13.38
N SER B 381 28.53 -53.82 -13.59
CA SER B 381 29.42 -53.37 -12.53
C SER B 381 30.55 -52.52 -13.09
N GLY B 382 31.16 -51.69 -12.24
CA GLY B 382 32.23 -50.79 -12.67
C GLY B 382 31.71 -49.71 -13.61
N HIS B 383 30.42 -49.41 -13.47
CA HIS B 383 29.73 -48.46 -14.33
C HIS B 383 29.36 -47.20 -13.58
N VAL B 384 28.80 -46.23 -14.30
CA VAL B 384 28.36 -44.99 -13.69
C VAL B 384 26.85 -44.91 -13.86
N VAL B 385 26.14 -44.76 -12.74
CA VAL B 385 24.70 -44.61 -12.77
C VAL B 385 24.36 -43.16 -12.50
N VAL B 386 24.20 -42.39 -13.57
CA VAL B 386 23.74 -41.02 -13.48
C VAL B 386 22.23 -41.04 -13.49
N CYS B 387 21.61 -40.66 -12.38
CA CYS B 387 20.16 -40.61 -12.31
C CYS B 387 19.68 -39.19 -12.18
N ILE B 388 18.96 -38.75 -13.20
CA ILE B 388 18.48 -37.37 -13.27
C ILE B 388 16.98 -37.27 -13.00
N PHE B 389 16.63 -36.29 -12.19
CA PHE B 389 15.26 -35.86 -12.05
C PHE B 389 14.99 -34.84 -13.14
N GLY B 390 13.75 -34.75 -13.59
CA GLY B 390 13.36 -33.77 -14.59
C GLY B 390 12.28 -34.22 -15.55
N ASP B 391 11.54 -33.24 -16.06
CA ASP B 391 10.53 -33.49 -17.08
C ASP B 391 10.95 -32.75 -18.36
N VAL B 392 10.08 -32.78 -19.38
CA VAL B 392 10.39 -32.24 -20.69
C VAL B 392 10.68 -30.74 -20.68
N THR B 393 10.02 -30.02 -19.76
CA THR B 393 10.15 -28.56 -19.65
C THR B 393 11.18 -28.14 -18.58
N SER B 394 12.35 -28.75 -18.60
CA SER B 394 13.41 -28.41 -17.67
C SER B 394 14.60 -27.82 -18.42
N ALA B 395 15.48 -27.16 -17.68
CA ALA B 395 16.76 -26.71 -18.23
C ALA B 395 17.60 -27.94 -18.61
N LEU B 396 18.38 -27.82 -19.68
CA LEU B 396 19.28 -28.89 -20.08
C LEU B 396 20.54 -28.84 -19.23
N VAL B 397 20.79 -29.91 -18.49
CA VAL B 397 21.96 -30.00 -17.61
C VAL B 397 23.27 -29.98 -18.42
N GLY B 398 23.19 -30.42 -19.68
CA GLY B 398 24.36 -30.51 -20.54
C GLY B 398 25.13 -31.79 -20.28
N LEU B 399 24.43 -32.93 -20.40
CA LEU B 399 25.01 -34.25 -20.10
C LEU B 399 26.20 -34.60 -20.97
N ARG B 400 26.25 -34.00 -22.16
CA ARG B 400 27.43 -34.09 -23.04
C ARG B 400 28.71 -33.96 -22.22
N ASN B 401 28.77 -32.95 -21.36
CA ASN B 401 29.97 -32.64 -20.58
C ASN B 401 30.26 -33.58 -19.42
N LEU B 402 29.29 -34.41 -19.06
CA LEU B 402 29.54 -35.45 -18.07
C LEU B 402 30.17 -36.68 -18.72
N VAL B 403 29.63 -37.11 -19.86
CA VAL B 403 30.13 -38.31 -20.52
C VAL B 403 31.46 -38.09 -21.24
N MET B 404 31.69 -36.90 -21.79
CA MET B 404 32.88 -36.63 -22.62
C MET B 404 34.20 -37.00 -21.96
N PRO B 405 34.46 -36.47 -20.75
CA PRO B 405 35.68 -36.86 -20.03
C PRO B 405 35.74 -38.35 -19.68
N LEU B 406 34.58 -39.00 -19.62
CA LEU B 406 34.52 -40.43 -19.36
C LEU B 406 34.74 -41.23 -20.63
N ARG B 407 34.82 -40.55 -21.76
CA ARG B 407 35.04 -41.21 -23.04
C ARG B 407 36.30 -40.70 -23.72
N ALA B 408 37.24 -40.19 -22.93
CA ALA B 408 38.50 -39.71 -23.50
C ALA B 408 39.28 -40.91 -24.07
N SER B 409 40.19 -40.64 -25.01
CA SER B 409 40.91 -41.71 -25.69
C SER B 409 42.04 -42.33 -24.88
N ASN B 410 42.32 -41.77 -23.70
CA ASN B 410 43.41 -42.23 -22.85
C ASN B 410 43.08 -43.52 -22.13
N PHE B 411 41.85 -44.00 -22.31
CA PHE B 411 41.40 -45.26 -21.73
C PHE B 411 41.07 -46.21 -22.85
N HIS B 412 41.35 -47.50 -22.61
CA HIS B 412 41.03 -48.53 -23.58
C HIS B 412 39.56 -48.78 -23.56
N TYR B 413 39.02 -49.23 -24.70
CA TYR B 413 37.60 -49.55 -24.82
C TYR B 413 37.18 -50.52 -23.72
N HIS B 414 38.09 -51.45 -23.41
CA HIS B 414 37.95 -52.39 -22.28
C HIS B 414 37.81 -51.68 -20.96
N GLU B 415 38.60 -50.61 -20.77
CA GLU B 415 38.62 -49.84 -19.53
C GLU B 415 37.39 -48.90 -19.37
N LEU B 416 36.73 -48.57 -20.48
CA LEU B 416 35.62 -47.59 -20.48
C LEU B 416 34.48 -47.98 -19.57
N LYS B 417 34.01 -47.02 -18.78
CA LYS B 417 32.89 -47.27 -17.86
C LYS B 417 31.55 -47.00 -18.54
N PRO B 418 30.67 -48.01 -18.58
CA PRO B 418 29.36 -47.77 -19.20
C PRO B 418 28.50 -46.81 -18.36
N ILE B 419 27.65 -46.04 -19.01
CA ILE B 419 26.87 -45.02 -18.34
C ILE B 419 25.38 -45.33 -18.45
N VAL B 420 24.70 -45.39 -17.31
CA VAL B 420 23.26 -45.64 -17.30
C VAL B 420 22.51 -44.44 -16.74
N PHE B 421 21.67 -43.83 -17.57
CA PHE B 421 20.80 -42.76 -17.13
C PHE B 421 19.48 -43.31 -16.64
N VAL B 422 19.12 -42.93 -15.42
CA VAL B 422 17.82 -43.32 -14.83
C VAL B 422 16.96 -42.06 -14.68
N GLY B 423 16.04 -41.86 -15.61
CA GLY B 423 15.20 -40.66 -15.62
C GLY B 423 13.91 -40.79 -16.42
N SER B 424 13.34 -39.65 -16.78
CA SER B 424 12.20 -39.64 -17.67
C SER B 424 12.70 -39.65 -19.09
N LEU B 425 12.14 -40.54 -19.89
CA LEU B 425 12.53 -40.68 -21.29
C LEU B 425 12.28 -39.39 -22.06
N ASP B 426 11.11 -38.78 -21.82
CA ASP B 426 10.73 -37.51 -22.45
C ASP B 426 11.79 -36.43 -22.24
N TYR B 427 12.27 -36.30 -21.01
CA TYR B 427 13.37 -35.38 -20.72
C TYR B 427 14.63 -35.81 -21.47
N LEU B 428 15.01 -37.07 -21.30
CA LEU B 428 16.29 -37.53 -21.80
C LEU B 428 16.47 -37.33 -23.30
N ARG B 429 15.48 -37.73 -24.09
CA ARG B 429 15.59 -37.72 -25.56
C ARG B 429 16.04 -36.39 -26.17
N ARG B 430 15.56 -35.30 -25.60
CA ARG B 430 15.93 -33.97 -26.09
C ARG B 430 17.41 -33.69 -25.91
N GLU B 431 17.96 -34.12 -24.79
CA GLU B 431 19.40 -34.04 -24.56
C GLU B 431 20.16 -35.09 -25.34
N TRP B 432 19.52 -36.25 -25.53
CA TRP B 432 20.15 -37.43 -26.11
C TRP B 432 20.94 -37.16 -27.37
N GLU B 433 20.44 -36.29 -28.23
CA GLU B 433 21.05 -36.06 -29.55
C GLU B 433 22.56 -35.79 -29.52
N THR B 434 23.06 -35.21 -28.43
CA THR B 434 24.50 -34.97 -28.27
C THR B 434 25.27 -36.25 -27.93
N LEU B 435 24.57 -37.22 -27.35
CA LEU B 435 25.23 -38.40 -26.82
C LEU B 435 25.27 -39.59 -27.77
N HIS B 436 24.43 -39.62 -28.80
CA HIS B 436 24.33 -40.81 -29.66
C HIS B 436 25.67 -41.31 -30.17
N ASN B 437 26.63 -40.41 -30.28
CA ASN B 437 27.97 -40.74 -30.76
C ASN B 437 28.84 -41.51 -29.77
N PHE B 438 28.59 -41.36 -28.48
CA PHE B 438 29.40 -42.03 -27.46
C PHE B 438 29.00 -43.49 -27.24
N PRO B 439 29.98 -44.38 -26.99
CA PRO B 439 29.71 -45.79 -26.80
C PRO B 439 29.37 -46.14 -25.36
N LYS B 440 28.74 -47.30 -25.17
CA LYS B 440 28.37 -47.84 -23.86
C LYS B 440 27.51 -46.87 -23.04
N VAL B 441 26.48 -46.34 -23.69
CA VAL B 441 25.52 -45.43 -23.07
C VAL B 441 24.16 -46.11 -23.00
N PHE B 442 23.48 -45.99 -21.86
CA PHE B 442 22.21 -46.67 -21.63
C PHE B 442 21.20 -45.80 -20.90
N ILE B 443 19.92 -46.05 -21.18
CA ILE B 443 18.82 -45.32 -20.56
C ILE B 443 17.86 -46.32 -19.95
N LEU B 444 17.55 -46.15 -18.66
CA LEU B 444 16.50 -46.92 -18.01
C LEU B 444 15.42 -45.95 -17.54
N PRO B 445 14.32 -45.85 -18.29
CA PRO B 445 13.22 -44.97 -17.90
C PRO B 445 12.65 -45.34 -16.52
N GLY B 446 12.41 -44.31 -15.70
CA GLY B 446 11.96 -44.49 -14.32
C GLY B 446 12.59 -43.48 -13.38
N THR B 447 12.12 -43.47 -12.12
CA THR B 447 12.60 -42.51 -11.12
C THR B 447 13.73 -43.06 -10.25
N PRO B 448 14.72 -42.21 -9.92
CA PRO B 448 15.80 -42.57 -8.99
C PRO B 448 15.31 -42.86 -7.57
N LEU B 449 14.01 -42.74 -7.34
CA LEU B 449 13.44 -42.98 -6.02
C LEU B 449 12.85 -44.40 -5.90
N SER B 450 12.67 -45.05 -7.04
CA SER B 450 12.18 -46.43 -7.07
C SER B 450 13.37 -47.38 -7.01
N ARG B 451 13.36 -48.26 -6.02
CA ARG B 451 14.44 -49.23 -5.85
C ARG B 451 14.40 -50.28 -6.94
N ALA B 452 13.22 -50.57 -7.47
CA ALA B 452 13.05 -51.47 -8.59
C ALA B 452 14.00 -51.10 -9.72
N ASP B 453 13.92 -49.84 -10.16
CA ASP B 453 14.80 -49.31 -11.20
C ASP B 453 16.24 -49.35 -10.75
N LEU B 454 16.47 -49.05 -9.48
CA LEU B 454 17.81 -48.96 -8.92
C LEU B 454 18.48 -50.32 -8.76
N ARG B 455 17.73 -51.30 -8.26
CA ARG B 455 18.25 -52.66 -8.11
C ARG B 455 18.53 -53.27 -9.47
N ALA B 456 17.73 -52.90 -10.46
CA ALA B 456 17.89 -53.39 -11.83
C ALA B 456 19.27 -53.04 -12.40
N VAL B 457 19.72 -51.81 -12.14
CA VAL B 457 21.02 -51.37 -12.63
C VAL B 457 22.17 -51.65 -11.67
N ASN B 458 21.90 -52.47 -10.65
CA ASN B 458 22.94 -53.01 -9.77
C ASN B 458 23.86 -51.92 -9.21
N ILE B 459 23.28 -50.98 -8.48
CA ILE B 459 24.05 -49.87 -7.95
C ILE B 459 25.22 -50.32 -7.10
N ASN B 460 24.98 -51.33 -6.25
CA ASN B 460 26.01 -51.90 -5.38
C ASN B 460 27.37 -52.01 -6.07
N LEU B 461 27.33 -52.21 -7.38
CA LEU B 461 28.51 -52.50 -8.17
C LEU B 461 29.19 -51.30 -8.84
N CYS B 462 28.45 -50.22 -9.06
CA CYS B 462 28.96 -49.05 -9.76
C CYS B 462 30.15 -48.37 -9.08
N ASP B 463 30.99 -47.72 -9.89
CA ASP B 463 32.15 -46.98 -9.40
C ASP B 463 31.75 -45.60 -8.93
N MET B 464 30.59 -45.12 -9.41
CA MET B 464 30.07 -43.81 -9.04
C MET B 464 28.60 -43.67 -9.42
N CYS B 465 27.82 -43.09 -8.52
CA CYS B 465 26.43 -42.78 -8.79
C CYS B 465 26.20 -41.29 -8.65
N VAL B 466 25.97 -40.65 -9.79
CA VAL B 466 25.78 -39.20 -9.82
C VAL B 466 24.29 -38.87 -9.70
N ILE B 467 23.96 -38.02 -8.72
CA ILE B 467 22.59 -37.54 -8.52
C ILE B 467 22.46 -36.08 -8.92
N LEU B 468 21.70 -35.82 -9.96
CA LEU B 468 21.52 -34.46 -10.47
C LEU B 468 20.07 -34.00 -10.33
N SER B 469 19.89 -32.69 -10.12
CA SER B 469 18.55 -32.10 -10.08
C SER B 469 18.39 -31.08 -11.20
N ALA B 470 17.44 -31.33 -12.10
CA ALA B 470 17.15 -30.38 -13.16
C ALA B 470 16.29 -29.26 -12.62
N ASN B 471 16.69 -28.01 -12.92
CA ASN B 471 16.01 -26.80 -12.44
C ASN B 471 14.59 -26.57 -12.99
N ALA B 478 12.11 -22.27 -5.56
CA ALA B 478 12.24 -23.22 -6.65
C ALA B 478 13.44 -24.17 -6.49
N SER B 479 14.47 -23.72 -5.77
CA SER B 479 15.64 -24.56 -5.41
C SER B 479 15.34 -25.46 -4.21
N LEU B 480 14.31 -25.08 -3.44
CA LEU B 480 13.71 -25.92 -2.40
C LEU B 480 13.30 -27.27 -2.97
N GLN B 481 12.90 -27.26 -4.25
CA GLN B 481 12.52 -28.46 -4.99
C GLN B 481 13.69 -29.43 -5.26
N ASP B 482 14.90 -29.08 -4.80
CA ASP B 482 16.04 -30.02 -4.83
C ASP B 482 15.97 -31.02 -3.66
N LYS B 483 14.95 -30.85 -2.81
CA LYS B 483 14.59 -31.81 -1.74
C LYS B 483 14.67 -33.25 -2.21
N GLU B 484 14.33 -33.47 -3.48
CA GLU B 484 14.38 -34.78 -4.15
C GLU B 484 15.76 -35.44 -4.08
N CYS B 485 16.82 -34.69 -4.38
CA CYS B 485 18.19 -35.20 -4.38
C CYS B 485 18.59 -35.81 -3.05
N ILE B 486 18.27 -35.10 -1.98
CA ILE B 486 18.49 -35.58 -0.63
C ILE B 486 17.76 -36.92 -0.45
N LEU B 487 16.46 -36.93 -0.78
CA LEU B 487 15.66 -38.15 -0.72
C LEU B 487 16.29 -39.33 -1.45
N ALA B 488 16.68 -39.10 -2.69
CA ALA B 488 17.33 -40.12 -3.49
C ALA B 488 18.59 -40.62 -2.80
N SER B 489 19.43 -39.68 -2.39
CA SER B 489 20.67 -40.00 -1.69
C SER B 489 20.42 -40.87 -0.46
N LEU B 490 19.44 -40.48 0.36
CA LEU B 490 19.12 -41.19 1.59
C LEU B 490 18.57 -42.58 1.29
N ASN B 491 17.66 -42.64 0.31
CA ASN B 491 17.14 -43.90 -0.23
C ASN B 491 18.23 -44.93 -0.45
N ILE B 492 19.20 -44.58 -1.30
CA ILE B 492 20.29 -45.46 -1.71
C ILE B 492 21.11 -45.92 -0.51
N LYS B 493 21.45 -45.01 0.38
CA LYS B 493 22.21 -45.35 1.59
C LYS B 493 21.53 -46.41 2.48
N SER B 494 20.20 -46.48 2.42
CA SER B 494 19.42 -47.37 3.29
C SER B 494 18.99 -48.67 2.64
N MET B 495 19.56 -48.97 1.47
CA MET B 495 19.31 -50.23 0.80
C MET B 495 20.24 -51.31 1.33
N GLN B 496 19.90 -52.58 1.10
CA GLN B 496 20.80 -53.68 1.36
C GLN B 496 20.77 -54.62 0.17
N PHE B 497 21.88 -54.68 -0.57
CA PHE B 497 21.92 -55.43 -1.80
C PHE B 497 21.96 -56.97 -1.63
N ASP B 498 22.71 -57.45 -0.63
CA ASP B 498 22.97 -58.89 -0.39
C ASP B 498 24.04 -59.46 -1.32
N THR B 502 27.80 -56.46 0.36
CA THR B 502 27.70 -55.01 0.32
C THR B 502 26.47 -54.48 1.09
N THR B 503 26.50 -53.19 1.45
CA THR B 503 25.39 -52.51 2.12
C THR B 503 25.26 -51.08 1.59
N GLY B 504 24.03 -50.58 1.53
CA GLY B 504 23.71 -49.30 0.88
C GLY B 504 24.62 -48.12 1.21
N SER B 505 25.08 -48.05 2.45
CA SER B 505 25.89 -46.93 2.92
C SER B 505 27.28 -46.87 2.29
N ASN B 506 27.70 -47.97 1.67
CA ASN B 506 29.04 -48.08 1.10
C ASN B 506 29.06 -47.93 -0.42
N ILE B 507 28.17 -47.10 -0.94
CA ILE B 507 28.07 -46.89 -2.38
C ILE B 507 28.61 -45.52 -2.77
N PRO B 508 29.50 -45.47 -3.80
CA PRO B 508 30.06 -44.20 -4.24
C PRO B 508 28.98 -43.29 -4.82
N ILE B 509 28.54 -42.33 -4.01
CA ILE B 509 27.52 -41.36 -4.42
C ILE B 509 28.11 -39.96 -4.48
N ILE B 510 27.58 -39.14 -5.39
CA ILE B 510 27.95 -37.74 -5.45
C ILE B 510 26.71 -36.91 -5.79
N THR B 511 26.18 -36.22 -4.79
CA THR B 511 24.94 -35.47 -4.93
C THR B 511 25.24 -34.02 -5.30
N GLU B 512 24.73 -33.59 -6.44
CA GLU B 512 24.86 -32.20 -6.84
C GLU B 512 23.81 -31.40 -6.10
N LEU B 513 24.27 -30.51 -5.24
CA LEU B 513 23.39 -29.62 -4.50
C LEU B 513 23.34 -28.22 -5.10
N VAL B 514 22.19 -27.57 -4.94
CA VAL B 514 22.03 -26.22 -5.45
C VAL B 514 22.22 -25.21 -4.32
N ASN B 515 21.90 -25.65 -3.10
CA ASN B 515 21.95 -24.78 -1.95
C ASN B 515 22.95 -25.29 -0.92
N ASP B 516 24.12 -24.64 -0.87
CA ASP B 516 25.21 -25.08 0.03
C ASP B 516 24.72 -25.43 1.44
N SER B 517 23.67 -24.76 1.90
CA SER B 517 23.09 -24.99 3.23
C SER B 517 22.58 -26.42 3.39
N ASN B 518 22.05 -26.99 2.31
CA ASN B 518 21.42 -28.30 2.35
C ASN B 518 22.37 -29.46 2.59
N VAL B 519 23.68 -29.18 2.50
CA VAL B 519 24.70 -30.21 2.70
C VAL B 519 24.55 -30.92 4.04
N GLN B 520 24.10 -30.17 5.05
CA GLN B 520 23.84 -30.71 6.39
C GLN B 520 23.15 -32.06 6.35
N PHE B 521 22.17 -32.18 5.46
CA PHE B 521 21.27 -33.32 5.46
C PHE B 521 21.81 -34.64 4.95
N LEU B 522 22.66 -34.63 3.92
CA LEU B 522 23.01 -35.89 3.24
C LEU B 522 23.82 -36.88 4.07
N ASP B 523 24.82 -36.40 4.80
CA ASP B 523 25.48 -37.23 5.79
C ASP B 523 24.88 -36.86 7.14
N GLN B 524 24.48 -37.88 7.91
CA GLN B 524 23.71 -37.68 9.14
C GLN B 524 24.48 -37.96 10.43
N ASP B 525 25.79 -38.13 10.33
CA ASP B 525 26.63 -38.24 11.52
C ASP B 525 27.56 -37.03 11.70
N ASP B 526 27.59 -36.13 10.72
CA ASP B 526 28.48 -34.97 10.75
C ASP B 526 27.95 -33.84 11.64
N ASP B 527 28.84 -32.91 12.00
CA ASP B 527 28.45 -31.72 12.77
C ASP B 527 27.89 -30.66 11.83
N ASP B 528 26.70 -30.18 12.15
CA ASP B 528 25.96 -29.31 11.23
C ASP B 528 25.82 -27.87 11.76
N ASP B 529 25.91 -26.91 10.84
CA ASP B 529 25.64 -25.51 11.13
C ASP B 529 25.45 -24.82 9.78
N PRO B 530 24.34 -24.08 9.61
CA PRO B 530 24.07 -23.38 8.36
C PRO B 530 25.16 -22.38 7.98
N ASP B 531 25.76 -21.75 8.99
CA ASP B 531 26.77 -20.70 8.78
C ASP B 531 28.12 -21.24 8.31
N THR B 532 28.47 -22.43 8.77
CA THR B 532 29.70 -23.13 8.40
C THR B 532 29.86 -23.19 6.88
N GLU B 533 31.03 -22.80 6.40
CA GLU B 533 31.33 -22.80 4.96
C GLU B 533 31.30 -24.21 4.37
N LEU B 534 30.96 -24.31 3.09
CA LEU B 534 30.81 -25.61 2.44
C LEU B 534 32.08 -26.46 2.43
N TYR B 535 33.21 -25.86 2.07
CA TYR B 535 34.46 -26.61 2.01
C TYR B 535 34.79 -27.33 3.32
N LEU B 536 34.22 -26.85 4.43
CA LEU B 536 34.49 -27.41 5.75
C LEU B 536 33.59 -28.57 6.15
N THR B 537 32.45 -28.73 5.48
CA THR B 537 31.53 -29.82 5.78
C THR B 537 32.08 -31.16 5.38
N GLN B 538 31.75 -32.18 6.17
CA GLN B 538 32.21 -33.55 5.93
C GLN B 538 31.85 -34.06 4.53
N PRO B 539 30.56 -33.97 4.14
CA PRO B 539 30.14 -34.50 2.84
C PRO B 539 30.95 -33.91 1.69
N PHE B 540 31.33 -32.64 1.81
CA PHE B 540 32.17 -32.01 0.80
C PHE B 540 33.60 -32.50 0.90
N ALA B 541 34.13 -32.53 2.12
CA ALA B 541 35.48 -33.02 2.35
C ALA B 541 35.73 -34.39 1.69
N CYS B 542 34.67 -35.17 1.58
CA CYS B 542 34.76 -36.54 1.10
C CYS B 542 34.49 -36.70 -0.38
N GLY B 543 33.83 -35.71 -0.98
CA GLY B 543 33.48 -35.81 -2.40
C GLY B 543 32.14 -36.49 -2.57
N THR B 544 31.30 -36.37 -1.55
CA THR B 544 29.92 -36.86 -1.58
C THR B 544 29.02 -35.79 -2.18
N ALA B 545 29.42 -34.52 -2.00
CA ALA B 545 28.61 -33.41 -2.46
C ALA B 545 29.41 -32.41 -3.31
N PHE B 546 28.70 -31.69 -4.17
CA PHE B 546 29.31 -30.68 -5.02
C PHE B 546 28.27 -29.69 -5.47
N ALA B 547 28.52 -28.41 -5.21
CA ALA B 547 27.62 -27.33 -5.62
C ALA B 547 28.24 -26.46 -6.71
N VAL B 548 27.38 -25.85 -7.53
CA VAL B 548 27.84 -24.91 -8.55
C VAL B 548 28.55 -23.73 -7.89
N SER B 549 28.16 -23.43 -6.64
CA SER B 549 28.73 -22.37 -5.81
C SER B 549 30.24 -22.36 -5.80
N VAL B 550 30.83 -23.53 -5.57
CA VAL B 550 32.27 -23.72 -5.43
C VAL B 550 33.10 -23.05 -6.54
N LEU B 551 32.60 -23.07 -7.77
CA LEU B 551 33.36 -22.58 -8.91
C LEU B 551 33.43 -21.06 -9.04
N ASP B 552 32.56 -20.35 -8.32
CA ASP B 552 32.56 -18.89 -8.36
C ASP B 552 33.95 -18.30 -8.11
N SER B 553 34.77 -18.99 -7.32
CA SER B 553 36.14 -18.56 -7.03
C SER B 553 36.99 -18.41 -8.29
N LEU B 554 36.68 -19.21 -9.31
CA LEU B 554 37.46 -19.29 -10.54
C LEU B 554 37.58 -17.95 -11.23
N MET B 555 36.49 -17.20 -11.21
CA MET B 555 36.41 -15.89 -11.81
C MET B 555 37.65 -15.02 -11.58
N SER B 556 37.94 -14.75 -10.32
CA SER B 556 39.10 -13.95 -9.98
C SER B 556 40.37 -14.71 -10.34
N ALA B 557 40.42 -15.99 -9.99
CA ALA B 557 41.58 -16.84 -10.24
C ALA B 557 42.01 -16.89 -11.72
N THR B 558 41.04 -16.93 -12.63
CA THR B 558 41.34 -17.01 -14.05
C THR B 558 41.69 -15.65 -14.62
N TYR B 559 41.33 -14.59 -13.90
CA TYR B 559 41.78 -13.24 -14.24
C TYR B 559 43.30 -13.23 -14.08
N PHE B 560 43.78 -13.65 -12.90
CA PHE B 560 45.20 -13.60 -12.59
C PHE B 560 46.06 -14.44 -13.51
N ASN B 561 45.60 -15.66 -13.84
CA ASN B 561 46.34 -16.53 -14.74
C ASN B 561 45.44 -17.17 -15.78
N ASP B 562 45.56 -16.70 -17.03
CA ASP B 562 44.79 -17.26 -18.16
C ASP B 562 44.99 -18.77 -18.23
N ASN B 563 46.24 -19.19 -18.01
CA ASN B 563 46.66 -20.57 -18.09
C ASN B 563 45.85 -21.46 -17.19
N ILE B 564 45.68 -21.02 -15.94
CA ILE B 564 44.94 -21.78 -14.93
C ILE B 564 43.64 -22.33 -15.50
N LEU B 565 42.83 -21.47 -16.11
CA LEU B 565 41.57 -21.88 -16.72
C LEU B 565 41.76 -22.90 -17.85
N THR B 566 42.77 -22.70 -18.69
CA THR B 566 43.01 -23.65 -19.79
C THR B 566 43.60 -24.97 -19.29
N LEU B 567 44.34 -24.92 -18.18
CA LEU B 567 44.79 -26.14 -17.52
C LEU B 567 43.57 -26.96 -17.10
N ILE B 568 42.76 -26.41 -16.19
CA ILE B 568 41.61 -27.15 -15.65
C ILE B 568 40.70 -27.68 -16.72
N ARG B 569 40.35 -26.85 -17.69
CA ARG B 569 39.45 -27.25 -18.75
C ARG B 569 40.06 -28.48 -19.45
N THR B 570 41.35 -28.38 -19.77
CA THR B 570 42.08 -29.48 -20.41
C THR B 570 42.06 -30.69 -19.50
N LEU B 571 42.43 -30.50 -18.23
CA LEU B 571 42.47 -31.59 -17.26
C LEU B 571 41.11 -32.27 -17.07
N VAL B 572 40.06 -31.46 -16.90
CA VAL B 572 38.75 -31.94 -16.53
C VAL B 572 37.96 -32.62 -17.65
N THR B 573 37.94 -32.02 -18.84
CA THR B 573 37.12 -32.55 -19.94
C THR B 573 37.78 -33.62 -20.81
N GLY B 574 39.08 -33.83 -20.62
CA GLY B 574 39.84 -34.77 -21.45
C GLY B 574 40.56 -34.04 -22.56
N GLY B 575 39.80 -33.38 -23.44
CA GLY B 575 40.37 -32.70 -24.61
C GLY B 575 39.89 -31.29 -24.79
N ALA B 576 40.48 -30.62 -25.79
CA ALA B 576 40.18 -29.23 -26.13
C ALA B 576 40.67 -28.93 -27.55
N LEU B 580 39.95 -27.53 -32.86
CA LEU B 580 39.70 -27.70 -31.44
C LEU B 580 38.27 -27.27 -31.09
N GLU B 581 38.12 -25.99 -30.77
CA GLU B 581 36.84 -25.38 -30.46
C GLU B 581 35.96 -25.19 -31.71
N ALA B 582 36.58 -24.84 -32.84
CA ALA B 582 35.86 -24.55 -34.09
C ALA B 582 35.09 -25.76 -34.65
N LEU B 583 35.77 -26.90 -34.75
CA LEU B 583 35.11 -28.15 -35.12
C LEU B 583 33.94 -28.38 -34.15
N LEU B 584 34.22 -28.18 -32.86
CA LEU B 584 33.23 -28.28 -31.80
C LEU B 584 32.16 -27.19 -31.91
N ALA B 585 32.54 -26.02 -32.44
CA ALA B 585 31.66 -24.84 -32.46
C ALA B 585 30.71 -24.78 -33.65
N GLU B 586 31.25 -25.02 -34.85
CA GLU B 586 30.47 -24.93 -36.09
C GLU B 586 29.24 -25.82 -36.02
N GLU B 587 29.44 -27.07 -35.58
CA GLU B 587 28.35 -27.97 -35.26
C GLU B 587 28.42 -28.46 -33.83
N ASN B 588 27.27 -28.48 -33.17
CA ASN B 588 27.17 -29.01 -31.81
C ASN B 588 27.30 -30.52 -31.83
N ALA B 589 26.80 -31.13 -32.91
CA ALA B 589 27.05 -32.55 -33.18
C ALA B 589 28.53 -32.75 -33.50
N LEU B 590 29.10 -33.86 -33.05
CA LEU B 590 30.55 -34.08 -33.13
C LEU B 590 30.97 -35.05 -34.22
N ARG B 591 31.93 -34.61 -35.05
CA ARG B 591 32.41 -35.38 -36.19
C ARG B 591 33.35 -36.50 -35.76
N GLY B 592 33.16 -37.68 -36.35
CA GLY B 592 34.06 -38.80 -36.16
C GLY B 592 34.78 -39.13 -37.46
N GLY B 593 36.06 -39.44 -37.36
CA GLY B 593 36.86 -39.74 -38.54
C GLY B 593 37.75 -40.97 -38.43
N TYR B 594 38.26 -41.43 -39.56
CA TYR B 594 39.26 -42.49 -39.60
C TYR B 594 40.56 -42.01 -38.95
N SER B 595 41.19 -42.89 -38.17
CA SER B 595 42.40 -42.54 -37.45
C SER B 595 43.64 -42.49 -38.36
N THR B 596 44.41 -41.42 -38.20
CA THR B 596 45.73 -41.28 -38.83
C THR B 596 46.78 -41.54 -37.75
N PRO B 597 48.04 -41.83 -38.13
CA PRO B 597 49.04 -42.08 -37.08
C PRO B 597 49.30 -40.82 -36.26
N GLN B 598 48.93 -39.66 -36.81
CA GLN B 598 49.00 -38.39 -36.11
C GLN B 598 47.89 -38.24 -35.07
N THR B 599 46.73 -38.87 -35.32
CA THR B 599 45.61 -38.83 -34.36
C THR B 599 45.76 -39.88 -33.24
N LEU B 600 46.09 -41.12 -33.63
CA LEU B 600 46.39 -42.19 -32.67
C LEU B 600 47.55 -41.79 -31.75
N ALA B 601 48.23 -40.69 -32.10
CA ALA B 601 49.30 -40.11 -31.31
C ALA B 601 48.77 -39.32 -30.13
N ASN B 602 47.57 -38.78 -30.28
CA ASN B 602 46.96 -37.96 -29.23
C ASN B 602 46.47 -38.72 -28.02
N ARG B 603 46.33 -40.03 -28.16
CA ARG B 603 45.91 -40.90 -27.05
C ARG B 603 46.90 -40.86 -25.88
N ASP B 604 48.07 -40.27 -26.11
CA ASP B 604 49.19 -40.30 -25.18
C ASP B 604 49.02 -39.45 -23.90
N ARG B 605 47.95 -38.67 -23.82
CA ARG B 605 47.64 -37.87 -22.63
C ARG B 605 47.59 -38.71 -21.36
N CYS B 606 48.04 -38.14 -20.25
CA CYS B 606 47.93 -38.79 -18.94
C CYS B 606 46.47 -39.03 -18.56
N ARG B 607 46.25 -39.63 -17.40
CA ARG B 607 44.90 -39.84 -16.92
C ARG B 607 44.85 -39.87 -15.39
N VAL B 608 43.76 -39.38 -14.83
CA VAL B 608 43.55 -39.43 -13.39
C VAL B 608 43.25 -40.86 -12.99
N ALA B 609 43.79 -41.28 -11.84
CA ALA B 609 43.46 -42.58 -11.27
C ALA B 609 43.68 -42.60 -9.78
N GLN B 610 43.01 -43.54 -9.12
CA GLN B 610 43.11 -43.67 -7.69
C GLN B 610 43.65 -45.06 -7.44
N LEU B 611 44.71 -45.14 -6.64
CA LEU B 611 45.38 -46.42 -6.39
C LEU B 611 45.41 -46.80 -4.91
N ALA B 612 45.55 -48.11 -4.66
CA ALA B 612 45.66 -48.64 -3.30
C ALA B 612 47.08 -49.05 -2.96
N LEU B 613 47.45 -48.94 -1.69
CA LEU B 613 48.75 -49.43 -1.24
C LEU B 613 48.72 -50.94 -1.03
N TYR B 614 47.60 -51.45 -0.53
CA TYR B 614 47.38 -52.89 -0.29
C TYR B 614 47.81 -53.81 -1.45
N ASP B 615 47.34 -53.51 -2.66
CA ASP B 615 47.66 -54.29 -3.86
C ASP B 615 48.84 -53.67 -4.61
N GLY B 616 49.28 -52.51 -4.13
CA GLY B 616 50.28 -51.69 -4.79
C GLY B 616 51.60 -52.37 -5.11
N PRO B 617 52.22 -51.96 -6.23
CA PRO B 617 53.59 -52.34 -6.53
C PRO B 617 54.52 -51.67 -5.52
N PHE B 618 54.15 -50.46 -5.09
CA PHE B 618 54.87 -49.70 -4.09
C PHE B 618 54.26 -49.93 -2.70
N ALA B 619 53.61 -51.08 -2.52
CA ALA B 619 52.91 -51.46 -1.28
C ALA B 619 53.79 -51.47 -0.03
N ASP B 620 55.03 -51.93 -0.21
CA ASP B 620 56.01 -52.05 0.87
C ASP B 620 56.16 -50.76 1.69
N LEU B 621 55.99 -49.61 1.04
CA LEU B 621 56.06 -48.30 1.69
C LEU B 621 54.93 -48.07 2.69
N GLY B 622 53.76 -48.62 2.41
CA GLY B 622 52.61 -48.56 3.33
C GLY B 622 52.86 -49.31 4.63
N ASP B 623 52.00 -49.06 5.62
CA ASP B 623 52.11 -49.62 6.98
C ASP B 623 53.12 -48.85 7.84
N GLY B 624 53.40 -47.60 7.46
CA GLY B 624 54.27 -46.74 8.26
C GLY B 624 55.23 -45.85 7.50
N GLY B 625 55.52 -46.20 6.25
CA GLY B 625 56.48 -45.46 5.42
C GLY B 625 56.08 -44.02 5.12
N CYS B 626 57.06 -43.20 4.78
CA CYS B 626 56.82 -41.79 4.46
C CYS B 626 56.34 -41.62 3.03
N TYR B 627 55.39 -40.71 2.85
CA TYR B 627 54.84 -40.40 1.54
C TYR B 627 55.92 -39.88 0.60
N GLY B 628 56.80 -39.02 1.13
CA GLY B 628 57.95 -38.52 0.38
C GLY B 628 58.79 -39.62 -0.25
N ASP B 629 59.09 -40.65 0.54
CA ASP B 629 59.83 -41.82 0.04
C ASP B 629 59.06 -42.54 -1.07
N LEU B 630 57.73 -42.63 -0.94
CA LEU B 630 56.89 -43.26 -1.96
C LEU B 630 56.83 -42.43 -3.23
N PHE B 631 56.47 -41.16 -3.07
CA PHE B 631 56.25 -40.27 -4.20
C PHE B 631 57.33 -40.47 -5.27
N CYS B 632 58.58 -40.22 -4.88
CA CYS B 632 59.72 -40.28 -5.79
C CYS B 632 59.84 -41.64 -6.46
N LYS B 633 59.78 -42.70 -5.66
CA LYS B 633 59.79 -44.07 -6.16
C LYS B 633 58.73 -44.22 -7.25
N ALA B 634 57.50 -43.82 -6.92
CA ALA B 634 56.35 -43.87 -7.84
C ALA B 634 56.59 -43.08 -9.13
N LEU B 635 57.25 -41.92 -9.00
CA LEU B 635 57.55 -41.08 -10.15
C LEU B 635 58.61 -41.68 -11.07
N LYS B 636 59.80 -41.93 -10.54
CA LYS B 636 60.94 -42.42 -11.34
C LYS B 636 60.68 -43.78 -12.00
N THR B 637 59.97 -44.65 -11.29
CA THR B 637 59.73 -46.01 -11.76
C THR B 637 58.63 -46.16 -12.84
N TYR B 638 57.54 -45.39 -12.73
CA TYR B 638 56.43 -45.49 -13.69
C TYR B 638 55.98 -44.16 -14.30
N ASN B 639 56.71 -43.08 -13.98
CA ASN B 639 56.33 -41.70 -14.36
C ASN B 639 54.94 -41.31 -13.87
N MET B 640 54.60 -41.77 -12.66
CA MET B 640 53.36 -41.41 -11.99
C MET B 640 53.54 -40.19 -11.11
N LEU B 641 52.56 -39.30 -11.12
CA LEU B 641 52.53 -38.18 -10.18
C LEU B 641 51.52 -38.42 -9.10
N CYS B 642 51.99 -38.46 -7.86
CA CYS B 642 51.09 -38.55 -6.74
C CYS B 642 50.92 -37.16 -6.13
N PHE B 643 49.68 -36.69 -6.08
CA PHE B 643 49.40 -35.40 -5.47
C PHE B 643 48.45 -35.45 -4.27
N GLY B 644 48.00 -36.63 -3.88
CA GLY B 644 47.07 -36.72 -2.76
C GLY B 644 46.81 -38.09 -2.17
N ILE B 645 46.64 -38.12 -0.85
CA ILE B 645 46.16 -39.30 -0.16
C ILE B 645 44.65 -39.15 0.05
N TYR B 646 43.91 -40.23 -0.18
CA TYR B 646 42.46 -40.23 0.06
C TYR B 646 42.17 -41.13 1.26
N ARG B 647 42.57 -40.65 2.43
CA ARG B 647 42.53 -41.41 3.68
C ARG B 647 41.11 -41.62 4.21
N LEU B 648 40.90 -42.72 4.95
CA LEU B 648 39.69 -42.92 5.75
C LEU B 648 39.65 -41.88 6.86
N ARG B 649 38.47 -41.54 7.35
CA ARG B 649 38.39 -40.53 8.39
C ARG B 649 38.64 -41.08 9.80
N ASP B 650 39.54 -42.06 9.91
CA ASP B 650 39.83 -42.72 11.19
C ASP B 650 41.32 -43.04 11.44
N ALA B 651 41.79 -42.64 12.63
CA ALA B 651 43.16 -42.91 13.07
C ALA B 651 43.18 -43.52 14.46
N PRO B 656 40.43 -48.99 16.81
CA PRO B 656 39.01 -48.92 16.51
C PRO B 656 38.75 -48.44 15.08
N SER B 657 37.73 -49.00 14.42
CA SER B 657 37.39 -48.66 13.03
C SER B 657 35.97 -49.07 12.66
N GLN B 658 35.25 -48.21 11.93
CA GLN B 658 33.91 -48.56 11.45
C GLN B 658 33.52 -48.04 10.07
N CYS B 659 33.64 -46.72 9.89
CA CYS B 659 33.17 -46.04 8.68
C CYS B 659 34.05 -46.25 7.43
N THR B 660 33.48 -46.01 6.26
CA THR B 660 34.17 -46.21 4.99
C THR B 660 34.53 -44.89 4.34
N LYS B 661 33.92 -43.80 4.84
CA LYS B 661 34.08 -42.45 4.29
C LYS B 661 35.54 -42.03 4.29
N ARG B 662 35.98 -41.50 3.16
CA ARG B 662 37.35 -41.07 3.01
C ARG B 662 37.38 -39.60 2.68
N TYR B 663 38.33 -38.88 3.27
CA TYR B 663 38.49 -37.45 3.00
C TYR B 663 39.79 -37.19 2.24
N VAL B 664 39.92 -35.98 1.70
CA VAL B 664 40.99 -35.66 0.76
C VAL B 664 42.10 -34.82 1.40
N ILE B 665 43.33 -35.28 1.20
CA ILE B 665 44.52 -34.54 1.62
C ILE B 665 45.40 -34.21 0.42
N THR B 666 45.36 -32.94 0.01
CA THR B 666 46.16 -32.45 -1.12
C THR B 666 47.63 -32.20 -0.78
N ASN B 667 48.52 -32.70 -1.64
CA ASN B 667 49.96 -32.43 -1.58
C ASN B 667 50.59 -32.55 -0.19
N PRO B 668 50.63 -33.77 0.35
CA PRO B 668 51.18 -33.94 1.70
C PRO B 668 52.71 -33.80 1.68
N PRO B 669 53.31 -33.44 2.85
CA PRO B 669 54.75 -33.18 2.93
C PRO B 669 55.60 -34.44 2.77
N TYR B 670 56.89 -34.27 2.48
CA TYR B 670 57.81 -35.39 2.26
C TYR B 670 57.94 -36.32 3.49
N GLU B 671 57.55 -35.79 4.65
CA GLU B 671 57.61 -36.53 5.90
C GLU B 671 56.21 -36.82 6.41
N PHE B 672 55.44 -37.62 5.66
CA PHE B 672 54.03 -37.87 6.01
C PHE B 672 53.75 -39.35 6.18
N GLU B 673 53.37 -39.74 7.40
CA GLU B 673 53.12 -41.15 7.72
C GLU B 673 51.93 -41.72 6.96
N MET B 674 52.16 -42.85 6.29
CA MET B 674 51.10 -43.54 5.57
C MET B 674 50.42 -44.57 6.47
N VAL B 675 49.49 -45.32 5.88
CA VAL B 675 48.72 -46.38 6.54
C VAL B 675 48.45 -47.39 5.41
N PRO B 676 48.13 -48.65 5.76
CA PRO B 676 47.72 -49.56 4.68
C PRO B 676 46.41 -49.15 3.99
N THR B 677 45.51 -48.51 4.75
CA THR B 677 44.16 -48.18 4.28
C THR B 677 44.14 -47.03 3.28
N ASP B 678 45.26 -46.32 3.14
CA ASP B 678 45.33 -45.13 2.28
C ASP B 678 45.11 -45.42 0.79
N LEU B 679 44.67 -44.39 0.07
CA LEU B 679 44.53 -44.43 -1.39
C LEU B 679 45.28 -43.25 -1.98
N ILE B 680 45.73 -43.40 -3.23
CA ILE B 680 46.56 -42.38 -3.86
C ILE B 680 45.95 -41.73 -5.10
N PHE B 681 45.75 -40.42 -5.03
CA PHE B 681 45.37 -39.66 -6.19
C PHE B 681 46.62 -39.51 -7.03
N CYS B 682 46.51 -39.77 -8.33
CA CYS B 682 47.68 -39.67 -9.20
C CYS B 682 47.36 -39.55 -10.68
N LEU B 683 48.34 -39.07 -11.44
CA LEU B 683 48.25 -38.98 -12.88
C LEU B 683 49.18 -40.00 -13.49
N MET B 684 48.60 -41.06 -14.05
CA MET B 684 49.36 -42.12 -14.70
C MET B 684 49.58 -41.81 -16.17
N GLN B 685 50.64 -42.39 -16.74
CA GLN B 685 50.94 -42.24 -18.16
C GLN B 685 50.04 -43.14 -19.02
N PHE B 686 50.34 -43.22 -20.30
CA PHE B 686 49.57 -44.09 -21.18
C PHE B 686 50.46 -45.12 -21.90
N LYS C 4 -32.24 -16.01 32.06
CA LYS C 4 -31.64 -14.66 32.32
C LYS C 4 -30.35 -14.49 31.53
N HIS C 5 -30.14 -13.30 30.97
CA HIS C 5 -28.91 -13.00 30.22
C HIS C 5 -28.44 -11.58 30.43
N ILE C 6 -27.16 -11.33 30.18
CA ILE C 6 -26.61 -9.98 30.31
C ILE C 6 -25.95 -9.47 29.02
N VAL C 7 -25.82 -8.15 28.91
CA VAL C 7 -25.18 -7.55 27.76
C VAL C 7 -23.94 -6.79 28.19
N VAL C 8 -22.79 -7.24 27.70
CA VAL C 8 -21.52 -6.55 27.96
C VAL C 8 -21.11 -5.77 26.73
N CYS C 9 -20.71 -4.52 26.92
CA CYS C 9 -20.39 -3.65 25.80
C CYS C 9 -19.29 -2.69 26.16
N GLY C 10 -19.03 -1.72 25.28
CA GLY C 10 -17.97 -0.75 25.48
C GLY C 10 -16.66 -1.30 24.98
N HIS C 11 -15.58 -1.02 25.71
CA HIS C 11 -14.25 -1.47 25.32
C HIS C 11 -14.06 -2.94 25.60
N ILE C 12 -14.27 -3.72 24.54
CA ILE C 12 -14.19 -5.19 24.59
C ILE C 12 -12.98 -5.69 23.78
N THR C 13 -11.91 -6.05 24.49
CA THR C 13 -10.71 -6.60 23.89
C THR C 13 -10.63 -8.06 24.29
N LEU C 14 -9.88 -8.84 23.50
CA LEU C 14 -9.57 -10.20 23.87
C LEU C 14 -9.17 -10.28 25.34
N GLU C 15 -8.24 -9.43 25.75
CA GLU C 15 -7.76 -9.41 27.13
C GLU C 15 -8.88 -9.11 28.14
N SER C 16 -9.79 -8.20 27.77
CA SER C 16 -10.83 -7.75 28.67
C SER C 16 -11.93 -8.81 28.82
N VAL C 17 -12.27 -9.44 27.71
CA VAL C 17 -13.24 -10.53 27.68
C VAL C 17 -12.75 -11.69 28.54
N SER C 18 -11.55 -12.17 28.27
CA SER C 18 -10.97 -13.29 28.98
C SER C 18 -10.94 -13.02 30.48
N ASN C 19 -10.52 -11.82 30.86
CA ASN C 19 -10.53 -11.41 32.27
C ASN C 19 -11.91 -11.35 32.89
N PHE C 20 -12.89 -10.89 32.13
CA PHE C 20 -14.26 -10.82 32.60
C PHE C 20 -14.83 -12.21 32.85
N LEU C 21 -14.56 -13.13 31.93
CA LEU C 21 -15.11 -14.47 32.02
C LEU C 21 -14.54 -15.25 33.20
N LYS C 22 -13.25 -15.08 33.48
CA LYS C 22 -12.60 -15.74 34.61
C LYS C 22 -13.29 -15.38 35.92
N ASP C 23 -13.53 -14.09 36.12
CA ASP C 23 -14.09 -13.58 37.36
C ASP C 23 -15.57 -13.89 37.53
N PHE C 24 -16.22 -14.29 36.44
CA PHE C 24 -17.64 -14.55 36.45
C PHE C 24 -18.04 -15.90 37.05
N LEU C 25 -17.24 -16.94 36.79
CA LEU C 25 -17.71 -18.33 36.93
C LEU C 25 -16.83 -19.28 37.79
N HIS C 26 -16.62 -18.97 39.06
CA HIS C 26 -15.57 -19.69 39.83
C HIS C 26 -16.07 -20.58 40.96
N LYS C 27 -16.27 -19.97 42.13
CA LYS C 27 -16.72 -20.62 43.34
C LYS C 27 -18.16 -20.21 43.60
N ASP C 28 -18.63 -19.21 42.84
CA ASP C 28 -19.98 -18.65 43.00
C ASP C 28 -21.05 -19.75 42.92
N ARG C 29 -22.15 -19.55 43.64
CA ARG C 29 -23.17 -20.59 43.81
C ARG C 29 -23.71 -21.18 42.49
N ASP C 30 -24.16 -20.32 41.58
CA ASP C 30 -24.71 -20.77 40.30
C ASP C 30 -24.27 -19.89 39.14
N ASP C 31 -23.68 -20.52 38.13
CA ASP C 31 -23.26 -19.84 36.90
C ASP C 31 -24.12 -20.27 35.72
N VAL C 32 -24.82 -21.38 35.89
CA VAL C 32 -25.67 -21.99 34.85
C VAL C 32 -26.78 -21.06 34.35
N ASN C 33 -27.17 -20.10 35.20
CA ASN C 33 -28.28 -19.21 34.95
C ASN C 33 -28.08 -18.14 33.88
N VAL C 34 -26.88 -17.55 33.83
CA VAL C 34 -26.67 -16.35 33.02
C VAL C 34 -25.95 -16.59 31.70
N GLU C 35 -26.54 -16.08 30.62
CA GLU C 35 -25.92 -16.07 29.30
C GLU C 35 -25.30 -14.69 29.07
N ILE C 36 -24.01 -14.67 28.75
CA ILE C 36 -23.28 -13.43 28.51
C ILE C 36 -23.24 -13.12 27.02
N VAL C 37 -23.79 -11.98 26.65
CA VAL C 37 -23.78 -11.55 25.27
C VAL C 37 -22.88 -10.31 25.12
N PHE C 38 -21.74 -10.50 24.48
CA PHE C 38 -20.83 -9.39 24.21
C PHE C 38 -21.29 -8.63 22.98
N LEU C 39 -21.20 -7.30 23.05
CA LEU C 39 -21.49 -6.44 21.91
C LEU C 39 -20.34 -5.45 21.70
N HIS C 40 -19.58 -5.68 20.63
CA HIS C 40 -18.46 -4.82 20.24
C HIS C 40 -18.77 -4.10 18.98
N ASN C 41 -17.87 -3.24 18.51
CA ASN C 41 -18.01 -2.66 17.17
C ASN C 41 -16.73 -2.84 16.34
N ILE C 42 -15.77 -3.58 16.90
CA ILE C 42 -14.50 -3.86 16.24
C ILE C 42 -14.67 -4.97 15.21
N SER C 43 -13.62 -5.17 14.39
CA SER C 43 -13.55 -6.23 13.39
C SER C 43 -13.87 -7.60 14.00
N PRO C 44 -14.85 -8.33 13.44
CA PRO C 44 -15.37 -9.58 13.97
C PRO C 44 -14.31 -10.54 14.52
N ASN C 45 -13.29 -10.85 13.71
CA ASN C 45 -12.29 -11.87 14.05
C ASN C 45 -12.97 -13.19 14.46
N LEU C 46 -13.89 -13.65 13.61
CA LEU C 46 -14.74 -14.81 13.91
C LEU C 46 -13.98 -15.99 14.48
N GLU C 47 -12.79 -16.25 13.94
CA GLU C 47 -11.94 -17.36 14.38
C GLU C 47 -11.62 -17.33 15.89
N LEU C 48 -11.10 -16.20 16.38
CA LEU C 48 -10.75 -16.05 17.80
C LEU C 48 -11.98 -16.23 18.68
N GLU C 49 -13.10 -15.66 18.22
CA GLU C 49 -14.39 -15.78 18.89
C GLU C 49 -14.92 -17.21 18.84
N ALA C 50 -14.76 -17.86 17.68
CA ALA C 50 -15.28 -19.20 17.44
C ALA C 50 -14.97 -20.17 18.59
N LEU C 51 -13.69 -20.20 18.99
CA LEU C 51 -13.21 -21.08 20.04
C LEU C 51 -13.87 -20.79 21.39
N PHE C 52 -13.96 -19.50 21.73
CA PHE C 52 -14.61 -19.06 22.96
C PHE C 52 -15.97 -19.73 23.15
N LYS C 53 -16.83 -19.56 22.12
CA LYS C 53 -18.19 -20.09 22.13
C LYS C 53 -18.20 -21.59 22.41
N ARG C 54 -17.14 -22.27 21.97
CA ARG C 54 -16.98 -23.71 22.19
C ARG C 54 -16.67 -24.06 23.65
N HIS C 55 -15.86 -23.25 24.32
CA HIS C 55 -15.55 -23.49 25.74
C HIS C 55 -16.70 -23.12 26.66
N PHE C 56 -17.23 -21.91 26.50
CA PHE C 56 -18.40 -21.48 27.27
C PHE C 56 -19.61 -21.45 26.35
N THR C 57 -20.62 -22.25 26.67
CA THR C 57 -21.84 -22.30 25.85
C THR C 57 -22.80 -21.17 26.23
N GLN C 58 -22.30 -20.23 27.02
CA GLN C 58 -23.10 -19.15 27.57
C GLN C 58 -22.71 -17.81 26.93
N VAL C 59 -21.84 -17.88 25.93
CA VAL C 59 -21.20 -16.69 25.38
C VAL C 59 -21.53 -16.51 23.91
N GLU C 60 -22.10 -15.35 23.56
CA GLU C 60 -22.41 -14.98 22.17
C GLU C 60 -21.84 -13.60 21.81
N PHE C 61 -21.28 -13.50 20.61
CA PHE C 61 -20.67 -12.26 20.15
C PHE C 61 -21.51 -11.65 19.02
N TYR C 62 -21.80 -10.35 19.12
CA TYR C 62 -22.46 -9.64 18.03
C TYR C 62 -21.78 -8.29 17.86
N GLN C 63 -21.55 -7.89 16.62
CA GLN C 63 -20.99 -6.56 16.38
C GLN C 63 -22.07 -5.53 16.06
N GLY C 64 -21.75 -4.27 16.31
CA GLY C 64 -22.70 -3.17 16.18
C GLY C 64 -22.45 -2.15 17.27
N SER C 65 -23.24 -1.08 17.28
CA SER C 65 -23.09 -0.02 18.28
C SER C 65 -24.14 -0.13 19.38
N VAL C 66 -23.85 0.50 20.52
CA VAL C 66 -24.79 0.56 21.62
C VAL C 66 -25.70 1.77 21.41
N LEU C 67 -25.41 2.52 20.35
CA LEU C 67 -26.14 3.73 19.99
C LEU C 67 -27.08 3.48 18.84
N ASN C 68 -27.26 2.21 18.49
CA ASN C 68 -28.14 1.83 17.40
C ASN C 68 -29.36 1.04 17.88
N PRO C 69 -30.55 1.67 17.86
CA PRO C 69 -31.76 1.08 18.40
C PRO C 69 -32.03 -0.32 17.86
N HIS C 70 -31.59 -0.56 16.62
CA HIS C 70 -31.72 -1.88 16.01
C HIS C 70 -30.85 -2.89 16.70
N ASP C 71 -29.59 -2.52 16.94
CA ASP C 71 -28.64 -3.42 17.60
C ASP C 71 -29.01 -3.74 19.04
N LEU C 72 -29.50 -2.74 19.75
CA LEU C 72 -29.94 -2.93 21.13
C LEU C 72 -31.09 -3.93 21.17
N ALA C 73 -31.97 -3.86 20.18
CA ALA C 73 -33.09 -4.79 20.05
C ALA C 73 -32.64 -6.18 19.61
N ARG C 74 -31.60 -6.23 18.79
CA ARG C 74 -31.04 -7.48 18.28
C ARG C 74 -30.38 -8.30 19.39
N VAL C 75 -29.70 -7.60 20.28
CA VAL C 75 -29.08 -8.19 21.45
C VAL C 75 -30.09 -8.37 22.58
N LYS C 76 -31.29 -7.82 22.38
CA LYS C 76 -32.39 -7.87 23.35
C LYS C 76 -31.97 -7.33 24.72
N ILE C 77 -31.58 -6.06 24.73
CA ILE C 77 -31.12 -5.36 25.92
C ILE C 77 -32.27 -5.17 26.89
N GLU C 78 -33.47 -4.97 26.35
CA GLU C 78 -34.69 -4.73 27.13
C GLU C 78 -35.06 -5.86 28.10
N SER C 79 -34.78 -7.09 27.68
CA SER C 79 -35.04 -8.28 28.48
C SER C 79 -33.90 -8.58 29.44
N ALA C 80 -32.69 -8.25 29.02
CA ALA C 80 -31.47 -8.58 29.77
C ALA C 80 -31.48 -8.13 31.22
N ASP C 81 -31.02 -9.03 32.09
CA ASP C 81 -30.92 -8.78 33.51
C ASP C 81 -30.20 -7.47 33.80
N ALA C 82 -29.02 -7.30 33.19
CA ALA C 82 -28.21 -6.11 33.38
C ALA C 82 -27.32 -5.86 32.18
N CYS C 83 -26.86 -4.62 32.02
CA CYS C 83 -25.88 -4.29 31.00
C CYS C 83 -24.59 -3.69 31.59
N LEU C 84 -23.45 -4.27 31.22
CA LEU C 84 -22.18 -3.81 31.76
C LEU C 84 -21.34 -3.12 30.71
N ILE C 85 -20.89 -1.91 31.04
CA ILE C 85 -20.09 -1.07 30.14
C ILE C 85 -18.63 -1.01 30.61
N LEU C 86 -17.78 -1.79 29.95
CA LEU C 86 -16.36 -1.78 30.25
C LEU C 86 -15.68 -0.58 29.60
N ALA C 87 -14.71 0.01 30.31
CA ALA C 87 -14.02 1.20 29.83
C ALA C 87 -12.58 0.89 29.42
N ASN C 88 -12.02 1.79 28.64
CA ASN C 88 -10.62 1.70 28.28
C ASN C 88 -9.76 2.29 29.39
N LYS C 89 -9.43 1.45 30.38
CA LYS C 89 -8.66 1.91 31.55
C LYS C 89 -7.38 2.65 31.09
N TYR C 90 -6.67 2.07 30.12
CA TYR C 90 -5.40 2.60 29.65
C TYR C 90 -5.65 3.46 28.42
N CYS C 91 -6.55 4.42 28.58
CA CYS C 91 -7.02 5.25 27.49
C CYS C 91 -6.05 6.37 27.16
N ALA C 92 -6.26 6.99 26.00
CA ALA C 92 -5.49 8.18 25.58
C ALA C 92 -5.90 9.44 26.35
N ASP C 93 -7.18 9.80 26.25
CA ASP C 93 -7.76 10.92 26.99
C ASP C 93 -8.88 10.44 27.93
N PRO C 94 -8.62 10.37 29.24
CA PRO C 94 -9.59 9.87 30.20
C PRO C 94 -10.94 10.58 30.15
N ASP C 95 -10.93 11.90 30.08
CA ASP C 95 -12.17 12.69 30.01
C ASP C 95 -12.99 12.33 28.79
N ALA C 96 -12.33 12.15 27.66
CA ALA C 96 -12.99 11.77 26.41
C ALA C 96 -13.58 10.36 26.48
N GLU C 97 -12.90 9.47 27.21
CA GLU C 97 -13.40 8.11 27.37
C GLU C 97 -14.71 8.09 28.16
N ASP C 98 -14.73 8.79 29.29
CA ASP C 98 -15.93 8.88 30.12
C ASP C 98 -17.06 9.51 29.32
N ALA C 99 -16.73 10.59 28.63
CA ALA C 99 -17.67 11.26 27.73
C ALA C 99 -18.33 10.24 26.82
N SER C 100 -17.52 9.39 26.21
CA SER C 100 -18.00 8.36 25.31
C SER C 100 -18.87 7.34 26.03
N ASN C 101 -18.43 6.89 27.21
CA ASN C 101 -19.18 5.92 27.99
C ASN C 101 -20.49 6.46 28.50
N ILE C 102 -20.49 7.71 28.95
CA ILE C 102 -21.71 8.37 29.41
C ILE C 102 -22.78 8.34 28.32
N MET C 103 -22.37 8.62 27.08
CA MET C 103 -23.25 8.55 25.93
C MET C 103 -23.93 7.17 25.77
N ARG C 104 -23.18 6.10 26.00
CA ARG C 104 -23.74 4.76 25.95
C ARG C 104 -24.82 4.62 27.00
N VAL C 105 -24.51 5.04 28.23
CA VAL C 105 -25.48 4.97 29.32
C VAL C 105 -26.74 5.70 28.89
N ILE C 106 -26.57 6.94 28.40
CA ILE C 106 -27.70 7.73 27.86
C ILE C 106 -28.50 6.90 26.86
N SER C 107 -27.80 6.31 25.90
CA SER C 107 -28.45 5.54 24.83
C SER C 107 -29.17 4.29 25.34
N ILE C 108 -28.49 3.48 26.15
CA ILE C 108 -29.08 2.27 26.70
C ILE C 108 -30.32 2.64 27.50
N LYS C 109 -30.26 3.76 28.20
CA LYS C 109 -31.40 4.24 28.98
C LYS C 109 -32.50 4.78 28.06
N ASN C 110 -32.09 5.38 26.95
CA ASN C 110 -33.05 5.89 25.98
C ASN C 110 -33.89 4.78 25.40
N TYR C 111 -33.25 3.65 25.11
CA TYR C 111 -33.95 2.52 24.52
C TYR C 111 -34.88 1.83 25.52
N HIS C 112 -34.37 1.56 26.72
CA HIS C 112 -35.16 0.97 27.78
C HIS C 112 -34.65 1.43 29.12
N PRO C 113 -35.45 2.27 29.80
CA PRO C 113 -34.98 2.95 31.00
C PRO C 113 -34.82 2.03 32.18
N LYS C 114 -35.71 1.05 32.32
CA LYS C 114 -35.69 0.12 33.46
C LYS C 114 -34.66 -1.01 33.27
N ILE C 115 -33.41 -0.62 33.07
CA ILE C 115 -32.29 -1.55 32.93
C ILE C 115 -31.26 -1.30 34.03
N ARG C 116 -30.66 -2.38 34.54
CA ARG C 116 -29.52 -2.25 35.44
C ARG C 116 -28.26 -1.98 34.61
N ILE C 117 -27.57 -0.89 34.91
CA ILE C 117 -26.32 -0.55 34.23
C ILE C 117 -25.14 -0.47 35.19
N ILE C 118 -24.17 -1.35 35.02
CA ILE C 118 -22.91 -1.29 35.74
C ILE C 118 -21.90 -0.67 34.79
N THR C 119 -21.26 0.41 35.18
CA THR C 119 -20.29 1.08 34.29
C THR C 119 -19.01 1.57 34.96
N GLN C 120 -17.90 1.49 34.23
CA GLN C 120 -16.61 1.95 34.75
C GLN C 120 -16.40 3.41 34.42
N MET C 121 -15.79 4.15 35.35
CA MET C 121 -15.49 5.58 35.12
C MET C 121 -14.04 5.87 35.48
N LEU C 122 -13.37 6.63 34.61
CA LEU C 122 -11.95 6.91 34.78
C LEU C 122 -11.64 8.07 35.72
N GLN C 123 -12.49 9.09 35.69
CA GLN C 123 -12.30 10.28 36.51
C GLN C 123 -13.52 10.44 37.39
N TYR C 124 -13.33 10.87 38.65
CA TYR C 124 -14.48 11.05 39.54
C TYR C 124 -15.42 12.12 39.00
N HIS C 125 -14.87 13.30 38.71
CA HIS C 125 -15.71 14.46 38.35
C HIS C 125 -16.75 14.16 37.31
N ASN C 126 -16.44 13.22 36.42
CA ASN C 126 -17.38 12.77 35.38
C ASN C 126 -18.49 11.87 35.92
N LYS C 127 -18.16 11.09 36.95
CA LYS C 127 -19.11 10.18 37.59
C LYS C 127 -20.36 10.93 38.05
N ALA C 128 -20.16 12.15 38.54
CA ALA C 128 -21.26 13.03 38.90
C ALA C 128 -22.31 13.17 37.79
N HIS C 129 -21.86 13.44 36.58
CA HIS C 129 -22.74 13.64 35.42
C HIS C 129 -23.81 12.59 35.26
N LEU C 130 -23.50 11.36 35.63
CA LEU C 130 -24.43 10.25 35.47
C LEU C 130 -25.76 10.47 36.19
N LEU C 131 -25.77 11.34 37.20
CA LEU C 131 -26.96 11.63 37.97
C LEU C 131 -27.95 12.51 37.20
N ASN C 132 -27.44 13.30 36.26
CA ASN C 132 -28.25 14.13 35.37
C ASN C 132 -29.14 13.33 34.41
N ILE C 133 -28.72 12.11 34.11
CA ILE C 133 -29.51 11.21 33.29
C ILE C 133 -30.75 10.75 34.07
N PRO C 134 -31.93 11.04 33.52
CA PRO C 134 -33.23 10.79 34.15
C PRO C 134 -33.44 9.36 34.63
N SER C 135 -33.09 8.38 33.79
CA SER C 135 -33.43 6.99 34.09
C SER C 135 -32.41 6.33 35.02
N TRP C 136 -31.36 7.06 35.35
CA TRP C 136 -30.30 6.58 36.23
C TRP C 136 -30.79 6.40 37.65
N ASN C 137 -30.82 5.16 38.12
CA ASN C 137 -31.30 4.85 39.47
C ASN C 137 -30.22 4.42 40.46
N TRP C 138 -29.72 5.39 41.22
CA TRP C 138 -28.71 5.14 42.26
C TRP C 138 -29.25 4.23 43.33
N LYS C 139 -30.59 4.28 43.49
CA LYS C 139 -31.31 3.49 44.49
C LYS C 139 -31.74 2.13 43.96
N GLU C 140 -31.97 2.02 42.65
CA GLU C 140 -32.12 0.71 42.03
C GLU C 140 -30.73 0.12 41.70
N GLY C 141 -30.67 -0.83 40.77
CA GLY C 141 -29.44 -1.57 40.47
C GLY C 141 -28.27 -0.83 39.85
N ASP C 142 -28.54 0.31 39.22
CA ASP C 142 -27.53 1.11 38.54
C ASP C 142 -26.44 1.55 39.50
N ASP C 143 -25.20 1.24 39.16
CA ASP C 143 -24.04 1.65 39.94
C ASP C 143 -22.86 1.91 39.00
N ALA C 144 -22.02 2.87 39.37
CA ALA C 144 -20.82 3.17 38.58
C ALA C 144 -19.54 3.00 39.39
N ILE C 145 -18.71 2.05 38.96
CA ILE C 145 -17.42 1.80 39.57
C ILE C 145 -16.45 2.88 39.12
N CYS C 146 -16.18 3.85 39.98
CA CYS C 146 -15.17 4.85 39.63
C CYS C 146 -13.77 4.33 39.94
N LEU C 147 -13.01 4.09 38.88
CA LEU C 147 -11.68 3.52 39.02
C LEU C 147 -10.70 4.47 39.67
N ALA C 148 -10.82 5.77 39.36
CA ALA C 148 -9.95 6.79 39.98
C ALA C 148 -10.09 6.82 41.49
N GLU C 149 -11.33 6.84 41.98
CA GLU C 149 -11.62 6.99 43.41
C GLU C 149 -11.22 5.75 44.22
N LEU C 150 -11.39 4.58 43.62
CA LEU C 150 -11.06 3.34 44.30
C LEU C 150 -9.55 3.09 44.32
N LYS C 151 -8.89 3.24 43.17
CA LYS C 151 -7.43 3.10 43.12
C LYS C 151 -6.81 3.97 44.19
N ALA C 152 -7.29 5.21 44.28
CA ALA C 152 -6.78 6.17 45.27
C ALA C 152 -7.06 5.72 46.67
N GLY C 153 -8.30 5.32 46.92
CA GLY C 153 -8.70 4.83 48.23
C GLY C 153 -7.91 3.63 48.73
N PHE C 154 -7.74 2.63 47.87
CA PHE C 154 -6.98 1.44 48.23
C PHE C 154 -5.56 1.79 48.66
N ILE C 155 -4.93 2.71 47.92
CA ILE C 155 -3.58 3.19 48.24
C ILE C 155 -3.60 3.98 49.53
N ALA C 156 -4.64 4.78 49.74
CA ALA C 156 -4.83 5.53 50.96
C ALA C 156 -4.95 4.61 52.17
N GLN C 157 -5.75 3.56 52.02
CA GLN C 157 -5.96 2.58 53.09
C GLN C 157 -4.67 1.87 53.46
N SER C 158 -3.73 1.83 52.53
CA SER C 158 -2.41 1.25 52.78
C SER C 158 -1.51 2.15 53.63
N CYS C 159 -1.78 3.46 53.64
CA CYS C 159 -1.03 4.38 54.51
C CYS C 159 -1.33 4.14 55.98
N LEU C 160 -2.59 3.79 56.26
CA LEU C 160 -3.03 3.45 57.62
C LEU C 160 -2.51 2.06 58.01
N ALA C 161 -2.78 1.06 57.16
CA ALA C 161 -2.28 -0.29 57.39
C ALA C 161 -1.60 -0.83 56.14
N GLN C 162 -0.27 -0.82 56.13
CA GLN C 162 0.48 -1.26 54.96
C GLN C 162 0.16 -2.69 54.57
N GLY C 163 -0.18 -2.89 53.31
CA GLY C 163 -0.58 -4.21 52.79
C GLY C 163 -2.08 -4.37 52.67
N LEU C 164 -2.83 -3.44 53.24
CA LEU C 164 -4.28 -3.48 53.14
C LEU C 164 -4.75 -3.48 51.69
N SER C 165 -4.11 -2.64 50.86
CA SER C 165 -4.44 -2.53 49.42
C SER C 165 -4.53 -3.89 48.74
N THR C 166 -3.52 -4.72 48.93
CA THR C 166 -3.48 -6.03 48.27
C THR C 166 -4.33 -7.05 49.00
N MET C 167 -4.53 -6.84 50.30
CA MET C 167 -5.40 -7.70 51.08
C MET C 167 -6.86 -7.50 50.67
N LEU C 168 -7.22 -6.24 50.49
CA LEU C 168 -8.56 -5.84 50.12
C LEU C 168 -8.81 -6.14 48.65
N ALA C 169 -7.77 -6.45 47.91
CA ALA C 169 -7.90 -6.70 46.47
C ALA C 169 -8.08 -8.19 46.18
N ASN C 170 -7.25 -9.03 46.80
CA ASN C 170 -7.35 -10.50 46.67
C ASN C 170 -8.67 -11.04 47.20
N LEU C 171 -9.15 -10.34 48.23
CA LEU C 171 -10.44 -10.60 48.85
C LEU C 171 -11.59 -10.47 47.85
N PHE C 172 -11.43 -9.58 46.88
CA PHE C 172 -12.49 -9.24 45.92
C PHE C 172 -12.48 -10.01 44.62
N SER C 173 -11.29 -10.37 44.17
CA SER C 173 -11.14 -11.15 42.96
C SER C 173 -11.40 -12.61 43.27
N MET C 174 -12.38 -13.18 42.56
CA MET C 174 -12.76 -14.60 42.75
C MET C 174 -11.57 -15.48 42.40
N ARG C 175 -11.06 -16.17 43.42
CA ARG C 175 -9.92 -17.08 43.28
C ARG C 175 -10.03 -18.25 44.24
N SER C 176 -9.50 -19.40 43.82
CA SER C 176 -9.61 -20.64 44.59
C SER C 176 -8.31 -21.04 45.31
N TYR C 177 -8.42 -22.04 46.18
CA TYR C 177 -7.33 -22.52 47.03
C TYR C 177 -6.28 -23.30 46.24
N ILE C 178 -5.00 -23.08 46.56
CA ILE C 178 -3.90 -23.63 45.75
C ILE C 178 -3.08 -24.73 46.46
N LYS C 179 -2.86 -24.61 47.77
CA LYS C 179 -2.19 -25.64 48.57
C LYS C 179 -0.80 -26.03 48.08
N ILE C 180 0.13 -25.08 48.11
CA ILE C 180 1.52 -25.40 47.79
C ILE C 180 2.09 -26.27 48.92
N GLU C 181 2.74 -27.36 48.51
CA GLU C 181 3.22 -28.38 49.46
C GLU C 181 4.41 -27.89 50.29
N GLU C 182 5.40 -27.32 49.62
CA GLU C 182 6.62 -26.84 50.27
C GLU C 182 6.37 -25.65 51.20
N ASP C 183 7.17 -25.56 52.26
CA ASP C 183 7.06 -24.47 53.23
C ASP C 183 7.78 -23.23 52.73
N THR C 184 7.00 -22.26 52.26
CA THR C 184 7.47 -20.90 51.93
C THR C 184 6.28 -19.97 52.15
N TRP C 185 6.54 -18.66 52.15
CA TRP C 185 5.47 -17.69 52.35
C TRP C 185 4.34 -17.81 51.36
N GLN C 186 4.64 -18.27 50.15
CA GLN C 186 3.63 -18.51 49.13
C GLN C 186 2.46 -19.29 49.71
N LYS C 187 2.76 -20.40 50.39
CA LYS C 187 1.77 -21.26 51.04
C LYS C 187 0.79 -20.44 51.84
N TYR C 188 1.31 -19.68 52.79
CA TYR C 188 0.48 -18.94 53.74
C TYR C 188 -0.27 -17.82 53.07
N TYR C 189 0.41 -17.13 52.15
CA TYR C 189 -0.18 -16.05 51.37
C TYR C 189 -1.38 -16.54 50.56
N LEU C 190 -1.20 -17.65 49.86
CA LEU C 190 -2.22 -18.22 48.99
C LEU C 190 -3.39 -18.79 49.77
N GLU C 191 -3.10 -19.36 50.95
CA GLU C 191 -4.12 -19.89 51.85
C GLU C 191 -5.08 -18.77 52.21
N GLY C 192 -4.57 -17.55 52.27
CA GLY C 192 -5.40 -16.35 52.45
C GLY C 192 -6.08 -15.94 51.15
N VAL C 193 -5.30 -15.86 50.08
CA VAL C 193 -5.79 -15.43 48.76
C VAL C 193 -7.08 -16.15 48.34
N ALA C 194 -7.17 -17.42 48.73
CA ALA C 194 -8.31 -18.32 48.43
C ALA C 194 -9.65 -17.74 48.82
N ASN C 195 -9.59 -16.64 49.57
CA ASN C 195 -10.77 -15.91 49.98
C ASN C 195 -11.41 -15.05 48.88
N GLU C 196 -12.69 -14.84 49.11
CA GLU C 196 -13.54 -14.01 48.32
C GLU C 196 -14.61 -13.63 49.34
N MET C 197 -15.12 -12.40 49.28
CA MET C 197 -16.07 -11.91 50.28
C MET C 197 -17.51 -12.07 49.83
N TYR C 198 -18.28 -12.87 50.55
CA TYR C 198 -19.67 -13.16 50.16
C TYR C 198 -20.73 -12.53 51.07
N THR C 199 -21.94 -12.44 50.54
CA THR C 199 -23.07 -11.85 51.25
C THR C 199 -24.06 -12.94 51.65
N GLU C 200 -24.54 -12.88 52.89
CA GLU C 200 -25.49 -13.86 53.42
C GLU C 200 -26.38 -13.30 54.52
N TYR C 201 -27.61 -13.81 54.58
CA TYR C 201 -28.56 -13.48 55.63
C TYR C 201 -28.28 -14.27 56.90
N LEU C 202 -28.41 -13.61 58.04
CA LEU C 202 -28.17 -14.23 59.33
C LEU C 202 -29.32 -15.17 59.71
N SER C 203 -28.98 -16.30 60.34
CA SER C 203 -29.99 -17.23 60.87
C SER C 203 -30.84 -16.55 61.95
N SER C 204 -32.11 -16.95 62.02
CA SER C 204 -33.05 -16.41 63.00
C SER C 204 -32.50 -16.51 64.42
N ALA C 205 -31.62 -17.48 64.63
CA ALA C 205 -30.99 -17.76 65.94
C ALA C 205 -30.28 -16.55 66.54
N PHE C 206 -29.61 -15.77 65.70
CA PHE C 206 -28.77 -14.66 66.17
C PHE C 206 -29.55 -13.42 66.61
N VAL C 207 -30.83 -13.33 66.23
CA VAL C 207 -31.65 -12.16 66.52
C VAL C 207 -31.51 -11.70 67.97
N GLY C 208 -31.23 -10.42 68.16
CA GLY C 208 -31.18 -9.82 69.49
C GLY C 208 -29.81 -9.84 70.15
N LEU C 209 -28.97 -10.79 69.75
CA LEU C 209 -27.60 -10.85 70.25
C LEU C 209 -26.80 -9.62 69.80
N SER C 210 -25.68 -9.37 70.48
CA SER C 210 -24.78 -8.28 70.09
C SER C 210 -23.89 -8.74 68.94
N PHE C 211 -23.64 -7.86 67.98
CA PHE C 211 -22.76 -8.19 66.85
C PHE C 211 -21.50 -8.94 67.29
N PRO C 212 -20.74 -8.38 68.25
CA PRO C 212 -19.54 -9.04 68.76
C PRO C 212 -19.73 -10.51 69.12
N THR C 213 -20.77 -10.82 69.88
CA THR C 213 -21.04 -12.21 70.28
C THR C 213 -21.44 -13.07 69.08
N VAL C 214 -22.21 -12.49 68.15
CA VAL C 214 -22.58 -13.15 66.88
C VAL C 214 -21.31 -13.47 66.10
N CYS C 215 -20.44 -12.48 65.99
CA CYS C 215 -19.19 -12.59 65.26
C CYS C 215 -18.31 -13.74 65.78
N GLU C 216 -18.24 -13.87 67.10
CA GLU C 216 -17.49 -14.96 67.73
C GLU C 216 -18.07 -16.32 67.38
N LEU C 217 -19.39 -16.44 67.50
CA LEU C 217 -20.08 -17.68 67.18
C LEU C 217 -19.83 -18.10 65.74
N CYS C 218 -19.87 -17.13 64.82
CA CYS C 218 -19.62 -17.39 63.41
C CYS C 218 -18.20 -17.88 63.15
N TYR C 219 -17.24 -17.26 63.82
CA TYR C 219 -15.85 -17.65 63.65
C TYR C 219 -15.50 -18.95 64.38
N VAL C 220 -16.06 -19.14 65.57
CA VAL C 220 -15.75 -20.30 66.41
C VAL C 220 -16.50 -21.56 65.95
N LYS C 221 -17.81 -21.41 65.77
CA LYS C 221 -18.65 -22.53 65.36
C LYS C 221 -18.62 -22.82 63.85
N LEU C 222 -18.38 -21.78 63.04
CA LEU C 222 -18.47 -21.93 61.57
C LEU C 222 -17.19 -21.62 60.78
N LYS C 223 -16.24 -20.95 61.41
CA LYS C 223 -15.01 -20.50 60.72
C LYS C 223 -15.25 -19.41 59.65
N LEU C 224 -16.42 -18.78 59.69
CA LEU C 224 -16.74 -17.66 58.82
C LEU C 224 -16.46 -16.34 59.54
N LEU C 225 -15.49 -15.59 59.03
CA LEU C 225 -15.18 -14.27 59.56
C LEU C 225 -16.20 -13.24 59.05
N LEU C 226 -17.05 -12.77 59.95
CA LEU C 226 -18.05 -11.74 59.64
C LEU C 226 -17.49 -10.33 59.90
N ILE C 227 -17.73 -9.40 58.99
CA ILE C 227 -17.18 -8.04 59.13
C ILE C 227 -18.18 -6.89 59.18
N ALA C 228 -19.39 -7.11 58.65
CA ALA C 228 -20.40 -6.04 58.62
C ALA C 228 -21.83 -6.52 58.45
N ILE C 229 -22.76 -5.75 59.04
CA ILE C 229 -24.20 -5.99 58.89
C ILE C 229 -24.83 -4.92 57.98
N GLU C 230 -26.06 -5.16 57.53
CA GLU C 230 -26.80 -4.20 56.70
C GLU C 230 -28.12 -3.81 57.37
N TYR C 231 -28.03 -3.00 58.44
CA TYR C 231 -29.18 -2.62 59.28
C TYR C 231 -30.30 -1.94 58.50
N LYS C 232 -31.54 -2.36 58.76
CA LYS C 232 -32.72 -1.82 58.10
C LYS C 232 -33.25 -0.58 58.85
N LYS C 242 -30.58 0.71 52.22
CA LYS C 242 -30.43 1.07 53.62
C LYS C 242 -28.95 1.20 54.02
N ARG C 243 -28.70 1.86 55.15
CA ARG C 243 -27.34 2.06 55.67
C ARG C 243 -26.67 0.75 56.10
N ILE C 244 -25.37 0.66 55.90
CA ILE C 244 -24.58 -0.53 56.28
C ILE C 244 -23.53 -0.16 57.35
N LEU C 245 -23.36 -1.04 58.35
CA LEU C 245 -22.42 -0.78 59.46
C LEU C 245 -21.28 -1.81 59.48
N ILE C 246 -20.04 -1.32 59.33
CA ILE C 246 -18.83 -2.16 59.35
C ILE C 246 -18.29 -2.27 60.76
N ASN C 247 -18.19 -3.51 61.24
CA ASN C 247 -17.83 -3.81 62.64
C ASN C 247 -18.55 -2.96 63.71
N PRO C 248 -19.88 -3.10 63.85
CA PRO C 248 -20.52 -2.28 64.87
C PRO C 248 -20.08 -2.69 66.29
N GLY C 249 -20.23 -1.77 67.23
CA GLY C 249 -19.95 -2.04 68.65
C GLY C 249 -20.89 -3.10 69.22
N ASN C 250 -20.72 -3.41 70.50
CA ASN C 250 -21.48 -4.49 71.13
C ASN C 250 -22.98 -4.25 71.24
N HIS C 251 -23.40 -3.00 71.12
CA HIS C 251 -24.79 -2.58 71.38
C HIS C 251 -25.70 -3.00 70.26
N VAL C 252 -25.19 -2.93 69.03
CA VAL C 252 -25.95 -3.32 67.84
C VAL C 252 -26.47 -4.75 67.95
N LYS C 253 -27.80 -4.88 67.86
CA LYS C 253 -28.47 -6.17 67.92
C LYS C 253 -29.24 -6.48 66.64
N MET C 254 -29.28 -7.76 66.28
CA MET C 254 -29.81 -8.21 64.98
C MET C 254 -31.31 -8.02 64.85
N GLN C 255 -31.73 -7.49 63.70
CA GLN C 255 -33.13 -7.15 63.44
C GLN C 255 -33.74 -8.15 62.46
N GLU C 256 -34.43 -9.16 63.01
CA GLU C 256 -35.05 -10.23 62.24
C GLU C 256 -34.04 -10.83 61.26
N GLY C 257 -34.27 -10.64 59.97
CA GLY C 257 -33.34 -11.08 58.94
C GLY C 257 -32.42 -9.95 58.55
N THR C 258 -31.23 -9.93 59.15
CA THR C 258 -30.20 -8.96 58.81
C THR C 258 -29.31 -9.56 57.72
N LEU C 259 -28.68 -8.70 56.93
CA LEU C 259 -27.75 -9.12 55.89
C LEU C 259 -26.32 -8.91 56.39
N GLY C 260 -25.50 -9.94 56.28
CA GLY C 260 -24.13 -9.91 56.78
C GLY C 260 -23.10 -10.17 55.72
N PHE C 261 -21.99 -9.43 55.78
CA PHE C 261 -20.88 -9.63 54.86
C PHE C 261 -19.80 -10.51 55.49
N PHE C 262 -19.58 -11.68 54.86
CA PHE C 262 -18.65 -12.68 55.37
C PHE C 262 -17.43 -12.81 54.46
N ILE C 263 -16.34 -13.31 55.03
CA ILE C 263 -15.13 -13.57 54.28
C ILE C 263 -14.82 -15.06 54.40
N ALA C 264 -15.32 -15.85 53.46
CA ALA C 264 -15.06 -17.28 53.48
C ALA C 264 -14.50 -17.79 52.17
N SER C 265 -13.86 -18.97 52.22
CA SER C 265 -13.23 -19.60 51.07
C SER C 265 -14.13 -19.65 49.83
N ASP C 266 -15.28 -20.30 49.99
CA ASP C 266 -16.20 -20.63 48.91
C ASP C 266 -17.56 -19.99 49.21
N ALA C 267 -18.35 -19.72 48.18
CA ALA C 267 -19.70 -19.17 48.35
C ALA C 267 -20.64 -20.08 49.14
N LYS C 268 -20.48 -21.39 48.98
CA LYS C 268 -21.31 -22.40 49.67
C LYS C 268 -20.97 -22.47 51.16
N GLU C 269 -19.72 -22.15 51.49
CA GLU C 269 -19.28 -22.07 52.89
C GLU C 269 -20.14 -21.10 53.71
N VAL C 270 -20.47 -19.97 53.08
CA VAL C 270 -21.21 -18.90 53.75
C VAL C 270 -22.68 -19.26 53.96
N LYS C 271 -23.21 -20.14 53.12
CA LYS C 271 -24.60 -20.59 53.22
C LYS C 271 -24.91 -21.09 54.64
N ARG C 272 -23.92 -21.76 55.24
CA ARG C 272 -24.03 -22.34 56.58
C ARG C 272 -24.35 -21.34 57.70
N ALA C 273 -24.17 -20.04 57.44
CA ALA C 273 -24.47 -19.01 58.45
C ALA C 273 -25.97 -18.85 58.60
N PHE C 274 -26.69 -19.86 58.13
CA PHE C 274 -28.15 -19.83 58.05
C PHE C 274 -28.77 -21.07 58.70
N PHE C 275 -28.33 -21.42 59.91
CA PHE C 275 -28.84 -22.57 60.65
C PHE C 275 -28.79 -22.36 62.18
N LYS C 349 -16.30 26.04 62.61
CA LYS C 349 -16.50 25.06 61.53
C LYS C 349 -15.26 24.18 61.37
N ARG C 350 -15.26 23.04 62.06
CA ARG C 350 -14.13 22.11 62.07
C ARG C 350 -14.36 20.85 61.22
N TYR C 351 -15.58 20.69 60.70
CA TYR C 351 -15.95 19.51 59.91
C TYR C 351 -16.70 19.85 58.62
N ASP C 352 -16.76 18.88 57.71
CA ASP C 352 -17.53 18.99 56.47
C ASP C 352 -19.01 19.05 56.80
N SER C 353 -19.84 19.41 55.82
CA SER C 353 -21.30 19.45 56.00
C SER C 353 -21.81 18.17 56.64
N THR C 354 -21.27 17.03 56.20
CA THR C 354 -21.61 15.72 56.72
C THR C 354 -21.07 15.47 58.12
N GLY C 355 -19.92 16.07 58.43
CA GLY C 355 -19.22 15.82 59.67
C GLY C 355 -18.43 14.52 59.58
N MET C 356 -18.25 14.05 58.35
CA MET C 356 -17.50 12.82 58.08
C MET C 356 -16.02 13.11 57.93
N PHE C 357 -15.68 14.28 57.37
CA PHE C 357 -14.30 14.61 57.04
C PHE C 357 -13.88 15.90 57.72
N HIS C 358 -12.59 16.01 58.04
CA HIS C 358 -12.02 17.22 58.65
C HIS C 358 -11.96 18.36 57.68
N TRP C 359 -12.77 19.38 57.93
CA TRP C 359 -12.80 20.57 57.10
C TRP C 359 -11.91 21.63 57.67
N CYS C 360 -11.36 22.44 56.78
CA CYS C 360 -10.46 23.54 57.13
C CYS C 360 -10.76 24.68 56.14
N PRO C 361 -10.65 25.94 56.61
CA PRO C 361 -10.96 27.05 55.72
C PRO C 361 -10.11 26.99 54.45
N SER C 362 -10.75 27.09 53.29
CA SER C 362 -10.03 27.04 52.03
C SER C 362 -8.81 27.96 52.09
N LYS C 363 -7.62 27.36 51.92
CA LYS C 363 -6.36 28.09 51.98
C LYS C 363 -5.84 28.42 50.58
N GLU C 364 -5.11 29.52 50.46
CA GLU C 364 -4.49 29.92 49.19
C GLU C 364 -3.21 29.10 48.98
N ILE C 365 -3.04 28.58 47.76
CA ILE C 365 -1.99 27.60 47.46
C ILE C 365 -0.58 27.98 47.91
N GLU C 366 -0.21 29.25 47.69
CA GLU C 366 1.12 29.76 48.03
C GLU C 366 1.44 29.72 49.54
N LYS C 367 0.38 29.65 50.36
CA LYS C 367 0.52 29.48 51.81
C LYS C 367 1.04 28.09 52.18
N VAL C 368 0.81 27.13 51.28
CA VAL C 368 1.15 25.74 51.53
C VAL C 368 2.53 25.34 50.97
N ILE C 369 2.94 25.98 49.87
CA ILE C 369 4.22 25.71 49.20
C ILE C 369 5.40 25.87 50.13
N LEU C 370 6.14 24.78 50.34
CA LEU C 370 7.38 24.81 51.10
C LEU C 370 8.57 25.01 50.17
N THR C 371 9.53 25.83 50.60
CA THR C 371 10.82 25.91 49.93
C THR C 371 11.54 24.61 50.30
N ARG C 372 12.64 24.29 49.62
CA ARG C 372 13.42 23.11 50.01
C ARG C 372 13.95 23.29 51.44
N SER C 373 14.39 24.51 51.76
CA SER C 373 14.86 24.84 53.11
C SER C 373 13.77 24.77 54.17
N GLU C 374 12.73 25.59 54.00
CA GLU C 374 11.57 25.60 54.90
C GLU C 374 11.12 24.18 55.26
N ALA C 375 11.25 23.26 54.30
CA ALA C 375 10.88 21.85 54.49
C ALA C 375 11.93 21.07 55.25
N SER C 376 13.21 21.31 54.94
CA SER C 376 14.31 20.63 55.61
C SER C 376 14.40 21.07 57.05
N MET C 377 13.99 22.32 57.31
CA MET C 377 13.89 22.87 58.66
C MET C 377 13.00 22.04 59.58
N THR C 378 11.79 21.73 59.10
CA THR C 378 10.84 20.91 59.83
C THR C 378 11.21 19.42 59.71
N VAL C 379 11.40 18.79 60.87
CA VAL C 379 11.63 17.36 60.94
C VAL C 379 10.27 16.63 60.96
N LEU C 380 9.75 16.35 59.78
CA LEU C 380 8.46 15.72 59.63
C LEU C 380 8.58 14.21 59.80
N SER C 381 7.62 13.61 60.50
CA SER C 381 7.55 12.16 60.66
C SER C 381 6.11 11.70 60.85
N GLY C 382 5.86 10.43 60.56
CA GLY C 382 4.49 9.89 60.63
C GLY C 382 3.58 10.51 59.59
N HIS C 383 4.17 10.95 58.50
CA HIS C 383 3.46 11.64 57.44
C HIS C 383 3.40 10.80 56.18
N VAL C 384 2.69 11.30 55.18
CA VAL C 384 2.61 10.62 53.89
C VAL C 384 3.27 11.51 52.85
N VAL C 385 4.26 10.96 52.15
CA VAL C 385 4.93 11.68 51.07
C VAL C 385 4.42 11.15 49.73
N VAL C 386 3.40 11.80 49.18
CA VAL C 386 2.91 11.46 47.85
C VAL C 386 3.73 12.27 46.87
N CYS C 387 4.53 11.58 46.07
CA CYS C 387 5.34 12.26 45.05
C CYS C 387 4.87 11.91 43.64
N ILE C 388 4.36 12.93 42.95
CA ILE C 388 3.77 12.74 41.63
C ILE C 388 4.67 13.29 40.54
N PHE C 389 4.82 12.49 39.50
CA PHE C 389 5.39 12.95 38.25
C PHE C 389 4.28 13.58 37.43
N GLY C 390 4.62 14.54 36.58
CA GLY C 390 3.63 15.16 35.70
C GLY C 390 3.86 16.62 35.43
N ASP C 391 3.36 17.07 34.27
CA ASP C 391 3.41 18.47 33.89
C ASP C 391 1.97 18.98 33.77
N VAL C 392 1.81 20.24 33.35
CA VAL C 392 0.50 20.90 33.29
C VAL C 392 -0.49 20.18 32.35
N THR C 393 0.02 19.56 31.30
CA THR C 393 -0.80 18.89 30.29
C THR C 393 -0.93 17.38 30.54
N SER C 394 -1.22 17.00 31.77
CA SER C 394 -1.39 15.59 32.13
C SER C 394 -2.82 15.35 32.58
N ALA C 395 -3.22 14.09 32.59
CA ALA C 395 -4.50 13.68 33.16
C ALA C 395 -4.49 13.97 34.65
N LEU C 396 -5.65 14.34 35.20
CA LEU C 396 -5.73 14.57 36.63
C LEU C 396 -5.89 13.24 37.35
N VAL C 397 -4.96 12.94 38.24
CA VAL C 397 -4.99 11.68 38.98
C VAL C 397 -6.20 11.62 39.92
N GLY C 398 -6.68 12.78 40.35
CA GLY C 398 -7.81 12.87 41.29
C GLY C 398 -7.34 12.71 42.71
N LEU C 399 -6.36 13.54 43.10
CA LEU C 399 -5.73 13.48 44.42
C LEU C 399 -6.73 13.66 45.56
N ARG C 400 -7.85 14.32 45.26
CA ARG C 400 -8.95 14.44 46.21
C ARG C 400 -9.20 13.10 46.90
N ASN C 401 -9.29 12.04 46.11
CA ASN C 401 -9.64 10.71 46.61
C ASN C 401 -8.52 10.00 47.39
N LEU C 402 -7.30 10.53 47.32
CA LEU C 402 -6.22 9.97 48.12
C LEU C 402 -6.25 10.60 49.49
N VAL C 403 -6.45 11.92 49.56
CA VAL C 403 -6.43 12.62 50.85
C VAL C 403 -7.70 12.38 51.67
N MET C 404 -8.85 12.26 51.00
CA MET C 404 -10.15 12.17 51.69
C MET C 404 -10.22 11.11 52.77
N PRO C 405 -9.89 9.84 52.42
CA PRO C 405 -9.88 8.79 53.42
C PRO C 405 -8.86 9.03 54.53
N LEU C 406 -7.82 9.80 54.23
CA LEU C 406 -6.80 10.16 55.21
C LEU C 406 -7.26 11.33 56.09
N ARG C 407 -8.38 11.94 55.73
CA ARG C 407 -8.97 13.03 56.50
C ARG C 407 -10.36 12.71 57.03
N ALA C 408 -10.67 11.43 57.22
CA ALA C 408 -11.96 11.04 57.78
C ALA C 408 -12.03 11.47 59.25
N SER C 409 -13.24 11.65 59.76
CA SER C 409 -13.45 12.17 61.12
C SER C 409 -13.23 11.15 62.24
N ASN C 410 -12.93 9.90 61.89
CA ASN C 410 -12.73 8.84 62.87
C ASN C 410 -11.35 8.92 63.53
N PHE C 411 -10.53 9.87 63.07
CA PHE C 411 -9.21 10.10 63.64
C PHE C 411 -9.20 11.48 64.27
N HIS C 412 -8.46 11.63 65.36
CA HIS C 412 -8.30 12.91 66.01
C HIS C 412 -7.36 13.76 65.20
N TYR C 413 -7.54 15.07 65.27
CA TYR C 413 -6.66 16.03 64.59
C TYR C 413 -5.18 15.75 64.92
N HIS C 414 -4.93 15.35 66.17
CA HIS C 414 -3.62 14.91 66.64
C HIS C 414 -3.13 13.69 65.90
N GLU C 415 -4.05 12.77 65.63
CA GLU C 415 -3.74 11.52 64.92
C GLU C 415 -3.55 11.69 63.40
N LEU C 416 -4.07 12.77 62.83
CA LEU C 416 -4.03 13.01 61.38
C LEU C 416 -2.62 13.03 60.79
N LYS C 417 -2.42 12.34 59.67
CA LYS C 417 -1.11 12.29 59.01
C LYS C 417 -0.98 13.41 58.00
N PRO C 418 0.04 14.28 58.16
CA PRO C 418 0.20 15.35 57.19
C PRO C 418 0.64 14.80 55.84
N ILE C 419 0.24 15.47 54.77
CA ILE C 419 0.50 15.01 53.42
C ILE C 419 1.41 15.99 52.69
N VAL C 420 2.51 15.48 52.15
CA VAL C 420 3.44 16.29 51.36
C VAL C 420 3.52 15.84 49.91
N PHE C 421 3.10 16.71 49.00
CA PHE C 421 3.22 16.43 47.58
C PHE C 421 4.56 16.93 47.06
N VAL C 422 5.30 16.06 46.42
CA VAL C 422 6.54 16.42 45.77
C VAL C 422 6.35 16.32 44.26
N GLY C 423 6.12 17.46 43.61
CA GLY C 423 5.89 17.47 42.16
C GLY C 423 6.18 18.80 41.49
N SER C 424 5.63 18.97 40.29
CA SER C 424 5.68 20.26 39.61
C SER C 424 4.51 21.11 40.10
N LEU C 425 4.82 22.34 40.47
CA LEU C 425 3.83 23.24 41.00
C LEU C 425 2.74 23.50 39.96
N ASP C 426 3.17 23.70 38.70
CA ASP C 426 2.26 23.93 37.57
C ASP C 426 1.20 22.86 37.45
N TYR C 427 1.63 21.60 37.54
CA TYR C 427 0.69 20.48 37.56
C TYR C 427 -0.19 20.54 38.81
N LEU C 428 0.43 20.68 39.97
CA LEU C 428 -0.30 20.56 41.23
C LEU C 428 -1.44 21.55 41.36
N ARG C 429 -1.17 22.82 41.09
CA ARG C 429 -2.14 23.89 41.33
C ARG C 429 -3.51 23.65 40.71
N ARG C 430 -3.54 23.05 39.51
CA ARG C 430 -4.80 22.78 38.83
C ARG C 430 -5.64 21.77 39.58
N GLU C 431 -4.99 20.76 40.16
CA GLU C 431 -5.66 19.80 41.02
C GLU C 431 -5.93 20.38 42.40
N TRP C 432 -5.06 21.26 42.84
CA TRP C 432 -5.10 21.81 44.20
C TRP C 432 -6.44 22.28 44.67
N GLU C 433 -7.21 22.91 43.78
CA GLU C 433 -8.49 23.52 44.16
C GLU C 433 -9.42 22.61 44.95
N THR C 434 -9.35 21.29 44.73
CA THR C 434 -10.15 20.34 45.49
C THR C 434 -9.62 20.12 46.91
N LEU C 435 -8.34 20.39 47.10
CA LEU C 435 -7.68 20.06 48.36
C LEU C 435 -7.63 21.20 49.37
N HIS C 436 -7.81 22.44 48.94
CA HIS C 436 -7.62 23.59 49.85
C HIS C 436 -8.35 23.47 51.16
N ASN C 437 -9.44 22.71 51.14
CA ASN C 437 -10.26 22.50 52.33
C ASN C 437 -9.66 21.58 53.37
N PHE C 438 -8.80 20.65 52.96
CA PHE C 438 -8.23 19.68 53.88
C PHE C 438 -7.04 20.24 54.68
N PRO C 439 -6.91 19.84 55.96
CA PRO C 439 -5.84 20.34 56.80
C PRO C 439 -4.54 19.54 56.66
N LYS C 440 -3.44 20.12 57.12
CA LYS C 440 -2.12 19.49 57.11
C LYS C 440 -1.69 18.97 55.73
N VAL C 441 -1.85 19.82 54.72
CA VAL C 441 -1.48 19.50 53.34
C VAL C 441 -0.32 20.41 52.94
N PHE C 442 0.68 19.84 52.28
CA PHE C 442 1.89 20.57 51.90
C PHE C 442 2.40 20.25 50.51
N ILE C 443 3.02 21.24 49.86
CA ILE C 443 3.58 21.06 48.54
C ILE C 443 5.05 21.46 48.56
N LEU C 444 5.92 20.56 48.09
CA LEU C 444 7.33 20.87 47.89
C LEU C 444 7.65 20.72 46.42
N PRO C 445 7.68 21.83 45.67
CA PRO C 445 8.02 21.79 44.26
C PRO C 445 9.39 21.16 43.99
N GLY C 446 9.45 20.27 43.00
CA GLY C 446 10.66 19.51 42.69
C GLY C 446 10.34 18.09 42.26
N THR C 447 11.36 17.37 41.80
CA THR C 447 11.19 16.00 41.31
C THR C 447 11.45 14.92 42.39
N PRO C 448 10.63 13.85 42.38
CA PRO C 448 10.85 12.70 43.26
C PRO C 448 12.17 11.96 43.01
N LEU C 449 12.93 12.41 42.01
CA LEU C 449 14.20 11.78 41.66
C LEU C 449 15.38 12.50 42.28
N SER C 450 15.14 13.72 42.78
CA SER C 450 16.18 14.48 43.46
C SER C 450 16.13 14.16 44.94
N ARG C 451 17.26 13.72 45.49
CA ARG C 451 17.34 13.35 46.89
C ARG C 451 17.26 14.59 47.77
N ALA C 452 17.72 15.72 47.23
CA ALA C 452 17.62 17.00 47.91
C ALA C 452 16.20 17.25 48.39
N ASP C 453 15.26 17.19 47.46
CA ASP C 453 13.84 17.36 47.78
C ASP C 453 13.38 16.27 48.73
N LEU C 454 13.87 15.05 48.51
CA LEU C 454 13.46 13.88 49.28
C LEU C 454 13.98 13.90 50.72
N ARG C 455 15.26 14.25 50.89
CA ARG C 455 15.85 14.32 52.22
C ARG C 455 15.19 15.44 53.01
N ALA C 456 14.80 16.50 52.31
CA ALA C 456 14.14 17.66 52.92
C ALA C 456 12.86 17.26 53.65
N VAL C 457 12.07 16.40 53.03
CA VAL C 457 10.81 15.93 53.62
C VAL C 457 10.97 14.70 54.49
N ASN C 458 12.22 14.33 54.78
CA ASN C 458 12.52 13.29 55.79
C ASN C 458 11.76 11.99 55.53
N ILE C 459 11.99 11.39 54.37
CA ILE C 459 11.29 10.16 53.98
C ILE C 459 11.46 9.06 55.02
N ASN C 460 12.68 8.88 55.50
CA ASN C 460 13.00 7.88 56.53
C ASN C 460 11.90 7.74 57.59
N LEU C 461 11.21 8.85 57.84
CA LEU C 461 10.25 8.95 58.94
C LEU C 461 8.78 8.69 58.57
N CYS C 462 8.43 8.88 57.30
CA CYS C 462 7.04 8.73 56.85
C CYS C 462 6.45 7.32 57.07
N ASP C 463 5.13 7.27 57.26
CA ASP C 463 4.40 6.02 57.41
C ASP C 463 4.15 5.37 56.06
N MET C 464 4.19 6.17 55.01
CA MET C 464 3.94 5.69 53.66
C MET C 464 4.39 6.72 52.62
N CYS C 465 5.02 6.23 51.56
CA CYS C 465 5.43 7.07 50.45
C CYS C 465 4.80 6.52 49.19
N VAL C 466 3.82 7.27 48.67
CA VAL C 466 3.09 6.88 47.46
C VAL C 466 3.76 7.44 46.21
N ILE C 467 4.06 6.56 45.26
CA ILE C 467 4.64 6.98 43.98
C ILE C 467 3.63 6.83 42.85
N LEU C 468 3.24 7.95 42.25
CA LEU C 468 2.24 7.94 41.19
C LEU C 468 2.83 8.42 39.88
N SER C 469 2.30 7.91 38.77
CA SER C 469 2.71 8.36 37.44
C SER C 469 1.53 8.95 36.72
N ALA C 470 1.59 10.23 36.38
CA ALA C 470 0.53 10.85 35.59
C ALA C 470 0.70 10.49 34.11
N ASN C 471 -0.41 10.09 33.48
CA ASN C 471 -0.43 9.64 32.09
C ASN C 471 -0.17 10.72 31.04
N ALA C 478 3.32 4.71 25.42
CA ALA C 478 3.13 5.85 26.33
C ALA C 478 3.15 5.44 27.81
N SER C 479 2.78 4.17 28.08
CA SER C 479 2.87 3.59 29.43
C SER C 479 4.29 3.13 29.75
N LEU C 480 5.10 2.93 28.71
CA LEU C 480 6.55 2.73 28.82
C LEU C 480 7.17 3.88 29.60
N GLN C 481 6.58 5.08 29.47
CA GLN C 481 7.01 6.28 30.19
C GLN C 481 6.76 6.23 31.72
N ASP C 482 6.21 5.12 32.22
CA ASP C 482 6.14 4.87 33.68
C ASP C 482 7.50 4.37 34.23
N LYS C 483 8.46 4.15 33.34
CA LYS C 483 9.87 3.85 33.68
C LYS C 483 10.36 4.71 34.85
N GLU C 484 9.87 5.95 34.93
CA GLU C 484 10.16 6.91 36.01
C GLU C 484 9.85 6.38 37.41
N CYS C 485 8.67 5.78 37.58
CA CYS C 485 8.24 5.23 38.89
C CYS C 485 9.21 4.21 39.48
N ILE C 486 9.66 3.30 38.62
CA ILE C 486 10.63 2.31 38.99
C ILE C 486 11.89 3.05 39.44
N LEU C 487 12.38 3.98 38.62
CA LEU C 487 13.56 4.78 38.97
C LEU C 487 13.45 5.44 40.33
N ALA C 488 12.34 6.13 40.57
CA ALA C 488 12.09 6.78 41.84
C ALA C 488 12.14 5.76 42.97
N SER C 489 11.38 4.67 42.82
CA SER C 489 11.34 3.60 43.79
C SER C 489 12.73 3.08 44.13
N LEU C 490 13.54 2.82 43.11
CA LEU C 490 14.89 2.29 43.27
C LEU C 490 15.78 3.31 43.97
N ASN C 491 15.67 4.56 43.53
CA ASN C 491 16.36 5.69 44.15
C ASN C 491 16.23 5.65 45.67
N ILE C 492 14.99 5.69 46.15
CA ILE C 492 14.68 5.76 47.57
C ILE C 492 15.23 4.56 48.33
N LYS C 493 15.11 3.36 47.77
CA LYS C 493 15.62 2.15 48.41
C LYS C 493 17.14 2.18 48.64
N SER C 494 17.85 2.95 47.81
CA SER C 494 19.31 3.01 47.85
C SER C 494 19.89 4.20 48.60
N MET C 495 19.04 4.92 49.33
CA MET C 495 19.50 6.03 50.15
C MET C 495 19.93 5.51 51.51
N GLN C 496 20.70 6.31 52.24
CA GLN C 496 21.01 6.05 53.63
C GLN C 496 20.82 7.33 54.43
N PHE C 497 19.80 7.33 55.30
CA PHE C 497 19.42 8.54 56.02
C PHE C 497 20.37 8.93 57.18
N ASP C 498 20.88 7.92 57.91
CA ASP C 498 21.72 8.12 59.12
C ASP C 498 20.89 8.47 60.36
N THR C 502 18.24 4.15 60.44
CA THR C 502 17.44 3.71 59.31
C THR C 502 18.27 3.58 58.03
N THR C 503 17.74 2.81 57.06
CA THR C 503 18.36 2.64 55.74
C THR C 503 17.29 2.60 54.66
N GLY C 504 17.62 3.12 53.48
CA GLY C 504 16.65 3.31 52.38
C GLY C 504 15.70 2.18 52.06
N SER C 505 16.20 0.94 52.19
CA SER C 505 15.40 -0.25 51.86
C SER C 505 14.23 -0.51 52.82
N ASN C 506 14.26 0.15 53.98
CA ASN C 506 13.24 -0.07 55.02
C ASN C 506 12.20 1.05 55.10
N ILE C 507 11.86 1.62 53.94
CA ILE C 507 10.89 2.71 53.89
C ILE C 507 9.60 2.22 53.28
N PRO C 508 8.46 2.52 53.93
CA PRO C 508 7.15 2.14 53.40
C PRO C 508 6.85 2.83 52.07
N ILE C 509 7.04 2.10 50.98
CA ILE C 509 6.77 2.61 49.64
C ILE C 509 5.62 1.83 49.00
N ILE C 510 4.86 2.51 48.15
CA ILE C 510 3.82 1.87 47.35
C ILE C 510 3.80 2.49 45.94
N THR C 511 4.30 1.73 44.96
CA THR C 511 4.45 2.22 43.61
C THR C 511 3.23 1.86 42.79
N GLU C 512 2.54 2.86 42.26
CA GLU C 512 1.44 2.59 41.36
C GLU C 512 1.99 2.27 39.99
N LEU C 513 1.77 1.04 39.55
CA LEU C 513 2.19 0.61 38.22
C LEU C 513 1.04 0.60 37.21
N VAL C 514 1.38 0.86 35.95
CA VAL C 514 0.38 0.87 34.90
C VAL C 514 0.40 -0.46 34.16
N ASN C 515 1.59 -1.08 34.13
CA ASN C 515 1.80 -2.32 33.41
C ASN C 515 2.19 -3.46 34.34
N ASP C 516 1.24 -4.35 34.64
CA ASP C 516 1.47 -5.46 35.59
C ASP C 516 2.82 -6.17 35.37
N SER C 517 3.27 -6.23 34.12
CA SER C 517 4.56 -6.84 33.75
C SER C 517 5.74 -6.18 34.44
N ASN C 518 5.66 -4.88 34.64
CA ASN C 518 6.79 -4.12 35.20
C ASN C 518 7.07 -4.38 36.67
N VAL C 519 6.18 -5.11 37.32
CA VAL C 519 6.33 -5.44 38.73
C VAL C 519 7.65 -6.14 39.02
N GLN C 520 8.08 -6.97 38.07
CA GLN C 520 9.35 -7.67 38.14
C GLN C 520 10.47 -6.79 38.69
N PHE C 521 10.52 -5.54 38.22
CA PHE C 521 11.66 -4.65 38.45
C PHE C 521 11.82 -4.05 39.85
N LEU C 522 10.71 -3.72 40.53
CA LEU C 522 10.81 -2.93 41.76
C LEU C 522 11.47 -3.63 42.92
N ASP C 523 11.11 -4.89 43.15
CA ASP C 523 11.85 -5.73 44.11
C ASP C 523 12.81 -6.58 43.29
N GLN C 524 14.09 -6.60 43.69
CA GLN C 524 15.15 -7.23 42.87
C GLN C 524 15.71 -8.53 43.43
N ASP C 525 15.04 -9.06 44.45
CA ASP C 525 15.39 -10.40 44.99
C ASP C 525 14.32 -11.46 44.71
N ASP C 526 13.17 -11.04 44.17
CA ASP C 526 12.06 -11.95 43.90
C ASP C 526 12.25 -12.76 42.60
N ASP C 527 11.50 -13.84 42.47
CA ASP C 527 11.49 -14.65 41.25
C ASP C 527 10.59 -14.01 40.19
N ASP C 528 11.16 -13.77 39.02
CA ASP C 528 10.48 -13.00 37.96
C ASP C 528 10.08 -13.84 36.76
N ASP C 529 8.91 -13.52 36.21
CA ASP C 529 8.40 -14.11 34.98
C ASP C 529 7.28 -13.20 34.49
N PRO C 530 7.35 -12.77 33.21
CA PRO C 530 6.30 -11.92 32.66
C PRO C 530 4.91 -12.56 32.68
N ASP C 531 4.87 -13.88 32.51
CA ASP C 531 3.59 -14.61 32.43
C ASP C 531 2.89 -14.76 33.78
N THR C 532 3.68 -14.89 34.84
CA THR C 532 3.19 -14.98 36.23
C THR C 532 2.20 -13.86 36.57
N GLU C 533 1.03 -14.24 37.08
CA GLU C 533 -0.02 -13.28 37.43
C GLU C 533 0.44 -12.32 38.50
N LEU C 534 -0.12 -11.11 38.51
CA LEU C 534 0.30 -10.06 39.44
C LEU C 534 0.11 -10.41 40.92
N TYR C 535 -1.06 -10.93 41.28
CA TYR C 535 -1.34 -11.28 42.67
C TYR C 535 -0.29 -12.20 43.28
N LEU C 536 0.41 -12.94 42.43
CA LEU C 536 1.41 -13.92 42.88
C LEU C 536 2.80 -13.34 43.09
N THR C 537 3.06 -12.15 42.53
CA THR C 537 4.37 -11.49 42.66
C THR C 537 4.61 -10.99 44.07
N GLN C 538 5.87 -11.07 44.49
CA GLN C 538 6.27 -10.65 45.83
C GLN C 538 5.86 -9.19 46.12
N PRO C 539 6.25 -8.26 45.25
CA PRO C 539 5.98 -6.86 45.51
C PRO C 539 4.50 -6.61 45.76
N PHE C 540 3.64 -7.35 45.06
CA PHE C 540 2.20 -7.21 45.26
C PHE C 540 1.80 -7.86 46.57
N ALA C 541 2.30 -9.07 46.81
CA ALA C 541 1.99 -9.79 48.02
C ALA C 541 2.24 -8.92 49.25
N CYS C 542 3.18 -7.99 49.13
CA CYS C 542 3.63 -7.19 50.27
C CYS C 542 2.96 -5.83 50.39
N GLY C 543 2.32 -5.37 49.31
CA GLY C 543 1.68 -4.06 49.29
C GLY C 543 2.67 -2.99 48.91
N THR C 544 3.68 -3.39 48.15
CA THR C 544 4.68 -2.48 47.60
C THR C 544 4.17 -1.92 46.27
N ALA C 545 3.37 -2.71 45.57
CA ALA C 545 2.88 -2.34 44.26
C ALA C 545 1.36 -2.45 44.16
N PHE C 546 0.78 -1.68 43.23
CA PHE C 546 -0.66 -1.69 42.99
C PHE C 546 -0.97 -1.15 41.61
N ALA C 547 -1.67 -1.94 40.80
CA ALA C 547 -2.05 -1.54 39.46
C ALA C 547 -3.56 -1.35 39.35
N VAL C 548 -3.97 -0.49 38.41
CA VAL C 548 -5.39 -0.26 38.14
C VAL C 548 -6.03 -1.57 37.70
N SER C 549 -5.22 -2.43 37.09
CA SER C 549 -5.60 -3.75 36.57
C SER C 549 -6.42 -4.55 37.56
N VAL C 550 -5.92 -4.61 38.80
CA VAL C 550 -6.48 -5.41 39.88
C VAL C 550 -7.99 -5.23 40.08
N LEU C 551 -8.48 -4.01 39.89
CA LEU C 551 -9.87 -3.69 40.15
C LEU C 551 -10.86 -4.19 39.08
N ASP C 552 -10.37 -4.55 37.89
CA ASP C 552 -11.22 -5.05 36.81
C ASP C 552 -12.17 -6.18 37.25
N SER C 553 -11.71 -6.96 38.24
CA SER C 553 -12.50 -8.04 38.82
C SER C 553 -13.83 -7.56 39.41
N LEU C 554 -13.81 -6.34 39.94
CA LEU C 554 -14.97 -5.76 40.62
C LEU C 554 -16.22 -5.77 39.77
N MET C 555 -16.06 -5.49 38.48
CA MET C 555 -17.15 -5.43 37.53
C MET C 555 -18.16 -6.55 37.71
N SER C 556 -17.70 -7.79 37.54
CA SER C 556 -18.54 -8.97 37.71
C SER C 556 -19.02 -9.09 39.15
N ALA C 557 -18.10 -8.91 40.08
CA ALA C 557 -18.39 -9.03 41.52
C ALA C 557 -19.48 -8.08 42.02
N THR C 558 -19.53 -6.86 41.48
CA THR C 558 -20.55 -5.88 41.89
C THR C 558 -21.86 -6.08 41.16
N TYR C 559 -21.82 -6.82 40.06
CA TYR C 559 -23.04 -7.30 39.43
C TYR C 559 -23.76 -8.22 40.39
N PHE C 560 -23.06 -9.26 40.87
CA PHE C 560 -23.63 -10.26 41.77
C PHE C 560 -24.18 -9.66 43.07
N ASN C 561 -23.44 -8.75 43.69
CA ASN C 561 -23.89 -8.13 44.93
C ASN C 561 -23.70 -6.63 44.93
N ASP C 562 -24.80 -5.90 44.78
CA ASP C 562 -24.78 -4.42 44.82
C ASP C 562 -24.07 -3.94 46.09
N ASN C 563 -24.37 -4.60 47.20
CA ASN C 563 -23.85 -4.27 48.52
C ASN C 563 -22.34 -4.23 48.54
N ILE C 564 -21.72 -5.26 47.96
CA ILE C 564 -20.26 -5.38 47.91
C ILE C 564 -19.60 -4.06 47.51
N LEU C 565 -20.05 -3.47 46.40
CA LEU C 565 -19.53 -2.20 45.93
C LEU C 565 -19.74 -1.07 46.93
N THR C 566 -20.92 -1.01 47.54
CA THR C 566 -21.20 0.04 48.52
C THR C 566 -20.46 -0.20 49.85
N LEU C 567 -20.20 -1.46 50.18
CA LEU C 567 -19.32 -1.77 51.29
C LEU C 567 -17.95 -1.15 51.02
N ILE C 568 -17.26 -1.62 49.99
CA ILE C 568 -15.89 -1.18 49.71
C ILE C 568 -15.77 0.33 49.65
N ARG C 569 -16.68 0.95 48.89
CA ARG C 569 -16.62 2.40 48.71
C ARG C 569 -16.67 3.06 50.09
N THR C 570 -17.60 2.59 50.92
CA THR C 570 -17.75 3.09 52.28
C THR C 570 -16.48 2.84 53.08
N LEU C 571 -16.00 1.61 53.06
CA LEU C 571 -14.79 1.24 53.79
C LEU C 571 -13.57 2.05 53.35
N VAL C 572 -13.38 2.16 52.04
CA VAL C 572 -12.15 2.72 51.47
C VAL C 572 -12.05 4.24 51.58
N THR C 573 -13.11 4.96 51.24
CA THR C 573 -13.08 6.42 51.19
C THR C 573 -13.37 7.13 52.52
N GLY C 574 -13.81 6.37 53.52
CA GLY C 574 -14.19 6.94 54.81
C GLY C 574 -15.69 7.17 54.88
N GLY C 575 -16.20 8.02 53.97
CA GLY C 575 -17.62 8.39 53.96
C GLY C 575 -18.30 8.27 52.60
N ALA C 576 -19.61 8.48 52.61
CA ALA C 576 -20.46 8.40 51.42
C ALA C 576 -21.78 9.14 51.66
N LEU C 580 -25.55 13.12 50.73
CA LEU C 580 -24.41 12.22 50.56
C LEU C 580 -23.68 12.54 49.26
N GLU C 581 -24.15 11.93 48.18
CA GLU C 581 -23.61 12.16 46.84
C GLU C 581 -24.03 13.50 46.24
N ALA C 582 -25.26 13.95 46.55
CA ALA C 582 -25.81 15.19 45.98
C ALA C 582 -25.06 16.45 46.42
N LEU C 583 -24.83 16.58 47.74
CA LEU C 583 -24.00 17.65 48.27
C LEU C 583 -22.64 17.60 47.56
N LEU C 584 -22.10 16.39 47.47
CA LEU C 584 -20.85 16.13 46.76
C LEU C 584 -20.95 16.36 45.24
N ALA C 585 -22.16 16.16 44.68
CA ALA C 585 -22.39 16.21 43.23
C ALA C 585 -22.66 17.62 42.69
N GLU C 586 -23.57 18.34 43.35
CA GLU C 586 -23.97 19.69 42.92
C GLU C 586 -22.75 20.58 42.74
N GLU C 587 -21.89 20.58 43.74
CA GLU C 587 -20.58 21.22 43.64
C GLU C 587 -19.44 20.27 43.90
N ASN C 588 -18.41 20.34 43.06
CA ASN C 588 -17.21 19.55 43.24
C ASN C 588 -16.41 20.04 44.45
N ALA C 589 -16.47 21.35 44.69
CA ALA C 589 -15.98 21.94 45.94
C ALA C 589 -16.87 21.49 47.10
N LEU C 590 -16.25 21.23 48.25
CA LEU C 590 -16.94 20.60 49.39
C LEU C 590 -17.30 21.58 50.51
N ARG C 591 -18.57 21.55 50.91
CA ARG C 591 -19.10 22.46 51.94
C ARG C 591 -18.68 22.04 53.34
N GLY C 592 -18.30 23.03 54.15
CA GLY C 592 -18.00 22.81 55.55
C GLY C 592 -19.01 23.56 56.40
N GLY C 593 -19.45 22.93 57.48
CA GLY C 593 -20.44 23.52 58.36
C GLY C 593 -20.13 23.42 59.83
N TYR C 594 -20.86 24.19 60.65
CA TYR C 594 -20.81 24.07 62.10
C TYR C 594 -21.36 22.72 62.54
N SER C 595 -20.71 22.10 63.52
CA SER C 595 -21.10 20.78 64.02
C SER C 595 -22.35 20.81 64.89
N THR C 596 -23.29 19.90 64.60
CA THR C 596 -24.46 19.66 65.43
C THR C 596 -24.21 18.36 66.20
N PRO C 597 -24.94 18.11 67.31
CA PRO C 597 -24.67 16.87 68.03
C PRO C 597 -25.02 15.64 67.19
N GLN C 598 -25.82 15.84 66.16
CA GLN C 598 -26.15 14.81 65.18
C GLN C 598 -24.98 14.52 64.22
N THR C 599 -24.16 15.54 63.96
CA THR C 599 -23.00 15.38 63.07
C THR C 599 -21.79 14.82 63.82
N LEU C 600 -21.51 15.38 65.00
CA LEU C 600 -20.46 14.88 65.89
C LEU C 600 -20.72 13.40 66.25
N ALA C 601 -21.94 12.94 65.94
CA ALA C 601 -22.34 11.55 66.14
C ALA C 601 -21.75 10.63 65.08
N ASN C 602 -21.52 11.18 63.89
CA ASN C 602 -21.02 10.39 62.76
C ASN C 602 -19.55 9.97 62.88
N ARG C 603 -18.81 10.63 63.78
CA ARG C 603 -17.41 10.31 64.00
C ARG C 603 -17.23 8.87 64.50
N ASP C 604 -18.33 8.24 64.87
CA ASP C 604 -18.33 6.93 65.54
C ASP C 604 -17.92 5.74 64.66
N ARG C 605 -17.76 5.97 63.36
CA ARG C 605 -17.31 4.92 62.43
C ARG C 605 -15.99 4.27 62.89
N CYS C 606 -15.86 2.98 62.62
CA CYS C 606 -14.63 2.24 62.90
C CYS C 606 -13.48 2.78 62.07
N ARG C 607 -12.29 2.23 62.26
CA ARG C 607 -11.13 2.62 61.46
C ARG C 607 -10.12 1.50 61.31
N VAL C 608 -9.49 1.45 60.14
CA VAL C 608 -8.46 0.47 59.85
C VAL C 608 -7.23 0.82 60.67
N ALA C 609 -6.57 -0.20 61.21
CA ALA C 609 -5.30 0.00 61.90
C ALA C 609 -4.48 -1.26 61.89
N GLN C 610 -3.18 -1.09 62.03
CA GLN C 610 -2.24 -2.20 62.07
C GLN C 610 -1.54 -2.19 63.42
N LEU C 611 -1.55 -3.33 64.10
CA LEU C 611 -1.05 -3.40 65.46
C LEU C 611 0.06 -4.41 65.60
N ALA C 612 0.88 -4.24 66.64
CA ALA C 612 1.97 -5.16 66.93
C ALA C 612 1.66 -6.02 68.15
N LEU C 613 2.21 -7.22 68.18
CA LEU C 613 2.06 -8.09 69.35
C LEU C 613 3.07 -7.69 70.44
N TYR C 614 4.27 -7.30 70.00
CA TYR C 614 5.36 -6.87 70.90
C TYR C 614 4.92 -5.87 71.99
N ASP C 615 4.24 -4.80 71.59
CA ASP C 615 3.79 -3.76 72.52
C ASP C 615 2.35 -4.03 72.94
N GLY C 616 1.75 -5.05 72.32
CA GLY C 616 0.33 -5.34 72.45
C GLY C 616 -0.20 -5.54 73.86
N PRO C 617 -1.47 -5.14 74.09
CA PRO C 617 -2.16 -5.50 75.32
C PRO C 617 -2.42 -7.01 75.32
N PHE C 618 -2.63 -7.57 74.14
CA PHE C 618 -2.82 -9.00 73.95
C PHE C 618 -1.50 -9.67 73.55
N ALA C 619 -0.38 -9.06 73.97
CA ALA C 619 0.98 -9.52 73.65
C ALA C 619 1.29 -10.94 74.11
N ASP C 620 0.78 -11.29 75.28
CA ASP C 620 1.01 -12.60 75.90
C ASP C 620 0.71 -13.78 74.97
N LEU C 621 -0.27 -13.59 74.07
CA LEU C 621 -0.66 -14.60 73.08
C LEU C 621 0.44 -14.86 72.03
N GLY C 622 1.21 -13.83 71.71
CA GLY C 622 2.34 -13.98 70.79
C GLY C 622 3.46 -14.84 71.37
N ASP C 623 4.40 -15.23 70.50
CA ASP C 623 5.51 -16.14 70.83
C ASP C 623 5.07 -17.62 70.84
N GLY C 624 3.97 -17.91 70.15
CA GLY C 624 3.52 -19.30 70.00
C GLY C 624 2.02 -19.53 70.07
N GLY C 625 1.29 -18.58 70.64
CA GLY C 625 -0.16 -18.72 70.83
C GLY C 625 -0.95 -18.80 69.54
N CYS C 626 -2.17 -19.35 69.63
CA CYS C 626 -3.05 -19.47 68.46
C CYS C 626 -3.78 -18.16 68.17
N TYR C 627 -3.91 -17.85 66.89
CA TYR C 627 -4.60 -16.66 66.44
C TYR C 627 -6.05 -16.68 66.89
N GLY C 628 -6.68 -17.85 66.78
CA GLY C 628 -8.05 -18.05 67.26
C GLY C 628 -8.27 -17.62 68.70
N ASP C 629 -7.36 -18.04 69.58
CA ASP C 629 -7.38 -17.62 70.98
C ASP C 629 -7.25 -16.09 71.13
N LEU C 630 -6.40 -15.47 70.31
CA LEU C 630 -6.24 -14.01 70.32
C LEU C 630 -7.48 -13.29 69.79
N PHE C 631 -7.93 -13.69 68.61
CA PHE C 631 -9.02 -13.02 67.92
C PHE C 631 -10.16 -12.69 68.89
N CYS C 632 -10.73 -13.73 69.50
CA CYS C 632 -11.87 -13.59 70.42
C CYS C 632 -11.57 -12.64 71.56
N LYS C 633 -10.44 -12.86 72.22
CA LYS C 633 -9.97 -11.97 73.29
C LYS C 633 -9.99 -10.52 72.82
N ALA C 634 -9.35 -10.26 71.68
CA ALA C 634 -9.29 -8.94 71.04
C ALA C 634 -10.68 -8.35 70.76
N LEU C 635 -11.60 -9.21 70.33
CA LEU C 635 -12.98 -8.78 70.02
C LEU C 635 -13.76 -8.40 71.27
N LYS C 636 -13.93 -9.36 72.18
CA LYS C 636 -14.75 -9.17 73.39
C LYS C 636 -14.24 -8.05 74.32
N THR C 637 -12.93 -7.91 74.40
CA THR C 637 -12.31 -6.93 75.30
C THR C 637 -12.31 -5.47 74.79
N TYR C 638 -12.10 -5.25 73.49
CA TYR C 638 -12.05 -3.89 72.91
C TYR C 638 -12.96 -3.67 71.70
N ASN C 639 -13.76 -4.67 71.36
CA ASN C 639 -14.58 -4.68 70.13
C ASN C 639 -13.76 -4.47 68.85
N MET C 640 -12.57 -5.06 68.85
CA MET C 640 -11.69 -5.06 67.68
C MET C 640 -11.92 -6.29 66.81
N LEU C 641 -11.93 -6.08 65.50
CA LEU C 641 -11.96 -7.19 64.55
C LEU C 641 -10.60 -7.40 63.95
N CYS C 642 -10.04 -8.58 64.14
CA CYS C 642 -8.80 -8.93 63.49
C CYS C 642 -9.13 -9.81 62.29
N PHE C 643 -8.72 -9.38 61.11
CA PHE C 643 -8.93 -10.16 59.90
C PHE C 643 -7.66 -10.58 59.17
N GLY C 644 -6.50 -10.21 59.70
CA GLY C 644 -5.26 -10.58 59.03
C GLY C 644 -3.98 -10.43 59.81
N ILE C 645 -3.04 -11.33 59.55
CA ILE C 645 -1.67 -11.20 60.02
C ILE C 645 -0.82 -10.64 58.88
N TYR C 646 0.04 -9.68 59.20
CA TYR C 646 0.98 -9.10 58.24
C TYR C 646 2.40 -9.55 58.62
N ARG C 647 2.66 -10.84 58.38
CA ARG C 647 3.89 -11.51 58.79
C ARG C 647 5.07 -11.11 57.94
N LEU C 648 6.26 -11.16 58.53
CA LEU C 648 7.51 -11.08 57.76
C LEU C 648 7.63 -12.31 56.86
N ARG C 649 8.39 -12.19 55.77
CA ARG C 649 8.50 -13.31 54.84
C ARG C 649 9.57 -14.34 55.25
N ASP C 650 9.72 -14.56 56.56
CA ASP C 650 10.75 -15.45 57.11
C ASP C 650 10.30 -16.30 58.31
N ALA C 651 10.54 -17.62 58.20
CA ALA C 651 10.23 -18.59 59.25
C ALA C 651 11.45 -19.46 59.60
N PRO C 656 17.48 -17.86 61.54
CA PRO C 656 18.01 -16.92 60.57
C PRO C 656 16.98 -15.85 60.20
N SER C 657 17.44 -14.61 60.00
CA SER C 657 16.56 -13.47 59.68
C SER C 657 17.33 -12.29 59.09
N GLN C 658 16.77 -11.67 58.05
CA GLN C 658 17.37 -10.46 57.47
C GLN C 658 16.41 -9.39 56.98
N CYS C 659 15.49 -9.78 56.10
CA CYS C 659 14.61 -8.83 55.41
C CYS C 659 13.51 -8.24 56.30
N THR C 660 12.95 -7.11 55.85
CA THR C 660 11.88 -6.41 56.59
C THR C 660 10.51 -6.57 55.92
N LYS C 661 10.53 -7.04 54.67
CA LYS C 661 9.32 -7.20 53.86
C LYS C 661 8.32 -8.13 54.52
N ARG C 662 7.07 -7.68 54.53
CA ARG C 662 5.99 -8.42 55.15
C ARG C 662 4.93 -8.70 54.11
N TYR C 663 4.38 -9.90 54.14
CA TYR C 663 3.31 -10.29 53.22
C TYR C 663 2.00 -10.48 53.97
N VAL C 664 0.90 -10.55 53.22
CA VAL C 664 -0.44 -10.49 53.81
C VAL C 664 -1.09 -11.86 53.88
N ILE C 665 -1.63 -12.19 55.06
CA ILE C 665 -2.42 -13.40 55.26
C ILE C 665 -3.84 -13.05 55.71
N THR C 666 -4.80 -13.20 54.81
CA THR C 666 -6.21 -12.90 55.09
C THR C 666 -6.91 -14.02 55.83
N ASN C 667 -7.62 -13.64 56.89
CA ASN C 667 -8.51 -14.53 57.65
C ASN C 667 -7.93 -15.89 58.01
N PRO C 668 -6.89 -15.90 58.88
CA PRO C 668 -6.26 -17.17 59.21
C PRO C 668 -7.15 -18.01 60.15
N PRO C 669 -6.95 -19.35 60.16
CA PRO C 669 -7.83 -20.27 60.92
C PRO C 669 -7.65 -20.13 62.43
N TYR C 670 -8.63 -20.66 63.18
CA TYR C 670 -8.61 -20.59 64.64
C TYR C 670 -7.39 -21.27 65.27
N GLU C 671 -6.76 -22.15 64.49
CA GLU C 671 -5.58 -22.88 64.93
C GLU C 671 -4.34 -22.43 64.14
N PHE C 672 -3.95 -21.18 64.31
CA PHE C 672 -2.83 -20.62 63.52
C PHE C 672 -1.72 -20.07 64.43
N GLU C 673 -0.53 -20.66 64.33
CA GLU C 673 0.61 -20.28 65.18
C GLU C 673 1.07 -18.86 64.89
N MET C 674 1.18 -18.07 65.95
CA MET C 674 1.70 -16.70 65.85
C MET C 674 3.20 -16.67 66.03
N VAL C 675 3.76 -15.47 66.05
CA VAL C 675 5.19 -15.20 66.24
C VAL C 675 5.21 -13.83 66.95
N PRO C 676 6.33 -13.47 67.61
CA PRO C 676 6.39 -12.09 68.13
C PRO C 676 6.43 -11.01 67.03
N THR C 677 7.01 -11.36 65.88
CA THR C 677 7.24 -10.43 64.79
C THR C 677 5.96 -10.03 64.02
N ASP C 678 4.87 -10.78 64.25
CA ASP C 678 3.62 -10.56 63.51
C ASP C 678 2.99 -9.19 63.74
N LEU C 679 2.18 -8.78 62.76
CA LEU C 679 1.37 -7.59 62.85
C LEU C 679 -0.10 -7.93 62.58
N ILE C 680 -1.02 -7.13 63.11
CA ILE C 680 -2.43 -7.44 62.99
C ILE C 680 -3.23 -6.39 62.23
N PHE C 681 -3.82 -6.80 61.11
CA PHE C 681 -4.83 -6.00 60.42
C PHE C 681 -6.12 -6.06 61.24
N CYS C 682 -6.71 -4.90 61.52
CA CYS C 682 -7.91 -4.85 62.33
C CYS C 682 -8.74 -3.59 62.18
N LEU C 683 -10.01 -3.70 62.55
CA LEU C 683 -10.92 -2.56 62.57
C LEU C 683 -11.20 -2.20 64.03
N MET C 684 -10.65 -1.07 64.47
CA MET C 684 -10.84 -0.60 65.83
C MET C 684 -12.04 0.31 65.91
N GLN C 685 -12.63 0.39 67.10
CA GLN C 685 -13.76 1.28 67.35
C GLN C 685 -13.29 2.73 67.52
N PHE C 686 -14.21 3.61 67.90
CA PHE C 686 -13.85 5.00 68.14
C PHE C 686 -14.18 5.46 69.57
N LYS D 4 -34.46 25.96 -20.81
CA LYS D 4 -33.82 26.56 -19.60
C LYS D 4 -33.09 25.51 -18.78
N HIS D 5 -31.91 25.86 -18.27
CA HIS D 5 -31.12 24.96 -17.42
C HIS D 5 -30.39 25.70 -16.35
N ILE D 6 -30.01 24.99 -15.29
CA ILE D 6 -29.24 25.57 -14.18
C ILE D 6 -27.94 24.82 -13.90
N VAL D 7 -27.00 25.52 -13.29
CA VAL D 7 -25.71 24.94 -12.95
C VAL D 7 -25.54 24.92 -11.44
N VAL D 8 -25.46 23.72 -10.87
CA VAL D 8 -25.21 23.55 -9.44
C VAL D 8 -23.75 23.17 -9.22
N CYS D 9 -23.08 23.84 -8.28
CA CYS D 9 -21.66 23.64 -8.06
C CYS D 9 -21.31 23.80 -6.59
N GLY D 10 -20.02 23.81 -6.28
CA GLY D 10 -19.55 23.90 -4.91
C GLY D 10 -19.52 22.51 -4.28
N HIS D 11 -19.89 22.45 -3.00
CA HIS D 11 -19.87 21.19 -2.26
C HIS D 11 -21.01 20.29 -2.66
N ILE D 12 -20.70 19.39 -3.58
CA ILE D 12 -21.65 18.43 -4.12
C ILE D 12 -21.34 17.00 -3.67
N THR D 13 -22.11 16.52 -2.71
CA THR D 13 -21.99 15.17 -2.19
C THR D 13 -23.22 14.41 -2.63
N LEU D 14 -23.10 13.08 -2.66
CA LEU D 14 -24.27 12.22 -2.85
C LEU D 14 -25.44 12.71 -2.02
N GLU D 15 -25.20 12.93 -0.72
CA GLU D 15 -26.24 13.36 0.19
C GLU D 15 -26.83 14.73 -0.20
N SER D 16 -25.97 15.63 -0.68
CA SER D 16 -26.41 16.99 -0.99
C SER D 16 -27.21 17.04 -2.29
N VAL D 17 -26.77 16.26 -3.27
CA VAL D 17 -27.45 16.11 -4.55
C VAL D 17 -28.85 15.54 -4.35
N SER D 18 -28.93 14.40 -3.68
CA SER D 18 -30.21 13.73 -3.42
C SER D 18 -31.19 14.66 -2.73
N ASN D 19 -30.71 15.36 -1.71
CA ASN D 19 -31.52 16.34 -1.00
C ASN D 19 -31.97 17.49 -1.87
N PHE D 20 -31.09 17.95 -2.76
CA PHE D 20 -31.42 19.04 -3.67
C PHE D 20 -32.50 18.63 -4.65
N LEU D 21 -32.38 17.42 -5.17
CA LEU D 21 -33.32 16.93 -6.17
C LEU D 21 -34.72 16.71 -5.60
N LYS D 22 -34.82 16.21 -4.38
CA LYS D 22 -36.10 16.01 -3.72
C LYS D 22 -36.88 17.32 -3.64
N ASP D 23 -36.22 18.37 -3.18
CA ASP D 23 -36.86 19.67 -2.94
C ASP D 23 -37.23 20.41 -4.23
N PHE D 24 -36.64 19.97 -5.33
CA PHE D 24 -36.81 20.67 -6.60
C PHE D 24 -38.14 20.33 -7.31
N LEU D 25 -38.61 19.09 -7.20
CA LEU D 25 -39.61 18.56 -8.16
C LEU D 25 -40.87 17.89 -7.56
N HIS D 26 -41.63 18.61 -6.74
CA HIS D 26 -42.66 17.96 -5.91
C HIS D 26 -44.10 18.25 -6.29
N LYS D 27 -44.60 19.35 -5.73
CA LYS D 27 -45.96 19.84 -5.95
C LYS D 27 -45.92 21.08 -6.85
N ASP D 28 -44.72 21.59 -7.07
CA ASP D 28 -44.49 22.80 -7.85
C ASP D 28 -45.13 22.68 -9.25
N ARG D 29 -45.56 23.81 -9.79
CA ARG D 29 -46.37 23.85 -11.02
C ARG D 29 -45.74 23.11 -12.21
N ASP D 30 -44.50 23.46 -12.54
CA ASP D 30 -43.79 22.83 -13.66
C ASP D 30 -42.33 22.53 -13.35
N ASP D 31 -41.95 21.26 -13.51
CA ASP D 31 -40.58 20.82 -13.34
C ASP D 31 -39.95 20.41 -14.68
N VAL D 32 -40.81 20.21 -15.68
CA VAL D 32 -40.39 19.79 -17.03
C VAL D 32 -39.44 20.77 -17.71
N ASN D 33 -39.49 22.03 -17.29
CA ASN D 33 -38.73 23.13 -17.90
C ASN D 33 -37.22 23.13 -17.65
N VAL D 34 -36.79 22.78 -16.45
CA VAL D 34 -35.39 22.98 -16.04
C VAL D 34 -34.53 21.72 -16.08
N GLU D 35 -33.36 21.83 -16.73
CA GLU D 35 -32.35 20.78 -16.70
C GLU D 35 -31.27 21.17 -15.68
N ILE D 36 -31.03 20.27 -14.73
CA ILE D 36 -30.04 20.50 -13.68
C ILE D 36 -28.69 19.92 -14.08
N VAL D 37 -27.68 20.78 -14.17
CA VAL D 37 -26.33 20.35 -14.47
C VAL D 37 -25.40 20.54 -13.27
N PHE D 38 -25.01 19.43 -12.65
CA PHE D 38 -24.10 19.46 -11.52
C PHE D 38 -22.68 19.57 -12.03
N LEU D 39 -21.89 20.39 -11.35
CA LEU D 39 -20.47 20.50 -11.64
C LEU D 39 -19.65 20.35 -10.38
N HIS D 40 -18.97 19.21 -10.24
CA HIS D 40 -18.13 18.91 -9.09
C HIS D 40 -16.69 18.90 -9.50
N ASN D 41 -15.78 18.66 -8.56
CA ASN D 41 -14.38 18.43 -8.91
C ASN D 41 -13.84 17.13 -8.27
N ILE D 42 -14.72 16.41 -7.59
CA ILE D 42 -14.37 15.16 -6.94
C ILE D 42 -14.29 14.00 -7.95
N SER D 43 -13.77 12.86 -7.50
CA SER D 43 -13.70 11.64 -8.30
C SER D 43 -15.05 11.28 -8.92
N PRO D 44 -15.08 11.11 -10.26
CA PRO D 44 -16.31 10.89 -11.02
C PRO D 44 -17.34 9.96 -10.37
N ASN D 45 -16.90 8.76 -9.98
CA ASN D 45 -17.80 7.69 -9.49
C ASN D 45 -18.96 7.46 -10.47
N LEU D 46 -18.61 7.26 -11.75
CA LEU D 46 -19.58 7.19 -12.84
C LEU D 46 -20.78 6.30 -12.52
N GLU D 47 -20.51 5.17 -11.87
CA GLU D 47 -21.55 4.21 -11.51
C GLU D 47 -22.69 4.82 -10.66
N LEU D 48 -22.32 5.50 -9.57
CA LEU D 48 -23.31 6.11 -8.68
C LEU D 48 -24.13 7.17 -9.44
N GLU D 49 -23.43 7.94 -10.27
CA GLU D 49 -24.05 8.96 -11.11
C GLU D 49 -24.93 8.33 -12.18
N ALA D 50 -24.44 7.24 -12.78
CA ALA D 50 -25.12 6.57 -13.89
C ALA D 50 -26.61 6.37 -13.61
N LEU D 51 -26.91 5.82 -12.45
CA LEU D 51 -28.29 5.52 -12.04
C LEU D 51 -29.15 6.78 -11.94
N PHE D 52 -28.58 7.82 -11.34
CA PHE D 52 -29.26 9.11 -11.21
C PHE D 52 -29.83 9.57 -12.55
N LYS D 53 -28.95 9.64 -13.55
CA LYS D 53 -29.31 10.09 -14.89
C LYS D 53 -30.48 9.29 -15.47
N ARG D 54 -30.57 8.02 -15.08
CA ARG D 54 -31.67 7.14 -15.50
C ARG D 54 -33.01 7.49 -14.84
N HIS D 55 -32.99 7.88 -13.57
CA HIS D 55 -34.24 8.29 -12.89
C HIS D 55 -34.70 9.65 -13.32
N PHE D 56 -33.81 10.64 -13.29
CA PHE D 56 -34.15 11.99 -13.74
C PHE D 56 -33.44 12.24 -15.06
N THR D 57 -34.20 12.49 -16.12
CA THR D 57 -33.62 12.74 -17.45
C THR D 57 -33.22 14.21 -17.59
N GLN D 58 -33.21 14.91 -16.45
CA GLN D 58 -32.95 16.34 -16.42
C GLN D 58 -31.61 16.63 -15.75
N VAL D 59 -30.86 15.57 -15.46
CA VAL D 59 -29.67 15.66 -14.63
C VAL D 59 -28.43 15.22 -15.37
N GLU D 60 -27.43 16.10 -15.45
CA GLU D 60 -26.13 15.78 -16.06
C GLU D 60 -24.97 16.14 -15.13
N PHE D 61 -23.97 15.27 -15.08
CA PHE D 61 -22.80 15.45 -14.20
C PHE D 61 -21.56 15.72 -15.03
N TYR D 62 -20.80 16.76 -14.67
CA TYR D 62 -19.52 17.03 -15.31
C TYR D 62 -18.53 17.39 -14.23
N GLN D 63 -17.30 16.89 -14.34
CA GLN D 63 -16.29 17.27 -13.37
C GLN D 63 -15.41 18.38 -13.92
N GLY D 64 -14.80 19.13 -13.00
CA GLY D 64 -14.00 20.31 -13.33
C GLY D 64 -14.20 21.38 -12.27
N SER D 65 -13.50 22.50 -12.43
CA SER D 65 -13.60 23.59 -11.47
C SER D 65 -14.52 24.69 -11.96
N VAL D 66 -15.00 25.52 -11.02
CA VAL D 66 -15.81 26.69 -11.35
C VAL D 66 -14.87 27.87 -11.63
N LEU D 67 -13.57 27.62 -11.45
CA LEU D 67 -12.55 28.62 -11.63
C LEU D 67 -11.84 28.42 -12.96
N ASN D 68 -12.39 27.54 -13.80
CA ASN D 68 -11.80 27.26 -15.09
C ASN D 68 -12.68 27.72 -16.24
N PRO D 69 -12.29 28.81 -16.92
CA PRO D 69 -13.09 29.41 -17.99
C PRO D 69 -13.55 28.41 -19.03
N HIS D 70 -12.76 27.36 -19.26
CA HIS D 70 -13.14 26.28 -20.18
C HIS D 70 -14.30 25.49 -19.65
N ASP D 71 -14.23 25.12 -18.38
CA ASP D 71 -15.28 24.34 -17.75
C ASP D 71 -16.60 25.09 -17.67
N LEU D 72 -16.53 26.38 -17.33
CA LEU D 72 -17.72 27.21 -17.27
C LEU D 72 -18.41 27.27 -18.62
N ALA D 73 -17.61 27.32 -19.68
CA ALA D 73 -18.10 27.31 -21.06
C ALA D 73 -18.63 25.95 -21.47
N ARG D 74 -18.01 24.90 -20.94
CA ARG D 74 -18.42 23.53 -21.23
C ARG D 74 -19.79 23.22 -20.64
N VAL D 75 -20.03 23.75 -19.44
CA VAL D 75 -21.30 23.59 -18.75
C VAL D 75 -22.30 24.64 -19.24
N LYS D 76 -21.80 25.57 -20.04
CA LYS D 76 -22.60 26.66 -20.60
C LYS D 76 -23.31 27.47 -19.50
N ILE D 77 -22.49 28.04 -18.61
CA ILE D 77 -22.96 28.84 -17.48
C ILE D 77 -23.61 30.13 -17.96
N GLU D 78 -23.07 30.67 -19.06
CA GLU D 78 -23.54 31.94 -19.65
C GLU D 78 -25.00 31.93 -20.09
N SER D 79 -25.47 30.77 -20.55
CA SER D 79 -26.83 30.60 -21.01
C SER D 79 -27.74 30.25 -19.85
N ALA D 80 -27.20 29.51 -18.88
CA ALA D 80 -27.98 28.98 -17.75
C ALA D 80 -28.82 30.03 -17.03
N ASP D 81 -30.06 29.63 -16.70
CA ASP D 81 -30.99 30.47 -15.97
C ASP D 81 -30.37 31.04 -14.69
N ALA D 82 -29.78 30.15 -13.89
CA ALA D 82 -29.15 30.53 -12.63
C ALA D 82 -28.08 29.53 -12.25
N CYS D 83 -27.19 29.96 -11.36
CA CYS D 83 -26.16 29.08 -10.82
C CYS D 83 -26.23 29.02 -9.30
N LEU D 84 -26.30 27.81 -8.76
CA LEU D 84 -26.40 27.64 -7.31
C LEU D 84 -25.12 27.05 -6.74
N ILE D 85 -24.60 27.71 -5.70
CA ILE D 85 -23.37 27.30 -5.04
C ILE D 85 -23.69 26.74 -3.63
N LEU D 86 -23.65 25.41 -3.53
CA LEU D 86 -23.84 24.74 -2.26
C LEU D 86 -22.56 24.75 -1.42
N ALA D 87 -22.74 24.94 -0.11
CA ALA D 87 -21.62 25.07 0.80
C ALA D 87 -21.48 23.84 1.68
N ASN D 88 -20.30 23.67 2.26
CA ASN D 88 -20.06 22.62 3.24
C ASN D 88 -20.54 23.05 4.62
N LYS D 89 -21.83 22.86 4.88
CA LYS D 89 -22.43 23.29 6.15
C LYS D 89 -21.62 22.79 7.33
N TYR D 90 -21.24 21.52 7.29
CA TYR D 90 -20.50 20.87 8.39
C TYR D 90 -19.01 20.90 8.09
N CYS D 91 -18.53 22.10 7.79
CA CYS D 91 -17.16 22.34 7.39
C CYS D 91 -16.18 22.30 8.56
N ALA D 92 -14.89 22.24 8.25
CA ALA D 92 -13.81 22.33 9.24
C ALA D 92 -13.60 23.76 9.74
N ASP D 93 -13.31 24.68 8.81
CA ASP D 93 -13.17 26.09 9.13
C ASP D 93 -14.20 26.91 8.34
N PRO D 94 -15.25 27.40 9.02
CA PRO D 94 -16.33 28.14 8.38
C PRO D 94 -15.87 29.36 7.57
N ASP D 95 -14.97 30.15 8.14
CA ASP D 95 -14.43 31.32 7.46
C ASP D 95 -13.73 30.94 6.16
N ALA D 96 -12.94 29.87 6.22
CA ALA D 96 -12.23 29.36 5.06
C ALA D 96 -13.20 28.87 3.98
N GLU D 97 -14.32 28.30 4.40
CA GLU D 97 -15.31 27.81 3.45
C GLU D 97 -15.95 28.96 2.67
N ASP D 98 -16.39 29.99 3.38
CA ASP D 98 -16.97 31.18 2.75
C ASP D 98 -15.94 31.82 1.82
N ALA D 99 -14.71 31.96 2.31
CA ALA D 99 -13.62 32.46 1.50
C ALA D 99 -13.59 31.74 0.17
N SER D 100 -13.66 30.41 0.22
CA SER D 100 -13.61 29.56 -0.97
C SER D 100 -14.83 29.79 -1.87
N ASN D 101 -16.01 29.85 -1.27
CA ASN D 101 -17.24 30.07 -2.02
C ASN D 101 -17.32 31.45 -2.67
N ILE D 102 -16.86 32.47 -1.95
CA ILE D 102 -16.82 33.84 -2.48
C ILE D 102 -15.99 33.86 -3.78
N MET D 103 -14.86 33.16 -3.76
CA MET D 103 -14.01 33.05 -4.94
C MET D 103 -14.76 32.50 -6.15
N ARG D 104 -15.62 31.51 -5.93
CA ARG D 104 -16.46 30.96 -7.00
C ARG D 104 -17.37 32.06 -7.54
N VAL D 105 -18.06 32.76 -6.65
CA VAL D 105 -18.94 33.85 -7.06
C VAL D 105 -18.14 34.82 -7.92
N ILE D 106 -16.98 35.25 -7.43
CA ILE D 106 -16.08 36.13 -8.19
C ILE D 106 -15.82 35.56 -9.58
N SER D 107 -15.46 34.27 -9.65
CA SER D 107 -15.13 33.59 -10.90
C SER D 107 -16.31 33.46 -11.87
N ILE D 108 -17.46 33.01 -11.35
CA ILE D 108 -18.68 32.88 -12.15
C ILE D 108 -19.11 34.25 -12.69
N LYS D 109 -18.92 35.29 -11.88
CA LYS D 109 -19.20 36.66 -12.31
C LYS D 109 -18.16 37.16 -13.30
N ASN D 110 -16.90 36.75 -13.12
CA ASN D 110 -15.83 37.09 -14.05
C ASN D 110 -16.12 36.58 -15.46
N TYR D 111 -16.60 35.34 -15.56
CA TYR D 111 -16.89 34.73 -16.84
C TYR D 111 -18.09 35.36 -17.52
N HIS D 112 -19.18 35.53 -16.76
CA HIS D 112 -20.38 36.15 -17.30
C HIS D 112 -21.11 36.82 -16.17
N PRO D 113 -21.12 38.16 -16.17
CA PRO D 113 -21.61 38.95 -15.03
C PRO D 113 -23.13 38.90 -14.86
N LYS D 114 -23.86 38.86 -15.97
CA LYS D 114 -25.33 38.85 -15.94
C LYS D 114 -25.89 37.44 -15.67
N ILE D 115 -25.48 36.87 -14.54
CA ILE D 115 -25.95 35.55 -14.11
C ILE D 115 -26.63 35.68 -12.76
N ARG D 116 -27.66 34.88 -12.55
CA ARG D 116 -28.28 34.77 -11.24
C ARG D 116 -27.48 33.76 -10.39
N ILE D 117 -27.04 34.21 -9.23
CA ILE D 117 -26.26 33.36 -8.33
C ILE D 117 -26.94 33.22 -6.96
N ILE D 118 -27.36 32.01 -6.64
CA ILE D 118 -27.85 31.69 -5.30
C ILE D 118 -26.71 31.00 -4.57
N THR D 119 -26.30 31.53 -3.42
CA THR D 119 -25.18 30.94 -2.67
C THR D 119 -25.40 30.86 -1.17
N GLN D 120 -24.87 29.78 -0.57
CA GLN D 120 -24.95 29.59 0.88
C GLN D 120 -23.74 30.21 1.57
N MET D 121 -23.98 30.81 2.73
CA MET D 121 -22.91 31.40 3.54
C MET D 121 -22.98 30.92 4.98
N LEU D 122 -21.82 30.58 5.53
CA LEU D 122 -21.76 30.01 6.86
C LEU D 122 -21.72 31.05 7.98
N GLN D 123 -21.05 32.17 7.74
CA GLN D 123 -20.93 33.24 8.73
C GLN D 123 -21.53 34.51 8.15
N TYR D 124 -22.24 35.30 8.95
CA TYR D 124 -22.81 36.55 8.44
C TYR D 124 -21.72 37.49 7.95
N HIS D 125 -20.75 37.78 8.81
CA HIS D 125 -19.73 38.79 8.51
C HIS D 125 -19.15 38.68 7.12
N ASN D 126 -19.03 37.44 6.62
CA ASN D 126 -18.55 37.17 5.28
C ASN D 126 -19.55 37.53 4.19
N LYS D 127 -20.83 37.39 4.49
CA LYS D 127 -21.91 37.69 3.56
C LYS D 127 -21.80 39.12 3.04
N ALA D 128 -21.38 40.02 3.91
CA ALA D 128 -21.13 41.41 3.55
C ALA D 128 -20.20 41.54 2.33
N HIS D 129 -19.08 40.81 2.35
CA HIS D 129 -18.05 40.86 1.28
C HIS D 129 -18.60 40.73 -0.10
N LEU D 130 -19.70 39.99 -0.25
CA LEU D 130 -20.29 39.73 -1.57
C LEU D 130 -20.73 41.00 -2.29
N LEU D 131 -20.95 42.07 -1.53
CA LEU D 131 -21.37 43.35 -2.08
C LEU D 131 -20.22 44.10 -2.79
N ASN D 132 -18.98 43.79 -2.37
CA ASN D 132 -17.78 44.34 -2.99
C ASN D 132 -17.58 43.85 -4.41
N ILE D 133 -18.13 42.69 -4.71
CA ILE D 133 -18.07 42.16 -6.07
C ILE D 133 -18.96 42.98 -6.99
N PRO D 134 -18.36 43.58 -8.04
CA PRO D 134 -19.01 44.50 -8.98
C PRO D 134 -20.31 43.96 -9.60
N SER D 135 -20.28 42.71 -10.07
CA SER D 135 -21.39 42.18 -10.83
C SER D 135 -22.52 41.64 -9.96
N TRP D 136 -22.30 41.66 -8.64
CA TRP D 136 -23.28 41.17 -7.67
C TRP D 136 -24.46 42.09 -7.60
N ASN D 137 -25.62 41.57 -7.99
CA ASN D 137 -26.86 42.36 -8.03
C ASN D 137 -27.89 41.98 -6.96
N TRP D 138 -27.86 42.68 -5.83
CA TRP D 138 -28.82 42.48 -4.74
C TRP D 138 -30.22 42.79 -5.15
N LYS D 139 -30.34 43.66 -6.16
CA LYS D 139 -31.62 44.09 -6.72
C LYS D 139 -32.08 43.19 -7.86
N GLU D 140 -31.14 42.59 -8.60
CA GLU D 140 -31.48 41.54 -9.56
C GLU D 140 -31.61 40.20 -8.81
N GLY D 141 -31.49 39.08 -9.53
CA GLY D 141 -31.74 37.75 -8.97
C GLY D 141 -30.79 37.23 -7.90
N ASP D 142 -29.57 37.75 -7.89
CA ASP D 142 -28.52 37.33 -6.95
C ASP D 142 -28.99 37.48 -5.51
N ASP D 143 -28.89 36.39 -4.75
CA ASP D 143 -29.22 36.38 -3.35
C ASP D 143 -28.34 35.37 -2.62
N ALA D 144 -27.98 35.68 -1.38
CA ALA D 144 -27.16 34.77 -0.58
C ALA D 144 -27.88 34.32 0.69
N ILE D 145 -28.12 33.02 0.77
CA ILE D 145 -28.73 32.43 1.95
C ILE D 145 -27.71 32.30 3.07
N CYS D 146 -27.75 33.20 4.04
CA CYS D 146 -26.84 33.09 5.16
C CYS D 146 -27.38 32.11 6.18
N LEU D 147 -26.72 30.97 6.30
CA LEU D 147 -27.16 29.91 7.19
C LEU D 147 -27.06 30.29 8.66
N ALA D 148 -26.00 31.00 9.03
CA ALA D 148 -25.84 31.44 10.42
C ALA D 148 -27.00 32.32 10.87
N GLU D 149 -27.36 33.30 10.04
CA GLU D 149 -28.35 34.30 10.41
C GLU D 149 -29.76 33.72 10.49
N LEU D 150 -30.05 32.76 9.63
CA LEU D 150 -31.38 32.14 9.61
C LEU D 150 -31.54 31.13 10.74
N LYS D 151 -30.55 30.25 10.92
CA LYS D 151 -30.56 29.28 12.03
C LYS D 151 -30.84 30.03 13.31
N ALA D 152 -30.09 31.11 13.53
CA ALA D 152 -30.24 31.93 14.72
C ALA D 152 -31.64 32.52 14.83
N GLY D 153 -32.10 33.13 13.75
CA GLY D 153 -33.42 33.75 13.71
C GLY D 153 -34.56 32.78 13.97
N PHE D 154 -34.49 31.60 13.37
CA PHE D 154 -35.53 30.59 13.58
C PHE D 154 -35.62 30.20 15.06
N ILE D 155 -34.47 30.05 15.69
CA ILE D 155 -34.42 29.74 17.12
C ILE D 155 -34.95 30.93 17.94
N ALA D 156 -34.58 32.13 17.51
CA ALA D 156 -35.03 33.36 18.16
C ALA D 156 -36.55 33.46 18.11
N GLN D 157 -37.10 33.18 16.93
CA GLN D 157 -38.53 33.23 16.72
C GLN D 157 -39.27 32.23 17.59
N SER D 158 -38.57 31.17 18.00
CA SER D 158 -39.14 30.19 18.92
C SER D 158 -39.21 30.67 20.37
N CYS D 159 -38.39 31.65 20.73
CA CYS D 159 -38.46 32.25 22.05
C CYS D 159 -39.74 33.04 22.25
N LEU D 160 -40.20 33.67 21.18
CA LEU D 160 -41.45 34.41 21.18
C LEU D 160 -42.64 33.45 21.14
N ALA D 161 -42.64 32.55 20.17
CA ALA D 161 -43.68 31.52 20.05
C ALA D 161 -43.05 30.14 19.91
N GLN D 162 -43.03 29.37 21.00
CA GLN D 162 -42.39 28.06 20.97
C GLN D 162 -43.02 27.15 19.94
N GLY D 163 -42.16 26.60 19.09
CA GLY D 163 -42.58 25.71 18.02
C GLY D 163 -42.61 26.41 16.68
N LEU D 164 -42.44 27.73 16.69
CA LEU D 164 -42.44 28.48 15.45
C LEU D 164 -41.31 28.02 14.52
N SER D 165 -40.14 27.74 15.09
CA SER D 165 -38.99 27.27 14.33
C SER D 165 -39.36 26.13 13.39
N THR D 166 -39.99 25.08 13.93
CA THR D 166 -40.33 23.90 13.12
C THR D 166 -41.56 24.11 12.26
N MET D 167 -42.40 25.06 12.66
CA MET D 167 -43.58 25.41 11.88
C MET D 167 -43.16 26.16 10.64
N LEU D 168 -42.20 27.05 10.83
CA LEU D 168 -41.68 27.91 9.78
C LEU D 168 -40.72 27.14 8.87
N ALA D 169 -40.32 25.95 9.32
CA ALA D 169 -39.40 25.13 8.55
C ALA D 169 -40.14 24.14 7.64
N ASN D 170 -41.13 23.44 8.19
CA ASN D 170 -41.96 22.51 7.42
C ASN D 170 -42.72 23.22 6.31
N LEU D 171 -43.06 24.47 6.60
CA LEU D 171 -43.74 25.36 5.69
C LEU D 171 -42.90 25.57 4.42
N PHE D 172 -41.58 25.53 4.57
CA PHE D 172 -40.64 25.89 3.50
C PHE D 172 -40.16 24.73 2.67
N SER D 173 -40.00 23.58 3.32
CA SER D 173 -39.57 22.37 2.65
C SER D 173 -40.74 21.78 1.90
N MET D 174 -40.58 21.62 0.58
CA MET D 174 -41.62 21.04 -0.28
C MET D 174 -41.92 19.61 0.15
N ARG D 175 -43.13 19.41 0.66
CA ARG D 175 -43.61 18.09 1.13
C ARG D 175 -45.10 17.93 0.89
N SER D 176 -45.50 16.67 0.67
CA SER D 176 -46.89 16.35 0.32
C SER D 176 -47.67 15.71 1.46
N TYR D 177 -48.98 15.58 1.25
CA TYR D 177 -49.93 15.09 2.25
C TYR D 177 -49.80 13.57 2.47
N ILE D 178 -49.90 13.14 3.73
CA ILE D 178 -49.63 11.74 4.06
C ILE D 178 -50.85 10.93 4.51
N LYS D 179 -51.78 11.56 5.23
CA LYS D 179 -53.05 10.92 5.62
C LYS D 179 -52.89 9.62 6.40
N ILE D 180 -52.31 9.71 7.59
CA ILE D 180 -52.26 8.55 8.48
C ILE D 180 -53.68 8.23 8.98
N GLU D 181 -54.06 6.96 8.87
CA GLU D 181 -55.43 6.53 9.17
C GLU D 181 -55.76 6.58 10.66
N GLU D 182 -54.87 6.02 11.48
CA GLU D 182 -55.06 5.95 12.93
C GLU D 182 -55.02 7.32 13.59
N ASP D 183 -55.78 7.47 14.67
CA ASP D 183 -55.82 8.71 15.44
C ASP D 183 -54.63 8.83 16.40
N THR D 184 -53.65 9.64 16.02
CA THR D 184 -52.53 10.06 16.87
C THR D 184 -52.12 11.45 16.40
N TRP D 185 -51.28 12.12 17.18
CA TRP D 185 -50.83 13.46 16.81
C TRP D 185 -50.16 13.54 15.46
N GLN D 186 -49.53 12.44 15.04
CA GLN D 186 -48.90 12.34 13.72
C GLN D 186 -49.85 12.83 12.65
N LYS D 187 -51.07 12.31 12.67
CA LYS D 187 -52.14 12.68 11.73
C LYS D 187 -52.25 14.19 11.59
N TYR D 188 -52.51 14.86 12.70
CA TYR D 188 -52.75 16.29 12.71
C TYR D 188 -51.51 17.09 12.35
N TYR D 189 -50.37 16.65 12.87
CA TYR D 189 -49.09 17.27 12.58
C TYR D 189 -48.81 17.24 11.08
N LEU D 190 -48.99 16.07 10.49
CA LEU D 190 -48.68 15.85 9.08
C LEU D 190 -49.66 16.56 8.16
N GLU D 191 -50.92 16.62 8.58
CA GLU D 191 -51.94 17.35 7.83
C GLU D 191 -51.50 18.81 7.68
N GLY D 192 -50.75 19.31 8.67
CA GLY D 192 -50.14 20.64 8.60
C GLY D 192 -48.89 20.66 7.76
N VAL D 193 -48.00 19.70 8.02
CA VAL D 193 -46.73 19.56 7.29
C VAL D 193 -46.89 19.63 5.76
N ALA D 194 -47.98 19.05 5.28
CA ALA D 194 -48.35 19.01 3.85
C ALA D 194 -48.28 20.37 3.16
N ASN D 195 -48.16 21.41 3.97
CA ASN D 195 -48.01 22.76 3.48
C ASN D 195 -46.64 23.12 2.91
N GLU D 196 -46.69 24.12 2.06
CA GLU D 196 -45.56 24.74 1.43
C GLU D 196 -46.10 26.13 1.13
N MET D 197 -45.28 27.16 1.24
CA MET D 197 -45.76 28.53 1.05
C MET D 197 -45.53 29.05 -0.37
N TYR D 198 -46.61 29.36 -1.08
CA TYR D 198 -46.50 29.76 -2.49
C TYR D 198 -46.80 31.23 -2.73
N THR D 199 -46.32 31.73 -3.88
CA THR D 199 -46.51 33.12 -4.26
C THR D 199 -47.53 33.22 -5.41
N GLU D 200 -48.46 34.16 -5.29
CA GLU D 200 -49.50 34.39 -6.31
C GLU D 200 -50.01 35.83 -6.38
N TYR D 201 -50.39 36.24 -7.58
CA TYR D 201 -51.00 37.54 -7.81
C TYR D 201 -52.48 37.53 -7.46
N LEU D 202 -52.93 38.60 -6.83
CA LEU D 202 -54.32 38.75 -6.42
C LEU D 202 -55.21 39.04 -7.64
N SER D 203 -56.41 38.46 -7.63
CA SER D 203 -57.42 38.73 -8.65
C SER D 203 -57.81 40.21 -8.64
N SER D 204 -58.13 40.74 -9.82
CA SER D 204 -58.56 42.12 -9.98
C SER D 204 -59.73 42.47 -9.03
N ALA D 205 -60.50 41.45 -8.67
CA ALA D 205 -61.67 41.61 -7.81
C ALA D 205 -61.36 42.26 -6.46
N PHE D 206 -60.21 41.92 -5.88
CA PHE D 206 -59.86 42.37 -4.53
C PHE D 206 -59.42 43.83 -4.45
N VAL D 207 -59.06 44.43 -5.59
CA VAL D 207 -58.56 45.81 -5.65
C VAL D 207 -59.38 46.76 -4.77
N GLY D 208 -58.69 47.52 -3.92
CA GLY D 208 -59.34 48.54 -3.10
C GLY D 208 -59.84 48.07 -1.75
N LEU D 209 -60.13 46.77 -1.63
CA LEU D 209 -60.55 46.19 -0.35
C LEU D 209 -59.42 46.28 0.68
N SER D 210 -59.77 46.13 1.94
CA SER D 210 -58.77 46.08 3.01
C SER D 210 -58.17 44.69 3.12
N PHE D 211 -56.86 44.60 3.35
CA PHE D 211 -56.19 43.31 3.47
C PHE D 211 -57.01 42.33 4.33
N PRO D 212 -57.39 42.73 5.57
CA PRO D 212 -58.18 41.88 6.44
C PRO D 212 -59.40 41.25 5.79
N THR D 213 -60.18 42.04 5.07
CA THR D 213 -61.38 41.54 4.39
C THR D 213 -61.00 40.61 3.23
N VAL D 214 -59.94 40.95 2.51
CA VAL D 214 -59.38 40.09 1.45
C VAL D 214 -58.98 38.75 2.04
N CYS D 215 -58.24 38.81 3.14
CA CYS D 215 -57.74 37.62 3.83
C CYS D 215 -58.86 36.66 4.24
N GLU D 216 -59.96 37.22 4.75
CA GLU D 216 -61.14 36.43 5.12
C GLU D 216 -61.72 35.74 3.91
N LEU D 217 -61.91 36.49 2.82
CA LEU D 217 -62.47 35.94 1.59
C LEU D 217 -61.64 34.78 1.07
N CYS D 218 -60.31 34.94 1.12
CA CYS D 218 -59.39 33.90 0.67
C CYS D 218 -59.50 32.65 1.52
N TYR D 219 -59.61 32.82 2.83
CA TYR D 219 -59.71 31.69 3.74
C TYR D 219 -61.09 31.03 3.72
N VAL D 220 -62.13 31.85 3.62
CA VAL D 220 -63.51 31.35 3.69
C VAL D 220 -63.95 30.77 2.34
N LYS D 221 -63.74 31.52 1.26
CA LYS D 221 -64.15 31.10 -0.07
C LYS D 221 -63.17 30.13 -0.74
N LEU D 222 -61.88 30.22 -0.40
CA LEU D 222 -60.86 29.43 -1.09
C LEU D 222 -60.03 28.48 -0.21
N LYS D 223 -60.07 28.67 1.10
CA LYS D 223 -59.24 27.89 2.05
C LYS D 223 -57.73 28.15 1.93
N LEU D 224 -57.38 29.26 1.28
CA LEU D 224 -55.99 29.71 1.17
C LEU D 224 -55.69 30.75 2.25
N LEU D 225 -54.83 30.38 3.18
CA LEU D 225 -54.39 31.30 4.22
C LEU D 225 -53.35 32.29 3.66
N LEU D 226 -53.76 33.55 3.52
CA LEU D 226 -52.87 34.61 3.03
C LEU D 226 -52.17 35.30 4.21
N ILE D 227 -50.87 35.56 4.07
CA ILE D 227 -50.10 36.17 5.17
C ILE D 227 -49.42 37.51 4.87
N ALA D 228 -49.19 37.81 3.60
CA ALA D 228 -48.49 39.05 3.27
C ALA D 228 -48.68 39.51 1.82
N ILE D 229 -48.63 40.82 1.62
CA ILE D 229 -48.68 41.44 0.29
C ILE D 229 -47.30 42.00 -0.10
N GLU D 230 -47.13 42.33 -1.38
CA GLU D 230 -45.89 42.95 -1.87
C GLU D 230 -46.17 44.29 -2.52
N TYR D 231 -46.46 45.30 -1.69
CA TYR D 231 -46.87 46.64 -2.14
C TYR D 231 -45.84 47.32 -3.03
N LYS D 232 -46.32 47.88 -4.14
CA LYS D 232 -45.48 48.59 -5.11
C LYS D 232 -45.29 50.05 -4.70
N LYS D 242 -39.33 45.90 -4.47
CA LYS D 242 -40.17 46.77 -3.66
C LYS D 242 -40.38 46.19 -2.25
N ARG D 243 -40.84 47.04 -1.33
CA ARG D 243 -41.09 46.66 0.07
C ARG D 243 -42.25 45.67 0.20
N ILE D 244 -42.14 44.75 1.16
CA ILE D 244 -43.19 43.76 1.41
C ILE D 244 -43.75 43.93 2.81
N LEU D 245 -45.07 43.77 2.95
CA LEU D 245 -45.76 43.95 4.24
C LEU D 245 -46.42 42.67 4.74
N ILE D 246 -45.97 42.18 5.90
CA ILE D 246 -46.52 40.97 6.52
C ILE D 246 -47.69 41.32 7.43
N ASN D 247 -48.85 40.73 7.15
CA ASN D 247 -50.13 41.05 7.84
C ASN D 247 -50.39 42.55 8.03
N PRO D 248 -50.62 43.30 6.94
CA PRO D 248 -50.88 44.71 7.16
C PRO D 248 -52.21 44.93 7.87
N GLY D 249 -52.35 46.09 8.52
CA GLY D 249 -53.61 46.50 9.16
C GLY D 249 -54.74 46.65 8.16
N ASN D 250 -55.93 47.01 8.65
CA ASN D 250 -57.12 47.10 7.78
C ASN D 250 -57.07 48.19 6.69
N HIS D 251 -56.17 49.16 6.86
CA HIS D 251 -56.12 50.35 6.01
C HIS D 251 -55.53 50.04 4.65
N VAL D 252 -54.54 49.17 4.63
CA VAL D 252 -53.86 48.77 3.40
C VAL D 252 -54.86 48.23 2.37
N LYS D 253 -54.88 48.85 1.21
CA LYS D 253 -55.77 48.46 0.11
C LYS D 253 -54.98 48.03 -1.12
N MET D 254 -55.52 47.05 -1.85
CA MET D 254 -54.82 46.43 -2.97
C MET D 254 -54.61 47.35 -4.16
N GLN D 255 -53.39 47.32 -4.71
CA GLN D 255 -53.01 48.21 -5.78
C GLN D 255 -52.91 47.44 -7.09
N GLU D 256 -53.97 47.50 -7.89
CA GLU D 256 -54.06 46.78 -9.16
C GLU D 256 -53.69 45.31 -8.97
N GLY D 257 -52.58 44.89 -9.58
CA GLY D 257 -52.05 43.54 -9.40
C GLY D 257 -51.01 43.51 -8.29
N THR D 258 -51.45 43.15 -7.09
CA THR D 258 -50.56 42.99 -5.95
C THR D 258 -50.10 41.54 -5.91
N LEU D 259 -48.93 41.31 -5.33
CA LEU D 259 -48.39 39.96 -5.12
C LEU D 259 -48.60 39.51 -3.67
N GLY D 260 -49.18 38.33 -3.50
CA GLY D 260 -49.54 37.81 -2.18
C GLY D 260 -48.89 36.49 -1.85
N PHE D 261 -48.46 36.36 -0.60
CA PHE D 261 -47.87 35.12 -0.15
C PHE D 261 -48.91 34.27 0.57
N PHE D 262 -49.16 33.10 0.01
CA PHE D 262 -50.17 32.18 0.53
C PHE D 262 -49.55 30.92 1.12
N ILE D 263 -50.30 30.26 1.99
CA ILE D 263 -49.88 29.00 2.57
C ILE D 263 -50.92 27.95 2.22
N ALA D 264 -50.71 27.25 1.11
CA ALA D 264 -51.64 26.22 0.69
C ALA D 264 -50.95 24.89 0.43
N SER D 265 -51.74 23.82 0.44
CA SER D 265 -51.25 22.45 0.26
C SER D 265 -50.33 22.30 -0.95
N ASP D 266 -50.88 22.62 -2.12
CA ASP D 266 -50.27 22.39 -3.42
C ASP D 266 -50.11 23.74 -4.13
N ALA D 267 -49.14 23.83 -5.05
CA ALA D 267 -48.93 25.05 -5.84
C ALA D 267 -50.14 25.44 -6.72
N LYS D 268 -50.85 24.43 -7.23
CA LYS D 268 -52.04 24.63 -8.08
C LYS D 268 -53.24 25.15 -7.28
N GLU D 269 -53.27 24.82 -5.99
CA GLU D 269 -54.29 25.34 -5.07
C GLU D 269 -54.30 26.87 -5.04
N VAL D 270 -53.10 27.46 -5.05
CA VAL D 270 -52.95 28.90 -4.91
C VAL D 270 -53.33 29.64 -6.18
N LYS D 271 -53.25 28.95 -7.32
CA LYS D 271 -53.63 29.53 -8.62
C LYS D 271 -55.05 30.11 -8.56
N ARG D 272 -55.92 29.44 -7.81
CA ARG D 272 -57.33 29.83 -7.66
C ARG D 272 -57.57 31.22 -7.06
N ALA D 273 -56.56 31.80 -6.42
CA ALA D 273 -56.66 33.14 -5.85
C ALA D 273 -56.68 34.21 -6.95
N PHE D 274 -56.97 33.74 -8.16
CA PHE D 274 -56.90 34.56 -9.36
C PHE D 274 -58.20 34.49 -10.19
N PHE D 275 -59.35 34.64 -9.52
CA PHE D 275 -60.67 34.59 -10.17
C PHE D 275 -61.71 35.47 -9.47
N LYS D 349 -31.00 58.94 22.29
CA LYS D 349 -30.80 57.90 21.27
C LYS D 349 -31.22 56.53 21.80
N ARG D 350 -32.49 56.17 21.58
CA ARG D 350 -33.08 54.92 22.10
C ARG D 350 -33.23 53.83 21.03
N TYR D 351 -32.96 54.17 19.76
CA TYR D 351 -33.10 53.23 18.64
C TYR D 351 -31.89 53.22 17.70
N ASP D 352 -31.81 52.16 16.89
CA ASP D 352 -30.79 52.03 15.83
C ASP D 352 -31.02 53.10 14.78
N SER D 353 -30.04 53.30 13.89
CA SER D 353 -30.17 54.25 12.80
C SER D 353 -31.50 54.08 12.06
N THR D 354 -31.87 52.82 11.80
CA THR D 354 -33.11 52.47 11.14
C THR D 354 -34.34 52.71 12.01
N GLY D 355 -34.18 52.59 13.32
CA GLY D 355 -35.30 52.67 14.24
C GLY D 355 -36.05 51.36 14.27
N MET D 356 -35.39 50.32 13.76
CA MET D 356 -35.96 48.97 13.72
C MET D 356 -35.65 48.22 15.02
N PHE D 357 -34.48 48.47 15.59
CA PHE D 357 -33.99 47.72 16.74
C PHE D 357 -33.69 48.64 17.93
N HIS D 358 -33.86 48.12 19.13
CA HIS D 358 -33.57 48.85 20.36
C HIS D 358 -32.09 49.04 20.55
N TRP D 359 -31.64 50.29 20.42
CA TRP D 359 -30.24 50.62 20.62
C TRP D 359 -29.98 51.07 22.03
N CYS D 360 -28.77 50.79 22.51
CA CYS D 360 -28.33 51.16 23.84
C CYS D 360 -26.86 51.54 23.73
N PRO D 361 -26.41 52.51 24.55
CA PRO D 361 -25.01 52.93 24.46
C PRO D 361 -24.07 51.76 24.66
N SER D 362 -23.12 51.60 23.76
CA SER D 362 -22.17 50.49 23.84
C SER D 362 -21.63 50.39 25.27
N LYS D 363 -21.88 49.25 25.92
CA LYS D 363 -21.44 48.98 27.28
C LYS D 363 -20.15 48.16 27.32
N GLU D 364 -19.33 48.38 28.35
CA GLU D 364 -18.10 47.61 28.53
C GLU D 364 -18.43 46.26 29.13
N ILE D 365 -17.83 45.21 28.58
CA ILE D 365 -18.22 43.81 28.90
C ILE D 365 -18.30 43.48 30.40
N GLU D 366 -17.32 43.95 31.16
CA GLU D 366 -17.24 43.68 32.61
C GLU D 366 -18.43 44.23 33.40
N LYS D 367 -19.12 45.22 32.83
CA LYS D 367 -20.33 45.79 33.42
C LYS D 367 -21.50 44.80 33.36
N VAL D 368 -21.44 43.87 32.43
CA VAL D 368 -22.52 42.91 32.17
C VAL D 368 -22.32 41.58 32.91
N ILE D 369 -21.06 41.18 33.10
CA ILE D 369 -20.71 39.92 33.79
C ILE D 369 -21.32 39.82 35.18
N LEU D 370 -22.17 38.81 35.37
CA LEU D 370 -22.71 38.54 36.69
C LEU D 370 -21.87 37.48 37.39
N THR D 371 -21.66 37.66 38.69
CA THR D 371 -21.09 36.61 39.52
C THR D 371 -22.20 35.57 39.67
N ARG D 372 -21.88 34.37 40.15
CA ARG D 372 -22.91 33.36 40.44
C ARG D 372 -23.90 33.89 41.49
N SER D 373 -23.37 34.58 42.50
CA SER D 373 -24.18 35.21 43.55
C SER D 373 -25.04 36.36 43.01
N GLU D 374 -24.40 37.37 42.44
CA GLU D 374 -25.10 38.52 41.84
C GLU D 374 -26.28 38.08 40.97
N ALA D 375 -26.13 36.93 40.31
CA ALA D 375 -27.18 36.36 39.46
C ALA D 375 -28.27 35.66 40.28
N SER D 376 -27.86 34.88 41.28
CA SER D 376 -28.79 34.15 42.16
C SER D 376 -29.63 35.13 42.96
N MET D 377 -29.03 36.29 43.27
CA MET D 377 -29.70 37.40 43.95
C MET D 377 -30.94 37.85 43.18
N THR D 378 -30.77 38.11 41.89
CA THR D 378 -31.87 38.53 41.02
C THR D 378 -32.73 37.33 40.64
N VAL D 379 -34.03 37.42 40.95
CA VAL D 379 -35.01 36.42 40.52
C VAL D 379 -35.51 36.77 39.11
N LEU D 380 -34.78 36.30 38.11
CA LEU D 380 -35.10 36.57 36.71
C LEU D 380 -36.18 35.63 36.24
N SER D 381 -37.13 36.17 35.46
CA SER D 381 -38.16 35.36 34.83
C SER D 381 -38.61 36.00 33.52
N GLY D 382 -39.19 35.19 32.64
CA GLY D 382 -39.61 35.65 31.31
C GLY D 382 -38.43 36.03 30.45
N HIS D 383 -37.30 35.39 30.71
CA HIS D 383 -36.05 35.71 30.04
C HIS D 383 -35.62 34.57 29.16
N VAL D 384 -34.53 34.76 28.42
CA VAL D 384 -33.96 33.73 27.57
C VAL D 384 -32.59 33.39 28.12
N VAL D 385 -32.40 32.11 28.42
CA VAL D 385 -31.10 31.63 28.86
C VAL D 385 -30.44 30.89 27.70
N VAL D 386 -29.59 31.60 26.96
CA VAL D 386 -28.79 30.98 25.92
C VAL D 386 -27.50 30.52 26.57
N CYS D 387 -27.30 29.21 26.60
CA CYS D 387 -26.08 28.67 27.19
C CYS D 387 -25.23 28.01 26.13
N ILE D 388 -24.06 28.59 25.89
CA ILE D 388 -23.16 28.11 24.84
C ILE D 388 -21.97 27.36 25.41
N PHE D 389 -21.66 26.22 24.77
CA PHE D 389 -20.40 25.55 24.99
C PHE D 389 -19.40 26.18 24.05
N GLY D 390 -18.13 26.15 24.44
CA GLY D 390 -17.07 26.66 23.57
C GLY D 390 -15.91 27.29 24.29
N ASP D 391 -14.75 27.26 23.65
CA ASP D 391 -13.55 27.93 24.16
C ASP D 391 -13.15 29.02 23.18
N VAL D 392 -12.02 29.68 23.44
CA VAL D 392 -11.56 30.82 22.64
C VAL D 392 -11.31 30.49 21.16
N THR D 393 -10.87 29.26 20.90
CA THR D 393 -10.55 28.80 19.55
C THR D 393 -11.71 28.05 18.87
N SER D 394 -12.91 28.62 18.95
CA SER D 394 -14.08 28.02 18.32
C SER D 394 -14.60 28.91 17.21
N ALA D 395 -15.43 28.35 16.34
CA ALA D 395 -16.14 29.12 15.33
C ALA D 395 -17.10 30.07 16.03
N LEU D 396 -17.30 31.25 15.46
CA LEU D 396 -18.25 32.19 16.03
C LEU D 396 -19.65 31.83 15.58
N VAL D 397 -20.53 31.55 16.54
CA VAL D 397 -21.89 31.15 16.24
C VAL D 397 -22.69 32.30 15.60
N GLY D 398 -22.26 33.53 15.87
CA GLY D 398 -22.94 34.71 15.34
C GLY D 398 -24.14 35.07 16.19
N LEU D 399 -23.89 35.27 17.49
CA LEU D 399 -24.94 35.53 18.47
C LEU D 399 -25.71 36.79 18.18
N ARG D 400 -25.06 37.72 17.47
CA ARG D 400 -25.73 38.93 16.97
C ARG D 400 -27.11 38.58 16.42
N ASN D 401 -27.18 37.53 15.60
CA ASN D 401 -28.41 37.13 14.90
C ASN D 401 -29.44 36.42 15.78
N LEU D 402 -29.04 36.01 16.98
CA LEU D 402 -29.99 35.49 17.94
C LEU D 402 -30.66 36.62 18.72
N VAL D 403 -29.87 37.59 19.16
CA VAL D 403 -30.44 38.69 19.95
C VAL D 403 -31.23 39.69 19.12
N MET D 404 -30.81 39.93 17.87
CA MET D 404 -31.40 40.99 17.04
C MET D 404 -32.91 40.92 16.89
N PRO D 405 -33.45 39.76 16.50
CA PRO D 405 -34.90 39.60 16.42
C PRO D 405 -35.57 39.72 17.77
N LEU D 406 -34.83 39.47 18.83
CA LEU D 406 -35.37 39.61 20.20
C LEU D 406 -35.33 41.08 20.67
N ARG D 407 -34.68 41.92 19.88
CA ARG D 407 -34.56 43.34 20.19
C ARG D 407 -35.19 44.22 19.12
N ALA D 408 -36.17 43.68 18.38
CA ALA D 408 -36.86 44.48 17.37
C ALA D 408 -37.70 45.55 18.04
N SER D 409 -37.97 46.63 17.32
CA SER D 409 -38.68 47.77 17.90
C SER D 409 -40.19 47.57 18.06
N ASN D 410 -40.72 46.43 17.62
CA ASN D 410 -42.16 46.16 17.68
C ASN D 410 -42.61 45.75 19.08
N PHE D 411 -41.64 45.64 19.99
CA PHE D 411 -41.92 45.31 21.38
C PHE D 411 -41.52 46.50 22.24
N HIS D 412 -42.26 46.72 23.32
CA HIS D 412 -41.93 47.78 24.25
C HIS D 412 -40.76 47.35 25.07
N TYR D 413 -39.97 48.32 25.53
CA TYR D 413 -38.85 48.06 26.43
C TYR D 413 -39.27 47.20 27.63
N HIS D 414 -40.48 47.45 28.14
CA HIS D 414 -41.13 46.66 29.18
C HIS D 414 -41.31 45.22 28.77
N GLU D 415 -41.71 45.02 27.51
CA GLU D 415 -41.95 43.69 26.93
C GLU D 415 -40.67 42.90 26.59
N LEU D 416 -39.55 43.60 26.43
CA LEU D 416 -38.28 42.96 26.03
C LEU D 416 -37.81 41.86 26.98
N LYS D 417 -37.40 40.73 26.42
CA LYS D 417 -36.90 39.61 27.21
C LYS D 417 -35.40 39.74 27.43
N PRO D 418 -34.96 39.78 28.69
CA PRO D 418 -33.52 39.86 28.94
C PRO D 418 -32.81 38.55 28.53
N ILE D 419 -31.56 38.66 28.11
CA ILE D 419 -30.83 37.50 27.63
C ILE D 419 -29.62 37.22 28.52
N VAL D 420 -29.52 35.97 28.98
CA VAL D 420 -28.39 35.55 29.79
C VAL D 420 -27.57 34.50 29.08
N PHE D 421 -26.31 34.81 28.80
CA PHE D 421 -25.40 33.83 28.25
C PHE D 421 -24.64 33.11 29.35
N VAL D 422 -24.72 31.77 29.33
CA VAL D 422 -23.97 30.96 30.27
C VAL D 422 -22.87 30.23 29.50
N GLY D 423 -21.65 30.75 29.59
CA GLY D 423 -20.53 30.15 28.86
C GLY D 423 -19.17 30.46 29.43
N SER D 424 -18.14 30.27 28.61
CA SER D 424 -16.79 30.69 28.95
C SER D 424 -16.64 32.15 28.56
N LEU D 425 -16.15 32.94 29.50
CA LEU D 425 -15.98 34.36 29.29
C LEU D 425 -15.01 34.61 28.14
N ASP D 426 -13.92 33.85 28.08
CA ASP D 426 -12.91 33.95 27.02
C ASP D 426 -13.53 33.80 25.64
N TYR D 427 -14.41 32.81 25.49
CA TYR D 427 -15.15 32.65 24.24
C TYR D 427 -16.05 33.85 24.02
N LEU D 428 -16.86 34.18 25.01
CA LEU D 428 -17.91 35.17 24.84
C LEU D 428 -17.41 36.54 24.38
N ARG D 429 -16.36 37.04 25.05
CA ARG D 429 -15.86 38.40 24.82
C ARG D 429 -15.55 38.73 23.37
N ARG D 430 -15.00 37.76 22.65
CA ARG D 430 -14.67 37.95 21.23
C ARG D 430 -15.93 38.19 20.39
N GLU D 431 -16.99 37.46 20.68
CA GLU D 431 -18.27 37.70 20.04
C GLU D 431 -18.95 38.95 20.58
N TRP D 432 -18.72 39.23 21.87
CA TRP D 432 -19.41 40.29 22.58
C TRP D 432 -19.50 41.60 21.86
N GLU D 433 -18.43 41.99 21.18
CA GLU D 433 -18.34 43.31 20.56
C GLU D 433 -19.53 43.69 19.68
N THR D 434 -20.22 42.71 19.10
CA THR D 434 -21.42 42.97 18.31
C THR D 434 -22.64 43.24 19.17
N LEU D 435 -22.61 42.77 20.42
CA LEU D 435 -23.78 42.83 21.28
C LEU D 435 -23.83 44.04 22.22
N HIS D 436 -22.70 44.70 22.46
CA HIS D 436 -22.68 45.79 23.46
C HIS D 436 -23.76 46.82 23.28
N ASN D 437 -24.26 46.96 22.05
CA ASN D 437 -25.30 47.92 21.75
C ASN D 437 -26.70 47.52 22.20
N PHE D 438 -26.96 46.23 22.34
CA PHE D 438 -28.29 45.74 22.74
C PHE D 438 -28.53 45.83 24.25
N PRO D 439 -29.78 46.14 24.65
CA PRO D 439 -30.11 46.27 26.07
C PRO D 439 -30.50 44.94 26.72
N LYS D 440 -30.45 44.91 28.05
CA LYS D 440 -30.83 43.74 28.85
C LYS D 440 -30.09 42.46 28.43
N VAL D 441 -28.77 42.58 28.29
CA VAL D 441 -27.90 41.45 27.96
C VAL D 441 -27.00 41.14 29.14
N PHE D 442 -26.86 39.85 29.45
CA PHE D 442 -26.09 39.43 30.62
C PHE D 442 -25.23 38.21 30.36
N ILE D 443 -24.10 38.13 31.06
CA ILE D 443 -23.18 37.00 30.95
C ILE D 443 -22.93 36.40 32.33
N LEU D 444 -23.13 35.09 32.45
CA LEU D 444 -22.76 34.38 33.66
C LEU D 444 -21.71 33.34 33.31
N PRO D 445 -20.43 33.65 33.57
CA PRO D 445 -19.37 32.69 33.29
C PRO D 445 -19.58 31.37 34.02
N GLY D 446 -19.40 30.27 33.29
CA GLY D 446 -19.59 28.91 33.82
C GLY D 446 -20.15 27.98 32.76
N THR D 447 -20.26 26.69 33.10
CA THR D 447 -20.76 25.67 32.17
C THR D 447 -22.25 25.40 32.32
N PRO D 448 -22.95 25.18 31.18
CA PRO D 448 -24.37 24.80 31.19
C PRO D 448 -24.63 23.44 31.84
N LEU D 449 -23.57 22.77 32.28
CA LEU D 449 -23.70 21.45 32.91
C LEU D 449 -23.70 21.55 34.43
N SER D 450 -23.29 22.70 34.97
CA SER D 450 -23.34 22.92 36.40
C SER D 450 -24.68 23.51 36.78
N ARG D 451 -25.38 22.85 37.69
CA ARG D 451 -26.68 23.31 38.13
C ARG D 451 -26.57 24.60 38.95
N ALA D 452 -25.45 24.76 39.64
CA ALA D 452 -25.16 25.98 40.37
C ALA D 452 -25.39 27.21 39.49
N ASP D 453 -24.73 27.22 38.35
CA ASP D 453 -24.87 28.31 37.38
C ASP D 453 -26.29 28.39 36.87
N LEU D 454 -26.89 27.22 36.65
CA LEU D 454 -28.24 27.12 36.09
C LEU D 454 -29.33 27.59 37.07
N ARG D 455 -29.23 27.17 38.32
CA ARG D 455 -30.19 27.56 39.35
C ARG D 455 -30.08 29.06 39.62
N ALA D 456 -28.87 29.58 39.50
CA ALA D 456 -28.60 31.00 39.69
C ALA D 456 -29.42 31.86 38.75
N VAL D 457 -29.51 31.45 37.49
CA VAL D 457 -30.28 32.19 36.48
C VAL D 457 -31.75 31.78 36.41
N ASN D 458 -32.20 30.97 37.36
CA ASN D 458 -33.61 30.66 37.54
C ASN D 458 -34.25 30.15 36.25
N ILE D 459 -33.74 29.05 35.73
CA ILE D 459 -34.24 28.48 34.47
C ILE D 459 -35.74 28.23 34.51
N ASN D 460 -36.21 27.64 35.62
CA ASN D 460 -37.64 27.36 35.83
C ASN D 460 -38.56 28.46 35.27
N LEU D 461 -38.06 29.68 35.29
CA LEU D 461 -38.85 30.86 34.96
C LEU D 461 -38.75 31.34 33.52
N CYS D 462 -37.67 31.00 32.82
CA CYS D 462 -37.42 31.51 31.46
C CYS D 462 -38.47 31.08 30.43
N ASP D 463 -38.66 31.92 29.41
CA ASP D 463 -39.60 31.62 28.32
C ASP D 463 -38.98 30.68 27.31
N MET D 464 -37.65 30.62 27.30
CA MET D 464 -36.92 29.75 26.38
C MET D 464 -35.47 29.61 26.82
N CYS D 465 -34.97 28.38 26.72
CA CYS D 465 -33.57 28.09 26.99
C CYS D 465 -32.92 27.47 25.77
N VAL D 466 -32.04 28.23 25.14
CA VAL D 466 -31.38 27.81 23.89
C VAL D 466 -30.06 27.14 24.20
N ILE D 467 -29.89 25.92 23.73
CA ILE D 467 -28.63 25.18 23.89
C ILE D 467 -27.89 25.08 22.56
N LEU D 468 -26.72 25.70 22.52
CA LEU D 468 -25.91 25.74 21.29
C LEU D 468 -24.58 25.03 21.49
N SER D 469 -24.07 24.43 20.42
CA SER D 469 -22.75 23.80 20.45
C SER D 469 -21.82 24.48 19.46
N ALA D 470 -20.74 25.06 19.98
CA ALA D 470 -19.74 25.66 19.10
C ALA D 470 -18.83 24.59 18.52
N ASN D 471 -18.63 24.65 17.20
CA ASN D 471 -17.84 23.67 16.43
C ASN D 471 -16.33 23.65 16.75
N ALA D 478 -15.80 14.93 14.82
CA ALA D 478 -15.78 16.23 15.51
C ALA D 478 -17.19 16.72 15.89
N SER D 479 -18.21 16.27 15.14
CA SER D 479 -19.62 16.56 15.46
C SER D 479 -20.16 15.61 16.55
N LEU D 480 -19.46 14.48 16.73
CA LEU D 480 -19.67 13.58 17.86
C LEU D 480 -19.53 14.34 19.17
N GLN D 481 -18.68 15.37 19.15
CA GLN D 481 -18.45 16.25 20.31
C GLN D 481 -19.66 17.14 20.67
N ASP D 482 -20.76 17.01 19.92
CA ASP D 482 -22.04 17.65 20.30
C ASP D 482 -22.78 16.84 21.38
N LYS D 483 -22.22 15.68 21.74
CA LYS D 483 -22.65 14.87 22.88
C LYS D 483 -23.00 15.73 24.11
N GLU D 484 -22.28 16.83 24.27
CA GLU D 484 -22.49 17.82 25.32
C GLU D 484 -23.90 18.39 25.37
N CYS D 485 -24.44 18.78 24.22
CA CYS D 485 -25.78 19.37 24.12
C CYS D 485 -26.87 18.46 24.67
N ILE D 486 -26.79 17.18 24.30
CA ILE D 486 -27.68 16.16 24.81
C ILE D 486 -27.57 16.12 26.34
N LEU D 487 -26.34 16.00 26.85
CA LEU D 487 -26.10 16.03 28.30
C LEU D 487 -26.73 17.21 29.00
N ALA D 488 -26.49 18.41 28.47
CA ALA D 488 -27.07 19.64 29.03
C ALA D 488 -28.59 19.57 29.05
N SER D 489 -29.15 19.23 27.91
CA SER D 489 -30.58 19.07 27.76
C SER D 489 -31.16 18.11 28.82
N LEU D 490 -30.52 16.94 28.97
CA LEU D 490 -30.99 15.90 29.90
C LEU D 490 -30.86 16.39 31.33
N ASN D 491 -29.71 17.00 31.63
CA ASN D 491 -29.47 17.64 32.92
C ASN D 491 -30.65 18.50 33.36
N ILE D 492 -31.01 19.47 32.53
CA ILE D 492 -32.07 20.43 32.83
C ILE D 492 -33.43 19.75 33.05
N LYS D 493 -33.76 18.79 32.21
CA LYS D 493 -35.01 18.03 32.34
C LYS D 493 -35.14 17.31 33.70
N SER D 494 -34.02 16.95 34.30
CA SER D 494 -34.01 16.16 35.53
C SER D 494 -33.82 16.96 36.81
N MET D 495 -33.93 18.28 36.71
CA MET D 495 -33.85 19.14 37.89
C MET D 495 -35.23 19.25 38.54
N GLN D 496 -35.25 19.70 39.79
CA GLN D 496 -36.51 20.06 40.43
C GLN D 496 -36.33 21.38 41.15
N PHE D 497 -36.99 22.42 40.64
CA PHE D 497 -36.78 23.78 41.15
C PHE D 497 -37.42 24.07 42.54
N ASP D 498 -38.61 23.51 42.79
CA ASP D 498 -39.40 23.79 44.02
C ASP D 498 -40.13 25.13 43.95
N THR D 502 -42.98 23.98 39.91
CA THR D 502 -42.40 23.59 38.63
C THR D 502 -41.50 22.36 38.77
N THR D 503 -41.25 21.68 37.64
CA THR D 503 -40.33 20.53 37.57
C THR D 503 -39.54 20.57 36.26
N GLY D 504 -38.30 20.09 36.31
CA GLY D 504 -37.34 20.23 35.21
C GLY D 504 -37.84 19.90 33.81
N SER D 505 -38.70 18.90 33.71
CA SER D 505 -39.22 18.44 32.41
C SER D 505 -40.13 19.44 31.71
N ASN D 506 -40.59 20.45 32.45
CA ASN D 506 -41.55 21.43 31.93
C ASN D 506 -40.90 22.77 31.61
N ILE D 507 -39.65 22.72 31.15
CA ILE D 507 -38.93 23.94 30.83
C ILE D 507 -38.80 24.08 29.31
N PRO D 508 -39.11 25.27 28.78
CA PRO D 508 -38.94 25.53 27.34
C PRO D 508 -37.47 25.46 26.89
N ILE D 509 -37.10 24.32 26.31
CA ILE D 509 -35.75 24.11 25.84
C ILE D 509 -35.77 23.96 24.32
N ILE D 510 -34.69 24.39 23.67
CA ILE D 510 -34.51 24.16 22.25
C ILE D 510 -33.03 23.84 21.96
N THR D 511 -32.76 22.58 21.68
CA THR D 511 -31.40 22.10 21.50
C THR D 511 -31.02 22.17 20.03
N GLU D 512 -29.96 22.90 19.72
CA GLU D 512 -29.45 22.93 18.36
C GLU D 512 -28.57 21.70 18.16
N LEU D 513 -29.02 20.81 17.26
CA LEU D 513 -28.27 19.60 16.93
C LEU D 513 -27.53 19.74 15.62
N VAL D 514 -26.40 19.05 15.51
CA VAL D 514 -25.61 19.11 14.29
C VAL D 514 -25.88 17.87 13.45
N ASN D 515 -26.21 16.78 14.13
CA ASN D 515 -26.47 15.50 13.49
C ASN D 515 -27.92 15.03 13.65
N ASP D 516 -28.72 15.20 12.60
CA ASP D 516 -30.14 14.86 12.64
C ASP D 516 -30.42 13.52 13.34
N SER D 517 -29.49 12.57 13.22
CA SER D 517 -29.60 11.24 13.85
C SER D 517 -29.69 11.32 15.38
N ASN D 518 -29.02 12.29 15.97
CA ASN D 518 -28.93 12.38 17.42
C ASN D 518 -30.24 12.80 18.09
N VAL D 519 -31.21 13.19 17.29
CA VAL D 519 -32.51 13.64 17.80
C VAL D 519 -33.16 12.58 18.66
N GLN D 520 -32.94 11.33 18.30
CA GLN D 520 -33.44 10.19 19.07
C GLN D 520 -33.29 10.37 20.58
N PHE D 521 -32.14 10.90 20.98
CA PHE D 521 -31.75 10.92 22.39
C PHE D 521 -32.42 11.92 23.32
N LEU D 522 -32.72 13.13 22.82
CA LEU D 522 -33.18 14.20 23.72
C LEU D 522 -34.54 13.96 24.37
N ASP D 523 -35.52 13.50 23.60
CA ASP D 523 -36.77 13.04 24.20
C ASP D 523 -36.68 11.53 24.29
N GLN D 524 -36.97 10.98 25.46
CA GLN D 524 -36.75 9.56 25.75
C GLN D 524 -38.02 8.72 25.86
N ASP D 525 -39.16 9.28 25.45
CA ASP D 525 -40.39 8.52 25.35
C ASP D 525 -40.87 8.31 23.90
N ASP D 526 -40.19 8.96 22.96
CA ASP D 526 -40.58 8.90 21.55
C ASP D 526 -40.12 7.60 20.86
N ASP D 527 -40.71 7.30 19.71
CA ASP D 527 -40.28 6.17 18.88
C ASP D 527 -39.06 6.54 18.03
N ASP D 528 -38.00 5.75 18.15
CA ASP D 528 -36.72 6.09 17.54
C ASP D 528 -36.33 5.18 16.39
N ASP D 529 -35.73 5.78 15.37
CA ASP D 529 -35.15 5.06 14.25
C ASP D 529 -34.22 6.03 13.54
N PRO D 530 -32.96 5.62 13.32
CA PRO D 530 -31.99 6.47 12.63
C PRO D 530 -32.43 6.88 11.22
N ASP D 531 -33.14 5.99 10.54
CA ASP D 531 -33.55 6.21 9.15
C ASP D 531 -34.69 7.22 9.01
N THR D 532 -35.59 7.23 10.00
CA THR D 532 -36.71 8.18 10.07
C THR D 532 -36.24 9.63 9.89
N GLU D 533 -36.89 10.34 8.96
CA GLU D 533 -36.56 11.74 8.67
C GLU D 533 -36.79 12.64 9.87
N LEU D 534 -36.03 13.73 9.95
CA LEU D 534 -36.08 14.63 11.11
C LEU D 534 -37.44 15.26 11.35
N TYR D 535 -38.06 15.80 10.31
CA TYR D 535 -39.35 16.47 10.45
C TYR D 535 -40.39 15.56 11.13
N LEU D 536 -40.19 14.25 11.06
CA LEU D 536 -41.15 13.31 11.61
C LEU D 536 -40.92 12.97 13.07
N THR D 537 -39.74 13.29 13.60
CA THR D 537 -39.43 12.99 15.01
C THR D 537 -40.19 13.89 15.96
N GLN D 538 -40.58 13.33 17.09
CA GLN D 538 -41.32 14.07 18.11
C GLN D 538 -40.63 15.36 18.55
N PRO D 539 -39.34 15.28 18.94
CA PRO D 539 -38.63 16.47 19.41
C PRO D 539 -38.65 17.60 18.41
N PHE D 540 -38.59 17.28 17.13
CA PHE D 540 -38.70 18.31 16.10
C PHE D 540 -40.13 18.81 15.97
N ALA D 541 -41.09 17.89 15.94
CA ALA D 541 -42.51 18.25 15.84
C ALA D 541 -42.89 19.27 16.90
N CYS D 542 -42.20 19.24 18.02
CA CYS D 542 -42.55 20.08 19.16
C CYS D 542 -41.77 21.37 19.25
N GLY D 543 -40.65 21.47 18.54
CA GLY D 543 -39.82 22.67 18.60
C GLY D 543 -38.83 22.60 19.72
N THR D 544 -38.48 21.37 20.11
CA THR D 544 -37.45 21.06 21.10
C THR D 544 -36.08 21.03 20.43
N ALA D 545 -36.05 20.65 19.16
CA ALA D 545 -34.81 20.49 18.43
C ALA D 545 -34.83 21.25 17.11
N PHE D 546 -33.64 21.60 16.64
CA PHE D 546 -33.47 22.28 15.36
C PHE D 546 -32.06 22.09 14.83
N ALA D 547 -31.94 21.59 13.61
CA ALA D 547 -30.66 21.36 12.97
C ALA D 547 -30.45 22.29 11.77
N VAL D 548 -29.20 22.59 11.47
CA VAL D 548 -28.86 23.41 10.31
C VAL D 548 -29.37 22.73 9.06
N SER D 549 -29.45 21.40 9.12
CA SER D 549 -29.90 20.52 8.03
C SER D 549 -31.17 21.02 7.38
N VAL D 550 -32.13 21.33 8.22
CA VAL D 550 -33.48 21.72 7.82
C VAL D 550 -33.54 22.80 6.74
N LEU D 551 -32.62 23.76 6.79
CA LEU D 551 -32.63 24.91 5.89
C LEU D 551 -32.13 24.63 4.47
N ASP D 552 -31.44 23.51 4.28
CA ASP D 552 -30.93 23.12 2.96
C ASP D 552 -32.02 23.18 1.87
N SER D 553 -33.28 22.95 2.27
CA SER D 553 -34.41 22.99 1.35
C SER D 553 -34.58 24.36 0.71
N LEU D 554 -34.17 25.39 1.44
CA LEU D 554 -34.37 26.78 1.03
C LEU D 554 -33.74 27.08 -0.32
N MET D 555 -32.57 26.49 -0.54
CA MET D 555 -31.82 26.65 -1.77
C MET D 555 -32.68 26.63 -3.02
N SER D 556 -33.35 25.50 -3.25
CA SER D 556 -34.21 25.34 -4.40
C SER D 556 -35.42 26.29 -4.30
N ALA D 557 -36.01 26.33 -3.11
CA ALA D 557 -37.18 27.17 -2.86
C ALA D 557 -36.96 28.66 -3.17
N THR D 558 -35.77 29.19 -2.85
CA THR D 558 -35.49 30.60 -3.09
C THR D 558 -35.07 30.86 -4.53
N TYR D 559 -34.71 29.79 -5.23
CA TYR D 559 -34.52 29.88 -6.67
C TYR D 559 -35.87 30.22 -7.30
N PHE D 560 -36.90 29.42 -6.99
CA PHE D 560 -38.22 29.58 -7.59
C PHE D 560 -38.87 30.93 -7.29
N ASN D 561 -38.77 31.42 -6.05
CA ASN D 561 -39.32 32.72 -5.68
C ASN D 561 -38.36 33.56 -4.86
N ASP D 562 -37.80 34.60 -5.47
CA ASP D 562 -36.86 35.51 -4.80
C ASP D 562 -37.49 36.06 -3.54
N ASN D 563 -38.78 36.36 -3.64
CA ASN D 563 -39.58 36.94 -2.58
C ASN D 563 -39.55 36.09 -1.32
N ILE D 564 -39.80 34.80 -1.49
CA ILE D 564 -39.80 33.86 -0.38
C ILE D 564 -38.64 34.11 0.58
N LEU D 565 -37.41 34.16 0.06
CA LEU D 565 -36.23 34.41 0.88
C LEU D 565 -36.29 35.78 1.57
N THR D 566 -36.72 36.80 0.86
CA THR D 566 -36.81 38.13 1.47
C THR D 566 -37.96 38.23 2.48
N LEU D 567 -39.01 37.43 2.28
CA LEU D 567 -40.07 37.32 3.28
C LEU D 567 -39.48 36.78 4.58
N ILE D 568 -38.97 35.55 4.53
CA ILE D 568 -38.45 34.90 5.73
C ILE D 568 -37.41 35.72 6.46
N ARG D 569 -36.44 36.26 5.73
CA ARG D 569 -35.38 37.04 6.34
C ARG D 569 -36.04 38.21 7.10
N THR D 570 -36.97 38.89 6.44
CA THR D 570 -37.71 39.99 7.05
C THR D 570 -38.48 39.51 8.27
N LEU D 571 -39.23 38.41 8.10
CA LEU D 571 -40.02 37.86 9.18
C LEU D 571 -39.16 37.44 10.37
N VAL D 572 -38.06 36.75 10.09
CA VAL D 572 -37.26 36.10 11.12
C VAL D 572 -36.36 37.04 11.93
N THR D 573 -35.66 37.94 11.25
CA THR D 573 -34.70 38.82 11.93
C THR D 573 -35.28 40.12 12.52
N GLY D 574 -36.55 40.41 12.21
CA GLY D 574 -37.19 41.67 12.62
C GLY D 574 -37.10 42.70 11.51
N GLY D 575 -35.87 43.07 11.13
CA GLY D 575 -35.63 44.13 10.14
C GLY D 575 -34.66 43.75 9.03
N ALA D 576 -34.55 44.65 8.05
CA ALA D 576 -33.69 44.49 6.88
C ALA D 576 -33.43 45.85 6.23
N LEU D 580 -30.21 50.04 4.58
CA LEU D 580 -30.63 48.72 5.03
C LEU D 580 -29.42 47.83 5.28
N GLU D 581 -28.99 47.15 4.23
CA GLU D 581 -27.81 46.30 4.27
C GLU D 581 -26.50 47.08 4.31
N ALA D 582 -26.45 48.21 3.59
CA ALA D 582 -25.23 49.04 3.48
C ALA D 582 -24.76 49.62 4.82
N LEU D 583 -25.68 50.25 5.55
CA LEU D 583 -25.38 50.72 6.90
C LEU D 583 -24.86 49.54 7.69
N LEU D 584 -25.55 48.41 7.56
CA LEU D 584 -25.17 47.17 8.20
C LEU D 584 -23.85 46.62 7.65
N ALA D 585 -23.58 46.88 6.38
CA ALA D 585 -22.43 46.28 5.69
C ALA D 585 -21.12 47.04 5.89
N GLU D 586 -21.16 48.36 5.72
CA GLU D 586 -19.96 49.22 5.80
C GLU D 586 -19.24 49.01 7.11
N GLU D 587 -20.01 49.01 8.20
CA GLU D 587 -19.53 48.61 9.50
C GLU D 587 -20.33 47.47 10.09
N ASN D 588 -19.63 46.51 10.67
CA ASN D 588 -20.25 45.39 11.38
C ASN D 588 -20.87 45.87 12.70
N ALA D 589 -20.22 46.85 13.32
CA ALA D 589 -20.80 47.57 14.46
C ALA D 589 -22.00 48.40 13.98
N LEU D 590 -23.04 48.46 14.81
CA LEU D 590 -24.32 49.06 14.40
C LEU D 590 -24.57 50.47 14.95
N ARG D 591 -24.90 51.39 14.05
CA ARG D 591 -25.11 52.80 14.40
C ARG D 591 -26.46 53.02 15.07
N GLY D 592 -26.44 53.83 16.13
CA GLY D 592 -27.66 54.25 16.80
C GLY D 592 -27.86 55.74 16.62
N GLY D 593 -29.10 56.16 16.39
CA GLY D 593 -29.40 57.58 16.17
C GLY D 593 -30.60 58.08 16.94
N TYR D 594 -30.73 59.41 16.98
CA TYR D 594 -31.92 60.06 17.52
C TYR D 594 -33.13 59.75 16.63
N SER D 595 -34.27 59.49 17.27
CA SER D 595 -35.48 59.13 16.55
C SER D 595 -36.14 60.33 15.87
N THR D 596 -36.52 60.14 14.61
CA THR D 596 -37.33 61.10 13.86
C THR D 596 -38.76 60.54 13.79
N PRO D 597 -39.77 61.37 13.48
CA PRO D 597 -41.12 60.80 13.42
C PRO D 597 -41.27 59.80 12.27
N GLN D 598 -40.35 59.87 11.32
CA GLN D 598 -40.25 58.89 10.24
C GLN D 598 -39.67 57.54 10.69
N THR D 599 -38.80 57.56 11.71
CA THR D 599 -38.22 56.33 12.27
C THR D 599 -39.15 55.67 13.30
N LEU D 600 -39.69 56.48 14.22
CA LEU D 600 -40.71 56.02 15.17
C LEU D 600 -41.93 55.44 14.45
N ALA D 601 -42.00 55.68 13.15
CA ALA D 601 -43.04 55.13 12.28
C ALA D 601 -42.80 53.66 11.94
N ASN D 602 -41.53 53.27 11.92
CA ASN D 602 -41.15 51.91 11.57
C ASN D 602 -41.49 50.86 12.62
N ARG D 603 -41.76 51.31 13.84
CA ARG D 603 -42.14 50.41 14.93
C ARG D 603 -43.44 49.65 14.64
N ASP D 604 -44.15 50.07 13.60
CA ASP D 604 -45.49 49.58 13.28
C ASP D 604 -45.58 48.14 12.74
N ARG D 605 -44.43 47.52 12.50
CA ARG D 605 -44.36 46.11 12.04
C ARG D 605 -45.12 45.17 12.99
N CYS D 606 -45.76 44.15 12.43
CA CYS D 606 -46.42 43.12 13.22
C CYS D 606 -45.43 42.39 14.09
N ARG D 607 -45.92 41.42 14.86
CA ARG D 607 -45.03 40.59 15.68
C ARG D 607 -45.62 39.21 15.94
N VAL D 608 -44.74 38.22 16.00
CA VAL D 608 -45.14 36.87 16.29
C VAL D 608 -45.54 36.79 17.77
N ALA D 609 -46.60 36.05 18.05
CA ALA D 609 -46.97 35.79 19.44
C ALA D 609 -47.78 34.50 19.55
N GLN D 610 -47.77 33.93 20.75
CA GLN D 610 -48.49 32.71 21.03
C GLN D 610 -49.51 33.01 22.11
N LEU D 611 -50.76 32.65 21.85
CA LEU D 611 -51.86 33.01 22.73
C LEU D 611 -52.62 31.80 23.24
N ALA D 612 -53.29 31.97 24.38
CA ALA D 612 -54.10 30.91 25.00
C ALA D 612 -55.58 31.18 24.82
N LEU D 613 -56.37 30.11 24.75
CA LEU D 613 -57.81 30.25 24.69
C LEU D 613 -58.38 30.48 26.08
N TYR D 614 -57.79 29.81 27.07
CA TYR D 614 -58.20 29.90 28.48
C TYR D 614 -58.41 31.35 28.97
N ASP D 615 -57.43 32.21 28.74
CA ASP D 615 -57.48 33.61 29.17
C ASP D 615 -57.98 34.51 28.04
N GLY D 616 -58.15 33.88 26.88
CA GLY D 616 -58.46 34.60 25.64
C GLY D 616 -59.67 35.50 25.66
N PRO D 617 -59.61 36.59 24.90
CA PRO D 617 -60.79 37.40 24.63
C PRO D 617 -61.76 36.62 23.77
N PHE D 618 -61.20 35.78 22.88
CA PHE D 618 -61.98 34.88 22.03
C PHE D 618 -62.10 33.49 22.66
N ALA D 619 -62.01 33.43 24.00
CA ALA D 619 -62.04 32.19 24.79
C ALA D 619 -63.29 31.35 24.58
N ASP D 620 -64.43 32.02 24.45
CA ASP D 620 -65.74 31.40 24.29
C ASP D 620 -65.78 30.35 23.17
N LEU D 621 -64.98 30.58 22.13
CA LEU D 621 -64.85 29.65 20.99
C LEU D 621 -64.21 28.31 21.38
N GLY D 622 -63.28 28.33 22.34
CA GLY D 622 -62.66 27.12 22.85
C GLY D 622 -63.64 26.22 23.60
N ASP D 623 -63.22 24.98 23.85
CA ASP D 623 -64.06 23.94 24.48
C ASP D 623 -65.01 23.27 23.48
N GLY D 624 -64.69 23.36 22.19
CA GLY D 624 -65.46 22.68 21.16
C GLY D 624 -65.68 23.44 19.85
N GLY D 625 -65.52 24.76 19.90
CA GLY D 625 -65.76 25.61 18.73
C GLY D 625 -64.83 25.36 17.56
N CYS D 626 -65.25 25.76 16.37
CA CYS D 626 -64.44 25.59 15.17
C CYS D 626 -63.39 26.68 15.04
N TYR D 627 -62.21 26.30 14.60
CA TYR D 627 -61.11 27.22 14.39
C TYR D 627 -61.49 28.28 13.35
N GLY D 628 -62.15 27.86 12.28
CA GLY D 628 -62.66 28.76 11.25
C GLY D 628 -63.49 29.91 11.81
N ASP D 629 -64.42 29.57 12.71
CA ASP D 629 -65.24 30.57 13.41
C ASP D 629 -64.38 31.53 14.24
N LEU D 630 -63.34 31.01 14.88
CA LEU D 630 -62.41 31.85 15.67
C LEU D 630 -61.55 32.74 14.79
N PHE D 631 -60.88 32.14 13.82
CA PHE D 631 -59.95 32.85 12.95
C PHE D 631 -60.51 34.21 12.53
N CYS D 632 -61.64 34.19 11.84
CA CYS D 632 -62.27 35.41 11.31
C CYS D 632 -62.55 36.43 12.41
N LYS D 633 -63.18 35.96 13.49
CA LYS D 633 -63.44 36.80 14.66
C LYS D 633 -62.15 37.48 15.08
N ALA D 634 -61.10 36.68 15.29
CA ALA D 634 -59.78 37.17 15.69
C ALA D 634 -59.21 38.20 14.71
N LEU D 635 -59.43 37.98 13.42
CA LEU D 635 -58.94 38.89 12.39
C LEU D 635 -59.67 40.23 12.39
N LYS D 636 -60.98 40.21 12.17
CA LYS D 636 -61.78 41.42 12.04
C LYS D 636 -61.77 42.30 13.28
N THR D 637 -61.73 41.68 14.45
CA THR D 637 -61.79 42.39 15.73
C THR D 637 -60.46 43.05 16.18
N TYR D 638 -59.32 42.39 15.95
CA TYR D 638 -58.01 42.92 16.39
C TYR D 638 -56.94 42.98 15.29
N ASN D 639 -57.34 42.63 14.06
CA ASN D 639 -56.40 42.47 12.94
C ASN D 639 -55.28 41.46 13.22
N MET D 640 -55.64 40.38 13.92
CA MET D 640 -54.73 39.27 14.20
C MET D 640 -54.84 38.19 13.15
N LEU D 641 -53.70 37.64 12.74
CA LEU D 641 -53.68 36.49 11.85
C LEU D 641 -53.32 35.25 12.63
N CYS D 642 -54.23 34.29 12.61
CA CYS D 642 -53.94 33.01 13.22
C CYS D 642 -53.59 32.02 12.12
N PHE D 643 -52.40 31.45 12.22
CA PHE D 643 -51.97 30.45 11.24
C PHE D 643 -51.67 29.08 11.81
N GLY D 644 -51.84 28.91 13.12
CA GLY D 644 -51.56 27.61 13.72
C GLY D 644 -52.05 27.36 15.13
N ILE D 645 -52.40 26.10 15.39
CA ILE D 645 -52.67 25.64 16.74
C ILE D 645 -51.42 24.92 17.26
N TYR D 646 -51.05 25.19 18.50
CA TYR D 646 -49.93 24.51 19.15
C TYR D 646 -50.48 23.60 20.25
N ARG D 647 -51.12 22.53 19.80
CA ARG D 647 -51.85 21.58 20.64
C ARG D 647 -50.93 20.69 21.48
N LEU D 648 -51.42 20.27 22.65
CA LEU D 648 -50.77 19.21 23.44
C LEU D 648 -50.84 17.91 22.66
N ARG D 649 -49.91 16.99 22.92
CA ARG D 649 -49.92 15.75 22.15
C ARG D 649 -50.90 14.71 22.71
N ASP D 650 -52.03 15.17 23.24
CA ASP D 650 -53.01 14.28 23.88
C ASP D 650 -54.49 14.60 23.59
N ALA D 651 -55.25 13.57 23.19
CA ALA D 651 -56.67 13.69 22.90
C ALA D 651 -57.47 12.62 23.65
N PRO D 656 -57.90 11.12 29.98
CA PRO D 656 -56.54 10.91 30.46
C PRO D 656 -55.57 11.99 29.96
N SER D 657 -54.64 12.40 30.81
CA SER D 657 -53.68 13.46 30.48
C SER D 657 -52.46 13.45 31.40
N GLN D 658 -51.26 13.64 30.84
CA GLN D 658 -50.04 13.75 31.64
C GLN D 658 -48.98 14.73 31.15
N CYS D 659 -48.57 14.58 29.89
CA CYS D 659 -47.44 15.32 29.33
C CYS D 659 -47.75 16.79 29.01
N THR D 660 -46.71 17.60 28.88
CA THR D 660 -46.84 19.03 28.60
C THR D 660 -46.43 19.37 27.18
N LYS D 661 -45.77 18.41 26.52
CA LYS D 661 -45.24 18.60 25.17
C LYS D 661 -46.35 18.94 24.19
N ARG D 662 -46.09 19.96 23.38
CA ARG D 662 -47.04 20.44 22.40
C ARG D 662 -46.42 20.36 21.01
N TYR D 663 -47.23 19.93 20.05
CA TYR D 663 -46.80 19.83 18.66
C TYR D 663 -47.51 20.87 17.79
N VAL D 664 -47.00 21.07 16.58
CA VAL D 664 -47.42 22.19 15.74
C VAL D 664 -48.35 21.74 14.62
N ILE D 665 -49.48 22.44 14.50
CA ILE D 665 -50.41 22.23 13.38
C ILE D 665 -50.55 23.51 12.55
N THR D 666 -49.96 23.52 11.36
CA THR D 666 -50.00 24.67 10.46
C THR D 666 -51.29 24.76 9.66
N ASN D 667 -51.87 25.96 9.66
CA ASN D 667 -53.02 26.32 8.81
C ASN D 667 -54.17 25.30 8.84
N PRO D 668 -54.83 25.13 10.00
CA PRO D 668 -55.91 24.13 10.08
C PRO D 668 -57.17 24.59 9.34
N PRO D 669 -58.02 23.64 8.91
CA PRO D 669 -59.19 23.95 8.07
C PRO D 669 -60.27 24.72 8.83
N TYR D 670 -61.19 25.35 8.09
CA TYR D 670 -62.28 26.14 8.70
C TYR D 670 -63.18 25.33 9.63
N GLU D 671 -63.13 24.01 9.47
CA GLU D 671 -63.92 23.10 10.29
C GLU D 671 -63.02 22.25 11.18
N PHE D 672 -62.33 22.90 12.12
CA PHE D 672 -61.37 22.19 12.97
C PHE D 672 -61.71 22.37 14.45
N GLU D 673 -62.00 21.26 15.11
CA GLU D 673 -62.39 21.27 16.52
C GLU D 673 -61.25 21.74 17.43
N MET D 674 -61.55 22.74 18.26
CA MET D 674 -60.60 23.23 19.26
C MET D 674 -60.72 22.48 20.59
N VAL D 675 -59.96 22.92 21.57
CA VAL D 675 -59.92 22.35 22.91
C VAL D 675 -59.58 23.57 23.81
N PRO D 676 -59.87 23.49 25.12
CA PRO D 676 -59.39 24.59 25.99
C PRO D 676 -57.86 24.68 26.06
N THR D 677 -57.19 23.52 25.95
CA THR D 677 -55.75 23.42 26.14
C THR D 677 -54.94 24.02 24.99
N ASP D 678 -55.59 24.30 23.86
CA ASP D 678 -54.89 24.76 22.66
C ASP D 678 -54.20 26.11 22.83
N LEU D 679 -53.18 26.34 22.00
CA LEU D 679 -52.51 27.64 21.90
C LEU D 679 -52.53 28.12 20.45
N ILE D 680 -52.44 29.43 20.25
CA ILE D 680 -52.55 29.99 18.90
C ILE D 680 -51.31 30.75 18.43
N PHE D 681 -50.71 30.25 17.36
CA PHE D 681 -49.66 30.99 16.65
C PHE D 681 -50.35 32.10 15.89
N CYS D 682 -49.85 33.32 16.03
CA CYS D 682 -50.46 34.47 15.35
C CYS D 682 -49.54 35.67 15.18
N LEU D 683 -49.90 36.52 14.22
CA LEU D 683 -49.22 37.77 14.00
C LEU D 683 -50.11 38.89 14.50
N MET D 684 -49.72 39.51 15.60
CA MET D 684 -50.45 40.64 16.17
C MET D 684 -49.94 41.97 15.62
N GLN D 685 -50.81 42.98 15.62
CA GLN D 685 -50.45 44.34 15.18
C GLN D 685 -49.66 45.06 16.26
N PHE D 686 -49.42 46.35 16.06
CA PHE D 686 -48.70 47.12 17.04
C PHE D 686 -49.51 48.33 17.52
N LYS E 4 32.79 26.32 -23.87
CA LYS E 4 32.27 26.85 -22.56
C LYS E 4 30.94 26.20 -22.20
N HIS E 5 30.79 25.84 -20.92
CA HIS E 5 29.55 25.24 -20.43
C HIS E 5 29.20 25.70 -19.04
N ILE E 6 27.93 25.56 -18.67
CA ILE E 6 27.49 25.95 -17.33
C ILE E 6 26.79 24.80 -16.61
N VAL E 7 26.73 24.90 -15.28
CA VAL E 7 26.09 23.91 -14.44
C VAL E 7 24.94 24.56 -13.68
N VAL E 8 23.72 24.11 -13.97
CA VAL E 8 22.53 24.57 -13.26
C VAL E 8 22.12 23.49 -12.27
N CYS E 9 21.82 23.89 -11.04
CA CYS E 9 21.49 22.94 -9.98
C CYS E 9 20.48 23.54 -9.01
N GLY E 10 20.25 22.83 -7.91
CA GLY E 10 19.27 23.27 -6.91
C GLY E 10 17.88 22.80 -7.30
N HIS E 11 16.89 23.65 -7.09
CA HIS E 11 15.49 23.31 -7.39
C HIS E 11 15.21 23.35 -8.87
N ILE E 12 15.28 22.17 -9.48
CA ILE E 12 15.10 22.01 -10.93
C ILE E 12 13.82 21.24 -11.21
N THR E 13 12.78 21.96 -11.62
CA THR E 13 11.50 21.37 -12.01
C THR E 13 11.33 21.56 -13.49
N LEU E 14 10.49 20.71 -14.09
CA LEU E 14 10.10 20.89 -15.47
C LEU E 14 9.82 22.36 -15.75
N GLU E 15 8.98 22.97 -14.92
CA GLU E 15 8.59 24.37 -15.09
C GLU E 15 9.79 25.32 -15.01
N SER E 16 10.73 25.01 -14.12
CA SER E 16 11.88 25.91 -13.88
C SER E 16 12.88 25.82 -15.03
N VAL E 17 13.08 24.59 -15.51
CA VAL E 17 13.96 24.32 -16.65
C VAL E 17 13.46 25.01 -17.91
N SER E 18 12.20 24.76 -18.26
CA SER E 18 11.60 25.35 -19.45
C SER E 18 11.70 26.86 -19.42
N ASN E 19 11.40 27.45 -18.26
CA ASN E 19 11.52 28.89 -18.05
C ASN E 19 12.94 29.40 -18.20
N PHE E 20 13.90 28.65 -17.65
CA PHE E 20 15.30 29.02 -17.74
C PHE E 20 15.77 29.02 -19.19
N LEU E 21 15.37 28.00 -19.94
CA LEU E 21 15.81 27.84 -21.31
C LEU E 21 15.27 28.94 -22.22
N LYS E 22 14.01 29.33 -22.01
CA LYS E 22 13.41 30.38 -22.82
C LYS E 22 14.21 31.67 -22.72
N ASP E 23 14.56 32.05 -21.49
CA ASP E 23 15.25 33.31 -21.22
C ASP E 23 16.71 33.32 -21.65
N PHE E 24 17.24 32.13 -21.90
CA PHE E 24 18.65 31.99 -22.25
C PHE E 24 18.98 32.34 -23.71
N LEU E 25 18.08 32.01 -24.64
CA LEU E 25 18.47 31.89 -26.06
C LEU E 25 17.60 32.66 -27.09
N HIS E 26 17.47 33.97 -26.96
CA HIS E 26 16.44 34.70 -27.71
C HIS E 26 16.95 35.63 -28.80
N LYS E 27 17.25 36.86 -28.40
CA LYS E 27 17.74 37.93 -29.26
C LYS E 27 19.23 38.14 -28.99
N ASP E 28 19.73 37.49 -27.93
CA ASP E 28 21.12 37.64 -27.48
C ASP E 28 22.11 37.30 -28.59
N ARG E 29 23.26 37.96 -28.58
CA ARG E 29 24.21 37.90 -29.69
C ARG E 29 24.60 36.49 -30.10
N ASP E 30 25.07 35.68 -29.15
CA ASP E 30 25.50 34.31 -29.42
C ASP E 30 25.04 33.32 -28.34
N ASP E 31 24.34 32.28 -28.76
CA ASP E 31 23.90 31.21 -27.86
C ASP E 31 24.62 29.90 -28.17
N VAL E 32 25.26 29.85 -29.33
CA VAL E 32 25.98 28.66 -29.83
C VAL E 32 27.13 28.23 -28.90
N ASN E 33 27.63 29.19 -28.13
CA ASN E 33 28.80 29.00 -27.27
C ASN E 33 28.59 28.12 -26.04
N VAL E 34 27.45 28.26 -25.37
CA VAL E 34 27.25 27.66 -24.04
C VAL E 34 26.44 26.35 -24.03
N GLU E 35 27.00 25.34 -23.39
CA GLU E 35 26.30 24.08 -23.13
C GLU E 35 25.76 24.09 -21.70
N ILE E 36 24.45 23.89 -21.56
CA ILE E 36 23.79 23.89 -20.27
C ILE E 36 23.68 22.47 -19.70
N VAL E 37 24.30 22.25 -18.55
CA VAL E 37 24.23 20.95 -17.90
C VAL E 37 23.44 21.05 -16.61
N PHE E 38 22.23 20.51 -16.62
CA PHE E 38 21.40 20.48 -15.42
C PHE E 38 21.83 19.35 -14.51
N LEU E 39 21.84 19.63 -13.21
CA LEU E 39 22.11 18.62 -12.21
C LEU E 39 21.03 18.65 -11.13
N HIS E 40 20.17 17.63 -11.13
CA HIS E 40 19.08 17.47 -10.16
C HIS E 40 19.37 16.30 -9.26
N ASN E 41 18.51 16.04 -8.29
CA ASN E 41 18.59 14.81 -7.51
C ASN E 41 17.26 14.04 -7.47
N ILE E 42 16.29 14.56 -8.22
CA ILE E 42 14.96 13.95 -8.32
C ILE E 42 14.97 12.76 -9.28
N SER E 43 13.86 12.01 -9.28
CA SER E 43 13.65 10.86 -10.17
C SER E 43 13.91 11.24 -11.63
N PRO E 44 14.81 10.50 -12.31
CA PRO E 44 15.26 10.80 -13.67
C PRO E 44 14.17 11.28 -14.63
N ASN E 45 13.08 10.50 -14.74
CA ASN E 45 12.03 10.76 -15.75
C ASN E 45 12.63 10.90 -17.16
N LEU E 46 13.46 9.93 -17.53
CA LEU E 46 14.25 9.97 -18.77
C LEU E 46 13.44 10.43 -19.98
N GLU E 47 12.19 9.95 -20.08
CA GLU E 47 11.30 10.27 -21.19
C GLU E 47 11.08 11.79 -21.37
N LEU E 48 10.70 12.48 -20.29
CA LEU E 48 10.46 13.93 -20.33
C LEU E 48 11.73 14.67 -20.72
N GLU E 49 12.86 14.22 -20.17
CA GLU E 49 14.17 14.76 -20.48
C GLU E 49 14.59 14.45 -21.92
N ALA E 50 14.29 13.22 -22.36
CA ALA E 50 14.69 12.74 -23.68
C ALA E 50 14.38 13.74 -24.79
N LEU E 51 13.14 14.23 -24.80
CA LEU E 51 12.66 15.18 -25.81
C LEU E 51 13.42 16.51 -25.76
N PHE E 52 13.64 17.03 -24.56
CA PHE E 52 14.42 18.25 -24.36
C PHE E 52 15.73 18.22 -25.12
N LYS E 53 16.54 17.19 -24.85
CA LYS E 53 17.85 17.00 -25.48
C LYS E 53 17.78 17.03 -27.01
N ARG E 54 16.65 16.58 -27.55
CA ARG E 54 16.39 16.59 -29.00
C ARG E 54 16.14 18.00 -29.55
N HIS E 55 15.44 18.85 -28.80
CA HIS E 55 15.20 20.24 -29.22
C HIS E 55 16.43 21.10 -29.08
N PHE E 56 17.03 21.08 -27.90
CA PHE E 56 18.27 21.81 -27.66
C PHE E 56 19.43 20.82 -27.57
N THR E 57 20.40 20.94 -28.47
CA THR E 57 21.55 20.03 -28.47
C THR E 57 22.61 20.51 -27.48
N GLN E 58 22.23 21.48 -26.66
CA GLN E 58 23.14 22.12 -25.72
C GLN E 58 22.82 21.72 -24.29
N VAL E 59 21.87 20.79 -24.14
CA VAL E 59 21.29 20.47 -22.84
C VAL E 59 21.51 19.02 -22.44
N GLU E 60 22.16 18.82 -21.28
CA GLU E 60 22.40 17.48 -20.72
C GLU E 60 21.92 17.39 -19.26
N PHE E 61 21.31 16.27 -18.92
CA PHE E 61 20.75 16.04 -17.59
C PHE E 61 21.53 14.95 -16.87
N TYR E 62 21.93 15.22 -15.64
CA TYR E 62 22.58 14.21 -14.79
C TYR E 62 21.98 14.31 -13.41
N GLN E 63 21.71 13.17 -12.79
CA GLN E 63 21.22 13.18 -11.42
C GLN E 63 22.35 12.95 -10.43
N GLY E 64 22.13 13.40 -9.19
CA GLY E 64 23.16 13.39 -8.15
C GLY E 64 23.07 14.65 -7.32
N SER E 65 23.92 14.76 -6.31
CA SER E 65 23.90 15.92 -5.42
C SER E 65 25.00 16.89 -5.75
N VAL E 66 24.85 18.12 -5.28
CA VAL E 66 25.86 19.15 -5.43
C VAL E 66 26.85 19.06 -4.26
N LEU E 67 26.56 18.15 -3.34
CA LEU E 67 27.35 17.94 -2.16
C LEU E 67 28.21 16.70 -2.28
N ASN E 68 28.27 16.14 -3.49
CA ASN E 68 29.05 14.94 -3.74
C ASN E 68 30.23 15.20 -4.68
N PRO E 69 31.46 15.19 -4.12
CA PRO E 69 32.66 15.54 -4.88
C PRO E 69 32.79 14.77 -6.18
N HIS E 70 32.27 13.54 -6.20
CA HIS E 70 32.25 12.71 -7.43
C HIS E 70 31.35 13.31 -8.47
N ASP E 71 30.13 13.68 -8.07
CA ASP E 71 29.15 14.27 -8.98
C ASP E 71 29.59 15.61 -9.55
N LEU E 72 30.18 16.46 -8.71
CA LEU E 72 30.73 17.74 -9.16
C LEU E 72 31.80 17.54 -10.23
N ALA E 73 32.63 16.51 -10.04
CA ALA E 73 33.66 16.15 -11.01
C ALA E 73 33.05 15.54 -12.27
N ARG E 74 31.97 14.79 -12.10
CA ARG E 74 31.29 14.15 -13.22
C ARG E 74 30.66 15.18 -14.15
N VAL E 75 30.10 16.23 -13.56
CA VAL E 75 29.49 17.32 -14.32
C VAL E 75 30.57 18.33 -14.74
N LYS E 76 31.79 18.12 -14.24
CA LYS E 76 32.94 18.98 -14.52
C LYS E 76 32.65 20.45 -14.19
N ILE E 77 32.36 20.67 -12.91
CA ILE E 77 32.03 21.99 -12.37
C ILE E 77 33.26 22.89 -12.41
N GLU E 78 34.42 22.29 -12.18
CA GLU E 78 35.70 23.01 -12.15
C GLU E 78 36.05 23.76 -13.45
N SER E 79 35.65 23.18 -14.58
CA SER E 79 35.90 23.75 -15.89
C SER E 79 34.79 24.75 -16.26
N ALA E 80 33.58 24.47 -15.81
CA ALA E 80 32.39 25.25 -16.17
C ALA E 80 32.54 26.75 -15.97
N ASP E 81 32.04 27.50 -16.95
CA ASP E 81 32.06 28.96 -16.94
C ASP E 81 31.47 29.51 -15.64
N ALA E 82 30.27 29.04 -15.30
CA ALA E 82 29.56 29.47 -14.10
C ALA E 82 28.60 28.39 -13.60
N CYS E 83 28.23 28.48 -12.33
CA CYS E 83 27.22 27.57 -11.78
C CYS E 83 26.04 28.35 -11.22
N LEU E 84 24.84 27.98 -11.65
CA LEU E 84 23.64 28.69 -11.21
C LEU E 84 22.80 27.81 -10.29
N ILE E 85 22.45 28.38 -9.14
CA ILE E 85 21.65 27.67 -8.14
C ILE E 85 20.23 28.25 -8.06
N LEU E 86 19.28 27.56 -8.68
CA LEU E 86 17.88 27.95 -8.61
C LEU E 86 17.26 27.54 -7.28
N ALA E 87 16.41 28.41 -6.74
CA ALA E 87 15.77 28.17 -5.45
C ALA E 87 14.30 27.84 -5.59
N ASN E 88 13.73 27.25 -4.54
CA ASN E 88 12.32 26.98 -4.50
C ASN E 88 11.56 28.23 -4.06
N LYS E 89 11.24 29.10 -5.00
CA LYS E 89 10.59 30.37 -4.69
C LYS E 89 9.34 30.15 -3.82
N TYR E 90 8.53 29.17 -4.20
CA TYR E 90 7.28 28.89 -3.52
C TYR E 90 7.49 27.78 -2.51
N CYS E 91 8.48 28.00 -1.63
CA CYS E 91 8.93 27.03 -0.66
C CYS E 91 8.02 26.94 0.56
N ALA E 92 8.19 25.87 1.34
CA ALA E 92 7.48 25.70 2.62
C ALA E 92 8.05 26.61 3.70
N ASP E 93 9.34 26.49 3.99
CA ASP E 93 10.04 27.34 4.95
C ASP E 93 11.18 28.08 4.26
N PRO E 94 11.00 29.40 4.00
CA PRO E 94 12.00 30.21 3.30
C PRO E 94 13.39 30.17 3.92
N ASP E 95 13.48 30.31 5.24
CA ASP E 95 14.76 30.23 5.95
C ASP E 95 15.49 28.91 5.73
N ALA E 96 14.74 27.82 5.80
CA ALA E 96 15.29 26.49 5.57
C ALA E 96 15.77 26.30 4.15
N GLU E 97 15.11 26.95 3.19
CA GLU E 97 15.50 26.87 1.78
C GLU E 97 16.85 27.55 1.53
N ASP E 98 17.00 28.76 2.03
CA ASP E 98 18.25 29.49 1.93
C ASP E 98 19.36 28.70 2.62
N ALA E 99 19.08 28.24 3.83
CA ALA E 99 19.98 27.39 4.56
C ALA E 99 20.51 26.29 3.65
N SER E 100 19.60 25.61 2.95
CA SER E 100 19.93 24.51 2.06
C SER E 100 20.79 24.98 0.87
N ASN E 101 20.40 26.12 0.29
CA ASN E 101 21.12 26.68 -0.84
C ASN E 101 22.51 27.17 -0.49
N ILE E 102 22.64 27.81 0.67
CA ILE E 102 23.93 28.26 1.16
C ILE E 102 24.92 27.10 1.23
N MET E 103 24.43 25.97 1.73
CA MET E 103 25.23 24.75 1.82
C MET E 103 25.76 24.33 0.45
N ARG E 104 24.95 24.46 -0.59
CA ARG E 104 25.40 24.18 -1.95
C ARG E 104 26.55 25.11 -2.31
N VAL E 105 26.37 26.40 -2.08
CA VAL E 105 27.41 27.37 -2.36
C VAL E 105 28.70 26.96 -1.67
N ILE E 106 28.61 26.72 -0.35
CA ILE E 106 29.75 26.21 0.43
C ILE E 106 30.41 25.02 -0.26
N SER E 107 29.60 24.03 -0.65
CA SER E 107 30.09 22.81 -1.28
C SER E 107 30.73 23.06 -2.64
N ILE E 108 30.07 23.83 -3.50
CA ILE E 108 30.60 24.14 -4.82
C ILE E 108 31.91 24.90 -4.70
N LYS E 109 31.99 25.75 -3.69
CA LYS E 109 33.23 26.47 -3.40
C LYS E 109 34.31 25.57 -2.77
N ASN E 110 33.88 24.61 -1.96
CA ASN E 110 34.80 23.64 -1.39
C ASN E 110 35.53 22.84 -2.45
N TYR E 111 34.79 22.40 -3.49
CA TYR E 111 35.37 21.60 -4.56
C TYR E 111 36.30 22.42 -5.46
N HIS E 112 35.85 23.60 -5.87
CA HIS E 112 36.67 24.48 -6.67
C HIS E 112 36.27 25.90 -6.40
N PRO E 113 37.15 26.66 -5.74
CA PRO E 113 36.82 27.98 -5.22
C PRO E 113 36.65 29.03 -6.31
N LYS E 114 37.49 28.95 -7.35
CA LYS E 114 37.49 29.93 -8.44
C LYS E 114 36.36 29.67 -9.44
N ILE E 115 35.13 29.63 -8.94
CA ILE E 115 33.94 29.41 -9.77
C ILE E 115 33.03 30.62 -9.65
N ARG E 116 32.38 30.98 -10.75
CA ARG E 116 31.31 31.97 -10.70
C ARG E 116 30.01 31.30 -10.25
N ILE E 117 29.42 31.82 -9.18
CA ILE E 117 28.15 31.30 -8.64
C ILE E 117 27.06 32.37 -8.66
N ILE E 118 26.01 32.12 -9.44
CA ILE E 118 24.80 32.93 -9.39
C ILE E 118 23.78 32.14 -8.57
N THR E 119 23.24 32.75 -7.53
CA THR E 119 22.30 32.05 -6.64
C THR E 119 21.11 32.90 -6.20
N GLN E 120 19.94 32.26 -6.10
CA GLN E 120 18.71 32.93 -5.65
C GLN E 120 18.58 32.84 -4.15
N MET E 121 18.12 33.93 -3.52
CA MET E 121 17.90 33.95 -2.07
C MET E 121 16.50 34.42 -1.76
N LEU E 122 15.83 33.73 -0.83
CA LEU E 122 14.45 34.06 -0.50
C LEU E 122 14.30 35.19 0.53
N GLN E 123 15.21 35.27 1.49
CA GLN E 123 15.15 36.27 2.55
C GLN E 123 16.42 37.07 2.47
N TYR E 124 16.35 38.39 2.68
CA TYR E 124 17.57 39.20 2.67
C TYR E 124 18.55 38.77 3.77
N HIS E 125 18.08 38.71 5.02
CA HIS E 125 18.96 38.47 6.16
C HIS E 125 19.91 37.31 5.95
N ASN E 126 19.48 36.31 5.19
CA ASN E 126 20.30 35.16 4.85
C ASN E 126 21.38 35.47 3.82
N LYS E 127 21.07 36.39 2.92
CA LYS E 127 22.01 36.81 1.86
C LYS E 127 23.34 37.30 2.43
N ALA E 128 23.27 37.96 3.58
CA ALA E 128 24.45 38.36 4.33
C ALA E 128 25.43 37.21 4.59
N HIS E 129 24.91 36.08 5.07
CA HIS E 129 25.74 34.90 5.39
C HIS E 129 26.71 34.51 4.32
N LEU E 130 26.33 34.74 3.05
CA LEU E 130 27.17 34.33 1.92
C LEU E 130 28.56 34.97 1.90
N LEU E 131 28.70 36.08 2.62
CA LEU E 131 29.97 36.78 2.72
C LEU E 131 30.96 36.09 3.64
N ASN E 132 30.43 35.32 4.59
CA ASN E 132 31.24 34.52 5.52
C ASN E 132 32.00 33.40 4.82
N ILE E 133 31.47 32.94 3.70
CA ILE E 133 32.14 31.94 2.88
C ILE E 133 33.39 32.55 2.24
N PRO E 134 34.56 31.96 2.53
CA PRO E 134 35.87 32.43 2.11
C PRO E 134 35.99 32.67 0.61
N SER E 135 35.55 31.71 -0.19
CA SER E 135 35.78 31.76 -1.63
C SER E 135 34.78 32.64 -2.38
N TRP E 136 33.81 33.18 -1.64
CA TRP E 136 32.77 34.04 -2.20
C TRP E 136 33.31 35.37 -2.59
N ASN E 137 33.31 35.65 -3.89
CA ASN E 137 33.86 36.89 -4.44
C ASN E 137 32.82 37.86 -4.95
N TRP E 138 32.45 38.82 -4.09
CA TRP E 138 31.49 39.89 -4.44
C TRP E 138 32.02 40.78 -5.53
N LYS E 139 33.36 40.85 -5.60
CA LYS E 139 34.10 41.64 -6.60
C LYS E 139 34.39 40.86 -7.88
N GLU E 140 34.52 39.53 -7.79
CA GLU E 140 34.55 38.71 -9.00
C GLU E 140 33.10 38.43 -9.45
N GLY E 141 32.90 37.36 -10.22
CA GLY E 141 31.59 37.06 -10.83
C GLY E 141 30.44 36.66 -9.91
N ASP E 142 30.78 36.16 -8.72
CA ASP E 142 29.77 35.70 -7.75
C ASP E 142 28.80 36.80 -7.41
N ASP E 143 27.52 36.51 -7.60
CA ASP E 143 26.42 37.42 -7.25
C ASP E 143 25.19 36.63 -6.78
N ALA E 144 24.47 37.18 -5.81
CA ALA E 144 23.27 36.55 -5.32
C ALA E 144 22.03 37.41 -5.53
N ILE E 145 21.11 36.90 -6.34
CA ILE E 145 19.85 37.57 -6.60
C ILE E 145 18.91 37.39 -5.41
N CYS E 146 18.76 38.42 -4.59
CA CYS E 146 17.83 38.33 -3.47
C CYS E 146 16.42 38.65 -3.93
N LEU E 147 15.58 37.61 -4.00
CA LEU E 147 14.21 37.75 -4.48
C LEU E 147 13.36 38.64 -3.59
N ALA E 148 13.55 38.53 -2.27
CA ALA E 148 12.79 39.35 -1.32
C ALA E 148 13.05 40.84 -1.54
N GLU E 149 14.31 41.21 -1.69
CA GLU E 149 14.69 42.62 -1.76
C GLU E 149 14.26 43.27 -3.07
N LEU E 150 14.29 42.50 -4.15
CA LEU E 150 13.92 43.02 -5.47
C LEU E 150 12.42 43.09 -5.62
N LYS E 151 11.70 42.02 -5.24
CA LYS E 151 10.23 42.05 -5.27
C LYS E 151 9.75 43.31 -4.56
N ALA E 152 10.30 43.54 -3.37
CA ALA E 152 9.92 44.68 -2.55
C ALA E 152 10.24 45.99 -3.23
N GLY E 153 11.47 46.10 -3.73
CA GLY E 153 11.92 47.30 -4.43
C GLY E 153 11.10 47.66 -5.67
N PHE E 154 10.80 46.67 -6.51
CA PHE E 154 9.97 46.87 -7.70
C PHE E 154 8.61 47.45 -7.33
N ILE E 155 8.00 46.91 -6.28
CA ILE E 155 6.72 47.40 -5.78
C ILE E 155 6.89 48.80 -5.18
N ALA E 156 8.01 49.04 -4.51
CA ALA E 156 8.34 50.35 -3.96
C ALA E 156 8.48 51.41 -5.05
N GLN E 157 9.22 51.06 -6.09
CA GLN E 157 9.39 51.93 -7.24
C GLN E 157 8.08 52.28 -7.93
N SER E 158 7.07 51.42 -7.78
CA SER E 158 5.74 51.68 -8.31
C SER E 158 4.98 52.72 -7.49
N CYS E 159 5.35 52.91 -6.23
CA CYS E 159 4.73 53.95 -5.40
C CYS E 159 5.10 55.35 -5.89
N LEU E 160 6.33 55.48 -6.38
CA LEU E 160 6.82 56.73 -6.96
C LEU E 160 6.26 56.94 -8.36
N ALA E 161 6.37 55.94 -9.21
CA ALA E 161 5.79 56.00 -10.55
C ALA E 161 5.00 54.74 -10.86
N GLN E 162 3.68 54.84 -10.78
CA GLN E 162 2.83 53.67 -10.96
C GLN E 162 3.03 53.05 -12.33
N GLY E 163 3.26 51.73 -12.34
CA GLY E 163 3.50 51.00 -13.57
C GLY E 163 4.97 50.72 -13.79
N LEU E 164 5.83 51.36 -13.02
CA LEU E 164 7.29 51.15 -13.15
C LEU E 164 7.66 49.69 -12.94
N SER E 165 7.02 49.04 -11.96
CA SER E 165 7.24 47.63 -11.63
C SER E 165 7.19 46.74 -12.88
N THR E 166 6.15 46.88 -13.67
CA THR E 166 5.97 46.03 -14.83
C THR E 166 6.78 46.53 -16.02
N MET E 167 7.09 47.82 -16.02
CA MET E 167 7.93 48.39 -17.05
C MET E 167 9.35 47.89 -16.86
N LEU E 168 9.79 47.86 -15.62
CA LEU E 168 11.14 47.50 -15.26
C LEU E 168 11.31 45.99 -15.35
N ALA E 169 10.19 45.27 -15.47
CA ALA E 169 10.18 43.82 -15.51
C ALA E 169 10.24 43.28 -16.93
N ASN E 170 9.38 43.82 -17.80
CA ASN E 170 9.38 43.48 -19.22
C ASN E 170 10.69 43.83 -19.91
N LEU E 171 11.30 44.89 -19.41
CA LEU E 171 12.60 45.37 -19.84
C LEU E 171 13.69 44.31 -19.64
N PHE E 172 13.52 43.49 -18.60
CA PHE E 172 14.53 42.53 -18.17
C PHE E 172 14.39 41.14 -18.73
N SER E 173 13.14 40.72 -18.92
CA SER E 173 12.86 39.42 -19.50
C SER E 173 13.05 39.48 -21.00
N MET E 174 13.93 38.62 -21.52
CA MET E 174 14.21 38.56 -22.97
C MET E 174 12.94 38.17 -23.74
N ARG E 175 12.44 39.11 -24.53
CA ARG E 175 11.23 38.93 -25.35
C ARG E 175 11.33 39.70 -26.66
N SER E 176 10.68 39.16 -27.69
CA SER E 176 10.75 39.73 -29.03
C SER E 176 9.49 40.47 -29.46
N TYR E 177 9.57 41.15 -30.59
CA TYR E 177 8.50 42.00 -31.13
C TYR E 177 7.35 41.18 -31.70
N ILE E 178 6.12 41.63 -31.45
CA ILE E 178 4.93 40.84 -31.81
C ILE E 178 4.07 41.41 -32.96
N LYS E 179 3.96 42.74 -33.03
CA LYS E 179 3.28 43.43 -34.13
C LYS E 179 1.83 42.99 -34.34
N ILE E 180 0.97 43.26 -33.35
CA ILE E 180 -0.46 43.00 -33.53
C ILE E 180 -1.03 44.02 -34.53
N GLU E 181 -1.79 43.51 -35.50
CA GLU E 181 -2.26 44.31 -36.62
C GLU E 181 -3.35 45.29 -36.20
N GLU E 182 -4.35 44.79 -35.47
CA GLU E 182 -5.48 45.61 -35.04
C GLU E 182 -5.09 46.68 -34.03
N ASP E 183 -5.80 47.81 -34.07
CA ASP E 183 -5.56 48.91 -33.14
C ASP E 183 -6.22 48.66 -31.78
N THR E 184 -5.40 48.31 -30.80
CA THR E 184 -5.77 48.21 -29.37
C THR E 184 -4.50 48.47 -28.57
N TRP E 185 -4.66 48.69 -27.27
CA TRP E 185 -3.52 48.98 -26.42
C TRP E 185 -2.48 47.90 -26.47
N GLN E 186 -2.91 46.66 -26.74
CA GLN E 186 -1.98 45.54 -26.86
C GLN E 186 -0.83 45.90 -27.78
N LYS E 187 -1.18 46.41 -28.97
CA LYS E 187 -0.20 46.84 -29.97
C LYS E 187 0.90 47.68 -29.35
N TYR E 188 0.50 48.79 -28.72
CA TYR E 188 1.44 49.77 -28.18
C TYR E 188 2.22 49.21 -27.01
N TYR E 189 1.52 48.47 -26.15
CA TYR E 189 2.12 47.82 -25.00
C TYR E 189 3.24 46.86 -25.44
N LEU E 190 2.92 46.02 -26.43
CA LEU E 190 3.84 45.01 -26.91
C LEU E 190 5.03 45.61 -27.64
N GLU E 191 4.77 46.69 -28.37
CA GLU E 191 5.82 47.39 -29.09
C GLU E 191 6.89 47.83 -28.11
N GLY E 192 6.46 48.10 -26.88
CA GLY E 192 7.38 48.42 -25.80
C GLY E 192 8.01 47.16 -25.22
N VAL E 193 7.17 46.18 -24.92
CA VAL E 193 7.61 44.90 -24.32
C VAL E 193 8.81 44.30 -25.04
N ALA E 194 8.83 44.49 -26.37
CA ALA E 194 9.85 43.98 -27.29
C ALA E 194 11.28 44.34 -26.86
N ASN E 195 11.34 45.26 -25.89
CA ASN E 195 12.60 45.64 -25.29
C ASN E 195 13.23 44.66 -24.30
N GLU E 196 14.54 44.83 -24.20
CA GLU E 196 15.39 44.11 -23.33
C GLU E 196 16.54 45.10 -23.17
N MET E 197 17.13 45.18 -21.99
CA MET E 197 18.19 46.15 -21.72
C MET E 197 19.60 45.56 -21.88
N TYR E 198 20.35 46.09 -22.86
CA TYR E 198 21.68 45.57 -23.18
C TYR E 198 22.84 46.47 -22.75
N THR E 199 24.02 45.87 -22.65
CA THR E 199 25.22 46.59 -22.25
C THR E 199 26.16 46.74 -23.46
N GLU E 200 26.72 47.93 -23.62
CA GLU E 200 27.64 48.22 -24.73
C GLU E 200 28.64 49.31 -24.41
N TYR E 201 29.83 49.20 -25.00
CA TYR E 201 30.86 50.22 -24.88
C TYR E 201 30.61 51.37 -25.85
N LEU E 202 30.87 52.58 -25.37
CA LEU E 202 30.68 53.78 -26.18
C LEU E 202 31.79 53.95 -27.23
N SER E 203 31.40 54.41 -28.42
CA SER E 203 32.36 54.72 -29.48
C SER E 203 33.32 55.81 -29.03
N SER E 204 34.57 55.71 -29.49
CA SER E 204 35.62 56.70 -29.20
C SER E 204 35.14 58.13 -29.48
N ALA E 205 34.19 58.25 -30.42
CA ALA E 205 33.65 59.54 -30.86
C ALA E 205 33.08 60.37 -29.73
N PHE E 206 32.42 59.72 -28.79
CA PHE E 206 31.69 60.42 -27.72
C PHE E 206 32.59 60.99 -26.63
N VAL E 207 33.83 60.52 -26.56
CA VAL E 207 34.76 60.92 -25.50
C VAL E 207 34.75 62.42 -25.27
N GLY E 208 34.59 62.82 -24.00
CA GLY E 208 34.66 64.22 -23.61
C GLY E 208 33.34 64.97 -23.66
N LEU E 209 32.40 64.49 -24.46
CA LEU E 209 31.06 65.09 -24.53
C LEU E 209 30.34 64.90 -23.19
N SER E 210 29.29 65.69 -22.99
CA SER E 210 28.45 65.56 -21.80
C SER E 210 27.44 64.44 -22.02
N PHE E 211 27.20 63.64 -20.98
CA PHE E 211 26.23 62.54 -21.07
C PHE E 211 24.95 62.95 -21.81
N PRO E 212 24.29 64.04 -21.37
CA PRO E 212 23.08 64.55 -22.02
C PRO E 212 23.17 64.66 -23.54
N THR E 213 24.26 65.26 -24.03
CA THR E 213 24.46 65.41 -25.47
C THR E 213 24.71 64.07 -26.14
N VAL E 214 25.47 63.19 -25.48
CA VAL E 214 25.68 61.82 -25.95
C VAL E 214 24.35 61.09 -26.06
N CYS E 215 23.55 61.19 -25.00
CA CYS E 215 22.25 60.56 -24.94
C CYS E 215 21.34 60.97 -26.11
N GLU E 216 21.33 62.25 -26.44
CA GLU E 216 20.55 62.77 -27.56
C GLU E 216 21.01 62.16 -28.87
N LEU E 217 22.32 62.17 -29.09
CA LEU E 217 22.89 61.61 -30.31
C LEU E 217 22.50 60.14 -30.48
N CYS E 218 22.53 59.39 -29.39
CA CYS E 218 22.19 57.97 -29.40
C CYS E 218 20.74 57.76 -29.76
N TYR E 219 19.86 58.59 -29.20
CA TYR E 219 18.44 58.49 -29.46
C TYR E 219 18.03 59.02 -30.83
N VAL E 220 18.66 60.12 -31.26
CA VAL E 220 18.32 60.78 -32.51
C VAL E 220 18.97 60.09 -33.72
N LYS E 221 20.27 59.84 -33.63
CA LYS E 221 21.00 59.19 -34.73
C LYS E 221 20.86 57.66 -34.77
N LEU E 222 20.64 57.04 -33.61
CA LEU E 222 20.61 55.57 -33.52
C LEU E 222 19.30 54.93 -33.00
N LYS E 223 18.43 55.73 -32.39
CA LYS E 223 17.20 55.21 -31.78
C LYS E 223 17.47 54.29 -30.57
N LEU E 224 18.68 54.36 -30.02
CA LEU E 224 19.02 53.65 -28.79
C LEU E 224 18.87 54.56 -27.57
N LEU E 225 17.92 54.23 -26.70
CA LEU E 225 17.74 54.98 -25.47
C LEU E 225 18.81 54.58 -24.43
N LEU E 226 19.75 55.47 -24.17
CA LEU E 226 20.80 55.25 -23.17
C LEU E 226 20.36 55.76 -21.78
N ILE E 227 20.59 54.97 -20.73
CA ILE E 227 20.16 55.37 -19.37
C ILE E 227 21.26 55.52 -18.32
N ALA E 228 22.41 54.87 -18.52
CA ALA E 228 23.49 54.94 -17.52
C ALA E 228 24.87 54.56 -18.04
N ILE E 229 25.89 55.18 -17.45
CA ILE E 229 27.30 54.91 -17.76
C ILE E 229 27.93 54.11 -16.62
N GLU E 230 29.11 53.54 -16.86
CA GLU E 230 29.86 52.83 -15.81
C GLU E 230 31.25 53.47 -15.63
N TYR E 231 31.29 54.63 -14.96
CA TYR E 231 32.52 55.43 -14.80
C TYR E 231 33.63 54.69 -14.07
N LYS E 232 34.85 54.76 -14.62
CA LYS E 232 36.03 54.11 -14.05
C LYS E 232 36.67 55.00 -12.99
N LYS E 242 33.68 48.86 -10.51
CA LYS E 242 33.66 50.32 -10.37
C LYS E 242 32.23 50.84 -10.21
N ARG E 243 32.10 52.08 -9.72
CA ARG E 243 30.79 52.73 -9.50
C ARG E 243 30.05 53.01 -10.82
N ILE E 244 28.73 52.89 -10.79
CA ILE E 244 27.89 53.15 -11.97
C ILE E 244 26.95 54.34 -11.71
N LEU E 245 26.79 55.20 -12.72
CA LEU E 245 25.94 56.42 -12.61
C LEU E 245 24.73 56.36 -13.55
N ILE E 246 23.52 56.33 -12.96
CA ILE E 246 22.25 56.33 -13.72
C ILE E 246 21.80 57.76 -14.03
N ASN E 247 21.66 58.07 -15.32
CA ASN E 247 21.35 59.44 -15.82
C ASN E 247 22.20 60.56 -15.19
N PRO E 248 23.53 60.57 -15.44
CA PRO E 248 24.30 61.66 -14.83
C PRO E 248 23.94 63.02 -15.41
N GLY E 249 24.22 64.08 -14.66
CA GLY E 249 24.02 65.46 -15.12
C GLY E 249 24.89 65.79 -16.31
N ASN E 250 24.78 67.01 -16.81
CA ASN E 250 25.50 67.41 -18.03
C ASN E 250 27.04 67.44 -17.89
N HIS E 251 27.53 67.51 -16.67
CA HIS E 251 28.95 67.69 -16.39
C HIS E 251 29.76 66.45 -16.68
N VAL E 252 29.17 65.30 -16.39
CA VAL E 252 29.82 64.01 -16.63
C VAL E 252 30.25 63.86 -18.09
N LYS E 253 31.56 63.63 -18.29
CA LYS E 253 32.14 63.44 -19.62
C LYS E 253 32.78 62.07 -19.76
N MET E 254 32.71 61.53 -20.97
CA MET E 254 33.12 60.15 -21.24
C MET E 254 34.62 59.93 -21.12
N GLN E 255 34.99 58.84 -20.45
CA GLN E 255 36.38 58.53 -20.16
C GLN E 255 36.86 57.37 -21.04
N GLU E 256 37.51 57.70 -22.14
CA GLU E 256 38.01 56.74 -23.12
C GLU E 256 36.88 55.77 -23.50
N GLY E 257 37.04 54.50 -23.13
CA GLY E 257 36.01 53.49 -23.35
C GLY E 257 35.15 53.35 -22.12
N THR E 258 34.01 54.03 -22.12
CA THR E 258 33.04 53.92 -21.05
C THR E 258 32.03 52.82 -21.41
N LEU E 259 31.42 52.23 -20.40
CA LEU E 259 30.38 51.22 -20.60
C LEU E 259 29.01 51.84 -20.37
N GLY E 260 28.12 51.64 -21.33
CA GLY E 260 26.80 52.25 -21.28
C GLY E 260 25.65 51.25 -21.32
N PHE E 261 24.61 51.51 -20.53
CA PHE E 261 23.45 50.63 -20.50
C PHE E 261 22.35 51.20 -21.39
N PHE E 262 22.01 50.43 -22.42
CA PHE E 262 21.04 50.88 -23.44
C PHE E 262 19.76 50.07 -23.36
N ILE E 263 18.68 50.63 -23.88
CA ILE E 263 17.41 49.93 -23.94
C ILE E 263 17.01 49.83 -25.41
N ALA E 264 17.37 48.74 -26.06
CA ALA E 264 17.01 48.55 -27.47
C ALA E 264 16.33 47.23 -27.72
N SER E 265 15.63 47.16 -28.84
CA SER E 265 14.87 45.97 -29.25
C SER E 265 15.67 44.66 -29.15
N ASP E 266 16.77 44.63 -29.90
CA ASP E 266 17.60 43.45 -30.11
C ASP E 266 19.02 43.76 -29.63
N ALA E 267 19.74 42.71 -29.24
CA ALA E 267 21.15 42.85 -28.81
C ALA E 267 22.07 43.41 -29.90
N LYS E 268 21.81 43.05 -31.15
CA LYS E 268 22.59 43.54 -32.30
C LYS E 268 22.33 45.03 -32.59
N GLU E 269 21.16 45.52 -32.22
CA GLU E 269 20.82 46.95 -32.35
C GLU E 269 21.80 47.82 -31.58
N VAL E 270 22.18 47.36 -30.39
CA VAL E 270 23.02 48.11 -29.48
C VAL E 270 24.47 48.16 -29.96
N LYS E 271 24.88 47.15 -30.73
CA LYS E 271 26.25 47.08 -31.27
C LYS E 271 26.60 48.37 -32.02
N ARG E 272 25.60 48.94 -32.69
CA ARG E 272 25.75 50.17 -33.48
C ARG E 272 26.22 51.39 -32.70
N ALA E 273 26.12 51.36 -31.38
CA ALA E 273 26.57 52.46 -30.52
C ALA E 273 28.09 52.54 -30.49
N PHE E 274 28.71 51.86 -31.44
CA PHE E 274 30.15 51.67 -31.50
C PHE E 274 30.73 52.08 -32.87
N PHE E 275 30.34 53.26 -33.36
CA PHE E 275 30.80 53.79 -34.65
C PHE E 275 30.86 55.32 -34.69
N LYS E 349 22.04 64.06 13.73
CA LYS E 349 22.08 62.84 12.93
C LYS E 349 20.79 62.62 12.15
N ARG E 350 20.74 63.14 10.92
CA ARG E 350 19.53 63.09 10.07
C ARG E 350 19.62 62.05 8.95
N TYR E 351 20.79 61.41 8.80
CA TYR E 351 21.01 60.44 7.74
C TYR E 351 21.69 59.15 8.23
N ASP E 352 21.60 58.10 7.43
CA ASP E 352 22.32 56.84 7.65
C ASP E 352 23.82 57.07 7.56
N SER E 353 24.60 56.08 8.02
CA SER E 353 26.06 56.16 7.94
C SER E 353 26.53 56.55 6.55
N THR E 354 25.88 55.96 5.54
CA THR E 354 26.18 56.25 4.13
C THR E 354 25.71 57.65 3.70
N GLY E 355 24.64 58.14 4.30
CA GLY E 355 24.00 59.38 3.89
C GLY E 355 23.11 59.14 2.69
N MET E 356 22.81 57.87 2.44
CA MET E 356 21.97 57.47 1.34
C MET E 356 20.50 57.49 1.75
N PHE E 357 20.23 57.12 3.00
CA PHE E 357 18.85 56.97 3.48
C PHE E 357 18.56 57.87 4.68
N HIS E 358 17.31 58.31 4.80
CA HIS E 358 16.86 59.15 5.92
C HIS E 358 16.82 58.37 7.19
N TRP E 359 17.74 58.69 8.10
CA TRP E 359 17.78 58.05 9.40
C TRP E 359 17.01 58.84 10.42
N CYS E 360 16.46 58.13 11.40
CA CYS E 360 15.67 58.72 12.47
C CYS E 360 15.99 57.91 13.74
N PRO E 361 16.00 58.57 14.92
CA PRO E 361 16.34 57.84 16.14
C PRO E 361 15.41 56.66 16.34
N SER E 362 15.97 55.48 16.58
CA SER E 362 15.17 54.28 16.75
C SER E 362 14.01 54.55 17.73
N LYS E 363 12.78 54.38 17.24
CA LYS E 363 11.57 54.66 18.02
C LYS E 363 10.98 53.36 18.61
N GLU E 364 10.33 53.47 19.77
CA GLU E 364 9.66 52.32 20.38
C GLU E 364 8.32 52.09 19.72
N ILE E 365 8.03 50.83 19.40
CA ILE E 365 6.90 50.47 18.54
C ILE E 365 5.55 51.09 18.95
N GLU E 366 5.28 51.11 20.25
CA GLU E 366 4.02 51.62 20.77
C GLU E 366 3.80 53.11 20.50
N LYS E 367 4.89 53.84 20.24
CA LYS E 367 4.83 55.25 19.87
C LYS E 367 4.24 55.43 18.47
N VAL E 368 4.31 54.37 17.66
CA VAL E 368 3.90 54.40 16.25
C VAL E 368 2.47 53.88 16.02
N ILE E 369 2.04 52.94 16.87
CA ILE E 369 0.69 52.37 16.78
C ILE E 369 -0.42 53.41 16.87
N LEU E 370 -1.21 53.52 15.81
CA LEU E 370 -2.40 54.38 15.80
C LEU E 370 -3.63 53.58 16.20
N THR E 371 -4.48 54.19 17.01
CA THR E 371 -5.82 53.65 17.27
C THR E 371 -6.61 53.88 15.98
N ARG E 372 -7.75 53.23 15.82
CA ARG E 372 -8.60 53.49 14.67
C ARG E 372 -9.02 54.97 14.66
N SER E 373 -9.33 55.51 15.83
CA SER E 373 -9.70 56.92 15.97
C SER E 373 -8.54 57.86 15.69
N GLU E 374 -7.46 57.72 16.45
CA GLU E 374 -6.25 58.53 16.24
C GLU E 374 -5.89 58.64 14.73
N ALA E 375 -6.13 57.57 14.00
CA ALA E 375 -5.86 57.52 12.56
C ALA E 375 -6.91 58.25 11.73
N SER E 376 -8.19 58.06 12.09
CA SER E 376 -9.30 58.70 11.38
C SER E 376 -9.25 60.20 11.60
N MET E 377 -8.73 60.61 12.75
CA MET E 377 -8.51 62.01 13.10
C MET E 377 -7.62 62.73 12.09
N THR E 378 -6.48 62.11 11.78
CA THR E 378 -5.55 62.65 10.78
C THR E 378 -6.02 62.34 9.36
N VAL E 379 -6.18 63.40 8.57
CA VAL E 379 -6.51 63.26 7.16
C VAL E 379 -5.21 63.07 6.36
N LEU E 380 -4.79 61.82 6.23
CA LEU E 380 -3.55 61.49 5.55
C LEU E 380 -3.77 61.42 4.05
N SER E 381 -2.80 61.93 3.28
CA SER E 381 -2.84 61.86 1.82
C SER E 381 -1.44 61.88 1.26
N GLY E 382 -1.29 61.40 0.02
CA GLY E 382 0.03 61.26 -0.61
C GLY E 382 0.91 60.25 0.11
N HIS E 383 0.27 59.27 0.74
CA HIS E 383 0.97 58.29 1.56
C HIS E 383 0.89 56.94 0.92
N VAL E 384 1.55 55.96 1.54
CA VAL E 384 1.51 54.58 1.08
C VAL E 384 0.86 53.72 2.15
N VAL E 385 -0.22 53.04 1.78
CA VAL E 385 -0.91 52.15 2.71
C VAL E 385 -0.55 50.71 2.33
N VAL E 386 0.48 50.19 2.98
CA VAL E 386 0.85 48.77 2.85
C VAL E 386 0.01 47.99 3.86
N CYS E 387 -0.88 47.15 3.35
CA CYS E 387 -1.68 46.34 4.25
C CYS E 387 -1.33 44.87 4.10
N ILE E 388 -0.79 44.29 5.18
CA ILE E 388 -0.32 42.91 5.16
C ILE E 388 -1.25 42.00 5.92
N PHE E 389 -1.53 40.85 5.32
CA PHE E 389 -2.16 39.74 6.02
C PHE E 389 -1.06 38.94 6.70
N GLY E 390 -1.39 38.29 7.81
CA GLY E 390 -0.43 37.43 8.47
C GLY E 390 -0.56 37.40 9.97
N ASP E 391 -0.11 36.30 10.57
CA ASP E 391 -0.06 36.14 12.02
C ASP E 391 1.39 35.98 12.45
N VAL E 392 1.62 35.73 13.74
CA VAL E 392 2.97 35.67 14.32
C VAL E 392 3.86 34.58 13.70
N THR E 393 3.23 33.48 13.28
CA THR E 393 3.94 32.32 12.71
C THR E 393 3.97 32.32 11.18
N SER E 394 4.30 33.46 10.58
CA SER E 394 4.38 33.58 9.14
C SER E 394 5.82 33.87 8.72
N ALA E 395 6.11 33.66 7.45
CA ALA E 395 7.39 34.06 6.90
C ALA E 395 7.50 35.58 6.97
N LEU E 396 8.72 36.09 7.18
CA LEU E 396 8.94 37.53 7.15
C LEU E 396 9.07 38.04 5.71
N VAL E 397 8.16 38.93 5.33
CA VAL E 397 8.15 39.46 3.98
C VAL E 397 9.41 40.28 3.69
N GLY E 398 10.01 40.84 4.74
CA GLY E 398 11.18 41.70 4.62
C GLY E 398 10.78 43.13 4.27
N LEU E 399 9.93 43.71 5.11
CA LEU E 399 9.39 45.03 4.88
C LEU E 399 10.46 46.10 4.83
N ARG E 400 11.61 45.82 5.45
CA ARG E 400 12.80 46.68 5.33
C ARG E 400 12.98 47.14 3.88
N ASN E 401 12.93 46.20 2.95
CA ASN E 401 13.18 46.45 1.54
C ASN E 401 12.08 47.19 0.77
N LEU E 402 10.90 47.28 1.36
CA LEU E 402 9.84 48.09 0.80
C LEU E 402 9.99 49.56 1.21
N VAL E 403 10.32 49.81 2.48
CA VAL E 403 10.44 51.19 2.95
C VAL E 403 11.76 51.87 2.53
N MET E 404 12.84 51.09 2.45
CA MET E 404 14.16 51.67 2.17
C MET E 404 14.22 52.55 0.93
N PRO E 405 13.79 52.05 -0.24
CA PRO E 405 13.77 52.89 -1.44
C PRO E 405 12.84 54.07 -1.32
N LEU E 406 11.84 53.97 -0.44
CA LEU E 406 10.92 55.09 -0.18
C LEU E 406 11.53 56.11 0.80
N ARG E 407 12.65 55.74 1.40
CA ARG E 407 13.38 56.62 2.32
C ARG E 407 14.77 56.99 1.83
N ALA E 408 15.00 56.97 0.52
CA ALA E 408 16.29 57.35 -0.03
C ALA E 408 16.49 58.85 0.16
N SER E 409 17.75 59.30 0.17
CA SER E 409 18.08 60.69 0.46
C SER E 409 17.83 61.67 -0.69
N ASN E 410 17.42 61.15 -1.85
CA ASN E 410 17.20 61.97 -3.04
C ASN E 410 15.89 62.74 -2.97
N PHE E 411 15.12 62.48 -1.92
CA PHE E 411 13.86 63.18 -1.69
C PHE E 411 14.02 64.01 -0.44
N HIS E 412 13.38 65.18 -0.42
CA HIS E 412 13.36 66.02 0.77
C HIS E 412 12.43 65.43 1.78
N TYR E 413 12.70 65.68 3.06
CA TYR E 413 11.85 65.23 4.15
C TYR E 413 10.38 65.63 3.91
N HIS E 414 10.19 66.84 3.38
CA HIS E 414 8.87 67.33 2.92
C HIS E 414 8.26 66.41 1.88
N GLU E 415 9.07 65.96 0.92
CA GLU E 415 8.62 65.10 -0.17
C GLU E 415 8.33 63.66 0.25
N LEU E 416 8.87 63.23 1.40
CA LEU E 416 8.78 61.83 1.86
C LEU E 416 7.35 61.35 2.07
N LYS E 417 7.02 60.16 1.56
CA LYS E 417 5.68 59.59 1.69
C LYS E 417 5.56 58.78 2.97
N PRO E 418 4.64 59.16 3.87
CA PRO E 418 4.47 58.37 5.08
C PRO E 418 3.91 56.98 4.77
N ILE E 419 4.30 56.00 5.57
CA ILE E 419 3.89 54.62 5.35
C ILE E 419 3.00 54.11 6.50
N VAL E 420 1.85 53.57 6.15
CA VAL E 420 0.94 53.01 7.13
C VAL E 420 0.73 51.52 6.90
N PHE E 421 1.18 50.71 7.85
CA PHE E 421 0.91 49.28 7.82
C PHE E 421 -0.41 48.95 8.47
N VAL E 422 -1.26 48.23 7.75
CA VAL E 422 -2.52 47.77 8.32
C VAL E 422 -2.46 46.25 8.44
N GLY E 423 -2.20 45.77 9.66
CA GLY E 423 -2.06 44.33 9.87
C GLY E 423 -2.29 43.88 11.30
N SER E 424 -1.80 42.69 11.62
CA SER E 424 -1.78 42.21 13.00
C SER E 424 -0.53 42.74 13.68
N LEU E 425 -0.73 43.30 14.87
CA LEU E 425 0.36 43.90 15.63
C LEU E 425 1.38 42.83 15.99
N ASP E 426 0.89 41.65 16.39
CA ASP E 426 1.74 40.49 16.73
C ASP E 426 2.69 40.12 15.62
N TYR E 427 2.17 40.04 14.39
CA TYR E 427 3.02 39.84 13.23
C TYR E 427 3.99 41.00 13.05
N LEU E 428 3.46 42.22 13.04
CA LEU E 428 4.27 43.39 12.67
C LEU E 428 5.49 43.59 13.56
N ARG E 429 5.29 43.52 14.87
CA ARG E 429 6.36 43.84 15.83
C ARG E 429 7.67 43.09 15.61
N ARG E 430 7.57 41.83 15.21
CA ARG E 430 8.76 41.02 14.96
C ARG E 430 9.57 41.53 13.77
N GLU E 431 8.88 42.00 12.74
CA GLU E 431 9.55 42.66 11.63
C GLU E 431 9.96 44.08 11.97
N TRP E 432 9.18 44.71 12.85
CA TRP E 432 9.35 46.12 13.17
C TRP E 432 10.75 46.55 13.46
N GLU E 433 11.50 45.71 14.16
CA GLU E 433 12.84 46.08 14.63
C GLU E 433 13.77 46.65 13.55
N THR E 434 13.57 46.24 12.29
CA THR E 434 14.35 46.79 11.17
C THR E 434 13.87 48.19 10.77
N LEU E 435 12.63 48.52 11.10
CA LEU E 435 12.04 49.75 10.62
C LEU E 435 12.15 50.94 11.58
N HIS E 436 12.40 50.69 12.87
CA HIS E 436 12.35 51.78 13.84
C HIS E 436 13.18 52.98 13.47
N ASN E 437 14.21 52.76 12.66
CA ASN E 437 15.09 53.84 12.22
C ASN E 437 14.49 54.77 11.18
N PHE E 438 13.53 54.29 10.39
CA PHE E 438 12.92 55.10 9.34
C PHE E 438 11.85 56.08 9.84
N PRO E 439 11.79 57.28 9.24
CA PRO E 439 10.81 58.26 9.66
C PRO E 439 9.47 58.12 8.97
N LYS E 440 8.44 58.73 9.55
CA LYS E 440 7.07 58.73 9.03
C LYS E 440 6.54 57.31 8.75
N VAL E 441 6.70 56.43 9.74
CA VAL E 441 6.20 55.06 9.68
C VAL E 441 5.10 54.88 10.71
N PHE E 442 4.02 54.21 10.33
CA PHE E 442 2.84 54.06 11.19
C PHE E 442 2.24 52.67 11.12
N ILE E 443 1.60 52.24 12.20
CA ILE E 443 0.94 50.95 12.24
C ILE E 443 -0.48 51.14 12.72
N LEU E 444 -1.44 50.61 11.97
CA LEU E 444 -2.84 50.58 12.40
C LEU E 444 -3.27 49.13 12.50
N PRO E 445 -3.29 48.59 13.73
CA PRO E 445 -3.71 47.21 13.92
C PRO E 445 -5.13 46.97 13.42
N GLY E 446 -5.33 45.86 12.71
CA GLY E 446 -6.60 45.51 12.08
C GLY E 446 -6.41 44.83 10.74
N THR E 447 -7.52 44.36 10.16
CA THR E 447 -7.49 43.64 8.88
C THR E 447 -7.76 44.55 7.67
N PRO E 448 -7.04 44.34 6.56
CA PRO E 448 -7.27 45.05 5.29
C PRO E 448 -8.64 44.78 4.68
N LEU E 449 -9.43 43.92 5.32
CA LEU E 449 -10.76 43.60 4.83
C LEU E 449 -11.84 44.43 5.52
N SER E 450 -11.48 45.08 6.62
CA SER E 450 -12.41 45.95 7.34
C SER E 450 -12.28 47.36 6.79
N ARG E 451 -13.40 47.91 6.33
CA ARG E 451 -13.41 49.25 5.75
C ARG E 451 -13.20 50.30 6.84
N ALA E 452 -13.62 49.99 8.07
CA ALA E 452 -13.37 50.85 9.23
C ALA E 452 -11.91 51.26 9.27
N ASP E 453 -11.03 50.25 9.32
CA ASP E 453 -9.59 50.47 9.36
C ASP E 453 -9.13 51.21 8.12
N LEU E 454 -9.72 50.85 6.97
CA LEU E 454 -9.33 51.40 5.66
C LEU E 454 -9.76 52.85 5.48
N ARG E 455 -11.00 53.16 5.87
CA ARG E 455 -11.49 54.52 5.78
C ARG E 455 -10.71 55.43 6.72
N ALA E 456 -10.28 54.86 7.85
CA ALA E 456 -9.52 55.60 8.86
C ALA E 456 -8.21 56.14 8.29
N VAL E 457 -7.54 55.33 7.48
CA VAL E 457 -6.29 55.75 6.85
C VAL E 457 -6.48 56.44 5.50
N ASN E 458 -7.72 56.78 5.18
CA ASN E 458 -8.01 57.63 4.01
C ASN E 458 -7.36 57.12 2.73
N ILE E 459 -7.73 55.90 2.33
CA ILE E 459 -7.15 55.27 1.15
C ILE E 459 -7.35 56.13 -0.10
N ASN E 460 -8.56 56.67 -0.27
CA ASN E 460 -8.88 57.57 -1.37
C ASN E 460 -7.71 58.50 -1.76
N LEU E 461 -6.93 58.89 -0.76
CA LEU E 461 -5.90 59.89 -0.90
C LEU E 461 -4.49 59.38 -1.19
N CYS E 462 -4.21 58.13 -0.85
CA CYS E 462 -2.87 57.56 -1.00
C CYS E 462 -2.35 57.51 -2.45
N ASP E 463 -1.03 57.58 -2.58
CA ASP E 463 -0.38 57.48 -3.89
C ASP E 463 -0.25 56.04 -4.35
N MET E 464 -0.30 55.12 -3.39
CA MET E 464 -0.18 53.69 -3.67
C MET E 464 -0.64 52.87 -2.47
N CYS E 465 -1.40 51.81 -2.74
CA CYS E 465 -1.80 50.88 -1.71
C CYS E 465 -1.29 49.51 -2.07
N VAL E 466 -0.32 49.02 -1.30
CA VAL E 466 0.31 47.74 -1.57
C VAL E 466 -0.41 46.63 -0.79
N ILE E 467 -0.82 45.57 -1.48
CA ILE E 467 -1.46 44.42 -0.85
C ILE E 467 -0.54 43.20 -0.87
N LEU E 468 -0.11 42.76 0.31
CA LEU E 468 0.81 41.63 0.43
C LEU E 468 0.17 40.46 1.15
N SER E 469 0.57 39.25 0.78
CA SER E 469 0.12 38.04 1.46
C SER E 469 1.31 37.33 2.07
N ALA E 470 1.29 37.16 3.39
CA ALA E 470 2.35 36.41 4.07
C ALA E 470 2.06 34.92 3.96
N ASN E 471 3.11 34.17 3.60
CA ASN E 471 3.02 32.72 3.35
C ASN E 471 2.76 31.87 4.61
N ALA E 478 -1.53 25.68 -0.23
CA ALA E 478 -1.20 26.74 0.73
C ALA E 478 -1.15 28.13 0.09
N SER E 479 -0.87 28.17 -1.21
CA SER E 479 -0.91 29.42 -2.00
C SER E 479 -2.33 29.79 -2.41
N LEU E 480 -3.22 28.79 -2.38
CA LEU E 480 -4.66 28.98 -2.51
C LEU E 480 -5.16 29.98 -1.46
N GLN E 481 -4.48 29.99 -0.31
CA GLN E 481 -4.78 30.91 0.79
C GLN E 481 -4.43 32.38 0.49
N ASP E 482 -3.94 32.68 -0.72
CA ASP E 482 -3.80 34.07 -1.19
C ASP E 482 -5.13 34.65 -1.70
N LYS E 483 -6.17 33.82 -1.70
CA LYS E 483 -7.57 34.20 -1.96
C LYS E 483 -7.91 35.54 -1.29
N GLU E 484 -7.33 35.76 -0.11
CA GLU E 484 -7.48 36.97 0.68
C GLU E 484 -7.11 38.25 -0.08
N CYS E 485 -5.98 38.24 -0.76
CA CYS E 485 -5.50 39.41 -1.51
C CYS E 485 -6.50 39.91 -2.56
N ILE E 486 -7.05 38.95 -3.30
CA ILE E 486 -8.09 39.22 -4.29
C ILE E 486 -9.25 39.88 -3.55
N LEU E 487 -9.72 39.27 -2.46
CA LEU E 487 -10.81 39.82 -1.65
C LEU E 487 -10.57 41.26 -1.23
N ALA E 488 -9.38 41.52 -0.70
CA ALA E 488 -9.01 42.86 -0.25
C ALA E 488 -9.05 43.83 -1.41
N SER E 489 -8.41 43.44 -2.51
CA SER E 489 -8.39 44.23 -3.73
C SER E 489 -9.79 44.60 -4.22
N LEU E 490 -10.68 43.61 -4.28
CA LEU E 490 -12.04 43.80 -4.73
C LEU E 490 -12.79 44.71 -3.79
N ASN E 491 -12.63 44.46 -2.48
CA ASN E 491 -13.19 45.29 -1.41
C ASN E 491 -12.96 46.78 -1.67
N ILE E 492 -11.69 47.15 -1.81
CA ILE E 492 -11.26 48.53 -2.00
C ILE E 492 -11.89 49.16 -3.25
N LYS E 493 -11.86 48.42 -4.36
CA LYS E 493 -12.45 48.90 -5.62
C LYS E 493 -13.93 49.25 -5.51
N SER E 494 -14.63 48.61 -4.58
CA SER E 494 -16.07 48.79 -4.45
C SER E 494 -16.49 49.75 -3.36
N MET E 495 -15.54 50.50 -2.83
CA MET E 495 -15.85 51.51 -1.83
C MET E 495 -16.25 52.81 -2.51
N GLN E 496 -16.90 53.69 -1.78
CA GLN E 496 -17.14 55.05 -2.27
C GLN E 496 -16.81 56.02 -1.14
N PHE E 497 -15.75 56.80 -1.34
CA PHE E 497 -15.24 57.67 -0.29
C PHE E 497 -16.09 58.93 -0.02
N ASP E 498 -16.64 59.54 -1.08
CA ASP E 498 -17.37 60.82 -1.02
C ASP E 498 -16.44 62.05 -0.92
N THR E 502 -14.10 61.25 -5.39
CA THR E 502 -13.39 60.00 -5.69
C THR E 502 -14.32 58.78 -5.56
N THR E 503 -13.93 57.68 -6.21
CA THR E 503 -14.65 56.40 -6.12
C THR E 503 -13.64 55.25 -6.07
N GLY E 504 -13.99 54.20 -5.34
CA GLY E 504 -13.08 53.09 -5.02
C GLY E 504 -12.24 52.52 -6.17
N SER E 505 -12.81 52.51 -7.36
CA SER E 505 -12.15 51.93 -8.53
C SER E 505 -10.95 52.74 -9.02
N ASN E 506 -10.84 53.98 -8.55
CA ASN E 506 -9.78 54.89 -9.00
C ASN E 506 -8.65 55.05 -7.99
N ILE E 507 -8.36 53.98 -7.25
CA ILE E 507 -7.33 54.01 -6.23
C ILE E 507 -6.11 53.23 -6.70
N PRO E 508 -4.91 53.83 -6.57
CA PRO E 508 -3.67 53.15 -6.95
C PRO E 508 -3.40 51.92 -6.08
N ILE E 509 -3.71 50.74 -6.62
CA ILE E 509 -3.51 49.49 -5.91
C ILE E 509 -2.45 48.67 -6.64
N ILE E 510 -1.71 47.87 -5.88
CA ILE E 510 -0.79 46.90 -6.45
C ILE E 510 -0.81 45.61 -5.61
N THR E 511 -1.45 44.57 -6.16
CA THR E 511 -1.64 43.31 -5.46
C THR E 511 -0.51 42.36 -5.78
N GLU E 512 0.21 41.92 -4.75
CA GLU E 512 1.25 40.93 -4.96
C GLU E 512 0.60 39.55 -5.01
N LEU E 513 0.69 38.91 -6.16
CA LEU E 513 0.14 37.58 -6.36
C LEU E 513 1.20 36.51 -6.30
N VAL E 514 0.81 35.33 -5.82
CA VAL E 514 1.74 34.20 -5.72
C VAL E 514 1.56 33.27 -6.90
N ASN E 515 0.33 33.22 -7.41
CA ASN E 515 -0.02 32.35 -8.51
C ASN E 515 -0.44 33.13 -9.77
N ASP E 516 0.46 33.21 -10.75
CA ASP E 516 0.24 34.00 -11.97
C ASP E 516 -1.17 33.78 -12.55
N SER E 517 -1.72 32.57 -12.39
CA SER E 517 -3.05 32.22 -12.88
C SER E 517 -4.13 33.11 -12.28
N ASN E 518 -3.95 33.49 -11.00
CA ASN E 518 -4.97 34.23 -10.26
C ASN E 518 -5.19 35.65 -10.74
N VAL E 519 -4.32 36.11 -11.64
CA VAL E 519 -4.40 37.47 -12.16
C VAL E 519 -5.75 37.75 -12.82
N GLN E 520 -6.30 36.71 -13.43
CA GLN E 520 -7.62 36.78 -14.04
C GLN E 520 -8.62 37.55 -13.20
N PHE E 521 -8.62 37.27 -11.91
CA PHE E 521 -9.67 37.74 -10.99
C PHE E 521 -9.68 39.23 -10.62
N LEU E 522 -8.51 39.85 -10.45
CA LEU E 522 -8.47 41.20 -9.86
C LEU E 522 -9.11 42.30 -10.71
N ASP E 523 -8.84 42.31 -12.00
CA ASP E 523 -9.57 43.17 -12.92
C ASP E 523 -10.63 42.31 -13.59
N GLN E 524 -11.87 42.79 -13.59
CA GLN E 524 -13.01 41.99 -14.00
C GLN E 524 -13.63 42.40 -15.34
N ASP E 525 -12.94 43.28 -16.08
CA ASP E 525 -13.34 43.61 -17.45
C ASP E 525 -12.37 43.08 -18.53
N ASP E 526 -11.25 42.51 -18.10
CA ASP E 526 -10.21 42.03 -19.02
C ASP E 526 -10.56 40.68 -19.61
N ASP E 527 -9.89 40.31 -20.71
CA ASP E 527 -10.02 38.97 -21.30
C ASP E 527 -9.16 37.95 -20.54
N ASP E 528 -9.78 36.86 -20.10
CA ASP E 528 -9.13 35.89 -19.23
C ASP E 528 -8.88 34.53 -19.87
N ASP E 529 -7.72 33.95 -19.55
CA ASP E 529 -7.34 32.61 -19.97
C ASP E 529 -6.19 32.20 -19.07
N PRO E 530 -6.29 31.02 -18.44
CA PRO E 530 -5.23 30.51 -17.57
C PRO E 530 -3.89 30.31 -18.28
N ASP E 531 -3.95 29.95 -19.57
CA ASP E 531 -2.75 29.66 -20.36
C ASP E 531 -1.98 30.92 -20.76
N THR E 532 -2.71 32.00 -21.04
CA THR E 532 -2.14 33.31 -21.37
C THR E 532 -1.04 33.72 -20.38
N GLU E 533 0.13 34.10 -20.91
CA GLU E 533 1.25 34.53 -20.08
C GLU E 533 0.94 35.79 -19.26
N LEU E 534 1.59 35.93 -18.10
CA LEU E 534 1.30 37.01 -17.18
C LEU E 534 1.58 38.38 -17.79
N TYR E 535 2.72 38.55 -18.45
CA TYR E 535 3.09 39.85 -19.02
C TYR E 535 2.01 40.40 -19.96
N LEU E 536 1.19 39.50 -20.50
CA LEU E 536 0.15 39.87 -21.45
C LEU E 536 -1.20 40.26 -20.84
N THR E 537 -1.41 39.92 -19.58
CA THR E 537 -2.66 40.26 -18.88
C THR E 537 -2.76 41.75 -18.56
N GLN E 538 -3.99 42.25 -18.65
CA GLN E 538 -4.25 43.67 -18.42
C GLN E 538 -3.71 44.16 -17.07
N PRO E 539 -4.08 43.46 -15.96
CA PRO E 539 -3.68 43.90 -14.63
C PRO E 539 -2.18 44.07 -14.50
N PHE E 540 -1.43 43.20 -15.17
CA PHE E 540 0.04 43.31 -15.19
C PHE E 540 0.48 44.49 -16.07
N ALA E 541 -0.08 44.57 -17.27
CA ALA E 541 0.24 45.65 -18.18
C ALA E 541 0.14 47.00 -17.48
N CYS E 542 -0.75 47.11 -16.51
CA CYS E 542 -1.05 48.37 -15.87
C CYS E 542 -0.27 48.64 -14.60
N GLY E 543 0.32 47.60 -14.01
CA GLY E 543 1.04 47.75 -12.75
C GLY E 543 0.10 47.64 -11.55
N THR E 544 -0.99 46.89 -11.76
CA THR E 544 -1.95 46.55 -10.72
C THR E 544 -1.49 45.27 -10.00
N ALA E 545 -0.79 44.41 -10.72
CA ALA E 545 -0.34 43.13 -10.17
C ALA E 545 1.15 42.91 -10.35
N PHE E 546 1.71 42.06 -9.49
CA PHE E 546 3.13 41.71 -9.57
C PHE E 546 3.38 40.40 -8.83
N ALA E 547 3.96 39.45 -9.54
CA ALA E 547 4.29 38.14 -8.96
C ALA E 547 5.80 37.94 -8.83
N VAL E 548 6.19 37.12 -7.87
CA VAL E 548 7.61 36.78 -7.68
C VAL E 548 8.13 36.09 -8.94
N SER E 549 7.21 35.42 -9.64
CA SER E 549 7.47 34.68 -10.89
C SER E 549 8.28 35.46 -11.90
N VAL E 550 7.85 36.71 -12.11
CA VAL E 550 8.44 37.61 -13.09
C VAL E 550 9.97 37.73 -13.04
N LEU E 551 10.54 37.71 -11.83
CA LEU E 551 11.98 37.90 -11.65
C LEU E 551 12.85 36.70 -12.04
N ASP E 552 12.25 35.52 -12.17
CA ASP E 552 12.98 34.31 -12.53
C ASP E 552 13.86 34.51 -13.79
N SER E 553 13.42 35.39 -14.68
CA SER E 553 14.16 35.71 -15.89
C SER E 553 15.55 36.25 -15.59
N LEU E 554 15.69 36.93 -14.45
CA LEU E 554 16.89 37.64 -14.06
C LEU E 554 18.10 36.74 -14.01
N MET E 555 17.87 35.52 -13.54
CA MET E 555 18.90 34.48 -13.41
C MET E 555 19.84 34.41 -14.60
N SER E 556 19.29 34.09 -15.77
CA SER E 556 20.05 34.01 -17.00
C SER E 556 20.61 35.39 -17.39
N ALA E 557 19.76 36.40 -17.32
CA ALA E 557 20.13 37.77 -17.67
C ALA E 557 21.33 38.31 -16.88
N THR E 558 21.42 37.96 -15.60
CA THR E 558 22.52 38.44 -14.73
C THR E 558 23.77 37.59 -14.92
N TYR E 559 23.61 36.41 -15.48
CA TYR E 559 24.76 35.63 -15.90
C TYR E 559 25.46 36.39 -17.02
N PHE E 560 24.70 36.79 -18.04
CA PHE E 560 25.27 37.45 -19.22
C PHE E 560 25.95 38.76 -18.89
N ASN E 561 25.33 39.57 -18.04
CA ASN E 561 25.91 40.86 -17.65
C ASN E 561 25.83 41.10 -16.17
N ASP E 562 26.98 41.00 -15.49
CA ASP E 562 27.06 41.25 -14.04
C ASP E 562 26.47 42.61 -13.70
N ASN E 563 26.79 43.58 -14.56
CA ASN E 563 26.38 44.97 -14.40
C ASN E 563 24.88 45.11 -14.28
N ILE E 564 24.16 44.43 -15.17
CA ILE E 564 22.71 44.46 -15.18
C ILE E 564 22.14 44.35 -13.77
N LEU E 565 22.55 43.30 -13.04
CA LEU E 565 22.06 43.08 -11.69
C LEU E 565 22.43 44.22 -10.74
N THR E 566 23.65 44.74 -10.87
CA THR E 566 24.06 45.84 -10.00
C THR E 566 23.38 47.16 -10.40
N LEU E 567 23.05 47.30 -11.68
CA LEU E 567 22.23 48.44 -12.10
C LEU E 567 20.90 48.39 -11.36
N ILE E 568 20.10 47.35 -11.61
CA ILE E 568 18.75 47.25 -11.05
C ILE E 568 18.73 47.42 -9.54
N ARG E 569 19.63 46.70 -8.86
CA ARG E 569 19.66 46.74 -7.41
C ARG E 569 19.87 48.21 -6.99
N THR E 570 20.81 48.87 -7.64
CA THR E 570 21.10 50.28 -7.38
C THR E 570 19.88 51.14 -7.67
N LEU E 571 19.31 50.96 -8.84
CA LEU E 571 18.13 51.70 -9.25
C LEU E 571 16.93 51.50 -8.32
N VAL E 572 16.66 50.25 -7.98
CA VAL E 572 15.45 49.86 -7.24
C VAL E 572 15.47 50.19 -5.75
N THR E 573 16.57 49.89 -5.07
CA THR E 573 16.63 50.08 -3.62
C THR E 573 17.05 51.48 -3.15
N GLY E 574 17.52 52.30 -4.08
CA GLY E 574 18.02 53.63 -3.74
C GLY E 574 19.53 53.61 -3.63
N GLY E 575 20.04 52.83 -2.67
CA GLY E 575 21.47 52.76 -2.38
C GLY E 575 22.05 51.37 -2.33
N ALA E 576 23.38 51.31 -2.21
CA ALA E 576 24.13 50.05 -2.16
C ALA E 576 25.52 50.31 -1.56
N LEU E 580 29.48 49.70 2.31
CA LEU E 580 28.28 49.49 1.52
C LEU E 580 27.50 48.30 2.08
N GLU E 581 27.85 47.10 1.61
CA GLU E 581 27.24 45.87 2.06
C GLU E 581 27.71 45.46 3.45
N ALA E 582 28.99 45.72 3.75
CA ALA E 582 29.60 45.31 5.03
C ALA E 582 28.96 46.00 6.25
N LEU E 583 28.83 47.33 6.19
CA LEU E 583 28.12 48.07 7.21
C LEU E 583 26.72 47.48 7.37
N LEU E 584 26.09 47.22 6.22
CA LEU E 584 24.78 46.58 6.16
C LEU E 584 24.80 45.11 6.63
N ALA E 585 25.95 44.45 6.44
CA ALA E 585 26.08 43.00 6.71
C ALA E 585 26.42 42.66 8.16
N GLU E 586 27.42 43.35 8.72
CA GLU E 586 27.89 43.10 10.08
C GLU E 586 26.74 43.16 11.08
N GLU E 587 25.93 44.21 10.97
CA GLU E 587 24.67 44.32 11.70
C GLU E 587 23.49 44.50 10.76
N ASN E 588 22.41 43.78 11.05
CA ASN E 588 21.17 43.92 10.30
C ASN E 588 20.50 45.26 10.64
N ALA E 589 20.67 45.70 11.89
CA ALA E 589 20.30 47.05 12.31
C ALA E 589 21.23 48.05 11.61
N LEU E 590 20.66 49.20 11.22
CA LEU E 590 21.38 50.17 10.39
C LEU E 590 21.90 51.39 11.17
N ARG E 591 23.19 51.68 11.00
CA ARG E 591 23.85 52.77 11.71
C ARG E 591 23.50 54.14 11.11
N GLY E 592 23.22 55.11 11.97
CA GLY E 592 23.01 56.48 11.55
C GLY E 592 24.13 57.36 12.08
N GLY E 593 24.60 58.30 11.26
CA GLY E 593 25.70 59.17 11.66
C GLY E 593 25.47 60.64 11.32
N TYR E 594 26.30 61.49 11.91
CA TYR E 594 26.33 62.91 11.57
C TYR E 594 26.81 63.10 10.14
N SER E 595 26.19 64.04 9.43
CA SER E 595 26.51 64.28 8.02
C SER E 595 27.83 65.05 7.85
N THR E 596 28.67 64.56 6.94
CA THR E 596 29.86 65.25 6.48
C THR E 596 29.56 65.84 5.11
N PRO E 597 30.37 66.81 4.62
CA PRO E 597 30.05 67.36 3.30
C PRO E 597 30.26 66.32 2.20
N GLN E 598 31.00 65.27 2.52
CA GLN E 598 31.18 64.12 1.64
C GLN E 598 29.94 63.21 1.60
N THR E 599 29.17 63.16 2.69
CA THR E 599 27.94 62.36 2.74
C THR E 599 26.75 63.13 2.14
N LEU E 600 26.58 64.39 2.53
CA LEU E 600 25.57 65.28 1.95
C LEU E 600 25.74 65.38 0.42
N ALA E 601 26.90 64.92 -0.07
CA ALA E 601 27.20 64.88 -1.49
C ALA E 601 26.50 63.72 -2.19
N ASN E 602 26.23 62.65 -1.44
CA ASN E 602 25.60 61.47 -2.01
C ASN E 602 24.12 61.63 -2.34
N ARG E 603 23.49 62.67 -1.78
CA ARG E 603 22.08 62.96 -2.06
C ARG E 603 21.82 63.25 -3.54
N ASP E 604 22.90 63.42 -4.31
CA ASP E 604 22.84 63.89 -5.71
C ASP E 604 22.28 62.87 -6.73
N ARG E 605 22.05 61.63 -6.29
CA ARG E 605 21.48 60.59 -7.14
C ARG E 605 20.15 61.04 -7.76
N CYS E 606 19.90 60.61 -9.00
CA CYS E 606 18.63 60.86 -9.67
C CYS E 606 17.49 60.20 -8.94
N ARG E 607 16.27 60.37 -9.46
CA ARG E 607 15.09 59.75 -8.86
C ARG E 607 13.99 59.49 -9.88
N VAL E 608 13.28 58.39 -9.68
CA VAL E 608 12.16 58.04 -10.55
C VAL E 608 11.01 58.98 -10.27
N ALA E 609 10.31 59.40 -11.31
CA ALA E 609 9.11 60.20 -11.14
C ALA E 609 8.21 60.06 -12.36
N GLN E 610 6.94 60.34 -12.12
CA GLN E 610 5.93 60.30 -13.16
C GLN E 610 5.33 61.69 -13.31
N LEU E 611 5.32 62.20 -14.54
CA LEU E 611 4.90 63.58 -14.81
C LEU E 611 3.73 63.66 -15.78
N ALA E 612 2.98 64.75 -15.68
CA ALA E 612 1.84 65.00 -16.56
C ALA E 612 2.17 66.05 -17.62
N LEU E 613 1.54 65.93 -18.78
CA LEU E 613 1.71 66.93 -19.82
C LEU E 613 0.82 68.13 -19.53
N TYR E 614 -0.38 67.86 -19.01
CA TYR E 614 -1.38 68.89 -18.68
C TYR E 614 -0.82 70.09 -17.88
N ASP E 615 -0.07 69.81 -16.81
CA ASP E 615 0.51 70.86 -15.98
C ASP E 615 1.95 71.12 -16.40
N GLY E 616 2.43 70.30 -17.32
CA GLY E 616 3.83 70.26 -17.75
C GLY E 616 4.43 71.58 -18.19
N PRO E 617 5.74 71.77 -17.91
CA PRO E 617 6.48 72.88 -18.50
C PRO E 617 6.62 72.62 -19.99
N PHE E 618 6.71 71.33 -20.34
CA PHE E 618 6.78 70.90 -21.73
C PHE E 618 5.39 70.52 -22.25
N ALA E 619 4.35 71.10 -21.64
CA ALA E 619 2.94 70.83 -21.98
C ALA E 619 2.56 71.08 -23.44
N ASP E 620 3.12 72.15 -24.00
CA ASP E 620 2.85 72.60 -25.37
C ASP E 620 3.00 71.47 -26.40
N LEU E 621 3.93 70.54 -26.13
CA LEU E 621 4.18 69.38 -27.00
C LEU E 621 3.00 68.41 -27.04
N GLY E 622 2.28 68.30 -25.91
CA GLY E 622 1.08 67.46 -25.84
C GLY E 622 -0.05 67.98 -26.71
N ASP E 623 -1.06 67.14 -26.92
CA ASP E 623 -2.21 67.43 -27.80
C ASP E 623 -1.88 67.18 -29.28
N GLY E 624 -0.85 66.37 -29.52
CA GLY E 624 -0.52 65.97 -30.88
C GLY E 624 0.96 65.89 -31.22
N GLY E 625 1.79 66.54 -30.41
CA GLY E 625 3.24 66.59 -30.67
C GLY E 625 3.93 65.25 -30.60
N CYS E 626 5.11 65.15 -31.22
CA CYS E 626 5.88 63.92 -31.22
C CYS E 626 6.69 63.79 -29.94
N TYR E 627 6.75 62.56 -29.43
CA TYR E 627 7.52 62.24 -28.22
C TYR E 627 9.00 62.56 -28.41
N GLY E 628 9.54 62.22 -29.58
CA GLY E 628 10.93 62.55 -29.94
C GLY E 628 11.25 64.02 -29.74
N ASP E 629 10.37 64.89 -30.23
CA ASP E 629 10.50 66.33 -30.05
C ASP E 629 10.52 66.72 -28.56
N LEU E 630 9.67 66.06 -27.76
CA LEU E 630 9.61 66.32 -26.32
C LEU E 630 10.85 65.82 -25.59
N PHE E 631 11.18 64.56 -25.83
CA PHE E 631 12.28 63.91 -25.13
C PHE E 631 13.49 64.82 -25.04
N CYS E 632 14.03 65.21 -26.19
CA CYS E 632 15.22 66.05 -26.28
C CYS E 632 15.07 67.34 -25.50
N LYS E 633 13.96 68.05 -25.74
CA LYS E 633 13.62 69.27 -25.02
C LYS E 633 13.74 69.03 -23.52
N ALA E 634 13.03 68.01 -23.04
CA ALA E 634 13.05 67.60 -21.64
C ALA E 634 14.45 67.30 -21.09
N LEU E 635 15.27 66.66 -21.92
CA LEU E 635 16.65 66.32 -21.56
C LEU E 635 17.54 67.56 -21.44
N LYS E 636 17.72 68.29 -22.53
CA LYS E 636 18.64 69.44 -22.58
C LYS E 636 18.27 70.55 -21.58
N THR E 637 16.97 70.75 -21.37
CA THR E 637 16.49 71.84 -20.52
C THR E 637 16.58 71.55 -19.00
N TYR E 638 16.28 70.32 -18.58
CA TYR E 638 16.29 69.98 -17.15
C TYR E 638 17.12 68.75 -16.79
N ASN E 639 17.82 68.20 -17.78
CA ASN E 639 18.55 66.93 -17.64
C ASN E 639 17.66 65.77 -17.15
N MET E 640 16.43 65.76 -17.66
CA MET E 640 15.49 64.67 -17.43
C MET E 640 15.55 63.62 -18.50
N LEU E 641 15.50 62.36 -18.09
CA LEU E 641 15.40 61.25 -19.03
C LEU E 641 13.98 60.71 -19.07
N CYS E 642 13.37 60.77 -20.24
CA CYS E 642 12.06 60.16 -20.42
C CYS E 642 12.25 58.84 -21.12
N PHE E 643 11.80 57.77 -20.46
CA PHE E 643 11.88 56.44 -21.07
C PHE E 643 10.52 55.75 -21.29
N GLY E 644 9.43 56.42 -20.95
CA GLY E 644 8.12 55.80 -21.12
C GLY E 644 6.92 56.70 -21.02
N ILE E 645 5.89 56.37 -21.81
CA ILE E 645 4.58 56.97 -21.68
C ILE E 645 3.71 56.00 -20.87
N TYR E 646 2.93 56.55 -19.93
CA TYR E 646 1.98 55.76 -19.15
C TYR E 646 0.56 56.14 -19.56
N ARG E 647 0.19 55.72 -20.77
CA ARG E 647 -1.06 56.09 -21.44
C ARG E 647 -2.28 55.41 -20.84
N LEU E 648 -3.43 56.09 -20.91
CA LEU E 648 -4.72 55.47 -20.63
C LEU E 648 -4.98 54.39 -21.66
N ARG E 649 -5.80 53.39 -21.33
CA ARG E 649 -6.05 52.33 -22.29
C ARG E 649 -7.15 52.67 -23.30
N ASP E 650 -7.21 53.93 -23.71
CA ASP E 650 -8.27 54.42 -24.62
C ASP E 650 -7.80 55.43 -25.69
N ALA E 651 -8.16 55.14 -26.94
CA ALA E 651 -7.85 56.00 -28.09
C ALA E 651 -9.12 56.28 -28.92
N PRO E 656 -14.90 58.92 -27.29
CA PRO E 656 -15.42 58.15 -26.16
C PRO E 656 -14.34 57.86 -25.10
N SER E 657 -14.72 57.89 -23.83
CA SER E 657 -13.77 57.68 -22.72
C SER E 657 -14.48 57.33 -21.43
N GLN E 658 -13.94 56.36 -20.68
CA GLN E 658 -14.50 56.02 -19.36
C GLN E 658 -13.51 55.63 -18.28
N CYS E 659 -12.67 54.63 -18.58
CA CYS E 659 -11.79 54.03 -17.60
C CYS E 659 -10.57 54.91 -17.23
N THR E 660 -9.95 54.60 -16.09
CA THR E 660 -8.80 55.35 -15.59
C THR E 660 -7.50 54.56 -15.73
N LYS E 661 -7.63 53.26 -15.99
CA LYS E 661 -6.49 52.34 -16.08
C LYS E 661 -5.51 52.76 -17.15
N ARG E 662 -4.24 52.77 -16.79
CA ARG E 662 -3.19 53.18 -17.69
C ARG E 662 -2.22 52.03 -17.87
N TYR E 663 -1.76 51.85 -19.09
CA TYR E 663 -0.78 50.81 -19.41
C TYR E 663 0.57 51.41 -19.80
N VAL E 664 1.59 50.56 -19.82
CA VAL E 664 2.96 51.04 -19.93
C VAL E 664 3.54 50.84 -21.32
N ILE E 665 4.13 51.91 -21.85
CA ILE E 665 4.84 51.88 -23.14
C ILE E 665 6.29 52.28 -22.94
N THR E 666 7.18 51.30 -23.01
CA THR E 666 8.63 51.50 -22.83
C THR E 666 9.31 52.00 -24.10
N ASN E 667 10.11 53.06 -23.94
CA ASN E 667 10.98 53.61 -25.00
C ASN E 667 10.31 53.80 -26.37
N PRO E 668 9.33 54.72 -26.46
CA PRO E 668 8.62 54.91 -27.73
C PRO E 668 9.50 55.64 -28.74
N PRO E 669 9.22 55.46 -30.05
CA PRO E 669 10.08 55.98 -31.12
C PRO E 669 10.03 57.50 -31.20
N TYR E 670 11.01 58.11 -31.89
CA TYR E 670 11.09 59.57 -32.06
C TYR E 670 9.86 60.19 -32.74
N GLU E 671 9.12 59.35 -33.46
CA GLU E 671 7.92 59.77 -34.17
C GLU E 671 6.68 59.15 -33.52
N PHE E 672 6.39 59.53 -32.28
CA PHE E 672 5.28 58.92 -31.56
C PHE E 672 4.28 59.95 -31.08
N GLU E 673 3.04 59.85 -31.58
CA GLU E 673 1.98 60.82 -31.27
C GLU E 673 1.59 60.81 -29.79
N MET E 674 1.63 61.97 -29.17
CA MET E 674 1.20 62.13 -27.78
C MET E 674 -0.29 62.42 -27.69
N VAL E 675 -0.76 62.67 -26.47
CA VAL E 675 -2.15 62.99 -26.16
C VAL E 675 -2.03 63.89 -24.91
N PRO E 676 -3.07 64.69 -24.58
CA PRO E 676 -2.97 65.42 -23.31
C PRO E 676 -3.00 64.51 -22.08
N THR E 677 -3.67 63.37 -22.20
CA THR E 677 -3.92 62.46 -21.09
C THR E 677 -2.67 61.69 -20.67
N ASP E 678 -1.63 61.70 -21.51
CA ASP E 678 -0.42 60.92 -21.26
C ASP E 678 0.33 61.30 -19.99
N LEU E 679 1.10 60.34 -19.49
CA LEU E 679 2.02 60.56 -18.37
C LEU E 679 3.41 60.11 -18.76
N ILE E 680 4.42 60.70 -18.13
CA ILE E 680 5.80 60.40 -18.49
C ILE E 680 6.65 59.76 -17.39
N PHE E 681 7.13 58.55 -17.65
CA PHE E 681 8.10 57.92 -16.79
C PHE E 681 9.42 58.63 -17.06
N CYS E 682 10.11 59.03 -15.99
CA CYS E 682 11.39 59.73 -16.16
C CYS E 682 12.29 59.70 -14.93
N LEU E 683 13.57 59.95 -15.18
CA LEU E 683 14.55 60.08 -14.13
C LEU E 683 14.94 61.55 -14.04
N MET E 684 14.52 62.19 -12.96
CA MET E 684 14.84 63.60 -12.69
C MET E 684 16.12 63.72 -11.88
N GLN E 685 16.78 64.87 -12.01
CA GLN E 685 17.99 65.16 -11.25
C GLN E 685 17.64 65.60 -9.83
N PHE E 686 18.63 66.06 -9.09
CA PHE E 686 18.40 66.52 -7.73
C PHE E 686 18.86 67.96 -7.53
N LYS F 4 34.10 -18.30 26.76
CA LYS F 4 33.62 -16.95 27.17
C LYS F 4 32.88 -16.25 26.04
N HIS F 5 31.77 -15.60 26.37
CA HIS F 5 30.98 -14.86 25.38
C HIS F 5 30.42 -13.58 25.95
N ILE F 6 30.07 -12.64 25.08
CA ILE F 6 29.43 -11.38 25.51
C ILE F 6 28.09 -11.11 24.85
N VAL F 7 27.27 -10.28 25.48
CA VAL F 7 25.97 -9.92 24.95
C VAL F 7 25.94 -8.43 24.66
N VAL F 8 25.82 -8.09 23.39
CA VAL F 8 25.64 -6.69 22.99
C VAL F 8 24.17 -6.42 22.69
N CYS F 9 23.67 -5.30 23.22
CA CYS F 9 22.26 -4.95 23.07
C CYS F 9 22.06 -3.45 22.97
N GLY F 10 20.79 -3.03 23.02
CA GLY F 10 20.44 -1.63 22.89
C GLY F 10 20.32 -1.26 21.44
N HIS F 11 20.80 -0.06 21.10
CA HIS F 11 20.74 0.45 19.74
C HIS F 11 21.75 -0.22 18.84
N ILE F 12 21.28 -1.25 18.13
CA ILE F 12 22.10 -2.04 17.23
C ILE F 12 21.70 -1.81 15.78
N THR F 13 22.50 -1.02 15.08
CA THR F 13 22.30 -0.74 13.65
C THR F 13 23.42 -1.39 12.89
N LEU F 14 23.19 -1.63 11.60
CA LEU F 14 24.24 -2.11 10.71
C LEU F 14 25.53 -1.33 10.96
N GLU F 15 25.42 -0.01 10.94
CA GLU F 15 26.58 0.86 11.14
C GLU F 15 27.25 0.66 12.51
N SER F 16 26.44 0.42 13.55
CA SER F 16 26.95 0.33 14.91
C SER F 16 27.65 -1.01 15.13
N VAL F 17 27.06 -2.06 14.56
CA VAL F 17 27.61 -3.41 14.63
C VAL F 17 28.97 -3.46 13.93
N SER F 18 29.00 -3.00 12.68
CA SER F 18 30.22 -3.01 11.88
C SER F 18 31.35 -2.27 12.59
N ASN F 19 31.02 -1.09 13.13
CA ASN F 19 31.97 -0.30 13.91
C ASN F 19 32.45 -0.98 15.18
N PHE F 20 31.54 -1.68 15.86
CA PHE F 20 31.88 -2.42 17.06
C PHE F 20 32.85 -3.56 16.75
N LEU F 21 32.58 -4.28 15.66
CA LEU F 21 33.37 -5.43 15.29
C LEU F 21 34.79 -5.07 14.89
N LYS F 22 34.93 -3.97 14.16
CA LYS F 22 36.25 -3.47 13.75
C LYS F 22 37.16 -3.23 14.96
N ASP F 23 36.64 -2.54 15.97
CA ASP F 23 37.39 -2.14 17.14
C ASP F 23 37.68 -3.30 18.09
N PHE F 24 36.97 -4.41 17.90
CA PHE F 24 37.11 -5.55 18.79
C PHE F 24 38.35 -6.42 18.50
N LEU F 25 38.71 -6.59 17.22
CA LEU F 25 39.59 -7.71 16.81
C LEU F 25 40.82 -7.36 15.95
N HIS F 26 41.72 -6.52 16.45
CA HIS F 26 42.76 -5.93 15.58
C HIS F 26 44.17 -6.38 15.84
N LYS F 27 44.82 -5.69 16.78
CA LYS F 27 46.19 -5.94 17.20
C LYS F 27 46.18 -6.60 18.57
N ASP F 28 45.00 -6.63 19.20
CA ASP F 28 44.81 -7.17 20.55
C ASP F 28 45.32 -8.61 20.65
N ARG F 29 45.83 -8.97 21.82
CA ARG F 29 46.54 -10.25 22.02
C ARG F 29 45.75 -11.48 21.55
N ASP F 30 44.52 -11.64 22.03
CA ASP F 30 43.68 -12.79 21.68
C ASP F 30 42.23 -12.39 21.44
N ASP F 31 41.72 -12.73 20.25
CA ASP F 31 40.32 -12.50 19.90
C ASP F 31 39.55 -13.82 19.78
N VAL F 32 40.30 -14.92 19.73
CA VAL F 32 39.75 -16.27 19.58
C VAL F 32 38.82 -16.67 20.73
N ASN F 33 39.02 -16.04 21.88
CA ASN F 33 38.32 -16.36 23.13
C ASN F 33 36.83 -15.99 23.20
N VAL F 34 36.48 -14.82 22.67
CA VAL F 34 35.14 -14.24 22.90
C VAL F 34 34.16 -14.42 21.72
N GLU F 35 32.98 -14.96 22.04
CA GLU F 35 31.88 -15.01 21.09
C GLU F 35 30.94 -13.82 21.36
N ILE F 36 30.68 -13.04 20.32
CA ILE F 36 29.80 -11.87 20.41
C ILE F 36 28.37 -12.20 20.00
N VAL F 37 27.45 -12.06 20.93
CA VAL F 37 26.05 -12.33 20.65
C VAL F 37 25.26 -11.03 20.68
N PHE F 38 24.83 -10.58 19.50
CA PHE F 38 24.01 -9.38 19.41
C PHE F 38 22.55 -9.71 19.71
N LEU F 39 21.91 -8.83 20.46
CA LEU F 39 20.48 -8.94 20.72
C LEU F 39 19.77 -7.62 20.40
N HIS F 40 19.00 -7.63 19.31
CA HIS F 40 18.21 -6.47 18.86
C HIS F 40 16.75 -6.74 19.03
N ASN F 41 15.90 -5.77 18.71
CA ASN F 41 14.46 -6.01 18.63
C ASN F 41 13.86 -5.57 17.29
N ILE F 42 14.73 -5.13 16.39
CA ILE F 42 14.34 -4.68 15.06
C ILE F 42 14.10 -5.85 14.12
N SER F 43 13.52 -5.56 12.96
CA SER F 43 13.26 -6.55 11.91
C SER F 43 14.53 -7.35 11.57
N PRO F 44 14.43 -8.69 11.64
CA PRO F 44 15.57 -9.61 11.50
C PRO F 44 16.55 -9.24 10.37
N ASN F 45 16.05 -9.02 9.16
CA ASN F 45 16.89 -8.81 7.97
C ASN F 45 17.93 -9.92 7.84
N LEU F 46 17.46 -11.17 7.90
CA LEU F 46 18.33 -12.34 7.96
C LEU F 46 19.45 -12.30 6.93
N GLU F 47 19.14 -11.84 5.73
CA GLU F 47 20.12 -11.76 4.64
C GLU F 47 21.38 -10.94 5.00
N LEU F 48 21.18 -9.71 5.49
CA LEU F 48 22.29 -8.83 5.86
C LEU F 48 23.13 -9.45 6.98
N GLU F 49 22.43 -10.07 7.93
CA GLU F 49 23.06 -10.78 9.04
C GLU F 49 23.79 -12.03 8.55
N ALA F 50 23.17 -12.73 7.61
CA ALA F 50 23.68 -14.02 7.13
C ALA F 50 25.15 -13.93 6.76
N LEU F 51 25.51 -12.91 5.99
CA LEU F 51 26.88 -12.69 5.54
C LEU F 51 27.85 -12.45 6.69
N PHE F 52 27.45 -11.61 7.64
CA PHE F 52 28.24 -11.34 8.82
C PHE F 52 28.75 -12.63 9.47
N LYS F 53 27.80 -13.51 9.80
CA LYS F 53 28.08 -14.79 10.47
C LYS F 53 29.11 -15.62 9.70
N ARG F 54 29.12 -15.46 8.37
CA ARG F 54 30.09 -16.13 7.52
C ARG F 54 31.52 -15.56 7.65
N HIS F 55 31.64 -14.25 7.80
CA HIS F 55 32.96 -13.63 7.99
C HIS F 55 33.52 -13.85 9.37
N PHE F 56 32.73 -13.55 10.38
CA PHE F 56 33.14 -13.81 11.76
C PHE F 56 32.35 -15.00 12.31
N THR F 57 33.05 -16.06 12.70
CA THR F 57 32.38 -17.25 13.23
C THR F 57 32.10 -17.09 14.72
N GLN F 58 32.25 -15.86 15.20
CA GLN F 58 32.12 -15.55 16.61
C GLN F 58 30.87 -14.72 16.87
N VAL F 59 30.05 -14.54 15.83
CA VAL F 59 28.95 -13.59 15.85
C VAL F 59 27.61 -14.28 15.64
N GLU F 60 26.69 -14.10 16.59
CA GLU F 60 25.32 -14.64 16.50
C GLU F 60 24.29 -13.53 16.75
N PHE F 61 23.21 -13.55 15.96
CA PHE F 61 22.14 -12.55 16.06
C PHE F 61 20.86 -13.19 16.57
N TYR F 62 20.25 -12.56 17.58
CA TYR F 62 18.95 -13.01 18.06
C TYR F 62 18.08 -11.79 18.29
N GLN F 63 16.81 -11.87 17.91
CA GLN F 63 15.90 -10.77 18.20
C GLN F 63 15.07 -11.02 19.44
N GLY F 64 14.60 -9.93 20.04
CA GLY F 64 13.90 -9.97 21.31
C GLY F 64 14.28 -8.77 22.15
N SER F 65 13.70 -8.67 23.33
CA SER F 65 13.97 -7.54 24.22
C SER F 65 14.93 -7.92 25.33
N VAL F 66 15.55 -6.90 25.93
CA VAL F 66 16.43 -7.10 27.05
C VAL F 66 15.58 -7.10 28.33
N LEU F 67 14.29 -6.83 28.16
CA LEU F 67 13.36 -6.73 29.27
C LEU F 67 12.52 -8.00 29.37
N ASN F 68 12.91 -9.02 28.61
CA ASN F 68 12.19 -10.29 28.61
C ASN F 68 13.02 -11.43 29.20
N PRO F 69 12.69 -11.84 30.43
CA PRO F 69 13.44 -12.86 31.16
C PRO F 69 13.73 -14.10 30.32
N HIS F 70 12.81 -14.43 29.41
CA HIS F 70 13.00 -15.56 28.50
C HIS F 70 14.13 -15.31 27.55
N ASP F 71 14.14 -14.11 26.95
CA ASP F 71 15.16 -13.74 25.98
C ASP F 71 16.55 -13.64 26.60
N LEU F 72 16.64 -13.10 27.80
CA LEU F 72 17.90 -13.00 28.53
C LEU F 72 18.47 -14.38 28.80
N ALA F 73 17.59 -15.32 29.13
CA ALA F 73 17.96 -16.73 29.33
C ALA F 73 18.36 -17.40 28.02
N ARG F 74 17.69 -17.02 26.93
CA ARG F 74 17.94 -17.59 25.61
C ARG F 74 19.32 -17.21 25.10
N VAL F 75 19.70 -15.97 25.36
CA VAL F 75 21.00 -15.44 24.97
C VAL F 75 22.04 -15.83 26.03
N LYS F 76 21.55 -16.41 27.12
CA LYS F 76 22.40 -16.83 28.25
C LYS F 76 23.27 -15.69 28.77
N ILE F 77 22.58 -14.63 29.22
CA ILE F 77 23.21 -13.43 29.78
C ILE F 77 23.93 -13.74 31.08
N GLU F 78 23.35 -14.66 31.86
CA GLU F 78 23.87 -15.07 33.19
C GLU F 78 25.29 -15.65 33.16
N SER F 79 25.61 -16.36 32.08
CA SER F 79 26.93 -16.96 31.88
C SER F 79 27.90 -15.97 31.24
N ALA F 80 27.37 -15.09 30.40
CA ALA F 80 28.17 -14.16 29.62
C ALA F 80 29.16 -13.34 30.45
N ASP F 81 30.38 -13.22 29.91
CA ASP F 81 31.45 -12.45 30.51
C ASP F 81 30.98 -11.04 30.88
N ALA F 82 30.39 -10.35 29.90
CA ALA F 82 29.91 -8.98 30.09
C ALA F 82 28.77 -8.67 29.13
N CYS F 83 27.99 -7.65 29.46
CA CYS F 83 26.94 -7.16 28.57
C CYS F 83 27.15 -5.69 28.22
N LEU F 84 27.15 -5.37 26.94
CA LEU F 84 27.37 -4.01 26.50
C LEU F 84 26.09 -3.41 25.91
N ILE F 85 25.72 -2.24 26.42
CA ILE F 85 24.51 -1.56 25.97
C ILE F 85 24.89 -0.33 25.14
N LEU F 86 24.76 -0.44 23.83
CA LEU F 86 24.99 0.69 22.93
C LEU F 86 23.79 1.63 22.90
N ALA F 87 24.07 2.93 22.84
CA ALA F 87 23.04 3.95 22.85
C ALA F 87 22.88 4.63 21.50
N ASN F 88 21.74 5.28 21.32
CA ASN F 88 21.49 6.07 20.13
C ASN F 88 22.12 7.43 20.30
N LYS F 89 23.40 7.53 19.96
CA LYS F 89 24.14 8.78 20.08
C LYS F 89 23.37 9.94 19.42
N TYR F 90 22.90 9.72 18.20
CA TYR F 90 22.21 10.76 17.42
C TYR F 90 20.71 10.61 17.61
N CYS F 91 20.31 10.62 18.88
CA CYS F 91 18.94 10.38 19.30
C CYS F 91 18.04 11.61 19.14
N ALA F 92 16.73 11.40 19.20
CA ALA F 92 15.74 12.49 19.18
C ALA F 92 15.69 13.25 20.51
N ASP F 93 15.41 12.54 21.60
CA ASP F 93 15.43 13.12 22.94
C ASP F 93 16.46 12.39 23.82
N PRO F 94 17.61 13.03 24.07
CA PRO F 94 18.68 12.41 24.84
C PRO F 94 18.24 11.88 26.21
N ASP F 95 17.48 12.67 26.95
CA ASP F 95 17.00 12.27 28.27
C ASP F 95 16.16 11.01 28.20
N ALA F 96 15.29 10.93 27.20
CA ALA F 96 14.44 9.77 26.97
C ALA F 96 15.27 8.54 26.61
N GLU F 97 16.38 8.74 25.88
CA GLU F 97 17.26 7.64 25.52
C GLU F 97 17.94 7.02 26.73
N ASP F 98 18.52 7.87 27.58
CA ASP F 98 19.14 7.38 28.81
C ASP F 98 18.10 6.67 29.67
N ALA F 99 16.94 7.30 29.83
CA ALA F 99 15.82 6.72 30.55
C ALA F 99 15.60 5.27 30.09
N SER F 100 15.57 5.09 28.78
CA SER F 100 15.36 3.77 28.16
C SER F 100 16.52 2.82 28.47
N ASN F 101 17.74 3.31 28.35
CA ASN F 101 18.93 2.49 28.59
C ASN F 101 19.07 2.08 30.04
N ILE F 102 18.78 3.00 30.95
CA ILE F 102 18.80 2.73 32.40
C ILE F 102 17.87 1.55 32.72
N MET F 103 16.68 1.55 32.12
CA MET F 103 15.74 0.46 32.28
C MET F 103 16.34 -0.89 31.89
N ARG F 104 17.13 -0.91 30.81
CA ARG F 104 17.81 -2.14 30.41
C ARG F 104 18.76 -2.59 31.51
N VAL F 105 19.58 -1.65 31.99
CA VAL F 105 20.51 -1.95 33.08
C VAL F 105 19.74 -2.55 34.24
N ILE F 106 18.68 -1.87 34.68
CA ILE F 106 17.81 -2.38 35.74
C ILE F 106 17.38 -3.81 35.45
N SER F 107 16.93 -4.07 34.22
CA SER F 107 16.42 -5.39 33.81
C SER F 107 17.50 -6.47 33.77
N ILE F 108 18.64 -6.16 33.16
CA ILE F 108 19.76 -7.10 33.08
C ILE F 108 20.24 -7.43 34.49
N LYS F 109 20.23 -6.43 35.37
CA LYS F 109 20.60 -6.64 36.77
C LYS F 109 19.52 -7.43 37.52
N ASN F 110 18.26 -7.19 37.19
CA ASN F 110 17.15 -7.92 37.79
C ASN F 110 17.28 -9.42 37.53
N TYR F 111 17.66 -9.77 36.31
CA TYR F 111 17.77 -11.18 35.90
C TYR F 111 18.96 -11.85 36.55
N HIS F 112 20.11 -11.18 36.50
CA HIS F 112 21.32 -11.70 37.11
C HIS F 112 22.19 -10.55 37.51
N PRO F 113 22.33 -10.34 38.83
CA PRO F 113 22.97 -9.13 39.36
C PRO F 113 24.48 -9.11 39.15
N LYS F 114 25.11 -10.28 39.27
CA LYS F 114 26.56 -10.40 39.16
C LYS F 114 27.03 -10.41 37.69
N ILE F 115 26.66 -9.37 36.94
CA ILE F 115 27.05 -9.24 35.53
C ILE F 115 27.82 -7.95 35.35
N ARG F 116 28.82 -7.99 34.48
CA ARG F 116 29.54 -6.79 34.09
C ARG F 116 28.73 -6.07 33.02
N ILE F 117 28.41 -4.80 33.27
CA ILE F 117 27.65 -3.99 32.33
C ILE F 117 28.43 -2.76 31.89
N ILE F 118 28.76 -2.68 30.61
CA ILE F 118 29.32 -1.47 30.02
C ILE F 118 28.18 -0.76 29.30
N THR F 119 27.93 0.49 29.62
CA THR F 119 26.81 1.22 28.99
C THR F 119 27.14 2.67 28.61
N GLN F 120 26.58 3.13 27.49
CA GLN F 120 26.77 4.51 27.03
C GLN F 120 25.69 5.41 27.60
N MET F 121 26.08 6.63 27.97
CA MET F 121 25.12 7.61 28.48
C MET F 121 25.26 8.92 27.74
N LEU F 122 24.12 9.52 27.37
CA LEU F 122 24.12 10.74 26.58
C LEU F 122 24.28 12.02 27.39
N GLN F 123 23.69 12.05 28.59
CA GLN F 123 23.74 13.22 29.46
C GLN F 123 24.41 12.81 30.76
N TYR F 124 25.23 13.69 31.35
CA TYR F 124 25.87 13.34 32.62
C TYR F 124 24.84 13.13 33.72
N HIS F 125 23.97 14.11 33.91
CA HIS F 125 23.02 14.08 35.04
C HIS F 125 22.30 12.76 35.22
N ASN F 126 22.05 12.08 34.12
CA ASN F 126 21.43 10.75 34.13
C ASN F 126 22.36 9.65 34.61
N LYS F 127 23.65 9.79 34.31
CA LYS F 127 24.68 8.82 34.70
C LYS F 127 24.66 8.57 36.21
N ALA F 128 24.40 9.64 36.96
CA ALA F 128 24.22 9.56 38.40
C ALA F 128 23.20 8.48 38.81
N HIS F 129 22.03 8.49 38.17
CA HIS F 129 20.94 7.54 38.49
C HIS F 129 21.38 6.11 38.59
N LEU F 130 22.40 5.74 37.80
CA LEU F 130 22.85 4.35 37.75
C LEU F 130 23.32 3.81 39.10
N LEU F 131 23.68 4.72 39.99
CA LEU F 131 24.17 4.35 41.31
C LEU F 131 23.04 3.91 42.25
N ASN F 132 21.83 4.39 41.97
CA ASN F 132 20.63 4.00 42.72
C ASN F 132 20.27 2.55 42.52
N ILE F 133 20.72 1.98 41.40
CA ILE F 133 20.50 0.57 41.11
C ILE F 133 21.37 -0.28 42.04
N PRO F 134 20.74 -1.14 42.86
CA PRO F 134 21.39 -1.96 43.88
C PRO F 134 22.56 -2.79 43.38
N SER F 135 22.38 -3.48 42.26
CA SER F 135 23.37 -4.44 41.79
C SER F 135 24.53 -3.76 41.03
N TRP F 136 24.42 -2.45 40.84
CA TRP F 136 25.42 -1.67 40.10
C TRP F 136 26.69 -1.57 40.88
N ASN F 137 27.76 -2.16 40.36
CA ASN F 137 29.05 -2.17 41.03
C ASN F 137 30.12 -1.30 40.38
N TRP F 138 30.25 -0.07 40.88
CA TRP F 138 31.28 0.88 40.40
C TRP F 138 32.67 0.37 40.69
N LYS F 139 32.77 -0.46 41.72
CA LYS F 139 34.02 -1.07 42.16
C LYS F 139 34.31 -2.41 41.47
N GLU F 140 33.26 -3.13 41.07
CA GLU F 140 33.44 -4.28 40.18
C GLU F 140 33.53 -3.79 38.73
N GLY F 141 33.24 -4.67 37.78
CA GLY F 141 33.41 -4.38 36.35
C GLY F 141 32.50 -3.32 35.72
N ASP F 142 31.33 -3.11 36.31
CA ASP F 142 30.35 -2.17 35.79
C ASP F 142 30.95 -0.77 35.64
N ASP F 143 30.83 -0.22 34.44
CA ASP F 143 31.26 1.14 34.13
C ASP F 143 30.36 1.76 33.08
N ALA F 144 30.11 3.06 33.20
CA ALA F 144 29.29 3.76 32.21
C ALA F 144 30.07 4.84 31.49
N ILE F 145 30.24 4.68 30.19
CA ILE F 145 30.88 5.69 29.36
C ILE F 145 29.93 6.86 29.11
N CYS F 146 30.13 7.96 29.82
CA CYS F 146 29.31 9.13 29.56
C CYS F 146 29.85 9.91 28.36
N LEU F 147 29.09 9.88 27.27
CA LEU F 147 29.50 10.52 26.04
C LEU F 147 29.55 12.04 26.15
N ALA F 148 28.60 12.61 26.89
CA ALA F 148 28.58 14.05 27.08
C ALA F 148 29.85 14.55 27.76
N GLU F 149 30.23 13.88 28.85
CA GLU F 149 31.34 14.33 29.68
C GLU F 149 32.70 14.18 28.99
N LEU F 150 32.83 13.13 28.18
CA LEU F 150 34.08 12.87 27.48
C LEU F 150 34.23 13.78 26.25
N LYS F 151 33.17 13.90 25.45
CA LYS F 151 33.20 14.81 24.30
C LYS F 151 33.65 16.19 24.77
N ALA F 152 33.03 16.66 25.85
CA ALA F 152 33.36 17.95 26.44
C ALA F 152 34.80 18.03 26.90
N GLY F 153 35.21 17.03 27.67
CA GLY F 153 36.58 16.96 28.17
C GLY F 153 37.63 16.97 27.07
N PHE F 154 37.42 16.18 26.03
CA PHE F 154 38.36 16.09 24.92
C PHE F 154 38.56 17.45 24.25
N ILE F 155 37.45 18.17 24.08
CA ILE F 155 37.49 19.51 23.53
C ILE F 155 38.17 20.47 24.50
N ALA F 156 37.90 20.29 25.79
CA ALA F 156 38.53 21.09 26.84
C ALA F 156 40.05 20.92 26.84
N GLN F 157 40.48 19.67 26.75
CA GLN F 157 41.89 19.33 26.71
C GLN F 157 42.61 19.93 25.51
N SER F 158 41.86 20.22 24.46
CA SER F 158 42.41 20.90 23.28
C SER F 158 42.65 22.39 23.49
N CYS F 159 41.93 22.98 24.44
CA CYS F 159 42.16 24.40 24.79
C CYS F 159 43.53 24.61 25.43
N LEU F 160 43.95 23.63 26.24
CA LEU F 160 45.26 23.64 26.86
C LEU F 160 46.34 23.32 25.83
N ALA F 161 46.17 22.20 25.14
CA ALA F 161 47.09 21.82 24.06
C ALA F 161 46.32 21.49 22.79
N GLN F 162 46.33 22.41 21.83
CA GLN F 162 45.59 22.23 20.59
C GLN F 162 46.05 20.99 19.84
N GLY F 163 45.09 20.14 19.50
CA GLY F 163 45.36 18.89 18.81
C GLY F 163 45.32 17.70 19.74
N LEU F 164 45.28 17.95 21.04
CA LEU F 164 45.23 16.86 22.02
C LEU F 164 44.00 15.99 21.80
N SER F 165 42.86 16.63 21.51
CA SER F 165 41.61 15.91 21.27
C SER F 165 41.79 14.75 20.30
N THR F 166 42.41 15.03 19.14
CA THR F 166 42.53 14.01 18.11
C THR F 166 43.68 13.07 18.40
N MET F 167 44.65 13.56 19.16
CA MET F 167 45.79 12.74 19.57
C MET F 167 45.32 11.70 20.57
N LEU F 168 44.46 12.13 21.48
CA LEU F 168 43.94 11.31 22.54
C LEU F 168 42.84 10.38 22.02
N ALA F 169 42.38 10.64 20.80
CA ALA F 169 41.35 9.83 20.19
C ALA F 169 41.90 8.69 19.33
N ASN F 170 42.87 9.00 18.47
CA ASN F 170 43.56 8.00 17.65
C ASN F 170 44.29 6.97 18.49
N LEU F 171 44.75 7.44 19.65
CA LEU F 171 45.42 6.63 20.65
C LEU F 171 44.52 5.52 21.17
N PHE F 172 43.22 5.80 21.20
CA PHE F 172 42.23 4.88 21.80
C PHE F 172 41.56 3.93 20.85
N SER F 173 41.37 4.37 19.61
CA SER F 173 40.79 3.54 18.57
C SER F 173 41.85 2.59 18.03
N MET F 174 41.56 1.28 18.14
CA MET F 174 42.46 0.24 17.66
C MET F 174 42.65 0.38 16.15
N ARG F 175 43.89 0.73 15.77
CA ARG F 175 44.29 0.93 14.37
C ARG F 175 45.73 0.50 14.14
N SER F 176 46.02 0.02 12.93
CA SER F 176 47.33 -0.51 12.56
C SER F 176 48.15 0.42 11.67
N TYR F 177 49.41 0.07 11.49
CA TYR F 177 50.39 0.88 10.75
C TYR F 177 50.16 0.83 9.25
N ILE F 178 50.31 1.98 8.59
CA ILE F 178 49.94 2.09 7.16
C ILE F 178 51.12 2.25 6.19
N LYS F 179 52.15 2.99 6.61
CA LYS F 179 53.40 3.15 5.84
C LYS F 179 53.19 3.69 4.43
N ILE F 180 52.71 4.94 4.33
CA ILE F 180 52.64 5.60 3.03
C ILE F 180 54.06 5.91 2.52
N GLU F 181 54.32 5.54 1.27
CA GLU F 181 55.67 5.62 0.70
C GLU F 181 56.12 7.05 0.46
N GLU F 182 55.25 7.84 -0.18
CA GLU F 182 55.56 9.23 -0.53
C GLU F 182 55.68 10.13 0.70
N ASP F 183 56.55 11.14 0.59
CA ASP F 183 56.76 12.10 1.67
C ASP F 183 55.67 13.17 1.69
N THR F 184 54.74 13.05 2.64
CA THR F 184 53.74 14.06 2.98
C THR F 184 53.41 13.88 4.44
N TRP F 185 52.72 14.85 5.02
CA TRP F 185 52.35 14.77 6.44
C TRP F 185 51.57 13.53 6.81
N GLN F 186 50.81 12.98 5.85
CA GLN F 186 50.08 11.74 6.05
C GLN F 186 50.98 10.68 6.65
N LYS F 187 52.15 10.49 6.04
CA LYS F 187 53.15 9.52 6.50
C LYS F 187 53.38 9.64 7.99
N TYR F 188 53.79 10.82 8.42
CA TYR F 188 54.17 11.07 9.81
C TYR F 188 52.98 10.97 10.74
N TYR F 189 51.85 11.52 10.30
CA TYR F 189 50.60 11.45 11.05
C TYR F 189 50.18 10.01 11.33
N LEU F 190 50.19 9.19 10.29
CA LEU F 190 49.77 7.80 10.35
C LEU F 190 50.72 6.92 11.15
N GLU F 191 52.02 7.24 11.05
CA GLU F 191 53.06 6.56 11.83
C GLU F 191 52.76 6.71 13.32
N GLY F 192 52.14 7.83 13.68
CA GLY F 192 51.64 8.04 15.03
C GLY F 192 50.32 7.33 15.28
N VAL F 193 49.37 7.51 14.36
CA VAL F 193 48.03 6.91 14.44
C VAL F 193 48.06 5.41 14.79
N ALA F 194 49.06 4.72 14.23
CA ALA F 194 49.30 3.28 14.43
C ALA F 194 49.30 2.86 15.90
N ASN F 195 49.35 3.84 16.79
CA ASN F 195 49.27 3.61 18.21
C ASN F 195 47.89 3.25 18.77
N GLU F 196 47.96 2.59 19.91
CA GLU F 196 46.83 2.20 20.68
C GLU F 196 47.47 2.06 22.05
N MET F 197 46.75 2.43 23.11
CA MET F 197 47.32 2.44 24.45
C MET F 197 47.01 1.16 25.21
N TYR F 198 48.05 0.42 25.57
CA TYR F 198 47.87 -0.87 26.24
C TYR F 198 48.28 -0.87 27.72
N THR F 199 47.76 -1.85 28.45
CA THR F 199 48.05 -2.01 29.87
C THR F 199 48.98 -3.22 30.11
N GLU F 200 49.99 -3.03 30.96
CA GLU F 200 50.95 -4.10 31.27
C GLU F 200 51.56 -3.95 32.67
N TYR F 201 51.88 -5.09 33.27
CA TYR F 201 52.60 -5.15 34.54
C TYR F 201 54.09 -4.97 34.36
N LEU F 202 54.69 -4.20 35.26
CA LEU F 202 56.11 -3.91 35.22
C LEU F 202 56.93 -5.14 35.66
N SER F 203 58.06 -5.35 35.01
CA SER F 203 59.01 -6.40 35.39
C SER F 203 59.53 -6.17 36.80
N SER F 204 59.79 -7.27 37.51
CA SER F 204 60.34 -7.21 38.87
C SER F 204 61.58 -6.33 38.95
N ALA F 205 62.30 -6.23 37.82
CA ALA F 205 63.55 -5.47 37.73
C ALA F 205 63.40 -4.01 38.15
N PHE F 206 62.28 -3.39 37.81
CA PHE F 206 62.09 -1.95 38.03
C PHE F 206 61.78 -1.57 39.48
N VAL F 207 61.38 -2.55 40.29
CA VAL F 207 60.99 -2.31 41.68
C VAL F 207 61.97 -1.36 42.39
N GLY F 208 61.43 -0.33 43.02
CA GLY F 208 62.22 0.59 43.84
C GLY F 208 62.79 1.79 43.10
N LEU F 209 62.97 1.64 41.78
CA LEU F 209 63.46 2.75 40.95
C LEU F 209 62.43 3.87 40.93
N SER F 210 62.87 5.06 40.53
CA SER F 210 61.96 6.19 40.36
C SER F 210 61.25 6.09 39.01
N PHE F 211 59.96 6.43 38.98
CA PHE F 211 59.20 6.41 37.74
C PHE F 211 59.98 7.00 36.56
N PRO F 212 60.49 8.25 36.70
CA PRO F 212 61.29 8.88 35.65
C PRO F 212 62.39 8.00 35.06
N THR F 213 63.18 7.36 35.92
CA THR F 213 64.26 6.48 35.46
C THR F 213 63.71 5.22 34.81
N VAL F 214 62.63 4.67 35.36
CA VAL F 214 61.91 3.55 34.74
C VAL F 214 61.44 3.93 33.34
N CYS F 215 60.82 5.10 33.24
CA CYS F 215 60.27 5.62 32.00
C CYS F 215 61.33 5.73 30.91
N GLU F 216 62.50 6.23 31.28
CA GLU F 216 63.62 6.34 30.35
C GLU F 216 64.05 4.97 29.85
N LEU F 217 64.20 4.03 30.76
CA LEU F 217 64.61 2.67 30.42
C LEU F 217 63.63 2.04 29.44
N CYS F 218 62.34 2.25 29.68
CA CYS F 218 61.29 1.71 28.82
C CYS F 218 61.35 2.30 27.42
N TYR F 219 61.60 3.60 27.34
CA TYR F 219 61.68 4.28 26.06
C TYR F 219 62.99 4.01 25.31
N VAL F 220 64.09 3.96 26.06
CA VAL F 220 65.41 3.80 25.46
C VAL F 220 65.67 2.34 25.11
N LYS F 221 65.42 1.44 26.06
CA LYS F 221 65.70 0.01 25.86
C LYS F 221 64.61 -0.72 25.11
N LEU F 222 63.37 -0.24 25.23
CA LEU F 222 62.22 -0.95 24.64
C LEU F 222 61.38 -0.17 23.61
N LYS F 223 61.55 1.15 23.56
CA LYS F 223 60.74 2.02 22.68
C LYS F 223 59.25 2.09 23.07
N LEU F 224 58.94 1.67 24.30
CA LEU F 224 57.60 1.79 24.85
C LEU F 224 57.48 3.05 25.69
N LEU F 225 56.65 3.98 25.23
CA LEU F 225 56.40 5.21 25.97
C LEU F 225 55.42 4.93 27.10
N LEU F 226 55.92 4.98 28.34
CA LEU F 226 55.08 4.77 29.53
C LEU F 226 54.54 6.11 30.04
N ILE F 227 53.25 6.15 30.40
CA ILE F 227 52.64 7.41 30.87
C ILE F 227 52.06 7.41 32.29
N ALA F 228 51.71 6.24 32.82
CA ALA F 228 51.12 6.19 34.16
C ALA F 228 51.21 4.84 34.85
N ILE F 229 51.28 4.87 36.19
CA ILE F 229 51.29 3.67 37.02
C ILE F 229 49.95 3.53 37.74
N GLU F 230 49.70 2.35 38.31
CA GLU F 230 48.48 2.12 39.10
C GLU F 230 48.83 1.69 40.54
N TYR F 231 49.27 2.66 41.35
CA TYR F 231 49.76 2.40 42.72
C TYR F 231 48.74 1.75 43.63
N LYS F 232 49.17 0.71 44.35
CA LYS F 232 48.32 -0.03 45.26
C LYS F 232 48.28 0.65 46.64
N LYS F 242 42.03 0.71 42.97
CA LYS F 242 43.02 1.57 43.61
C LYS F 242 43.30 2.84 42.78
N ARG F 243 43.89 3.86 43.41
CA ARG F 243 44.22 5.13 42.75
C ARG F 243 45.30 4.97 41.67
N ILE F 244 45.17 5.74 40.60
CA ILE F 244 46.15 5.72 39.50
C ILE F 244 46.85 7.07 39.37
N LEU F 245 48.16 7.05 39.12
CA LEU F 245 48.97 8.28 39.01
C LEU F 245 49.56 8.48 37.60
N ILE F 246 49.16 9.57 36.95
CA ILE F 246 49.64 9.91 35.60
C ILE F 246 50.91 10.75 35.68
N ASN F 247 51.99 10.26 35.07
CA ASN F 247 53.34 10.86 35.16
C ASN F 247 53.75 11.31 36.58
N PRO F 248 53.96 10.34 37.50
CA PRO F 248 54.36 10.79 38.84
C PRO F 248 55.76 11.39 38.83
N GLY F 249 56.06 12.21 39.85
CA GLY F 249 57.39 12.78 40.02
C GLY F 249 58.44 11.72 40.29
N ASN F 250 59.70 12.14 40.45
CA ASN F 250 60.81 11.19 40.61
C ASN F 250 60.75 10.32 41.88
N HIS F 251 59.97 10.75 42.87
CA HIS F 251 59.95 10.13 44.20
C HIS F 251 59.22 8.83 44.19
N VAL F 252 58.16 8.74 43.39
CA VAL F 252 57.37 7.53 43.28
C VAL F 252 58.22 6.33 42.87
N LYS F 253 58.20 5.29 43.69
CA LYS F 253 58.96 4.07 43.45
C LYS F 253 58.04 2.85 43.31
N MET F 254 58.42 1.92 42.45
CA MET F 254 57.59 0.76 42.07
C MET F 254 57.35 -0.22 43.22
N GLN F 255 56.10 -0.63 43.37
CA GLN F 255 55.69 -1.49 44.46
C GLN F 255 55.40 -2.90 43.96
N GLU F 256 56.40 -3.77 44.09
CA GLU F 256 56.33 -5.16 43.62
C GLU F 256 55.84 -5.20 42.16
N GLY F 257 54.65 -5.74 41.95
CA GLY F 257 54.03 -5.77 40.63
C GLY F 257 53.08 -4.59 40.47
N THR F 258 53.60 -3.52 39.86
CA THR F 258 52.80 -2.33 39.56
C THR F 258 52.23 -2.50 38.15
N LEU F 259 51.09 -1.85 37.90
CA LEU F 259 50.46 -1.84 36.59
C LEU F 259 50.75 -0.52 35.88
N GLY F 260 51.23 -0.62 34.64
CA GLY F 260 51.64 0.55 33.89
C GLY F 260 50.92 0.69 32.57
N PHE F 261 50.58 1.94 32.23
CA PHE F 261 49.90 2.23 30.97
C PHE F 261 50.90 2.69 29.92
N PHE F 262 51.01 1.90 28.86
CA PHE F 262 52.00 2.14 27.80
C PHE F 262 51.33 2.56 26.50
N ILE F 263 52.08 3.22 25.64
CA ILE F 263 51.60 3.63 24.34
C ILE F 263 52.52 2.99 23.31
N ALA F 264 52.15 1.80 22.84
CA ALA F 264 52.94 1.11 21.83
C ALA F 264 52.11 0.70 20.63
N SER F 265 52.80 0.45 19.52
CA SER F 265 52.18 0.09 18.25
C SER F 265 51.16 -1.06 18.38
N ASP F 266 51.63 -2.18 18.89
CA ASP F 266 50.89 -3.43 18.95
C ASP F 266 50.79 -3.87 20.41
N ALA F 267 49.77 -4.67 20.74
CA ALA F 267 49.60 -5.22 22.09
C ALA F 267 50.75 -6.12 22.53
N LYS F 268 51.33 -6.88 21.58
CA LYS F 268 52.46 -7.78 21.85
C LYS F 268 53.76 -7.02 22.13
N GLU F 269 53.87 -5.82 21.58
CA GLU F 269 55.02 -4.94 21.84
C GLU F 269 55.16 -4.63 23.33
N VAL F 270 54.03 -4.43 23.98
CA VAL F 270 54.01 -4.01 25.39
C VAL F 270 54.36 -5.18 26.31
N LYS F 271 54.11 -6.41 25.86
CA LYS F 271 54.44 -7.60 26.64
C LYS F 271 55.90 -7.58 27.10
N ARG F 272 56.76 -7.05 26.23
CA ARG F 272 58.19 -6.96 26.48
C ARG F 272 58.60 -6.14 27.71
N ALA F 273 57.70 -5.32 28.24
CA ALA F 273 57.98 -4.54 29.45
C ALA F 273 57.99 -5.44 30.68
N PHE F 274 58.14 -6.74 30.44
CA PHE F 274 58.06 -7.76 31.46
C PHE F 274 59.27 -8.71 31.45
N PHE F 275 60.48 -8.14 31.39
CA PHE F 275 61.74 -8.91 31.37
C PHE F 275 62.91 -8.16 32.02
N LYS F 349 37.14 29.99 51.45
CA LYS F 349 36.75 28.86 50.60
C LYS F 349 37.11 29.13 49.14
N ARG F 350 38.32 28.73 48.74
CA ARG F 350 38.82 28.94 47.39
C ARG F 350 38.83 27.68 46.52
N TYR F 351 38.45 26.54 47.09
CA TYR F 351 38.41 25.27 46.37
C TYR F 351 37.12 24.46 46.60
N ASP F 352 36.88 23.49 45.72
CA ASP F 352 35.78 22.52 45.87
C ASP F 352 36.01 21.65 47.09
N SER F 353 34.97 20.93 47.54
CA SER F 353 35.11 20.00 48.67
C SER F 353 36.34 19.11 48.53
N THR F 354 36.58 18.62 47.31
CA THR F 354 37.72 17.78 47.01
C THR F 354 39.04 18.54 46.99
N GLY F 355 38.97 19.82 46.64
CA GLY F 355 40.17 20.64 46.45
C GLY F 355 40.79 20.36 45.09
N MET F 356 40.01 19.73 44.22
CA MET F 356 40.45 19.41 42.89
C MET F 356 40.19 20.56 41.94
N PHE F 357 39.09 21.29 42.16
CA PHE F 357 38.64 22.34 41.24
C PHE F 357 38.51 23.69 41.94
N HIS F 358 38.74 24.77 41.18
CA HIS F 358 38.62 26.12 41.73
C HIS F 358 37.20 26.48 41.99
N TRP F 359 36.84 26.60 43.26
CA TRP F 359 35.50 27.01 43.64
C TRP F 359 35.41 28.50 43.83
N CYS F 360 34.22 29.04 43.62
CA CYS F 360 33.95 30.46 43.75
C CYS F 360 32.51 30.56 44.26
N PRO F 361 32.20 31.58 45.09
CA PRO F 361 30.84 31.70 45.62
C PRO F 361 29.81 31.79 44.49
N SER F 362 28.79 30.94 44.55
CA SER F 362 27.78 30.93 43.52
C SER F 362 27.39 32.38 43.21
N LYS F 363 27.54 32.78 41.94
CA LYS F 363 27.21 34.13 41.43
C LYS F 363 25.87 34.16 40.66
N GLU F 364 25.18 35.32 40.72
CA GLU F 364 23.87 35.48 40.06
C GLU F 364 24.14 35.76 38.62
N ILE F 365 23.39 35.11 37.75
CA ILE F 365 23.67 35.10 36.31
C ILE F 365 23.85 36.51 35.71
N GLU F 366 22.99 37.43 36.12
CA GLU F 366 23.00 38.79 35.59
C GLU F 366 24.28 39.55 35.90
N LYS F 367 25.02 39.10 36.92
CA LYS F 367 26.32 39.69 37.27
C LYS F 367 27.38 39.35 36.23
N VAL F 368 27.15 38.27 35.51
CA VAL F 368 28.13 37.75 34.55
C VAL F 368 27.88 38.24 33.13
N ILE F 369 26.60 38.52 32.79
CA ILE F 369 26.18 38.98 31.46
C ILE F 369 26.88 40.27 31.03
N LEU F 370 27.66 40.20 29.96
CA LEU F 370 28.29 41.39 29.39
C LEU F 370 27.42 41.94 28.29
N THR F 371 27.32 43.27 28.24
CA THR F 371 26.72 43.97 27.10
C THR F 371 27.74 43.84 25.97
N ARG F 372 27.35 44.14 24.74
CA ARG F 372 28.31 44.13 23.63
C ARG F 372 29.44 45.15 23.89
N SER F 373 29.06 46.31 24.41
CA SER F 373 30.02 47.36 24.79
C SER F 373 30.92 46.95 25.94
N GLU F 374 30.33 46.65 27.11
CA GLU F 374 31.07 46.21 28.28
C GLU F 374 32.15 45.18 27.91
N ALA F 375 31.83 44.34 26.92
CA ALA F 375 32.75 43.30 26.42
C ALA F 375 33.84 43.85 25.49
N SER F 376 33.45 44.74 24.59
CA SER F 376 34.38 45.36 23.66
C SER F 376 35.38 46.24 24.42
N MET F 377 34.91 46.81 25.53
CA MET F 377 35.73 47.61 26.45
C MET F 377 36.95 46.82 26.94
N THR F 378 36.71 45.62 27.44
CA THR F 378 37.77 44.74 27.93
C THR F 378 38.47 44.07 26.77
N VAL F 379 39.79 44.26 26.70
CA VAL F 379 40.63 43.57 25.72
C VAL F 379 41.05 42.21 26.28
N LEU F 380 40.20 41.22 26.05
CA LEU F 380 40.42 39.86 26.55
C LEU F 380 41.36 39.10 25.64
N SER F 381 42.28 38.34 26.24
CA SER F 381 43.19 37.48 25.49
C SER F 381 43.57 36.27 26.34
N GLY F 382 44.01 35.20 25.67
CA GLY F 382 44.37 33.96 26.35
C GLY F 382 43.15 33.31 26.98
N HIS F 383 41.98 33.56 26.38
CA HIS F 383 40.72 33.07 26.90
C HIS F 383 40.13 32.05 25.98
N VAL F 384 39.01 31.47 26.40
CA VAL F 384 38.29 30.51 25.57
C VAL F 384 36.95 31.12 25.23
N VAL F 385 36.64 31.18 23.93
CA VAL F 385 35.35 31.67 23.47
C VAL F 385 34.52 30.48 23.00
N VAL F 386 33.71 29.95 23.89
CA VAL F 386 32.76 28.90 23.54
C VAL F 386 31.49 29.57 23.07
N CYS F 387 31.17 29.39 21.79
CA CYS F 387 29.99 30.00 21.24
C CYS F 387 28.98 28.93 20.84
N ILE F 388 27.84 28.93 21.52
CA ILE F 388 26.81 27.92 21.33
C ILE F 388 25.61 28.45 20.58
N PHE F 389 25.17 27.67 19.60
CA PHE F 389 23.87 27.86 18.98
C PHE F 389 22.85 27.14 19.85
N GLY F 390 21.62 27.63 19.85
CA GLY F 390 20.55 26.97 20.59
C GLY F 390 19.52 27.91 21.16
N ASP F 391 18.32 27.39 21.34
CA ASP F 391 17.22 28.13 21.98
C ASP F 391 16.85 27.39 23.26
N VAL F 392 15.81 27.87 23.94
CA VAL F 392 15.38 27.33 25.24
C VAL F 392 14.98 25.85 25.19
N THR F 393 14.43 25.43 24.05
CA THR F 393 13.94 24.05 23.86
C THR F 393 14.98 23.16 23.17
N SER F 394 16.22 23.21 23.62
CA SER F 394 17.28 22.39 23.07
C SER F 394 17.78 21.39 24.10
N ALA F 395 18.49 20.36 23.65
CA ALA F 395 19.16 19.44 24.55
C ALA F 395 20.26 20.20 25.28
N LEU F 396 20.50 19.83 26.53
CA LEU F 396 21.58 20.44 27.29
C LEU F 396 22.91 19.80 26.91
N VAL F 397 23.83 20.61 26.40
CA VAL F 397 25.13 20.10 25.97
C VAL F 397 25.96 19.60 27.15
N GLY F 398 25.67 20.13 28.34
CA GLY F 398 26.40 19.76 29.55
C GLY F 398 27.69 20.54 29.65
N LEU F 399 27.58 21.87 29.61
CA LEU F 399 28.72 22.78 29.63
C LEU F 399 29.57 22.64 30.88
N ARG F 400 28.95 22.18 31.97
CA ARG F 400 29.68 21.82 33.20
C ARG F 400 30.97 21.09 32.86
N ASN F 401 30.88 20.10 31.97
CA ASN F 401 32.01 19.23 31.61
C ASN F 401 33.04 19.87 30.69
N LEU F 402 32.70 21.02 30.10
CA LEU F 402 33.68 21.75 29.33
C LEU F 402 34.52 22.63 30.25
N VAL F 403 33.87 23.33 31.18
CA VAL F 403 34.59 24.24 32.08
C VAL F 403 35.40 23.50 33.16
N MET F 404 34.88 22.38 33.66
CA MET F 404 35.50 21.70 34.80
C MET F 404 36.99 21.41 34.63
N PRO F 405 37.37 20.75 33.53
CA PRO F 405 38.79 20.51 33.29
C PRO F 405 39.61 21.77 33.09
N LEU F 406 38.93 22.85 32.70
CA LEU F 406 39.58 24.16 32.58
C LEU F 406 39.69 24.89 33.94
N ARG F 407 39.09 24.32 34.96
CA ARG F 407 39.14 24.89 36.30
C ARG F 407 39.71 23.92 37.31
N ALA F 408 40.56 23.01 36.84
CA ALA F 408 41.23 22.08 37.75
C ALA F 408 42.23 22.85 38.61
N SER F 409 42.57 22.31 39.78
CA SER F 409 43.40 23.01 40.75
C SER F 409 44.90 23.03 40.40
N ASN F 410 45.28 22.32 39.33
CA ASN F 410 46.68 22.19 38.95
C ASN F 410 47.20 23.47 38.27
N PHE F 411 46.32 24.43 38.08
CA PHE F 411 46.69 25.69 37.48
C PHE F 411 46.47 26.77 38.51
N HIS F 412 47.32 27.79 38.50
CA HIS F 412 47.16 28.94 39.39
C HIS F 412 46.05 29.81 38.91
N TYR F 413 45.40 30.51 39.82
CA TYR F 413 44.31 31.43 39.48
C TYR F 413 44.75 32.42 38.39
N HIS F 414 46.02 32.81 38.44
CA HIS F 414 46.67 33.65 37.42
C HIS F 414 46.69 32.96 36.07
N GLU F 415 46.95 31.64 36.08
CA GLU F 415 47.03 30.83 34.86
C GLU F 415 45.67 30.49 34.22
N LEU F 416 44.58 30.58 35.01
CA LEU F 416 43.22 30.19 34.57
C LEU F 416 42.71 30.98 33.37
N LYS F 417 42.17 30.27 32.38
CA LYS F 417 41.69 30.91 31.15
C LYS F 417 40.25 31.28 31.32
N PRO F 418 39.91 32.57 31.16
CA PRO F 418 38.51 32.96 31.30
C PRO F 418 37.65 32.40 30.15
N ILE F 419 36.39 32.12 30.44
CA ILE F 419 35.51 31.52 29.46
C ILE F 419 34.36 32.47 29.11
N VAL F 420 34.20 32.73 27.82
CA VAL F 420 33.11 33.55 27.34
C VAL F 420 32.13 32.77 26.47
N PHE F 421 30.90 32.65 26.93
CA PHE F 421 29.86 32.02 26.14
C PHE F 421 29.16 33.06 25.28
N VAL F 422 29.10 32.80 23.97
CA VAL F 422 28.35 33.64 23.05
C VAL F 422 27.14 32.86 22.55
N GLY F 423 25.97 33.17 23.10
CA GLY F 423 24.74 32.44 22.75
C GLY F 423 23.46 33.17 23.07
N SER F 424 22.36 32.43 23.12
CA SER F 424 21.09 32.98 23.57
C SER F 424 21.04 32.87 25.08
N LEU F 425 20.72 33.98 25.72
CA LEU F 425 20.64 34.04 27.16
C LEU F 425 19.61 33.04 27.68
N ASP F 426 18.44 32.98 27.03
CA ASP F 426 17.35 32.06 27.40
C ASP F 426 17.84 30.61 27.46
N TYR F 427 18.62 30.21 26.45
CA TYR F 427 19.23 28.89 26.47
C TYR F 427 20.23 28.79 27.62
N LEU F 428 21.13 29.76 27.71
CA LEU F 428 22.24 29.65 28.66
C LEU F 428 21.82 29.51 30.11
N ARG F 429 20.91 30.34 30.56
CA ARG F 429 20.51 30.40 31.97
C ARG F 429 20.11 29.05 32.57
N ARG F 430 19.42 28.23 31.80
CA ARG F 430 18.98 26.91 32.26
C ARG F 430 20.16 26.01 32.57
N GLU F 431 21.20 26.06 31.73
CA GLU F 431 22.44 25.35 31.98
C GLU F 431 23.28 26.03 33.03
N TRP F 432 23.18 27.36 33.09
CA TRP F 432 24.01 28.18 33.95
C TRP F 432 24.15 27.70 35.39
N GLU F 433 23.06 27.24 35.97
CA GLU F 433 23.04 26.85 37.38
C GLU F 433 24.21 25.96 37.82
N THR F 434 24.73 25.14 36.90
CA THR F 434 25.88 24.29 37.22
C THR F 434 27.18 25.07 37.24
N LEU F 435 27.21 26.20 36.54
CA LEU F 435 28.45 26.94 36.35
C LEU F 435 28.69 28.05 37.37
N HIS F 436 27.64 28.52 38.06
CA HIS F 436 27.81 29.69 38.94
C HIS F 436 28.96 29.59 39.89
N ASN F 437 29.35 28.36 40.23
CA ASN F 437 30.46 28.14 41.15
C ASN F 437 31.83 28.39 40.56
N PHE F 438 31.98 28.26 39.25
CA PHE F 438 33.30 28.43 38.63
C PHE F 438 33.67 29.90 38.42
N PRO F 439 34.97 30.23 38.55
CA PRO F 439 35.42 31.62 38.40
C PRO F 439 35.79 31.97 36.97
N LYS F 440 35.80 33.27 36.69
CA LYS F 440 36.16 33.82 35.38
C LYS F 440 35.30 33.27 34.25
N VAL F 441 33.98 33.29 34.47
CA VAL F 441 32.99 32.83 33.49
C VAL F 441 32.18 34.03 33.03
N PHE F 442 31.93 34.12 31.73
CA PHE F 442 31.22 35.27 31.16
C PHE F 442 30.23 34.89 30.06
N ILE F 443 29.17 35.68 29.93
CA ILE F 443 28.16 35.45 28.93
C ILE F 443 27.98 36.71 28.11
N LEU F 444 28.07 36.60 26.79
CA LEU F 444 27.72 37.70 25.88
C LEU F 444 26.57 37.28 24.99
N PRO F 445 25.35 37.70 25.35
CA PRO F 445 24.18 37.35 24.55
C PRO F 445 24.31 37.81 23.09
N GLY F 446 23.96 36.93 22.16
CA GLY F 446 24.10 37.18 20.72
C GLY F 446 24.50 35.93 19.94
N THR F 447 24.53 36.04 18.62
CA THR F 447 24.85 34.89 17.77
C THR F 447 26.32 34.84 17.36
N PRO F 448 26.89 33.63 17.30
CA PRO F 448 28.25 33.40 16.81
C PRO F 448 28.45 33.76 15.34
N LEU F 449 27.38 34.20 14.69
CA LEU F 449 27.45 34.57 13.28
C LEU F 449 27.61 36.08 13.10
N SER F 450 27.35 36.84 14.17
CA SER F 450 27.52 38.29 14.11
C SER F 450 28.93 38.62 14.52
N ARG F 451 29.64 39.35 13.66
CA ARG F 451 31.01 39.72 13.94
C ARG F 451 31.09 40.77 15.04
N ALA F 452 30.04 41.59 15.16
CA ALA F 452 29.91 42.55 16.25
C ALA F 452 30.18 41.88 17.61
N ASP F 453 29.42 40.83 17.90
CA ASP F 453 29.58 40.06 19.12
C ASP F 453 30.97 39.44 19.18
N LEU F 454 31.45 38.97 18.03
CA LEU F 454 32.73 38.26 17.94
C LEU F 454 33.93 39.18 18.10
N ARG F 455 33.88 40.34 17.47
CA ARG F 455 34.95 41.32 17.61
C ARG F 455 35.00 41.86 19.03
N ALA F 456 33.83 41.96 19.66
CA ALA F 456 33.72 42.43 21.04
C ALA F 456 34.55 41.57 22.01
N VAL F 457 34.49 40.25 21.82
CA VAL F 457 35.22 39.33 22.69
C VAL F 457 36.64 39.02 22.20
N ASN F 458 37.10 39.79 21.20
CA ASN F 458 38.49 39.75 20.76
C ASN F 458 38.97 38.34 20.45
N ILE F 459 38.35 37.71 19.45
CA ILE F 459 38.67 36.33 19.11
C ILE F 459 40.14 36.16 18.74
N ASN F 460 40.65 37.09 17.94
CA ASN F 460 42.06 37.10 17.53
C ASN F 460 43.02 36.65 18.63
N LEU F 461 42.64 36.94 19.88
CA LEU F 461 43.50 36.76 21.03
C LEU F 461 43.33 35.43 21.79
N CYS F 462 42.17 34.80 21.66
CA CYS F 462 41.84 33.57 22.41
C CYS F 462 42.76 32.40 22.10
N ASP F 463 42.94 31.53 23.09
CA ASP F 463 43.74 30.31 22.95
C ASP F 463 42.97 29.21 22.25
N MET F 464 41.65 29.30 22.31
CA MET F 464 40.77 28.33 21.67
C MET F 464 39.35 28.87 21.56
N CYS F 465 38.74 28.63 20.40
CA CYS F 465 37.36 28.98 20.16
C CYS F 465 36.57 27.72 19.83
N VAL F 466 35.70 27.31 20.76
CA VAL F 466 34.91 26.11 20.62
C VAL F 466 33.57 26.43 19.99
N ILE F 467 33.25 25.73 18.89
CA ILE F 467 31.96 25.89 18.22
C ILE F 467 31.08 24.66 18.42
N LEU F 468 29.96 24.84 19.12
CA LEU F 468 29.06 23.73 19.44
C LEU F 468 27.71 23.93 18.79
N SER F 469 27.05 22.82 18.46
CA SER F 469 25.69 22.86 17.92
C SER F 469 24.75 22.11 18.84
N ALA F 470 23.76 22.81 19.39
CA ALA F 470 22.76 22.16 20.22
C ALA F 470 21.73 21.47 19.32
N ASN F 471 21.41 20.22 19.67
CA ASN F 471 20.47 19.39 18.89
C ASN F 471 19.00 19.83 18.92
N ALA F 478 17.53 16.46 10.77
CA ALA F 478 17.70 17.36 11.91
C ALA F 478 19.16 17.69 12.22
N SER F 479 20.07 16.79 11.84
CA SER F 479 21.53 17.01 11.96
C SER F 479 22.06 17.87 10.80
N LEU F 480 21.29 17.91 9.71
CA LEU F 480 21.51 18.84 8.60
C LEU F 480 21.55 20.26 9.12
N GLN F 481 20.81 20.52 10.20
CA GLN F 481 20.76 21.82 10.86
C GLN F 481 22.06 22.20 11.58
N ASP F 482 23.07 21.34 11.50
CA ASP F 482 24.42 21.70 11.97
C ASP F 482 25.16 22.56 10.93
N LYS F 483 24.53 22.76 9.78
CA LYS F 483 24.99 23.69 8.75
C LYS F 483 25.53 24.99 9.33
N GLU F 484 24.92 25.42 10.43
CA GLU F 484 25.31 26.62 11.19
C GLU F 484 26.79 26.64 11.64
N CYS F 485 27.24 25.53 12.22
CA CYS F 485 28.62 25.40 12.70
C CYS F 485 29.66 25.69 11.63
N ILE F 486 29.44 25.10 10.46
CA ILE F 486 30.27 25.34 9.29
C ILE F 486 30.27 26.84 8.97
N LEU F 487 29.10 27.43 8.85
CA LEU F 487 28.97 28.87 8.63
C LEU F 487 29.75 29.71 9.62
N ALA F 488 29.60 29.41 10.91
CA ALA F 488 30.31 30.13 11.97
C ALA F 488 31.80 29.99 11.78
N SER F 489 32.25 28.75 11.60
CA SER F 489 33.66 28.45 11.37
C SER F 489 34.24 29.23 10.19
N LEU F 490 33.52 29.23 9.07
CA LEU F 490 33.95 29.93 7.87
C LEU F 490 34.01 31.43 8.09
N ASN F 491 32.96 31.95 8.73
CA ASN F 491 32.86 33.35 9.15
C ASN F 491 34.14 33.83 9.80
N ILE F 492 34.51 33.16 10.88
CA ILE F 492 35.67 33.51 11.69
C ILE F 492 36.99 33.47 10.90
N LYS F 493 37.14 32.46 10.05
CA LYS F 493 38.34 32.33 9.21
C LYS F 493 38.51 33.50 8.24
N SER F 494 37.40 34.14 7.86
CA SER F 494 37.42 35.22 6.87
C SER F 494 37.42 36.62 7.44
N MET F 495 37.63 36.75 8.74
CA MET F 495 37.74 38.05 9.37
C MET F 495 39.17 38.57 9.28
N GLN F 496 39.35 39.87 9.48
CA GLN F 496 40.67 40.46 9.62
C GLN F 496 40.67 41.40 10.80
N PHE F 497 41.37 41.03 11.87
CA PHE F 497 41.32 41.79 13.12
C PHE F 497 42.09 43.13 13.11
N ASP F 498 43.24 43.16 12.43
CA ASP F 498 44.15 44.33 12.41
C ASP F 498 45.00 44.45 13.69
N THR F 502 47.40 40.00 13.09
CA THR F 502 46.68 38.73 12.99
C THR F 502 45.68 38.74 11.81
N THR F 503 45.28 37.54 11.38
CA THR F 503 44.26 37.36 10.33
C THR F 503 43.37 36.17 10.66
N GLY F 504 42.10 36.26 10.27
CA GLY F 504 41.08 35.29 10.67
C GLY F 504 41.42 33.81 10.58
N SER F 505 42.20 33.44 9.57
CA SER F 505 42.55 32.05 9.31
C SER F 505 43.49 31.44 10.35
N ASN F 506 44.12 32.30 11.16
CA ASN F 506 45.10 31.86 12.15
C ASN F 506 44.55 31.84 13.58
N ILE F 507 43.27 31.52 13.70
CA ILE F 507 42.62 31.48 15.01
C ILE F 507 42.37 30.04 15.43
N PRO F 508 42.74 29.68 16.68
CA PRO F 508 42.49 28.34 17.20
C PRO F 508 40.99 28.03 17.30
N ILE F 509 40.48 27.30 16.32
CA ILE F 509 39.07 26.90 16.29
C ILE F 509 38.94 25.39 16.42
N ILE F 510 37.86 24.96 17.04
CA ILE F 510 37.53 23.54 17.11
C ILE F 510 36.02 23.38 16.97
N THR F 511 35.61 22.89 15.81
CA THR F 511 34.20 22.76 15.45
C THR F 511 33.70 21.36 15.80
N GLU F 512 32.69 21.29 16.65
CA GLU F 512 32.09 20.02 16.97
C GLU F 512 31.09 19.67 15.86
N LEU F 513 31.39 18.60 15.14
CA LEU F 513 30.52 18.13 14.07
C LEU F 513 29.69 16.95 14.51
N VAL F 514 28.49 16.83 13.93
CA VAL F 514 27.59 15.73 14.25
C VAL F 514 27.69 14.65 13.17
N ASN F 515 28.01 15.10 11.96
CA ASN F 515 28.08 14.22 10.79
C ASN F 515 29.49 14.17 10.20
N ASP F 516 30.20 13.08 10.47
CA ASP F 516 31.59 12.93 10.04
C ASP F 516 31.80 13.36 8.58
N SER F 517 30.78 13.16 7.75
CA SER F 517 30.81 13.54 6.33
C SER F 517 31.07 15.04 6.12
N ASN F 518 30.51 15.86 7.01
CA ASN F 518 30.57 17.30 6.85
C ASN F 518 31.95 17.90 7.05
N VAL F 519 32.89 17.09 7.51
CA VAL F 519 34.25 17.56 7.76
C VAL F 519 34.88 18.16 6.52
N GLN F 520 34.53 17.59 5.37
CA GLN F 520 34.99 18.08 4.08
C GLN F 520 35.00 19.61 4.00
N PHE F 521 33.93 20.22 4.51
CA PHE F 521 33.64 21.63 4.29
C PHE F 521 34.47 22.65 5.07
N LEU F 522 34.83 22.35 6.32
CA LEU F 522 35.47 23.37 7.18
C LEU F 522 36.85 23.84 6.73
N ASP F 523 37.73 22.92 6.37
CA ASP F 523 38.95 23.30 5.70
C ASP F 523 38.74 23.13 4.19
N GLN F 524 39.08 24.18 3.42
CA GLN F 524 38.76 24.22 1.98
C GLN F 524 39.97 24.05 1.05
N ASP F 525 41.11 23.63 1.59
CA ASP F 525 42.27 23.28 0.76
C ASP F 525 42.59 21.78 0.79
N ASP F 526 41.91 21.03 1.66
CA ASP F 526 42.16 19.60 1.84
C ASP F 526 41.52 18.75 0.73
N ASP F 527 42.00 17.50 0.61
CA ASP F 527 41.40 16.54 -0.33
C ASP F 527 40.16 15.90 0.29
N ASP F 528 39.04 15.96 -0.44
CA ASP F 528 37.75 15.55 0.10
C ASP F 528 37.19 14.30 -0.56
N ASP F 529 36.54 13.47 0.26
CA ASP F 529 35.83 12.29 -0.20
C ASP F 529 34.92 11.87 0.95
N PRO F 530 33.61 11.69 0.68
CA PRO F 530 32.66 11.26 1.70
C PRO F 530 33.03 9.92 2.33
N ASP F 531 33.59 9.01 1.53
CA ASP F 531 33.92 7.65 1.97
C ASP F 531 35.12 7.59 2.90
N THR F 532 36.10 8.47 2.66
CA THR F 532 37.31 8.62 3.50
C THR F 532 36.97 8.72 5.00
N GLU F 533 37.63 7.90 5.80
CA GLU F 533 37.38 7.87 7.24
C GLU F 533 37.79 9.19 7.90
N LEU F 534 37.13 9.51 9.02
CA LEU F 534 37.34 10.81 9.67
C LEU F 534 38.76 11.02 10.15
N TYR F 535 39.33 10.04 10.82
CA TYR F 535 40.68 10.17 11.37
C TYR F 535 41.71 10.56 10.30
N LEU F 536 41.38 10.29 9.04
CA LEU F 536 42.29 10.59 7.93
C LEU F 536 42.16 11.99 7.33
N THR F 537 41.07 12.69 7.63
CA THR F 537 40.86 14.05 7.11
C THR F 537 41.75 15.05 7.77
N GLN F 538 42.19 16.02 6.99
CA GLN F 538 43.07 17.07 7.48
C GLN F 538 42.53 17.78 8.72
N PRO F 539 41.29 18.28 8.67
CA PRO F 539 40.74 19.04 9.78
C PRO F 539 40.78 18.25 11.07
N PHE F 540 40.59 16.94 10.99
CA PHE F 540 40.68 16.11 12.19
C PHE F 540 42.13 15.93 12.61
N ALA F 541 43.00 15.62 11.66
CA ALA F 541 44.42 15.45 11.92
C ALA F 541 44.99 16.62 12.70
N CYS F 542 44.39 17.79 12.50
CA CYS F 542 44.90 19.02 13.09
C CYS F 542 44.25 19.38 14.42
N GLY F 543 43.09 18.81 14.72
CA GLY F 543 42.36 19.18 15.94
C GLY F 543 41.47 20.39 15.71
N THR F 544 41.04 20.55 14.46
CA THR F 544 40.10 21.59 14.06
C THR F 544 38.68 21.07 14.25
N ALA F 545 38.52 19.75 14.10
CA ALA F 545 37.22 19.13 14.18
C ALA F 545 37.18 17.99 15.18
N PHE F 546 35.98 17.73 15.72
CA PHE F 546 35.77 16.61 16.62
C PHE F 546 34.31 16.19 16.61
N ALA F 547 34.05 14.90 16.37
CA ALA F 547 32.70 14.36 16.34
C ALA F 547 32.48 13.38 17.48
N VAL F 548 31.23 13.24 17.91
CA VAL F 548 30.86 12.28 18.96
C VAL F 548 31.20 10.88 18.48
N SER F 549 31.18 10.71 17.15
CA SER F 549 31.46 9.45 16.47
C SER F 549 32.71 8.76 16.97
N VAL F 550 33.79 9.55 17.03
CA VAL F 550 35.12 9.09 17.41
C VAL F 550 35.17 8.20 18.67
N LEU F 551 34.36 8.53 19.66
CA LEU F 551 34.39 7.84 20.96
C LEU F 551 33.75 6.45 20.97
N ASP F 552 32.94 6.13 19.97
CA ASP F 552 32.30 4.82 19.88
C ASP F 552 33.30 3.66 20.05
N SER F 553 34.55 3.89 19.66
CA SER F 553 35.61 2.88 19.79
C SER F 553 35.83 2.47 21.24
N LEU F 554 35.57 3.40 22.14
CA LEU F 554 35.85 3.23 23.56
C LEU F 554 35.14 2.04 24.15
N MET F 555 33.90 1.85 23.71
CA MET F 555 33.08 0.73 24.15
C MET F 555 33.85 -0.58 24.28
N SER F 556 34.40 -1.06 23.16
CA SER F 556 35.15 -2.31 23.16
C SER F 556 36.43 -2.15 23.99
N ALA F 557 37.12 -1.04 23.78
CA ALA F 557 38.38 -0.77 24.45
C ALA F 557 38.27 -0.79 25.99
N THR F 558 37.16 -0.29 26.53
CA THR F 558 36.97 -0.24 27.99
C THR F 558 36.48 -1.57 28.53
N TYR F 559 35.97 -2.41 27.64
CA TYR F 559 35.66 -3.78 28.02
C TYR F 559 36.97 -4.47 28.36
N PHE F 560 37.94 -4.37 27.45
CA PHE F 560 39.23 -5.06 27.61
C PHE F 560 40.02 -4.62 28.84
N ASN F 561 40.07 -3.31 29.09
CA ASN F 561 40.76 -2.77 30.26
C ASN F 561 39.95 -1.73 31.00
N ASP F 562 39.43 -2.10 32.16
CA ASP F 562 38.64 -1.19 33.01
C ASP F 562 39.43 0.08 33.26
N ASN F 563 40.72 -0.10 33.50
CA ASN F 563 41.65 0.98 33.81
C ASN F 563 41.65 2.05 32.76
N ILE F 564 41.74 1.65 31.49
CA ILE F 564 41.78 2.57 30.37
C ILE F 564 40.73 3.68 30.50
N LEU F 565 39.48 3.30 30.77
CA LEU F 565 38.39 4.26 30.96
C LEU F 565 38.61 5.17 32.16
N THR F 566 39.08 4.61 33.28
CA THR F 566 39.33 5.44 34.45
C THR F 566 40.56 6.32 34.28
N LEU F 567 41.53 5.87 33.48
CA LEU F 567 42.65 6.73 33.11
C LEU F 567 42.13 7.96 32.36
N ILE F 568 41.50 7.75 31.20
CA ILE F 568 41.03 8.87 30.37
C ILE F 568 40.14 9.83 31.12
N ARG F 569 39.16 9.30 31.85
CA ARG F 569 38.23 10.14 32.58
C ARG F 569 39.02 11.02 33.54
N THR F 570 39.97 10.42 34.27
CA THR F 570 40.86 11.13 35.19
C THR F 570 41.69 12.16 34.43
N LEU F 571 42.32 11.73 33.34
CA LEU F 571 43.13 12.62 32.51
C LEU F 571 42.35 13.81 31.94
N VAL F 572 41.18 13.53 31.38
CA VAL F 572 40.42 14.51 30.63
C VAL F 572 39.68 15.55 31.49
N THR F 573 39.00 15.12 32.53
CA THR F 573 38.17 16.02 33.33
C THR F 573 38.91 16.77 34.45
N GLY F 574 40.15 16.36 34.74
CA GLY F 574 40.91 16.93 35.84
C GLY F 574 40.83 16.05 37.07
N GLY F 575 39.62 15.86 37.59
CA GLY F 575 39.39 15.10 38.81
C GLY F 575 38.31 14.05 38.73
N ALA F 576 38.18 13.27 39.80
CA ALA F 576 37.21 12.18 39.90
C ALA F 576 37.00 11.80 41.37
N LEU F 580 34.09 11.21 46.03
CA LEU F 580 34.42 11.38 44.62
C LEU F 580 33.17 11.58 43.80
N GLU F 581 32.60 10.47 43.34
CA GLU F 581 31.36 10.47 42.57
C GLU F 581 30.13 10.76 43.43
N ALA F 582 30.12 10.28 44.68
CA ALA F 582 28.98 10.43 45.60
C ALA F 582 28.67 11.88 45.97
N LEU F 583 29.69 12.62 46.39
CA LEU F 583 29.56 14.07 46.62
C LEU F 583 29.00 14.69 45.35
N LEU F 584 29.59 14.31 44.22
CA LEU F 584 29.15 14.74 42.90
C LEU F 584 27.75 14.23 42.56
N ALA F 585 27.39 13.06 43.08
CA ALA F 585 26.15 12.39 42.72
C ALA F 585 24.92 12.84 43.51
N GLU F 586 25.07 12.90 44.85
CA GLU F 586 23.97 13.25 45.75
C GLU F 586 23.34 14.57 45.33
N GLU F 587 24.19 15.57 45.09
CA GLU F 587 23.76 16.82 44.49
C GLU F 587 24.52 17.13 43.21
N ASN F 588 23.78 17.59 42.21
CA ASN F 588 24.37 18.02 40.94
C ASN F 588 25.12 19.33 41.12
N ALA F 589 24.62 20.19 42.02
CA ALA F 589 25.35 21.37 42.47
C ALA F 589 26.57 20.93 43.29
N LEU F 590 27.67 21.65 43.14
CA LEU F 590 28.97 21.23 43.70
C LEU F 590 29.37 22.00 44.96
N ARG F 591 29.72 21.25 46.01
CA ARG F 591 30.08 21.81 47.31
C ARG F 591 31.49 22.38 47.32
N GLY F 592 31.63 23.57 47.90
CA GLY F 592 32.94 24.16 48.11
C GLY F 592 33.26 24.23 49.59
N GLY F 593 34.51 23.95 49.94
CA GLY F 593 34.91 23.95 51.34
C GLY F 593 36.21 24.67 51.61
N TYR F 594 36.46 24.94 52.89
CA TYR F 594 37.74 25.47 53.35
C TYR F 594 38.84 24.43 53.12
N SER F 595 40.00 24.90 52.68
CA SER F 595 41.13 24.01 52.36
C SER F 595 41.84 23.50 53.62
N THR F 596 42.09 22.18 53.64
CA THR F 596 42.91 21.54 54.66
C THR F 596 44.27 21.24 54.01
N PRO F 597 45.32 20.96 54.82
CA PRO F 597 46.61 20.68 54.18
C PRO F 597 46.57 19.37 53.39
N GLN F 598 45.58 18.54 53.70
CA GLN F 598 45.31 17.32 52.95
C GLN F 598 44.66 17.58 51.59
N THR F 599 43.88 18.67 51.49
CA THR F 599 43.23 19.06 50.22
C THR F 599 44.18 19.86 49.31
N LEU F 600 44.87 20.85 49.89
CA LEU F 600 45.90 21.60 49.19
C LEU F 600 47.00 20.68 48.68
N ALA F 601 46.99 19.43 49.14
CA ALA F 601 47.91 18.39 48.68
C ALA F 601 47.51 17.82 47.33
N ASN F 602 46.22 17.86 47.04
CA ASN F 602 45.70 17.30 45.79
C ASN F 602 46.03 18.12 44.54
N ARG F 603 46.43 19.37 44.73
CA ARG F 603 46.82 20.24 43.62
C ARG F 603 48.02 19.70 42.85
N ASP F 604 48.66 18.67 43.40
CA ASP F 604 49.94 18.15 42.88
C ASP F 604 49.84 17.37 41.57
N ARG F 605 48.62 17.12 41.08
CA ARG F 605 48.42 16.44 39.81
C ARG F 605 49.15 17.14 38.65
N CYS F 606 49.65 16.34 37.70
CA CYS F 606 50.29 16.88 36.49
C CYS F 606 49.29 17.68 35.66
N ARG F 607 49.76 18.22 34.55
CA ARG F 607 48.87 18.97 33.67
C ARG F 607 49.36 18.93 32.23
N VAL F 608 48.40 18.91 31.30
CA VAL F 608 48.70 18.93 29.88
C VAL F 608 49.23 20.31 29.51
N ALA F 609 50.22 20.35 28.64
CA ALA F 609 50.70 21.62 28.10
C ALA F 609 51.40 21.42 26.77
N GLN F 610 51.45 22.49 25.99
CA GLN F 610 52.08 22.48 24.70
C GLN F 610 53.20 23.50 24.74
N LEU F 611 54.41 23.07 24.35
CA LEU F 611 55.59 23.90 24.45
C LEU F 611 56.27 24.11 23.12
N ALA F 612 57.03 25.20 23.03
CA ALA F 612 57.80 25.52 21.82
C ALA F 612 59.28 25.25 22.01
N LEU F 613 59.96 24.92 20.91
CA LEU F 613 61.41 24.75 20.95
C LEU F 613 62.11 26.09 20.88
N TYR F 614 61.56 27.00 20.07
CA TYR F 614 62.08 28.36 19.89
C TYR F 614 62.45 29.08 21.21
N ASP F 615 61.54 29.10 22.17
CA ASP F 615 61.75 29.76 23.46
C ASP F 615 62.22 28.75 24.51
N GLY F 616 62.25 27.49 24.09
CA GLY F 616 62.51 26.36 24.99
C GLY F 616 63.79 26.44 25.79
N PRO F 617 63.77 25.88 27.02
CA PRO F 617 64.99 25.65 27.77
C PRO F 617 65.81 24.57 27.08
N PHE F 618 65.11 23.62 26.46
CA PHE F 618 65.72 22.56 25.68
C PHE F 618 65.77 22.91 24.18
N ALA F 619 65.79 24.22 23.89
CA ALA F 619 65.77 24.77 22.52
C ALA F 619 66.93 24.30 21.65
N ASP F 620 68.11 24.18 22.26
CA ASP F 620 69.34 23.79 21.58
C ASP F 620 69.19 22.50 20.76
N LEU F 621 68.32 21.61 21.21
CA LEU F 621 68.03 20.34 20.53
C LEU F 621 67.30 20.54 19.20
N GLY F 622 66.48 21.58 19.11
CA GLY F 622 65.79 21.93 17.87
C GLY F 622 66.74 22.41 16.79
N ASP F 623 66.24 22.47 15.55
CA ASP F 623 67.03 22.82 14.36
C ASP F 623 67.84 21.63 13.81
N GLY F 624 67.40 20.42 14.16
CA GLY F 624 68.03 19.20 13.62
C GLY F 624 68.20 18.05 14.59
N GLY F 625 68.17 18.33 15.89
CA GLY F 625 68.39 17.33 16.93
C GLY F 625 67.36 16.23 16.94
N CYS F 626 67.71 15.09 17.53
CA CYS F 626 66.79 13.95 17.64
C CYS F 626 65.84 14.12 18.81
N TYR F 627 64.59 13.72 18.60
CA TYR F 627 63.55 13.78 19.63
C TYR F 627 63.94 12.92 20.83
N GLY F 628 64.45 11.73 20.56
CA GLY F 628 64.97 10.83 21.60
C GLY F 628 65.93 11.52 22.55
N ASP F 629 66.91 12.23 22.00
CA ASP F 629 67.86 13.02 22.78
C ASP F 629 67.16 14.07 23.65
N LEU F 630 66.12 14.72 23.09
CA LEU F 630 65.35 15.72 23.84
C LEU F 630 64.50 15.10 24.94
N PHE F 631 63.73 14.10 24.57
CA PHE F 631 62.78 13.49 25.49
C PHE F 631 63.41 13.27 26.86
N CYS F 632 64.49 12.48 26.89
CA CYS F 632 65.18 12.11 28.12
C CYS F 632 65.62 13.34 28.91
N LYS F 633 66.32 14.25 28.23
CA LYS F 633 66.75 15.51 28.82
C LYS F 633 65.57 16.21 29.48
N ALA F 634 64.47 16.35 28.74
CA ALA F 634 63.23 16.96 29.24
C ALA F 634 62.65 16.24 30.46
N LEU F 635 62.74 14.91 30.47
CA LEU F 635 62.25 14.10 31.58
C LEU F 635 63.10 14.26 32.85
N LYS F 636 64.39 13.90 32.77
CA LYS F 636 65.28 13.92 33.93
C LYS F 636 65.45 15.30 34.57
N THR F 637 65.46 16.34 33.74
CA THR F 637 65.69 17.71 34.21
C THR F 637 64.47 18.40 34.87
N TYR F 638 63.26 18.18 34.35
CA TYR F 638 62.04 18.82 34.89
C TYR F 638 60.89 17.85 35.21
N ASN F 639 61.15 16.55 35.06
CA ASN F 639 60.12 15.50 35.18
C ASN F 639 58.94 15.70 34.23
N MET F 640 59.26 16.19 33.03
CA MET F 640 58.29 16.35 31.95
C MET F 640 58.21 15.10 31.07
N LEU F 641 56.99 14.73 30.69
CA LEU F 641 56.80 13.67 29.71
C LEU F 641 56.40 14.25 28.38
N CYS F 642 57.21 13.99 27.37
CA CYS F 642 56.87 14.39 26.02
C CYS F 642 56.35 13.17 25.28
N PHE F 643 55.12 13.27 24.78
CA PHE F 643 54.52 12.18 24.03
C PHE F 643 54.14 12.53 22.59
N GLY F 644 54.39 13.77 22.17
CA GLY F 644 54.03 14.15 20.82
C GLY F 644 54.60 15.44 20.30
N ILE F 645 54.89 15.43 19.00
CA ILE F 645 55.22 16.66 18.26
C ILE F 645 53.94 17.15 17.57
N TYR F 646 53.72 18.47 17.62
CA TYR F 646 52.60 19.08 16.91
C TYR F 646 53.14 19.94 15.77
N ARG F 647 53.68 19.24 14.77
CA ARG F 647 54.38 19.84 13.63
C ARG F 647 53.47 20.61 12.67
N LEU F 648 54.01 21.64 12.01
CA LEU F 648 53.33 22.27 10.88
C LEU F 648 53.23 21.28 9.74
N ARG F 649 52.26 21.45 8.87
CA ARG F 649 52.09 20.49 7.77
C ARG F 649 53.01 20.76 6.57
N ASP F 650 54.22 21.25 6.84
CA ASP F 650 55.17 21.64 5.78
C ASP F 650 56.65 21.28 6.05
N ALA F 651 57.26 20.60 5.08
CA ALA F 651 58.67 20.19 5.14
C ALA F 651 59.44 20.64 3.89
N PRO F 656 60.23 26.57 1.22
CA PRO F 656 58.91 27.14 1.03
C PRO F 656 58.02 26.93 2.25
N SER F 657 57.18 27.92 2.57
CA SER F 657 56.29 27.87 3.74
C SER F 657 55.16 28.89 3.65
N GLN F 658 53.95 28.48 4.02
CA GLN F 658 52.80 29.41 4.06
C GLN F 658 51.80 29.21 5.19
N CYS F 659 51.28 27.99 5.30
CA CYS F 659 50.17 27.68 6.21
C CYS F 659 50.58 27.60 7.70
N THR F 660 49.60 27.70 8.59
CA THR F 660 49.85 27.68 10.03
C THR F 660 49.36 26.39 10.66
N LYS F 661 48.55 25.64 9.91
CA LYS F 661 47.95 24.40 10.39
C LYS F 661 48.99 23.39 10.82
N ARG F 662 48.76 22.81 11.98
CA ARG F 662 49.67 21.83 12.54
C ARG F 662 48.94 20.52 12.75
N TYR F 663 49.62 19.42 12.43
CA TYR F 663 49.06 18.09 12.63
C TYR F 663 49.77 17.34 13.76
N VAL F 664 49.17 16.24 14.21
CA VAL F 664 49.62 15.57 15.42
C VAL F 664 50.44 14.31 15.12
N ILE F 665 51.60 14.20 15.75
CA ILE F 665 52.41 12.99 15.70
C ILE F 665 52.59 12.39 17.09
N THR F 666 51.90 11.29 17.35
CA THR F 666 51.97 10.59 18.65
C THR F 666 53.21 9.70 18.78
N ASN F 667 53.88 9.83 19.93
CA ASN F 667 55.00 8.95 20.33
C ASN F 667 56.04 8.69 19.23
N PRO F 668 56.78 9.74 18.82
CA PRO F 668 57.75 9.55 17.76
C PRO F 668 58.98 8.78 18.25
N PRO F 669 59.72 8.10 17.34
CA PRO F 669 60.84 7.23 17.73
C PRO F 669 62.04 8.01 18.26
N TYR F 670 62.95 7.32 18.94
CA TYR F 670 64.14 7.94 19.54
C TYR F 670 65.04 8.61 18.51
N GLU F 671 64.86 8.22 17.25
CA GLU F 671 65.63 8.75 16.13
C GLU F 671 64.73 9.57 15.20
N PHE F 672 64.20 10.68 15.71
CA PHE F 672 63.25 11.49 14.93
C PHE F 672 63.73 12.95 14.81
N GLU F 673 63.97 13.38 13.58
CA GLU F 673 64.49 14.72 13.30
C GLU F 673 63.48 15.82 13.67
N MET F 674 63.93 16.78 14.47
CA MET F 674 63.12 17.92 14.86
C MET F 674 63.27 19.07 13.86
N VAL F 675 62.63 20.19 14.18
CA VAL F 675 62.66 21.42 13.39
C VAL F 675 62.51 22.53 14.43
N PRO F 676 62.89 23.78 14.11
CA PRO F 676 62.58 24.87 15.06
C PRO F 676 61.07 25.11 15.24
N THR F 677 60.29 24.86 14.19
CA THR F 677 58.87 25.17 14.15
C THR F 677 58.02 24.23 14.99
N ASP F 678 58.60 23.10 15.42
CA ASP F 678 57.86 22.08 16.16
C ASP F 678 57.30 22.55 17.51
N LEU F 679 56.26 21.86 17.96
CA LEU F 679 55.69 22.06 19.28
C LEU F 679 55.62 20.73 20.01
N ILE F 680 55.63 20.76 21.35
CA ILE F 680 55.69 19.54 22.14
C ILE F 680 54.47 19.31 23.05
N PHE F 681 53.75 18.23 22.79
CA PHE F 681 52.73 17.78 23.71
C PHE F 681 53.46 17.17 24.88
N CYS F 682 53.06 17.56 26.09
CA CYS F 682 53.69 17.04 27.31
C CYS F 682 52.86 17.18 28.58
N LEU F 683 53.22 16.37 29.57
CA LEU F 683 52.64 16.44 30.89
C LEU F 683 53.66 17.02 31.85
N MET F 684 53.43 18.25 32.29
CA MET F 684 54.33 18.93 33.22
C MET F 684 53.89 18.66 34.66
N GLN F 685 54.84 18.78 35.59
CA GLN F 685 54.55 18.62 37.01
C GLN F 685 53.94 19.90 37.58
N PHE F 686 53.79 19.94 38.91
CA PHE F 686 53.22 21.11 39.55
C PHE F 686 54.17 21.70 40.60
N LYS G 4 9.51 -34.38 31.57
CA LYS G 4 9.28 -34.81 30.15
C LYS G 4 8.53 -33.74 29.38
N HIS G 5 8.95 -33.50 28.15
CA HIS G 5 8.28 -32.51 27.29
C HIS G 5 8.25 -32.94 25.84
N ILE G 6 7.32 -32.37 25.07
CA ILE G 6 7.22 -32.68 23.65
C ILE G 6 7.32 -31.44 22.76
N VAL G 7 7.70 -31.66 21.50
CA VAL G 7 7.80 -30.58 20.53
C VAL G 7 6.78 -30.81 19.42
N VAL G 8 5.85 -29.89 19.29
CA VAL G 8 4.87 -29.92 18.18
C VAL G 8 5.28 -28.88 17.14
N CYS G 9 5.25 -29.27 15.87
CA CYS G 9 5.71 -28.42 14.79
C CYS G 9 4.90 -28.67 13.52
N GLY G 10 5.35 -28.09 12.41
CA GLY G 10 4.66 -28.19 11.14
C GLY G 10 3.56 -27.15 11.04
N HIS G 11 2.43 -27.55 10.47
CA HIS G 11 1.29 -26.66 10.31
C HIS G 11 0.54 -26.45 11.60
N ILE G 12 0.88 -25.34 12.26
CA ILE G 12 0.32 -24.96 13.54
C ILE G 12 -0.55 -23.69 13.40
N THR G 13 -1.86 -23.91 13.42
CA THR G 13 -2.84 -22.84 13.34
C THR G 13 -3.54 -22.77 14.67
N LEU G 14 -4.14 -21.63 14.96
CA LEU G 14 -5.00 -21.49 16.12
C LEU G 14 -5.93 -22.68 16.23
N GLU G 15 -6.61 -23.01 15.13
CA GLU G 15 -7.55 -24.13 15.11
C GLU G 15 -6.90 -25.47 15.40
N SER G 16 -5.67 -25.67 14.90
CA SER G 16 -4.98 -26.94 15.04
C SER G 16 -4.44 -27.13 16.47
N VAL G 17 -3.92 -26.05 17.03
CA VAL G 17 -3.42 -26.03 18.41
C VAL G 17 -4.57 -26.34 19.38
N SER G 18 -5.64 -25.57 19.28
CA SER G 18 -6.79 -25.74 20.17
C SER G 18 -7.31 -27.17 20.12
N ASN G 19 -7.43 -27.72 18.92
CA ASN G 19 -7.85 -29.11 18.74
C ASN G 19 -6.88 -30.11 19.34
N PHE G 20 -5.60 -29.84 19.20
CA PHE G 20 -4.57 -30.73 19.74
C PHE G 20 -4.64 -30.75 21.26
N LEU G 21 -4.81 -29.57 21.87
CA LEU G 21 -4.80 -29.46 23.31
C LEU G 21 -6.00 -30.16 23.95
N LYS G 22 -7.17 -30.05 23.32
CA LYS G 22 -8.38 -30.69 23.83
C LYS G 22 -8.18 -32.19 23.97
N ASP G 23 -7.64 -32.81 22.91
CA ASP G 23 -7.49 -34.26 22.84
C ASP G 23 -6.38 -34.78 23.74
N PHE G 24 -5.52 -33.88 24.20
CA PHE G 24 -4.36 -34.27 24.99
C PHE G 24 -4.70 -34.54 26.46
N LEU G 25 -5.64 -33.80 27.04
CA LEU G 25 -5.75 -33.69 28.52
C LEU G 25 -7.13 -33.94 29.17
N HIS G 26 -7.73 -35.10 28.94
CA HIS G 26 -9.15 -35.28 29.26
C HIS G 26 -9.48 -36.20 30.43
N LYS G 27 -9.56 -37.50 30.11
CA LYS G 27 -9.83 -38.58 31.05
C LYS G 27 -8.55 -39.38 31.28
N ASP G 28 -7.53 -39.12 30.48
CA ASP G 28 -6.24 -39.80 30.53
C ASP G 28 -5.64 -39.75 31.93
N ARG G 29 -4.91 -40.81 32.31
CA ARG G 29 -4.43 -41.02 33.68
C ARG G 29 -3.66 -39.83 34.26
N ASP G 30 -2.62 -39.37 33.55
CA ASP G 30 -1.80 -38.26 34.00
C ASP G 30 -1.44 -37.29 32.87
N ASP G 31 -1.77 -36.02 33.05
CA ASP G 31 -1.43 -34.98 32.10
C ASP G 31 -0.37 -34.03 32.69
N VAL G 32 -0.19 -34.10 34.01
CA VAL G 32 0.76 -33.25 34.75
C VAL G 32 2.22 -33.41 34.29
N ASN G 33 2.52 -34.56 33.70
CA ASN G 33 3.88 -34.93 33.30
C ASN G 33 4.47 -34.19 32.10
N VAL G 34 3.66 -33.92 31.08
CA VAL G 34 4.17 -33.45 29.78
C VAL G 34 4.00 -31.95 29.56
N GLU G 35 5.09 -31.28 29.17
CA GLU G 35 5.08 -29.90 28.72
C GLU G 35 5.09 -29.84 27.20
N ILE G 36 4.09 -29.15 26.63
CA ILE G 36 3.94 -29.04 25.20
C ILE G 36 4.60 -27.76 24.69
N VAL G 37 5.60 -27.94 23.83
CA VAL G 37 6.28 -26.80 23.23
C VAL G 37 5.98 -26.73 21.73
N PHE G 38 5.14 -25.76 21.35
CA PHE G 38 4.85 -25.54 19.95
C PHE G 38 5.98 -24.76 19.29
N LEU G 39 6.31 -25.15 18.07
CA LEU G 39 7.27 -24.44 17.24
C LEU G 39 6.67 -24.17 15.86
N HIS G 40 6.34 -22.90 15.62
CA HIS G 40 5.82 -22.43 14.34
C HIS G 40 6.83 -21.57 13.63
N ASN G 41 6.51 -21.10 12.42
CA ASN G 41 7.32 -20.08 11.77
C ASN G 41 6.50 -18.86 11.31
N ILE G 42 5.21 -18.87 11.65
CA ILE G 42 4.30 -17.79 11.31
C ILE G 42 4.48 -16.59 12.25
N SER G 43 3.83 -15.48 11.91
CA SER G 43 3.82 -14.26 12.72
C SER G 43 3.40 -14.55 14.18
N PRO G 44 4.25 -14.14 15.15
CA PRO G 44 4.07 -14.45 16.56
C PRO G 44 2.63 -14.37 17.07
N ASN G 45 1.97 -13.23 16.84
CA ASN G 45 0.63 -12.94 17.41
C ASN G 45 0.64 -13.15 18.93
N LEU G 46 1.62 -12.53 19.59
CA LEU G 46 1.87 -12.76 21.02
C LEU G 46 0.60 -12.73 21.86
N GLU G 47 -0.30 -11.80 21.54
CA GLU G 47 -1.56 -11.63 22.27
C GLU G 47 -2.42 -12.91 22.31
N LEU G 48 -2.68 -13.50 21.14
CA LEU G 48 -3.48 -14.72 21.06
C LEU G 48 -2.83 -15.88 21.84
N GLU G 49 -1.51 -15.96 21.73
CA GLU G 49 -0.69 -16.95 22.45
C GLU G 49 -0.68 -16.67 23.94
N ALA G 50 -0.59 -15.39 24.31
CA ALA G 50 -0.47 -14.96 25.70
C ALA G 50 -1.51 -15.64 26.59
N LEU G 51 -2.77 -15.61 26.16
CA LEU G 51 -3.89 -16.17 26.91
C LEU G 51 -3.77 -17.68 27.09
N PHE G 52 -3.39 -18.37 26.01
CA PHE G 52 -3.16 -19.82 26.05
C PHE G 52 -2.28 -20.22 27.22
N LYS G 53 -1.10 -19.60 27.28
CA LYS G 53 -0.09 -19.86 28.32
C LYS G 53 -0.66 -19.70 29.73
N ARG G 54 -1.63 -18.79 29.86
CA ARG G 54 -2.33 -18.56 31.13
C ARG G 54 -3.28 -19.71 31.50
N HIS G 55 -3.98 -20.28 30.52
CA HIS G 55 -4.87 -21.42 30.80
C HIS G 55 -4.12 -22.70 31.05
N PHE G 56 -3.21 -23.06 30.15
CA PHE G 56 -2.37 -24.24 30.34
C PHE G 56 -0.95 -23.79 30.67
N THR G 57 -0.47 -24.17 31.85
CA THR G 57 0.88 -23.78 32.28
C THR G 57 1.93 -24.75 31.70
N GLN G 58 1.50 -25.56 30.73
CA GLN G 58 2.32 -26.61 30.16
C GLN G 58 2.66 -26.27 28.71
N VAL G 59 2.29 -25.07 28.29
CA VAL G 59 2.34 -24.70 26.89
C VAL G 59 3.28 -23.51 26.64
N GLU G 60 4.28 -23.70 25.78
CA GLU G 60 5.20 -22.63 25.39
C GLU G 60 5.30 -22.50 23.87
N PHE G 61 5.33 -21.27 23.37
CA PHE G 61 5.38 -21.00 21.94
C PHE G 61 6.73 -20.38 21.57
N TYR G 62 7.36 -20.91 20.54
CA TYR G 62 8.59 -20.32 20.01
C TYR G 62 8.50 -20.32 18.50
N GLN G 63 8.92 -19.24 17.87
CA GLN G 63 8.95 -19.22 16.41
C GLN G 63 10.33 -19.54 15.88
N GLY G 64 10.36 -20.02 14.64
CA GLY G 64 11.58 -20.50 14.01
C GLY G 64 11.27 -21.70 13.12
N SER G 65 12.29 -22.22 12.46
CA SER G 65 12.11 -23.38 11.58
C SER G 65 12.56 -24.66 12.24
N VAL G 66 12.08 -25.78 11.70
CA VAL G 66 12.48 -27.11 12.16
C VAL G 66 13.75 -27.52 11.41
N LEU G 67 14.16 -26.67 10.48
CA LEU G 67 15.31 -26.92 9.63
C LEU G 67 16.50 -26.11 10.10
N ASN G 68 16.38 -25.50 11.28
CA ASN G 68 17.45 -24.66 11.82
C ASN G 68 18.04 -25.26 13.09
N PRO G 69 19.27 -25.81 12.99
CA PRO G 69 19.92 -26.51 14.11
C PRO G 69 19.93 -25.71 15.40
N HIS G 70 19.96 -24.38 15.29
CA HIS G 70 19.88 -23.49 16.44
C HIS G 70 18.53 -23.58 17.10
N ASP G 71 17.47 -23.50 16.29
CA ASP G 71 16.10 -23.54 16.80
C ASP G 71 15.75 -24.87 17.43
N LEU G 72 16.18 -25.97 16.81
CA LEU G 72 15.98 -27.30 17.38
C LEU G 72 16.64 -27.43 18.75
N ALA G 73 17.81 -26.82 18.89
CA ALA G 73 18.52 -26.79 20.16
C ALA G 73 17.85 -25.89 21.16
N ARG G 74 17.25 -24.80 20.67
CA ARG G 74 16.57 -23.83 21.52
C ARG G 74 15.32 -24.40 22.15
N VAL G 75 14.61 -25.21 21.36
CA VAL G 75 13.40 -25.90 21.81
C VAL G 75 13.79 -27.20 22.55
N LYS G 76 15.07 -27.53 22.50
CA LYS G 76 15.62 -28.73 23.12
C LYS G 76 14.88 -30.00 22.65
N ILE G 77 14.95 -30.22 21.33
CA ILE G 77 14.34 -31.37 20.67
C ILE G 77 14.99 -32.66 21.09
N GLU G 78 16.31 -32.61 21.30
CA GLU G 78 17.13 -33.77 21.69
C GLU G 78 16.70 -34.44 23.00
N SER G 79 16.23 -33.64 23.95
CA SER G 79 15.78 -34.12 25.24
C SER G 79 14.32 -34.56 25.18
N ALA G 80 13.55 -33.88 24.34
CA ALA G 80 12.10 -34.08 24.25
C ALA G 80 11.68 -35.54 24.06
N ASP G 81 10.64 -35.93 24.79
CA ASP G 81 10.07 -37.26 24.72
C ASP G 81 9.76 -37.67 23.27
N ALA G 82 9.04 -36.80 22.56
CA ALA G 82 8.66 -37.06 21.18
C ALA G 82 8.45 -35.76 20.43
N CYS G 83 8.48 -35.84 19.11
CA CYS G 83 8.17 -34.68 18.27
C CYS G 83 7.03 -35.00 17.31
N LEU G 84 6.00 -34.16 17.31
CA LEU G 84 4.84 -34.36 16.45
C LEU G 84 4.76 -33.32 15.34
N ILE G 85 4.63 -33.82 14.11
CA ILE G 85 4.56 -32.97 12.92
C ILE G 85 3.15 -32.95 12.35
N LEU G 86 2.42 -31.87 12.63
CA LEU G 86 1.07 -31.71 12.07
C LEU G 86 1.14 -31.23 10.63
N ALA G 87 0.23 -31.76 9.81
CA ALA G 87 0.22 -31.42 8.39
C ALA G 87 -0.96 -30.53 8.02
N ASN G 88 -0.86 -29.88 6.86
CA ASN G 88 -1.95 -29.08 6.35
C ASN G 88 -2.94 -29.97 5.63
N LYS G 89 -3.90 -30.51 6.37
CA LYS G 89 -4.85 -31.46 5.82
C LYS G 89 -5.53 -30.87 4.58
N TYR G 90 -5.96 -29.62 4.70
CA TYR G 90 -6.70 -28.95 3.62
C TYR G 90 -5.73 -28.13 2.78
N CYS G 91 -4.70 -28.82 2.29
CA CYS G 91 -3.59 -28.21 1.59
C CYS G 91 -3.96 -27.89 0.15
N ALA G 92 -3.13 -27.06 -0.49
CA ALA G 92 -3.23 -26.78 -1.92
C ALA G 92 -2.75 -27.97 -2.79
N ASP G 93 -1.49 -28.37 -2.62
CA ASP G 93 -0.93 -29.53 -3.31
C ASP G 93 -0.48 -30.58 -2.31
N PRO G 94 -1.24 -31.69 -2.17
CA PRO G 94 -0.96 -32.74 -1.18
C PRO G 94 0.46 -33.31 -1.28
N ASP G 95 0.90 -33.60 -2.50
CA ASP G 95 2.26 -34.13 -2.72
C ASP G 95 3.34 -33.16 -2.23
N ALA G 96 3.17 -31.89 -2.52
CA ALA G 96 4.09 -30.85 -2.07
C ALA G 96 4.12 -30.75 -0.55
N GLU G 97 2.97 -30.96 0.09
CA GLU G 97 2.89 -30.88 1.55
C GLU G 97 3.68 -31.99 2.20
N ASP G 98 3.48 -33.22 1.72
CA ASP G 98 4.23 -34.36 2.23
C ASP G 98 5.72 -34.17 2.00
N ALA G 99 6.05 -33.73 0.79
CA ALA G 99 7.42 -33.39 0.45
C ALA G 99 8.03 -32.50 1.52
N SER G 100 7.28 -31.47 1.91
CA SER G 100 7.70 -30.50 2.91
C SER G 100 7.84 -31.14 4.28
N ASN G 101 6.86 -31.94 4.66
CA ASN G 101 6.88 -32.62 5.96
C ASN G 101 8.00 -33.64 6.09
N ILE G 102 8.24 -34.40 5.02
CA ILE G 102 9.33 -35.38 4.98
C ILE G 102 10.68 -34.69 5.26
N MET G 103 10.86 -33.52 4.66
CA MET G 103 12.05 -32.73 4.91
C MET G 103 12.25 -32.44 6.40
N ARG G 104 11.15 -32.15 7.10
CA ARG G 104 11.21 -31.91 8.54
C ARG G 104 11.70 -33.16 9.25
N VAL G 105 11.09 -34.29 8.92
CA VAL G 105 11.49 -35.56 9.49
C VAL G 105 12.99 -35.76 9.27
N ILE G 106 13.44 -35.61 8.03
CA ILE G 106 14.88 -35.67 7.71
C ILE G 106 15.72 -34.76 8.62
N SER G 107 15.28 -33.51 8.76
CA SER G 107 15.99 -32.52 9.57
C SER G 107 16.02 -32.87 11.06
N ILE G 108 14.85 -33.20 11.62
CA ILE G 108 14.75 -33.56 13.03
C ILE G 108 15.62 -34.78 13.33
N LYS G 109 15.67 -35.70 12.37
CA LYS G 109 16.51 -36.88 12.50
C LYS G 109 17.98 -36.53 12.33
N ASN G 110 18.27 -35.58 11.46
CA ASN G 110 19.64 -35.11 11.24
C ASN G 110 20.23 -34.56 12.54
N TYR G 111 19.44 -33.77 13.26
CA TYR G 111 19.90 -33.14 14.50
C TYR G 111 20.08 -34.15 15.63
N HIS G 112 19.09 -35.02 15.80
CA HIS G 112 19.17 -36.06 16.82
C HIS G 112 18.36 -37.22 16.36
N PRO G 113 19.03 -38.33 16.02
CA PRO G 113 18.38 -39.47 15.38
C PRO G 113 17.46 -40.28 16.32
N LYS G 114 17.88 -40.41 17.57
CA LYS G 114 17.12 -41.17 18.56
C LYS G 114 15.93 -40.37 19.13
N ILE G 115 15.05 -39.91 18.24
CA ILE G 115 13.85 -39.17 18.62
C ILE G 115 12.61 -39.91 18.13
N ARG G 116 11.55 -39.86 18.93
CA ARG G 116 10.25 -40.38 18.48
C ARG G 116 9.56 -39.31 17.64
N ILE G 117 9.20 -39.68 16.42
CA ILE G 117 8.50 -38.79 15.49
C ILE G 117 7.13 -39.32 15.10
N ILE G 118 6.08 -38.62 15.49
CA ILE G 118 4.73 -38.89 15.00
C ILE G 118 4.43 -37.85 13.92
N THR G 119 4.07 -38.30 12.73
CA THR G 119 3.82 -37.38 11.60
C THR G 119 2.61 -37.74 10.74
N GLN G 120 1.91 -36.71 10.27
CA GLN G 120 0.76 -36.91 9.41
C GLN G 120 1.18 -36.94 7.94
N MET G 121 0.54 -37.79 7.16
CA MET G 121 0.81 -37.88 5.72
C MET G 121 -0.47 -37.82 4.93
N LEU G 122 -0.47 -37.02 3.87
CA LEU G 122 -1.67 -36.82 3.07
C LEU G 122 -1.93 -37.91 2.02
N GLN G 123 -0.86 -38.43 1.42
CA GLN G 123 -0.95 -39.44 0.38
C GLN G 123 -0.20 -40.67 0.85
N TYR G 124 -0.71 -41.87 0.55
CA TYR G 124 -0.01 -43.07 0.97
C TYR G 124 1.36 -43.18 0.29
N HIS G 125 1.39 -43.07 -1.04
CA HIS G 125 2.62 -43.30 -1.80
C HIS G 125 3.85 -42.60 -1.25
N ASN G 126 3.63 -41.44 -0.65
CA ASN G 126 4.67 -40.67 0.00
C ASN G 126 5.13 -41.26 1.33
N LYS G 127 4.20 -41.90 2.04
CA LYS G 127 4.47 -42.52 3.33
C LYS G 127 5.61 -43.53 3.23
N ALA G 128 5.64 -44.25 2.12
CA ALA G 128 6.73 -45.16 1.80
C ALA G 128 8.11 -44.50 1.95
N HIS G 129 8.30 -43.33 1.34
CA HIS G 129 9.58 -42.61 1.36
C HIS G 129 10.22 -42.51 2.72
N LEU G 130 9.40 -42.43 3.77
CA LEU G 130 9.90 -42.27 5.14
C LEU G 130 10.84 -43.39 5.60
N LEU G 131 10.73 -44.54 4.94
CA LEU G 131 11.56 -45.69 5.26
C LEU G 131 13.00 -45.55 4.74
N ASN G 132 13.17 -44.74 3.69
CA ASN G 132 14.50 -44.43 3.13
C ASN G 132 15.37 -43.61 4.09
N ILE G 133 14.72 -42.88 5.00
CA ILE G 133 15.43 -42.13 6.02
C ILE G 133 16.05 -43.10 7.03
N PRO G 134 17.38 -43.05 7.17
CA PRO G 134 18.18 -43.95 8.01
C PRO G 134 17.70 -44.05 9.45
N SER G 135 17.44 -42.92 10.09
CA SER G 135 17.15 -42.91 11.52
C SER G 135 15.71 -43.27 11.84
N TRP G 136 14.89 -43.45 10.79
CA TRP G 136 13.48 -43.76 10.92
C TRP G 136 13.28 -45.15 11.46
N ASN G 137 12.72 -45.24 12.66
CA ASN G 137 12.51 -46.54 13.31
C ASN G 137 11.06 -46.98 13.40
N TRP G 138 10.65 -47.80 12.42
CA TRP G 138 9.30 -48.35 12.40
C TRP G 138 9.04 -49.26 13.57
N LYS G 139 10.13 -49.83 14.09
CA LYS G 139 10.11 -50.74 15.23
C LYS G 139 10.24 -50.01 16.57
N GLU G 140 10.90 -48.86 16.57
CA GLU G 140 10.87 -47.99 17.74
C GLU G 140 9.60 -47.12 17.70
N GLY G 141 9.61 -45.99 18.38
CA GLY G 141 8.42 -45.15 18.53
C GLY G 141 7.89 -44.42 17.30
N ASP G 142 8.76 -44.21 16.31
CA ASP G 142 8.40 -43.51 15.07
C ASP G 142 7.23 -44.18 14.37
N ASP G 143 6.19 -43.39 14.10
CA ASP G 143 5.01 -43.85 13.37
C ASP G 143 4.43 -42.72 12.55
N ALA G 144 3.90 -43.05 11.38
CA ALA G 144 3.29 -42.05 10.52
C ALA G 144 1.80 -42.34 10.29
N ILE G 145 0.96 -41.41 10.74
CA ILE G 145 -0.47 -41.51 10.52
C ILE G 145 -0.80 -41.07 9.09
N CYS G 146 -1.06 -42.04 8.22
CA CYS G 146 -1.45 -41.69 6.86
C CYS G 146 -2.93 -41.38 6.80
N LEU G 147 -3.25 -40.11 6.59
CA LEU G 147 -4.64 -39.65 6.58
C LEU G 147 -5.44 -40.22 5.41
N ALA G 148 -4.81 -40.36 4.25
CA ALA G 148 -5.47 -40.91 3.07
C ALA G 148 -5.92 -42.34 3.29
N GLU G 149 -5.03 -43.17 3.84
CA GLU G 149 -5.30 -44.61 4.01
C GLU G 149 -6.36 -44.88 5.08
N LEU G 150 -6.37 -44.05 6.12
CA LEU G 150 -7.32 -44.23 7.21
C LEU G 150 -8.71 -43.71 6.84
N LYS G 151 -8.78 -42.51 6.29
CA LYS G 151 -10.06 -41.97 5.81
C LYS G 151 -10.73 -43.00 4.92
N ALA G 152 -9.96 -43.53 3.97
CA ALA G 152 -10.47 -44.53 3.03
C ALA G 152 -10.95 -45.79 3.74
N GLY G 153 -10.12 -46.29 4.64
CA GLY G 153 -10.44 -47.49 5.41
C GLY G 153 -11.69 -47.38 6.26
N PHE G 154 -11.82 -46.26 6.97
CA PHE G 154 -12.99 -46.00 7.80
C PHE G 154 -14.26 -46.04 6.97
N ILE G 155 -14.22 -45.43 5.79
CA ILE G 155 -15.35 -45.46 4.87
C ILE G 155 -15.58 -46.86 4.31
N ALA G 156 -14.49 -47.58 4.05
CA ALA G 156 -14.55 -48.97 3.60
C ALA G 156 -15.22 -49.87 4.64
N GLN G 157 -14.81 -49.71 5.90
CA GLN G 157 -15.38 -50.45 7.01
C GLN G 157 -16.87 -50.19 7.20
N SER G 158 -17.34 -49.03 6.72
CA SER G 158 -18.77 -48.69 6.76
C SER G 158 -19.59 -49.43 5.69
N CYS G 159 -18.93 -49.88 4.63
CA CYS G 159 -19.60 -50.69 3.61
C CYS G 159 -19.99 -52.06 4.16
N LEU G 160 -19.13 -52.61 5.01
CA LEU G 160 -19.40 -53.89 5.67
C LEU G 160 -20.44 -53.71 6.76
N ALA G 161 -20.20 -52.75 7.66
CA ALA G 161 -21.15 -52.44 8.72
C ALA G 161 -21.42 -50.94 8.77
N GLN G 162 -22.57 -50.52 8.23
CA GLN G 162 -22.90 -49.10 8.16
C GLN G 162 -22.95 -48.46 9.53
N GLY G 163 -22.19 -47.37 9.68
CA GLY G 163 -22.10 -46.66 10.94
C GLY G 163 -20.81 -46.96 11.69
N LEU G 164 -20.09 -47.97 11.22
CA LEU G 164 -18.81 -48.32 11.84
C LEU G 164 -17.84 -47.14 11.82
N SER G 165 -17.79 -46.43 10.69
CA SER G 165 -16.92 -45.25 10.54
C SER G 165 -17.00 -44.29 11.73
N THR G 166 -18.22 -43.91 12.11
CA THR G 166 -18.41 -42.93 13.18
C THR G 166 -18.30 -43.59 14.54
N MET G 167 -18.54 -44.90 14.59
CA MET G 167 -18.40 -45.64 15.83
C MET G 167 -16.94 -45.78 16.19
N LEU G 168 -16.15 -46.04 15.16
CA LEU G 168 -14.72 -46.25 15.29
C LEU G 168 -13.99 -44.92 15.47
N ALA G 169 -14.68 -43.82 15.21
CA ALA G 169 -14.11 -42.49 15.33
C ALA G 169 -14.33 -41.87 16.71
N ASN G 170 -15.56 -41.94 17.21
CA ASN G 170 -15.91 -41.46 18.55
C ASN G 170 -15.14 -42.20 19.63
N LEU G 171 -14.88 -43.47 19.33
CA LEU G 171 -14.12 -44.38 20.16
C LEU G 171 -12.71 -43.85 20.38
N PHE G 172 -12.19 -43.16 19.37
CA PHE G 172 -10.79 -42.72 19.36
C PHE G 172 -10.53 -41.32 19.89
N SER G 173 -11.49 -40.44 19.67
CA SER G 173 -11.41 -39.08 20.16
C SER G 173 -11.76 -39.05 21.65
N MET G 174 -10.82 -38.57 22.47
CA MET G 174 -11.03 -38.47 23.92
C MET G 174 -12.20 -37.54 24.21
N ARG G 175 -13.28 -38.12 24.76
CA ARG G 175 -14.51 -37.40 25.11
C ARG G 175 -15.16 -38.00 26.34
N SER G 176 -15.83 -37.15 27.13
CA SER G 176 -16.45 -37.53 28.40
C SER G 176 -17.96 -37.65 28.31
N TYR G 177 -18.55 -38.20 29.39
CA TYR G 177 -19.97 -38.51 29.49
C TYR G 177 -20.83 -37.26 29.67
N ILE G 178 -21.99 -37.22 29.00
CA ILE G 178 -22.78 -35.98 28.96
C ILE G 178 -24.12 -36.05 29.72
N LYS G 179 -24.78 -37.21 29.69
CA LYS G 179 -26.01 -37.46 30.46
C LYS G 179 -27.14 -36.48 30.18
N ILE G 180 -27.66 -36.50 28.95
CA ILE G 180 -28.82 -35.67 28.63
C ILE G 180 -30.04 -36.27 29.33
N GLU G 181 -30.81 -35.40 30.00
CA GLU G 181 -31.92 -35.83 30.86
C GLU G 181 -33.11 -36.35 30.06
N GLU G 182 -33.51 -35.59 29.05
CA GLU G 182 -34.66 -35.95 28.22
C GLU G 182 -34.42 -37.19 27.37
N ASP G 183 -35.48 -37.95 27.13
CA ASP G 183 -35.42 -39.15 26.31
C ASP G 183 -35.44 -38.81 24.82
N THR G 184 -34.28 -38.90 24.19
CA THR G 184 -34.10 -38.82 22.73
C THR G 184 -32.86 -39.61 22.39
N TRP G 185 -32.66 -39.89 21.11
CA TRP G 185 -31.51 -40.70 20.68
C TRP G 185 -30.19 -40.13 21.12
N GLN G 186 -30.15 -38.80 21.28
CA GLN G 186 -28.95 -38.12 21.75
C GLN G 186 -28.42 -38.81 23.00
N LYS G 187 -29.31 -39.03 23.97
CA LYS G 187 -28.99 -39.69 25.23
C LYS G 187 -28.18 -40.95 25.01
N TYR G 188 -28.75 -41.86 24.24
CA TYR G 188 -28.17 -43.18 24.03
C TYR G 188 -26.89 -43.10 23.20
N TYR G 189 -26.91 -42.23 22.18
CA TYR G 189 -25.75 -42.00 21.32
C TYR G 189 -24.55 -41.52 22.15
N LEU G 190 -24.80 -40.51 22.99
CA LEU G 190 -23.77 -39.89 23.82
C LEU G 190 -23.26 -40.80 24.90
N GLU G 191 -24.14 -41.61 25.47
CA GLU G 191 -23.78 -42.60 26.47
C GLU G 191 -22.71 -43.53 25.90
N GLY G 192 -22.77 -43.74 24.59
CA GLY G 192 -21.76 -44.50 23.86
C GLY G 192 -20.53 -43.67 23.55
N VAL G 193 -20.76 -42.46 23.03
CA VAL G 193 -19.67 -41.52 22.69
C VAL G 193 -18.65 -41.36 23.79
N ALA G 194 -19.13 -41.35 25.04
CA ALA G 194 -18.32 -41.20 26.26
C ALA G 194 -17.13 -42.16 26.32
N ASN G 195 -17.14 -43.12 25.42
CA ASN G 195 -16.02 -44.05 25.29
C ASN G 195 -14.76 -43.49 24.63
N GLU G 196 -13.68 -44.17 24.98
CA GLU G 196 -12.36 -43.93 24.47
C GLU G 196 -11.70 -45.30 24.69
N MET G 197 -10.86 -45.73 23.76
CA MET G 197 -10.26 -47.06 23.83
C MET G 197 -8.87 -47.06 24.48
N TYR G 198 -8.76 -47.72 25.64
CA TYR G 198 -7.52 -47.73 26.41
C TYR G 198 -6.77 -49.05 26.39
N THR G 199 -5.49 -48.98 26.70
CA THR G 199 -4.61 -50.14 26.72
C THR G 199 -4.27 -50.52 28.16
N GLU G 200 -4.33 -51.82 28.46
CA GLU G 200 -4.02 -52.33 29.79
C GLU G 200 -3.49 -53.77 29.79
N TYR G 201 -2.62 -54.07 30.76
CA TYR G 201 -2.12 -55.41 30.98
C TYR G 201 -3.10 -56.26 31.78
N LEU G 202 -3.24 -57.51 31.37
CA LEU G 202 -4.15 -58.44 32.02
C LEU G 202 -3.59 -58.90 33.37
N SER G 203 -4.49 -59.06 34.35
CA SER G 203 -4.14 -59.60 35.66
C SER G 203 -3.60 -61.02 35.52
N SER G 204 -2.65 -61.38 36.39
CA SER G 204 -2.07 -62.72 36.43
C SER G 204 -3.15 -63.82 36.49
N ALA G 205 -4.31 -63.45 37.04
CA ALA G 205 -5.44 -64.36 37.22
C ALA G 205 -5.89 -65.03 35.93
N PHE G 206 -5.89 -64.27 34.83
CA PHE G 206 -6.43 -64.75 33.56
C PHE G 206 -5.53 -65.72 32.79
N VAL G 207 -4.26 -65.79 33.17
CA VAL G 207 -3.28 -66.64 32.48
C VAL G 207 -3.82 -68.04 32.21
N GLY G 208 -3.71 -68.48 30.96
CA GLY G 208 -4.09 -69.84 30.58
C GLY G 208 -5.52 -70.01 30.13
N LEU G 209 -6.40 -69.12 30.58
CA LEU G 209 -7.82 -69.13 30.18
C LEU G 209 -7.93 -68.82 28.69
N SER G 210 -9.07 -69.16 28.10
CA SER G 210 -9.35 -68.82 26.71
C SER G 210 -9.82 -67.38 26.60
N PHE G 211 -9.37 -66.66 25.57
CA PHE G 211 -9.78 -65.26 25.37
C PHE G 211 -11.28 -65.06 25.60
N PRO G 212 -12.15 -65.84 24.92
CA PRO G 212 -13.60 -65.75 25.10
C PRO G 212 -14.06 -65.73 26.55
N THR G 213 -13.53 -66.65 27.35
CA THR G 213 -13.91 -66.73 28.76
C THR G 213 -13.38 -65.53 29.55
N VAL G 214 -12.16 -65.09 29.22
CA VAL G 214 -11.56 -63.88 29.79
C VAL G 214 -12.45 -62.69 29.47
N CYS G 215 -12.83 -62.57 28.19
CA CYS G 215 -13.67 -61.48 27.72
C CYS G 215 -15.00 -61.37 28.46
N GLU G 216 -15.63 -62.51 28.71
CA GLU G 216 -16.88 -62.56 29.49
C GLU G 216 -16.67 -62.05 30.91
N LEU G 217 -15.63 -62.55 31.57
CA LEU G 217 -15.30 -62.14 32.94
C LEU G 217 -15.10 -60.63 33.03
N CYS G 218 -14.40 -60.07 32.04
CA CYS G 218 -14.13 -58.64 31.99
C CYS G 218 -15.41 -57.84 31.82
N TYR G 219 -16.31 -58.32 30.97
CA TYR G 219 -17.56 -57.63 30.73
C TYR G 219 -18.56 -57.80 31.86
N VAL G 220 -18.61 -59.01 32.42
CA VAL G 220 -19.59 -59.36 33.46
C VAL G 220 -19.17 -58.85 34.84
N LYS G 221 -17.92 -59.11 35.22
CA LYS G 221 -17.40 -58.70 36.52
C LYS G 221 -16.91 -57.25 36.57
N LEU G 222 -16.47 -56.72 35.43
CA LEU G 222 -15.87 -55.37 35.40
C LEU G 222 -16.56 -54.33 34.47
N LYS G 223 -17.40 -54.80 33.56
CA LYS G 223 -18.05 -53.92 32.57
C LYS G 223 -17.06 -53.31 31.55
N LEU G 224 -15.88 -53.90 31.46
CA LEU G 224 -14.89 -53.51 30.45
C LEU G 224 -14.98 -54.42 29.24
N LEU G 225 -15.36 -53.84 28.10
CA LEU G 225 -15.43 -54.58 26.84
C LEU G 225 -14.02 -54.73 26.25
N LEU G 226 -13.50 -55.95 26.29
CA LEU G 226 -12.18 -56.25 25.72
C LEU G 226 -12.30 -56.69 24.27
N ILE G 227 -11.43 -56.18 23.40
CA ILE G 227 -11.51 -56.52 21.96
C ILE G 227 -10.30 -57.20 21.34
N ALA G 228 -9.13 -57.03 21.95
CA ALA G 228 -7.91 -57.62 21.37
C ALA G 228 -6.75 -57.79 22.37
N ILE G 229 -5.93 -58.81 22.11
CA ILE G 229 -4.71 -59.06 22.88
C ILE G 229 -3.48 -58.70 22.05
N GLU G 230 -2.32 -58.59 22.69
CA GLU G 230 -1.04 -58.35 22.00
C GLU G 230 -0.04 -59.48 22.28
N TYR G 231 -0.27 -60.64 21.65
CA TYR G 231 0.51 -61.88 21.89
C TYR G 231 2.01 -61.70 21.61
N LYS G 232 2.84 -62.19 22.53
CA LYS G 232 4.29 -62.12 22.40
C LYS G 232 4.83 -63.30 21.62
N LYS G 242 5.54 -56.78 18.51
CA LYS G 242 5.00 -58.12 18.30
C LYS G 242 3.60 -58.06 17.64
N ARG G 243 3.16 -59.19 17.11
CA ARG G 243 1.86 -59.30 16.43
C ARG G 243 0.69 -59.12 17.40
N ILE G 244 -0.39 -58.50 16.92
CA ILE G 244 -1.59 -58.29 17.74
C ILE G 244 -2.80 -59.03 17.13
N LEU G 245 -3.62 -59.64 17.98
CA LEU G 245 -4.77 -60.43 17.53
C LEU G 245 -6.10 -59.82 17.99
N ILE G 246 -6.93 -59.41 17.03
CA ILE G 246 -8.26 -58.85 17.31
C ILE G 246 -9.32 -59.96 17.40
N ASN G 247 -9.99 -60.04 18.55
CA ASN G 247 -10.96 -61.10 18.87
C ASN G 247 -10.49 -62.51 18.53
N PRO G 248 -9.44 -63.01 19.21
CA PRO G 248 -9.02 -64.38 18.87
C PRO G 248 -10.08 -65.43 19.24
N GLY G 249 -10.01 -66.58 18.59
CA GLY G 249 -10.89 -67.70 18.91
C GLY G 249 -10.66 -68.23 20.31
N ASN G 250 -11.42 -69.25 20.71
CA ASN G 250 -11.36 -69.77 22.08
C ASN G 250 -10.02 -70.40 22.48
N HIS G 251 -9.21 -70.76 21.49
CA HIS G 251 -7.98 -71.53 21.71
C HIS G 251 -6.90 -70.69 22.30
N VAL G 252 -6.84 -69.43 21.88
CA VAL G 252 -5.84 -68.50 22.37
C VAL G 252 -5.89 -68.36 23.90
N LYS G 253 -4.74 -68.64 24.53
CA LYS G 253 -4.61 -68.57 25.99
C LYS G 253 -3.55 -67.54 26.38
N MET G 254 -3.80 -66.87 27.51
CA MET G 254 -2.99 -65.74 27.97
C MET G 254 -1.57 -66.13 28.38
N GLN G 255 -0.60 -65.36 27.91
CA GLN G 255 0.80 -65.66 28.14
C GLN G 255 1.39 -64.69 29.15
N GLU G 256 1.45 -65.14 30.41
CA GLU G 256 1.94 -64.33 31.54
C GLU G 256 1.25 -62.96 31.55
N GLY G 257 2.02 -61.91 31.31
CA GLY G 257 1.48 -60.55 31.19
C GLY G 257 1.20 -60.21 29.74
N THR G 258 -0.04 -60.39 29.33
CA THR G 258 -0.48 -60.03 27.99
C THR G 258 -1.01 -58.59 28.04
N LEU G 259 -0.95 -57.92 26.90
CA LEU G 259 -1.51 -56.57 26.75
C LEU G 259 -2.86 -56.62 26.04
N GLY G 260 -3.86 -55.98 26.63
CA GLY G 260 -5.21 -56.04 26.11
C GLY G 260 -5.80 -54.68 25.82
N PHE G 261 -6.53 -54.59 24.70
CA PHE G 261 -7.18 -53.35 24.31
C PHE G 261 -8.64 -53.33 24.76
N PHE G 262 -8.95 -52.39 25.64
CA PHE G 262 -10.28 -52.29 26.25
C PHE G 262 -11.02 -51.07 25.75
N ILE G 263 -12.34 -51.11 25.85
CA ILE G 263 -13.18 -49.97 25.49
C ILE G 263 -13.97 -49.59 26.74
N ALA G 264 -13.43 -48.66 27.52
CA ALA G 264 -14.11 -48.21 28.73
C ALA G 264 -14.26 -46.71 28.78
N SER G 265 -15.22 -46.24 29.59
CA SER G 265 -15.52 -44.82 29.74
C SER G 265 -14.28 -43.95 30.00
N ASP G 266 -13.57 -44.28 31.07
CA ASP G 266 -12.46 -43.49 31.60
C ASP G 266 -11.21 -44.37 31.60
N ALA G 267 -10.03 -43.75 31.54
CA ALA G 267 -8.75 -44.46 31.60
C ALA G 267 -8.54 -45.22 32.92
N LYS G 268 -9.03 -44.65 34.02
CA LYS G 268 -8.95 -45.28 35.36
C LYS G 268 -9.84 -46.51 35.49
N GLU G 269 -10.94 -46.53 34.74
CA GLU G 269 -11.84 -47.69 34.69
C GLU G 269 -11.10 -48.95 34.26
N VAL G 270 -10.21 -48.80 33.26
CA VAL G 270 -9.49 -49.92 32.68
C VAL G 270 -8.42 -50.47 33.61
N LYS G 271 -7.92 -49.62 34.53
CA LYS G 271 -6.90 -50.04 35.50
C LYS G 271 -7.37 -51.27 36.29
N ARG G 272 -8.67 -51.34 36.55
CA ARG G 272 -9.30 -52.45 37.30
C ARG G 272 -9.13 -53.83 36.69
N ALA G 273 -8.79 -53.90 35.40
CA ALA G 273 -8.57 -55.19 34.73
C ALA G 273 -7.26 -55.84 35.21
N PHE G 274 -6.78 -55.37 36.36
CA PHE G 274 -5.49 -55.74 36.91
C PHE G 274 -5.60 -56.20 38.37
N PHE G 275 -6.56 -57.07 38.66
CA PHE G 275 -6.80 -57.61 40.01
C PHE G 275 -7.37 -59.03 40.00
N LYS G 349 -2.56 -68.74 -8.80
CA LYS G 349 -2.30 -67.54 -8.00
C LYS G 349 -3.59 -66.76 -7.70
N ARG G 350 -4.24 -67.07 -6.59
CA ARG G 350 -5.52 -66.47 -6.21
C ARG G 350 -5.39 -65.43 -5.07
N TYR G 351 -4.20 -65.29 -4.51
CA TYR G 351 -3.95 -64.37 -3.40
C TYR G 351 -2.70 -63.51 -3.59
N ASP G 352 -2.61 -62.43 -2.82
CA ASP G 352 -1.41 -61.58 -2.76
C ASP G 352 -0.24 -62.37 -2.17
N SER G 353 0.97 -61.83 -2.30
CA SER G 353 2.16 -62.45 -1.71
C SER G 353 1.93 -62.84 -0.25
N THR G 354 1.29 -61.95 0.49
CA THR G 354 0.95 -62.18 1.90
C THR G 354 -0.14 -63.22 2.09
N GLY G 355 -1.05 -63.30 1.12
CA GLY G 355 -2.24 -64.14 1.25
C GLY G 355 -3.30 -63.46 2.09
N MET G 356 -3.12 -62.16 2.27
CA MET G 356 -4.06 -61.36 3.04
C MET G 356 -5.18 -60.84 2.16
N PHE G 357 -4.86 -60.55 0.90
CA PHE G 357 -5.82 -59.91 -0.01
C PHE G 357 -6.03 -60.75 -1.26
N HIS G 358 -7.24 -60.68 -1.82
CA HIS G 358 -7.58 -61.38 -3.06
C HIS G 358 -6.87 -60.79 -4.25
N TRP G 359 -5.93 -61.53 -4.79
CA TRP G 359 -5.21 -61.10 -5.98
C TRP G 359 -5.85 -61.62 -7.23
N CYS G 360 -5.72 -60.86 -8.31
CA CYS G 360 -6.27 -61.21 -9.61
C CYS G 360 -5.26 -60.74 -10.64
N PRO G 361 -5.14 -61.48 -11.78
CA PRO G 361 -4.15 -61.07 -12.78
C PRO G 361 -4.41 -59.64 -13.24
N SER G 362 -3.37 -58.82 -13.26
CA SER G 362 -3.52 -57.43 -13.65
C SER G 362 -4.30 -57.35 -14.96
N LYS G 363 -5.43 -56.65 -14.93
CA LYS G 363 -6.32 -56.50 -16.07
C LYS G 363 -6.12 -55.15 -16.77
N GLU G 364 -6.33 -55.12 -18.09
CA GLU G 364 -6.25 -53.88 -18.86
C GLU G 364 -7.53 -53.07 -18.67
N ILE G 365 -7.36 -51.77 -18.42
CA ILE G 365 -8.48 -50.91 -17.99
C ILE G 365 -9.75 -51.00 -18.86
N GLU G 366 -9.56 -51.02 -20.17
CA GLU G 366 -10.68 -51.07 -21.12
C GLU G 366 -11.54 -52.32 -20.99
N LYS G 367 -10.98 -53.37 -20.41
CA LYS G 367 -11.73 -54.59 -20.13
C LYS G 367 -12.77 -54.37 -19.04
N VAL G 368 -12.54 -53.36 -18.21
CA VAL G 368 -13.37 -53.10 -17.04
C VAL G 368 -14.47 -52.06 -17.30
N ILE G 369 -14.17 -51.11 -18.19
CA ILE G 369 -15.11 -50.05 -18.54
C ILE G 369 -16.46 -50.58 -19.04
N LEU G 370 -17.53 -50.23 -18.33
CA LEU G 370 -18.88 -50.56 -18.78
C LEU G 370 -19.47 -49.38 -19.53
N THR G 371 -20.18 -49.69 -20.62
CA THR G 371 -21.03 -48.70 -21.28
C THR G 371 -22.21 -48.47 -20.35
N ARG G 372 -23.00 -47.43 -20.59
CA ARG G 372 -24.22 -47.22 -19.80
C ARG G 372 -25.18 -48.40 -19.98
N SER G 373 -25.29 -48.90 -21.21
CA SER G 373 -26.10 -50.07 -21.52
C SER G 373 -25.58 -51.35 -20.87
N GLU G 374 -24.35 -51.73 -21.21
CA GLU G 374 -23.71 -52.92 -20.63
C GLU G 374 -23.93 -53.00 -19.11
N ALA G 375 -23.94 -51.83 -18.46
CA ALA G 375 -24.16 -51.74 -17.03
C ALA G 375 -25.64 -51.92 -16.64
N SER G 376 -26.52 -51.27 -17.40
CA SER G 376 -27.96 -51.35 -17.14
C SER G 376 -28.46 -52.78 -17.37
N MET G 377 -27.79 -53.48 -18.29
CA MET G 377 -28.05 -54.89 -18.60
C MET G 377 -27.91 -55.78 -17.37
N THR G 378 -26.79 -55.63 -16.67
CA THR G 378 -26.54 -56.37 -15.44
C THR G 378 -27.29 -55.75 -14.25
N VAL G 379 -28.11 -56.58 -13.60
CA VAL G 379 -28.80 -56.18 -12.39
C VAL G 379 -27.89 -56.42 -11.18
N LEU G 380 -27.06 -55.43 -10.88
CA LEU G 380 -26.09 -55.52 -9.79
C LEU G 380 -26.75 -55.23 -8.45
N SER G 381 -26.39 -55.99 -7.44
CA SER G 381 -26.86 -55.76 -6.07
C SER G 381 -25.84 -56.25 -5.05
N GLY G 382 -25.93 -55.73 -3.83
CA GLY G 382 -24.96 -56.06 -2.78
C GLY G 382 -23.55 -55.57 -3.12
N HIS G 383 -23.50 -54.50 -3.91
CA HIS G 383 -22.25 -53.94 -4.39
C HIS G 383 -21.98 -52.60 -3.77
N VAL G 384 -20.82 -52.03 -4.08
CA VAL G 384 -20.47 -50.70 -3.60
C VAL G 384 -20.34 -49.78 -4.80
N VAL G 385 -21.12 -48.71 -4.81
CA VAL G 385 -21.02 -47.72 -5.87
C VAL G 385 -20.25 -46.51 -5.37
N VAL G 386 -18.94 -46.49 -5.62
CA VAL G 386 -18.11 -45.33 -5.30
C VAL G 386 -18.17 -44.39 -6.49
N CYS G 387 -18.77 -43.24 -6.30
CA CYS G 387 -18.83 -42.26 -7.37
C CYS G 387 -17.99 -41.03 -7.06
N ILE G 388 -16.94 -40.83 -7.86
CA ILE G 388 -15.99 -39.76 -7.63
C ILE G 388 -16.15 -38.63 -8.63
N PHE G 389 -16.14 -37.41 -8.12
CA PHE G 389 -16.00 -36.22 -8.94
C PHE G 389 -14.52 -36.00 -9.16
N GLY G 390 -14.16 -35.40 -10.29
CA GLY G 390 -12.76 -35.07 -10.57
C GLY G 390 -12.39 -35.13 -12.03
N ASP G 391 -11.37 -34.36 -12.39
CA ASP G 391 -10.79 -34.38 -13.73
C ASP G 391 -9.34 -34.86 -13.63
N VAL G 392 -8.64 -34.86 -14.77
CA VAL G 392 -7.27 -35.38 -14.85
C VAL G 392 -6.28 -34.67 -13.93
N THR G 393 -6.50 -33.37 -13.70
CA THR G 393 -5.61 -32.53 -12.89
C THR G 393 -6.10 -32.38 -11.44
N SER G 394 -6.46 -33.50 -10.82
CA SER G 394 -6.90 -33.51 -9.42
C SER G 394 -5.93 -34.29 -8.56
N ALA G 395 -6.01 -34.07 -7.25
CA ALA G 395 -5.25 -34.86 -6.30
C ALA G 395 -5.74 -36.31 -6.37
N LEU G 396 -4.85 -37.26 -6.16
CA LEU G 396 -5.25 -38.65 -6.12
C LEU G 396 -5.82 -38.99 -4.74
N VAL G 397 -7.08 -39.43 -4.73
CA VAL G 397 -7.75 -39.77 -3.48
C VAL G 397 -7.08 -40.98 -2.81
N GLY G 398 -6.45 -41.84 -3.61
CA GLY G 398 -5.83 -43.07 -3.11
C GLY G 398 -6.84 -44.20 -2.98
N LEU G 399 -7.56 -44.47 -4.07
CA LEU G 399 -8.64 -45.45 -4.10
C LEU G 399 -8.18 -46.84 -3.72
N ARG G 400 -6.88 -47.10 -3.92
CA ARG G 400 -6.25 -48.34 -3.44
C ARG G 400 -6.75 -48.69 -2.04
N ASN G 401 -6.71 -47.69 -1.15
CA ASN G 401 -7.05 -47.88 0.26
C ASN G 401 -8.53 -48.05 0.56
N LEU G 402 -9.38 -47.73 -0.40
CA LEU G 402 -10.80 -48.00 -0.26
C LEU G 402 -11.11 -49.45 -0.62
N VAL G 403 -10.54 -49.93 -1.72
CA VAL G 403 -10.84 -51.29 -2.18
C VAL G 403 -10.13 -52.36 -1.36
N MET G 404 -8.93 -52.06 -0.86
CA MET G 404 -8.11 -53.07 -0.19
C MET G 404 -8.82 -53.78 0.96
N PRO G 405 -9.38 -53.02 1.93
CA PRO G 405 -10.12 -53.65 3.03
C PRO G 405 -11.36 -54.41 2.56
N LEU G 406 -11.87 -54.05 1.37
CA LEU G 406 -13.01 -54.73 0.78
C LEU G 406 -12.58 -55.98 0.03
N ARG G 407 -11.28 -56.17 -0.12
CA ARG G 407 -10.72 -57.34 -0.77
C ARG G 407 -9.82 -58.17 0.15
N ALA G 408 -10.06 -58.08 1.46
CA ALA G 408 -9.30 -58.89 2.41
C ALA G 408 -9.66 -60.37 2.25
N SER G 409 -8.77 -61.26 2.65
CA SER G 409 -8.95 -62.70 2.42
C SER G 409 -9.92 -63.37 3.39
N ASN G 410 -10.44 -62.61 4.35
CA ASN G 410 -11.35 -63.15 5.37
C ASN G 410 -12.76 -63.35 4.83
N PHE G 411 -12.97 -62.94 3.58
CA PHE G 411 -14.26 -63.10 2.90
C PHE G 411 -14.06 -64.05 1.74
N HIS G 412 -15.07 -64.86 1.47
CA HIS G 412 -15.04 -65.76 0.33
C HIS G 412 -15.27 -64.96 -0.92
N TYR G 413 -14.71 -65.42 -2.02
CA TYR G 413 -14.91 -64.80 -3.34
C TYR G 413 -16.40 -64.57 -3.63
N HIS G 414 -17.23 -65.53 -3.23
CA HIS G 414 -18.70 -65.43 -3.28
C HIS G 414 -19.21 -64.26 -2.47
N GLU G 415 -18.61 -64.03 -1.30
CA GLU G 415 -19.01 -62.97 -0.38
C GLU G 415 -18.55 -61.56 -0.82
N LEU G 416 -17.51 -61.50 -1.67
CA LEU G 416 -16.91 -60.23 -2.10
C LEU G 416 -17.87 -59.28 -2.77
N LYS G 417 -17.83 -58.02 -2.35
CA LYS G 417 -18.71 -57.00 -2.93
C LYS G 417 -18.06 -56.34 -4.13
N PRO G 418 -18.70 -56.42 -5.31
CA PRO G 418 -18.14 -55.75 -6.49
C PRO G 418 -18.19 -54.23 -6.35
N ILE G 419 -17.19 -53.56 -6.93
CA ILE G 419 -17.05 -52.12 -6.78
C ILE G 419 -17.21 -51.45 -8.14
N VAL G 420 -18.11 -50.46 -8.20
CA VAL G 420 -18.33 -49.70 -9.44
C VAL G 420 -17.98 -48.25 -9.24
N PHE G 421 -16.99 -47.77 -9.98
CA PHE G 421 -16.63 -46.37 -9.97
C PHE G 421 -17.41 -45.61 -11.03
N VAL G 422 -18.08 -44.54 -10.61
CA VAL G 422 -18.79 -43.67 -11.54
C VAL G 422 -18.08 -42.31 -11.58
N GLY G 423 -17.27 -42.09 -12.61
CA GLY G 423 -16.53 -40.85 -12.71
C GLY G 423 -16.08 -40.51 -14.12
N SER G 424 -15.06 -39.66 -14.21
CA SER G 424 -14.41 -39.38 -15.48
C SER G 424 -13.33 -40.42 -15.71
N LEU G 425 -13.33 -40.99 -16.91
CA LEU G 425 -12.39 -42.03 -17.28
C LEU G 425 -10.96 -41.48 -17.22
N ASP G 426 -10.77 -40.26 -17.72
CA ASP G 426 -9.47 -39.58 -17.71
C ASP G 426 -8.87 -39.50 -16.31
N TYR G 427 -9.70 -39.11 -15.34
CA TYR G 427 -9.26 -39.12 -13.96
C TYR G 427 -8.96 -40.54 -13.51
N LEU G 428 -9.91 -41.44 -13.70
CA LEU G 428 -9.80 -42.78 -13.14
C LEU G 428 -8.54 -43.54 -13.54
N ARG G 429 -8.24 -43.55 -14.85
CA ARG G 429 -7.15 -44.35 -15.39
C ARG G 429 -5.80 -44.15 -14.71
N ARG G 430 -5.51 -42.91 -14.32
CA ARG G 430 -4.25 -42.59 -13.65
C ARG G 430 -4.15 -43.27 -12.28
N GLU G 431 -5.27 -43.31 -11.56
CA GLU G 431 -5.33 -44.06 -10.32
C GLU G 431 -5.44 -45.55 -10.54
N TRP G 432 -6.10 -45.94 -11.63
CA TRP G 432 -6.41 -47.33 -11.94
C TRP G 432 -5.27 -48.30 -11.75
N GLU G 433 -4.07 -47.90 -12.12
CA GLU G 433 -2.91 -48.80 -12.13
C GLU G 433 -2.70 -49.57 -10.82
N THR G 434 -3.11 -48.99 -9.69
CA THR G 434 -3.04 -49.68 -8.39
C THR G 434 -4.12 -50.75 -8.23
N LEU G 435 -5.22 -50.60 -8.97
CA LEU G 435 -6.38 -51.44 -8.76
C LEU G 435 -6.45 -52.65 -9.68
N HIS G 436 -5.71 -52.65 -10.80
CA HIS G 436 -5.87 -53.74 -11.78
C HIS G 436 -5.78 -55.12 -11.19
N ASN G 437 -5.07 -55.24 -10.07
CA ASN G 437 -4.91 -56.52 -9.39
C ASN G 437 -6.14 -57.04 -8.66
N PHE G 438 -7.02 -56.14 -8.23
CA PHE G 438 -8.20 -56.54 -7.46
C PHE G 438 -9.33 -57.04 -8.35
N PRO G 439 -10.08 -58.06 -7.87
CA PRO G 439 -11.17 -58.63 -8.64
C PRO G 439 -12.49 -57.89 -8.43
N LYS G 440 -13.43 -58.11 -9.35
CA LYS G 440 -14.77 -57.52 -9.31
C LYS G 440 -14.76 -56.00 -9.20
N VAL G 441 -13.95 -55.37 -10.05
CA VAL G 441 -13.84 -53.91 -10.09
C VAL G 441 -14.38 -53.43 -11.42
N PHE G 442 -15.16 -52.34 -11.39
CA PHE G 442 -15.82 -51.84 -12.59
C PHE G 442 -15.80 -50.32 -12.69
N ILE G 443 -15.78 -49.80 -13.92
CA ILE G 443 -15.82 -48.38 -14.16
C ILE G 443 -16.96 -48.04 -15.12
N LEU G 444 -17.81 -47.09 -14.72
CA LEU G 444 -18.85 -46.56 -15.60
C LEU G 444 -18.61 -45.07 -15.79
N PRO G 445 -17.99 -44.70 -16.92
CA PRO G 445 -17.73 -43.29 -17.20
C PRO G 445 -19.02 -42.47 -17.21
N GLY G 446 -18.96 -41.29 -16.58
CA GLY G 446 -20.11 -40.40 -16.41
C GLY G 446 -20.14 -39.74 -15.04
N THR G 447 -21.10 -38.82 -14.85
CA THR G 447 -21.20 -38.04 -13.62
C THR G 447 -22.18 -38.63 -12.61
N PRO G 448 -21.82 -38.59 -11.31
CA PRO G 448 -22.73 -39.02 -10.23
C PRO G 448 -23.99 -38.17 -10.13
N LEU G 449 -24.12 -37.15 -10.97
CA LEU G 449 -25.29 -36.28 -10.96
C LEU G 449 -26.32 -36.68 -12.01
N SER G 450 -25.91 -37.54 -12.94
CA SER G 450 -26.84 -38.05 -13.96
C SER G 450 -27.46 -39.33 -13.45
N ARG G 451 -28.79 -39.36 -13.43
CA ARG G 451 -29.53 -40.51 -12.94
C ARG G 451 -29.41 -41.67 -13.91
N ALA G 452 -29.25 -41.36 -15.19
CA ALA G 452 -29.02 -42.38 -16.22
C ALA G 452 -27.90 -43.31 -15.79
N ASP G 453 -26.73 -42.74 -15.51
CA ASP G 453 -25.57 -43.50 -15.03
C ASP G 453 -25.89 -44.21 -13.72
N LEU G 454 -26.63 -43.53 -12.85
CA LEU G 454 -26.96 -44.04 -11.52
C LEU G 454 -27.96 -45.18 -11.56
N ARG G 455 -29.00 -45.04 -12.36
CA ARG G 455 -30.01 -46.09 -12.51
C ARG G 455 -29.41 -47.31 -13.17
N ALA G 456 -28.44 -47.08 -14.06
CA ALA G 456 -27.73 -48.16 -14.75
C ALA G 456 -27.05 -49.12 -13.77
N VAL G 457 -26.39 -48.55 -12.75
CA VAL G 457 -25.70 -49.35 -11.74
C VAL G 457 -26.57 -49.77 -10.56
N ASN G 458 -27.88 -49.55 -10.70
CA ASN G 458 -28.86 -50.09 -9.76
C ASN G 458 -28.52 -49.74 -8.30
N ILE G 459 -28.46 -48.45 -8.01
CA ILE G 459 -28.11 -47.99 -6.66
C ILE G 459 -29.03 -48.56 -5.59
N ASN G 460 -30.34 -48.58 -5.86
CA ASN G 460 -31.33 -49.15 -4.95
C ASN G 460 -30.87 -50.40 -4.24
N LEU G 461 -30.01 -51.16 -4.92
CA LEU G 461 -29.58 -52.48 -4.48
C LEU G 461 -28.25 -52.53 -3.70
N CYS G 462 -27.39 -51.53 -3.90
CA CYS G 462 -26.07 -51.53 -3.27
C CYS G 462 -26.09 -51.52 -1.73
N ASP G 463 -25.04 -52.08 -1.13
CA ASP G 463 -24.87 -52.10 0.32
C ASP G 463 -24.32 -50.79 0.84
N MET G 464 -23.68 -50.02 -0.04
CA MET G 464 -23.10 -48.73 0.30
C MET G 464 -22.75 -47.93 -0.94
N CYS G 465 -23.05 -46.64 -0.89
CA CYS G 465 -22.72 -45.73 -1.96
C CYS G 465 -21.84 -44.63 -1.39
N VAL G 466 -20.56 -44.65 -1.77
CA VAL G 466 -19.57 -43.69 -1.28
C VAL G 466 -19.47 -42.49 -2.21
N ILE G 467 -19.64 -41.30 -1.66
CA ILE G 467 -19.52 -40.06 -2.43
C ILE G 467 -18.25 -39.31 -2.04
N LEU G 468 -17.33 -39.17 -2.99
CA LEU G 468 -16.06 -38.52 -2.74
C LEU G 468 -15.90 -37.27 -3.59
N SER G 469 -15.18 -36.28 -3.06
CA SER G 469 -14.87 -35.08 -3.82
C SER G 469 -13.37 -34.95 -3.97
N ALA G 470 -12.89 -34.95 -5.21
CA ALA G 470 -11.46 -34.73 -5.46
C ALA G 470 -11.12 -33.24 -5.39
N ASN G 471 -10.05 -32.92 -4.66
CA ASN G 471 -9.63 -31.53 -4.42
C ASN G 471 -9.11 -30.79 -5.65
N ALA G 478 -11.85 -22.96 -2.37
CA ALA G 478 -11.68 -24.15 -3.19
C ALA G 478 -12.40 -25.38 -2.62
N SER G 479 -12.61 -25.40 -1.30
CA SER G 479 -13.40 -26.44 -0.63
C SER G 479 -14.91 -26.17 -0.74
N LEU G 480 -15.25 -24.92 -1.02
CA LEU G 480 -16.61 -24.52 -1.41
C LEU G 480 -17.09 -25.36 -2.60
N GLN G 481 -16.14 -25.76 -3.45
CA GLN G 481 -16.40 -26.59 -4.62
C GLN G 481 -16.81 -28.03 -4.27
N ASP G 482 -16.89 -28.36 -2.98
CA ASP G 482 -17.48 -29.64 -2.53
C ASP G 482 -19.03 -29.58 -2.53
N LYS G 483 -19.57 -28.41 -2.86
CA LYS G 483 -21.01 -28.20 -3.10
C LYS G 483 -21.62 -29.36 -3.91
N GLU G 484 -20.81 -29.92 -4.82
CA GLU G 484 -21.19 -31.06 -5.67
C GLU G 484 -21.65 -32.29 -4.88
N CYS G 485 -20.89 -32.67 -3.84
CA CYS G 485 -21.20 -33.84 -3.02
C CYS G 485 -22.58 -33.78 -2.41
N ILE G 486 -22.92 -32.61 -1.86
CA ILE G 486 -24.24 -32.36 -1.32
C ILE G 486 -25.28 -32.59 -2.42
N LEU G 487 -25.08 -31.96 -3.58
CA LEU G 487 -25.97 -32.13 -4.71
C LEU G 487 -26.19 -33.58 -5.07
N ALA G 488 -25.10 -34.34 -5.19
CA ALA G 488 -25.16 -35.76 -5.53
C ALA G 488 -25.96 -36.51 -4.49
N SER G 489 -25.62 -36.28 -3.22
CA SER G 489 -26.33 -36.89 -2.11
C SER G 489 -27.84 -36.62 -2.13
N LEU G 490 -28.22 -35.37 -2.35
CA LEU G 490 -29.62 -34.98 -2.40
C LEU G 490 -30.32 -35.60 -3.58
N ASN G 491 -29.65 -35.56 -4.74
CA ASN G 491 -30.11 -36.22 -5.96
C ASN G 491 -30.61 -37.64 -5.69
N ILE G 492 -29.71 -38.46 -5.15
CA ILE G 492 -29.96 -39.88 -4.91
C ILE G 492 -31.13 -40.09 -3.95
N LYS G 493 -31.20 -39.28 -2.88
CA LYS G 493 -32.29 -39.37 -1.90
C LYS G 493 -33.66 -39.10 -2.51
N SER G 494 -33.71 -38.35 -3.61
CA SER G 494 -34.96 -37.95 -4.23
C SER G 494 -35.37 -38.78 -5.43
N MET G 495 -34.68 -39.90 -5.64
CA MET G 495 -35.03 -40.82 -6.71
C MET G 495 -36.11 -41.79 -6.24
N GLN G 496 -36.78 -42.43 -7.18
CA GLN G 496 -37.69 -43.53 -6.87
C GLN G 496 -37.44 -44.65 -7.85
N PHE G 497 -36.90 -45.76 -7.35
CA PHE G 497 -36.47 -46.86 -8.21
C PHE G 497 -37.61 -47.73 -8.78
N ASP G 498 -38.66 -47.97 -7.98
CA ASP G 498 -39.78 -48.87 -8.34
C ASP G 498 -39.43 -50.35 -8.16
N THR G 502 -38.61 -50.07 -3.15
CA THR G 502 -37.61 -49.17 -2.57
C THR G 502 -37.86 -47.70 -2.96
N THR G 503 -37.27 -46.77 -2.20
CA THR G 503 -37.34 -45.33 -2.46
C THR G 503 -36.00 -44.67 -2.13
N GLY G 504 -35.65 -43.63 -2.89
CA GLY G 504 -34.33 -43.00 -2.82
C GLY G 504 -33.77 -42.70 -1.44
N SER G 505 -34.64 -42.34 -0.52
CA SER G 505 -34.23 -41.94 0.83
C SER G 505 -33.69 -43.09 1.66
N ASN G 506 -33.94 -44.31 1.21
CA ASN G 506 -33.54 -45.52 1.94
C ASN G 506 -32.31 -46.21 1.38
N ILE G 507 -31.38 -45.43 0.85
CA ILE G 507 -30.17 -45.97 0.24
C ILE G 507 -28.96 -45.69 1.12
N PRO G 508 -28.13 -46.71 1.37
CA PRO G 508 -26.93 -46.52 2.18
C PRO G 508 -25.93 -45.60 1.50
N ILE G 509 -25.89 -44.36 1.95
CA ILE G 509 -24.98 -43.36 1.41
C ILE G 509 -24.00 -42.93 2.48
N ILE G 510 -22.80 -42.56 2.06
CA ILE G 510 -21.80 -41.98 2.94
C ILE G 510 -21.02 -40.88 2.22
N THR G 511 -21.33 -39.64 2.56
CA THR G 511 -20.76 -38.48 1.89
C THR G 511 -19.51 -38.03 2.62
N GLU G 512 -18.40 -38.00 1.90
CA GLU G 512 -17.16 -37.47 2.45
C GLU G 512 -17.17 -35.96 2.34
N LEU G 513 -17.20 -35.28 3.48
CA LEU G 513 -17.22 -33.82 3.50
C LEU G 513 -15.87 -33.27 3.85
N VAL G 514 -15.57 -32.08 3.33
CA VAL G 514 -14.29 -31.45 3.60
C VAL G 514 -14.46 -30.40 4.68
N ASN G 515 -15.66 -29.84 4.75
CA ASN G 515 -15.96 -28.78 5.70
C ASN G 515 -17.03 -29.19 6.70
N ASP G 516 -16.62 -29.51 7.93
CA ASP G 516 -17.55 -30.00 8.97
C ASP G 516 -18.85 -29.18 9.06
N SER G 517 -18.78 -27.89 8.77
CA SER G 517 -19.95 -27.01 8.76
C SER G 517 -21.02 -27.46 7.78
N ASN G 518 -20.61 -28.01 6.64
CA ASN G 518 -21.54 -28.34 5.56
C ASN G 518 -22.45 -29.52 5.88
N VAL G 519 -22.18 -30.19 7.00
CA VAL G 519 -22.95 -31.35 7.42
C VAL G 519 -24.43 -31.02 7.54
N GLN G 520 -24.70 -29.80 8.00
CA GLN G 520 -26.05 -29.28 8.12
C GLN G 520 -26.96 -29.68 6.95
N PHE G 521 -26.40 -29.59 5.74
CA PHE G 521 -27.20 -29.67 4.51
C PHE G 521 -27.67 -31.07 4.10
N LEU G 522 -26.87 -32.10 4.33
CA LEU G 522 -27.18 -33.41 3.74
C LEU G 522 -28.44 -34.08 4.27
N ASP G 523 -28.63 -34.05 5.58
CA ASP G 523 -29.92 -34.47 6.17
C ASP G 523 -30.69 -33.19 6.45
N GLN G 524 -31.94 -33.14 6.00
CA GLN G 524 -32.75 -31.91 6.04
C GLN G 524 -33.89 -31.91 7.07
N ASP G 525 -33.88 -32.88 7.98
CA ASP G 525 -34.82 -32.90 9.09
C ASP G 525 -34.14 -32.68 10.45
N ASP G 526 -32.80 -32.66 10.45
CA ASP G 526 -32.03 -32.51 11.69
C ASP G 526 -31.97 -31.07 12.19
N ASP G 527 -31.60 -30.89 13.46
CA ASP G 527 -31.37 -29.55 14.01
C ASP G 527 -29.98 -29.04 13.65
N ASP G 528 -29.93 -27.85 13.07
CA ASP G 528 -28.68 -27.32 12.50
C ASP G 528 -28.14 -26.12 13.25
N ASP G 529 -26.81 -26.06 13.35
CA ASP G 529 -26.09 -24.93 13.93
C ASP G 529 -24.64 -25.09 13.51
N PRO G 530 -24.05 -24.03 12.91
CA PRO G 530 -22.66 -24.08 12.49
C PRO G 530 -21.68 -24.34 13.63
N ASP G 531 -22.01 -23.86 14.83
CA ASP G 531 -21.12 -23.96 15.99
C ASP G 531 -21.09 -25.37 16.59
N THR G 532 -22.22 -26.06 16.53
CA THR G 532 -22.37 -27.45 16.99
C THR G 532 -21.28 -28.39 16.42
N GLU G 533 -20.61 -29.11 17.31
CA GLU G 533 -19.53 -30.01 16.90
C GLU G 533 -20.03 -31.12 15.97
N LEU G 534 -19.15 -31.62 15.11
CA LEU G 534 -19.54 -32.63 14.12
C LEU G 534 -20.07 -33.93 14.72
N TYR G 535 -19.37 -34.47 15.71
CA TYR G 535 -19.77 -35.74 16.33
C TYR G 535 -21.21 -35.73 16.84
N LEU G 536 -21.73 -34.53 17.11
CA LEU G 536 -23.09 -34.37 17.62
C LEU G 536 -24.20 -34.29 16.57
N THR G 537 -23.83 -34.00 15.31
CA THR G 537 -24.79 -33.89 14.22
C THR G 537 -25.39 -35.23 13.87
N GLN G 538 -26.66 -35.21 13.49
CA GLN G 538 -27.38 -36.42 13.12
C GLN G 538 -26.68 -37.22 12.02
N PRO G 539 -26.34 -36.55 10.89
CA PRO G 539 -25.76 -37.26 9.75
C PRO G 539 -24.51 -38.02 10.14
N PHE G 540 -23.71 -37.44 11.05
CA PHE G 540 -22.52 -38.13 11.55
C PHE G 540 -22.89 -39.28 12.47
N ALA G 541 -23.79 -39.01 13.42
CA ALA G 541 -24.24 -40.02 14.36
C ALA G 541 -24.66 -41.29 13.65
N CYS G 542 -25.13 -41.15 12.42
CA CYS G 542 -25.70 -42.25 11.65
C CYS G 542 -24.71 -42.92 10.70
N GLY G 543 -23.60 -42.25 10.40
CA GLY G 543 -22.64 -42.81 9.46
C GLY G 543 -23.02 -42.48 8.03
N THR G 544 -23.71 -41.35 7.87
CA THR G 544 -24.04 -40.76 6.57
C THR G 544 -22.89 -39.87 6.10
N ALA G 545 -22.17 -39.28 7.05
CA ALA G 545 -21.12 -38.34 6.74
C ALA G 545 -19.82 -38.70 7.43
N PHE G 546 -18.72 -38.27 6.83
CA PHE G 546 -17.38 -38.46 7.39
C PHE G 546 -16.41 -37.42 6.83
N ALA G 547 -15.72 -36.73 7.74
CA ALA G 547 -14.75 -35.71 7.35
C ALA G 547 -13.34 -36.12 7.79
N VAL G 548 -12.34 -35.66 7.04
CA VAL G 548 -10.94 -35.88 7.37
C VAL G 548 -10.64 -35.32 8.75
N SER G 549 -11.38 -34.27 9.12
CA SER G 549 -11.28 -33.55 10.40
C SER G 549 -11.22 -34.49 11.58
N VAL G 550 -12.15 -35.45 11.60
CA VAL G 550 -12.35 -36.40 12.70
C VAL G 550 -11.07 -37.10 13.18
N LEU G 551 -10.18 -37.43 12.24
CA LEU G 551 -8.96 -38.19 12.55
C LEU G 551 -7.86 -37.39 13.26
N ASP G 552 -7.93 -36.06 13.20
CA ASP G 552 -6.95 -35.19 13.86
C ASP G 552 -6.68 -35.59 15.32
N SER G 553 -7.70 -36.14 15.97
CA SER G 553 -7.61 -36.59 17.36
C SER G 553 -6.55 -37.67 17.54
N LEU G 554 -6.34 -38.46 16.49
CA LEU G 554 -5.45 -39.62 16.53
C LEU G 554 -4.04 -39.25 16.92
N MET G 555 -3.59 -38.10 16.43
CA MET G 555 -2.27 -37.58 16.69
C MET G 555 -1.84 -37.75 18.14
N SER G 556 -2.56 -37.11 19.05
CA SER G 556 -2.26 -37.21 20.46
C SER G 556 -2.46 -38.64 20.95
N ALA G 557 -3.58 -39.25 20.55
CA ALA G 557 -3.93 -40.60 20.96
C ALA G 557 -2.86 -41.65 20.63
N THR G 558 -2.22 -41.52 19.47
CA THR G 558 -1.17 -42.47 19.04
C THR G 558 0.18 -42.15 19.66
N TYR G 559 0.32 -40.94 20.18
CA TYR G 559 1.48 -40.62 21.01
C TYR G 559 1.41 -41.48 22.26
N PHE G 560 0.27 -41.41 22.96
CA PHE G 560 0.10 -42.12 24.22
C PHE G 560 0.26 -43.64 24.10
N ASN G 561 -0.32 -44.24 23.06
CA ASN G 561 -0.21 -45.69 22.84
C ASN G 561 0.12 -46.04 21.40
N ASP G 562 1.36 -46.45 21.15
CA ASP G 562 1.81 -46.86 19.82
C ASP G 562 0.86 -47.91 19.25
N ASN G 563 0.45 -48.82 20.13
CA ASN G 563 -0.40 -49.94 19.79
C ASN G 563 -1.70 -49.50 19.15
N ILE G 564 -2.34 -48.51 19.78
CA ILE G 564 -3.61 -47.98 19.30
C ILE G 564 -3.61 -47.79 17.78
N LEU G 565 -2.58 -47.08 17.28
CA LEU G 565 -2.44 -46.84 15.85
C LEU G 565 -2.29 -48.14 15.03
N THR G 566 -1.48 -49.08 15.53
CA THR G 566 -1.29 -50.33 14.81
C THR G 566 -2.52 -51.23 14.91
N LEU G 567 -3.29 -51.10 15.99
CA LEU G 567 -4.57 -51.78 16.07
C LEU G 567 -5.47 -51.28 14.94
N ILE G 568 -5.78 -49.99 14.94
CA ILE G 568 -6.72 -49.42 13.95
C ILE G 568 -6.31 -49.72 12.54
N ARG G 569 -5.04 -49.50 12.22
CA ARG G 569 -4.56 -49.71 10.86
C ARG G 569 -4.82 -51.17 10.47
N THR G 570 -4.49 -52.09 11.38
CA THR G 570 -4.73 -53.52 11.18
C THR G 570 -6.21 -53.77 11.00
N LEU G 571 -7.02 -53.25 11.92
CA LEU G 571 -8.48 -53.42 11.88
C LEU G 571 -9.10 -52.87 10.61
N VAL G 572 -8.72 -51.66 10.23
CA VAL G 572 -9.37 -50.93 9.15
C VAL G 572 -9.00 -51.40 7.74
N THR G 573 -7.72 -51.65 7.49
CA THR G 573 -7.28 -51.99 6.14
C THR G 573 -7.31 -53.47 5.79
N GLY G 574 -7.57 -54.31 6.80
CA GLY G 574 -7.54 -55.76 6.61
C GLY G 574 -6.19 -56.35 7.00
N GLY G 575 -5.13 -55.93 6.31
CA GLY G 575 -3.80 -56.45 6.54
C GLY G 575 -2.72 -55.40 6.75
N ALA G 576 -1.52 -55.88 7.09
CA ALA G 576 -0.36 -55.03 7.34
C ALA G 576 0.93 -55.87 7.24
N LEU G 580 5.79 -57.29 5.00
CA LEU G 580 4.61 -56.52 5.34
C LEU G 580 4.59 -55.19 4.59
N GLU G 581 5.20 -54.17 5.19
CA GLU G 581 5.35 -52.85 4.60
C GLU G 581 6.38 -52.81 3.47
N ALA G 582 7.47 -53.58 3.61
CA ALA G 582 8.58 -53.59 2.63
C ALA G 582 8.17 -54.09 1.26
N LEU G 583 7.51 -55.25 1.21
CA LEU G 583 6.92 -55.77 -0.03
C LEU G 583 6.02 -54.70 -0.61
N LEU G 584 5.18 -54.12 0.25
CA LEU G 584 4.32 -53.00 -0.11
C LEU G 584 5.10 -51.73 -0.49
N ALA G 585 6.28 -51.54 0.10
CA ALA G 585 7.06 -50.31 -0.05
C ALA G 585 7.96 -50.27 -1.28
N GLU G 586 8.72 -51.34 -1.49
CA GLU G 586 9.67 -51.42 -2.60
C GLU G 586 8.98 -51.14 -3.92
N GLU G 587 7.84 -51.78 -4.14
CA GLU G 587 6.96 -51.46 -5.26
C GLU G 587 5.57 -51.08 -4.80
N ASN G 588 5.03 -50.03 -5.41
CA ASN G 588 3.66 -49.60 -5.16
C ASN G 588 2.67 -50.59 -5.75
N ALA G 589 3.04 -51.19 -6.88
CA ALA G 589 2.32 -52.33 -7.45
C ALA G 589 2.47 -53.54 -6.52
N LEU G 590 1.41 -54.33 -6.38
CA LEU G 590 1.36 -55.40 -5.39
C LEU G 590 1.56 -56.81 -5.98
N ARG G 591 2.48 -57.56 -5.39
CA ARG G 591 2.84 -58.90 -5.86
C ARG G 591 1.80 -59.94 -5.45
N GLY G 592 1.47 -60.82 -6.40
CA GLY G 592 0.59 -61.95 -6.13
C GLY G 592 1.38 -63.23 -6.27
N GLY G 593 1.13 -64.19 -5.39
CA GLY G 593 1.83 -65.47 -5.43
C GLY G 593 0.95 -66.68 -5.26
N TYR G 594 1.51 -67.85 -5.55
CA TYR G 594 0.87 -69.12 -5.26
C TYR G 594 0.74 -69.32 -3.75
N SER G 595 -0.42 -69.83 -3.33
CA SER G 595 -0.70 -70.04 -1.90
C SER G 595 0.06 -71.23 -1.32
N THR G 596 0.68 -71.01 -0.16
CA THR G 596 1.26 -72.07 0.64
C THR G 596 0.33 -72.34 1.81
N PRO G 597 0.45 -73.50 2.49
CA PRO G 597 -0.48 -73.75 3.61
C PRO G 597 -0.24 -72.76 4.75
N GLN G 598 0.93 -72.13 4.74
CA GLN G 598 1.25 -71.06 5.67
C GLN G 598 0.54 -69.74 5.34
N THR G 599 0.27 -69.52 4.04
CA THR G 599 -0.44 -68.31 3.60
C THR G 599 -1.96 -68.49 3.72
N LEU G 600 -2.47 -69.62 3.26
CA LEU G 600 -3.89 -69.97 3.43
C LEU G 600 -4.29 -69.97 4.92
N ALA G 601 -3.27 -69.94 5.79
CA ALA G 601 -3.48 -69.87 7.23
C ALA G 601 -3.86 -68.46 7.69
N ASN G 602 -3.41 -67.46 6.94
CA ASN G 602 -3.66 -66.06 7.30
C ASN G 602 -5.10 -65.60 7.10
N ARG G 603 -5.87 -66.36 6.34
CA ARG G 603 -7.28 -66.05 6.09
C ARG G 603 -8.10 -66.06 7.38
N ASP G 604 -7.50 -66.56 8.46
CA ASP G 604 -8.19 -66.81 9.72
C ASP G 604 -8.57 -65.56 10.53
N ARG G 605 -8.16 -64.39 10.07
CA ARG G 605 -8.50 -63.12 10.71
C ARG G 605 -10.02 -62.95 10.84
N CYS G 606 -10.45 -62.31 11.93
CA CYS G 606 -11.86 -61.98 12.13
C CYS G 606 -12.34 -61.01 11.06
N ARG G 607 -13.62 -60.65 11.12
CA ARG G 607 -14.17 -59.69 10.18
C ARG G 607 -15.33 -58.91 10.79
N VAL G 608 -15.45 -57.65 10.40
CA VAL G 608 -16.55 -56.81 10.84
C VAL G 608 -17.82 -57.25 10.13
N ALA G 609 -18.93 -57.26 10.87
CA ALA G 609 -20.23 -57.54 10.27
C ALA G 609 -21.35 -56.94 11.08
N GLN G 610 -22.48 -56.72 10.42
CA GLN G 610 -23.65 -56.15 11.05
C GLN G 610 -24.77 -57.16 10.93
N LEU G 611 -25.38 -57.49 12.06
CA LEU G 611 -26.38 -58.56 12.13
C LEU G 611 -27.73 -58.06 12.63
N ALA G 612 -28.79 -58.79 12.27
CA ALA G 612 -30.14 -58.48 12.70
C ALA G 612 -30.62 -59.45 13.76
N LEU G 613 -31.50 -58.99 14.63
CA LEU G 613 -32.11 -59.86 15.63
C LEU G 613 -33.28 -60.63 15.01
N TYR G 614 -34.02 -59.98 14.13
CA TYR G 614 -35.16 -60.57 13.42
C TYR G 614 -34.89 -61.97 12.84
N ASP G 615 -33.79 -62.11 12.09
CA ASP G 615 -33.42 -63.39 11.46
C ASP G 615 -32.42 -64.14 12.33
N GLY G 616 -32.00 -63.49 13.41
CA GLY G 616 -30.92 -63.96 14.26
C GLY G 616 -31.09 -65.34 14.84
N PRO G 617 -29.98 -66.05 15.02
CA PRO G 617 -29.97 -67.29 15.79
C PRO G 617 -30.25 -66.98 17.25
N PHE G 618 -29.77 -65.81 17.70
CA PHE G 618 -30.00 -65.30 19.04
C PHE G 618 -31.20 -64.35 19.07
N ALA G 619 -32.12 -64.54 18.12
CA ALA G 619 -33.31 -63.70 17.94
C ALA G 619 -34.23 -63.63 19.16
N ASP G 620 -34.35 -64.76 19.86
CA ASP G 620 -35.22 -64.91 21.02
C ASP G 620 -34.98 -63.84 22.10
N LEU G 621 -33.74 -63.37 22.19
CA LEU G 621 -33.34 -62.32 23.13
C LEU G 621 -33.96 -60.95 22.79
N GLY G 622 -34.16 -60.68 21.50
CA GLY G 622 -34.82 -59.46 21.04
C GLY G 622 -36.29 -59.42 21.45
N ASP G 623 -36.89 -58.23 21.32
CA ASP G 623 -38.27 -57.96 21.76
C ASP G 623 -38.38 -57.70 23.27
N GLY G 624 -37.26 -57.33 23.89
CA GLY G 624 -37.26 -56.95 25.31
C GLY G 624 -36.06 -57.41 26.12
N GLY G 625 -35.35 -58.42 25.63
CA GLY G 625 -34.22 -59.02 26.36
C GLY G 625 -33.06 -58.07 26.57
N CYS G 626 -32.23 -58.37 27.57
CA CYS G 626 -31.07 -57.53 27.87
C CYS G 626 -29.91 -57.84 26.95
N TYR G 627 -29.18 -56.80 26.55
CA TYR G 627 -28.02 -56.93 25.68
C TYR G 627 -26.94 -57.79 26.35
N GLY G 628 -26.74 -57.58 27.65
CA GLY G 628 -25.81 -58.38 28.44
C GLY G 628 -26.04 -59.87 28.33
N ASP G 629 -27.31 -60.27 28.45
CA ASP G 629 -27.72 -61.67 28.26
C ASP G 629 -27.38 -62.18 26.86
N LEU G 630 -27.57 -61.34 25.84
CA LEU G 630 -27.24 -61.69 24.45
C LEU G 630 -25.75 -61.78 24.22
N PHE G 631 -25.03 -60.72 24.58
CA PHE G 631 -23.60 -60.64 24.32
C PHE G 631 -22.89 -61.96 24.61
N CYS G 632 -22.98 -62.39 25.87
CA CYS G 632 -22.32 -63.61 26.34
C CYS G 632 -22.71 -64.84 25.51
N LYS G 633 -24.02 -65.05 25.37
CA LYS G 633 -24.56 -66.12 24.52
C LYS G 633 -23.89 -66.09 23.15
N ALA G 634 -23.91 -64.91 22.51
CA ALA G 634 -23.29 -64.70 21.21
C ALA G 634 -21.79 -65.03 21.20
N LEU G 635 -21.10 -64.69 22.28
CA LEU G 635 -19.67 -64.95 22.41
C LEU G 635 -19.35 -66.44 22.56
N LYS G 636 -19.87 -67.08 23.60
CA LYS G 636 -19.56 -68.48 23.93
C LYS G 636 -19.98 -69.46 22.83
N THR G 637 -21.11 -69.17 22.17
CA THR G 637 -21.67 -70.05 21.16
C THR G 637 -21.00 -69.97 19.77
N TYR G 638 -20.62 -68.77 19.32
CA TYR G 638 -20.00 -68.62 17.98
C TYR G 638 -18.66 -67.86 17.98
N ASN G 639 -18.16 -67.53 19.17
CA ASN G 639 -16.98 -66.66 19.34
C ASN G 639 -17.12 -65.31 18.64
N MET G 640 -18.33 -64.75 18.71
CA MET G 640 -18.63 -63.44 18.20
C MET G 640 -18.50 -62.38 19.29
N LEU G 641 -17.92 -61.24 18.93
CA LEU G 641 -17.86 -60.08 19.80
C LEU G 641 -18.85 -59.04 19.37
N CYS G 642 -19.79 -58.73 20.26
CA CYS G 642 -20.72 -57.65 19.99
C CYS G 642 -20.27 -56.44 20.77
N PHE G 643 -20.02 -55.34 20.05
CA PHE G 643 -19.62 -54.10 20.68
C PHE G 643 -20.56 -52.93 20.46
N GLY G 644 -21.64 -53.14 19.72
CA GLY G 644 -22.57 -52.06 19.46
C GLY G 644 -23.93 -52.41 18.91
N ILE G 645 -24.92 -51.63 19.33
CA ILE G 645 -26.25 -51.67 18.72
C ILE G 645 -26.35 -50.52 17.71
N TYR G 646 -26.92 -50.81 16.54
CA TYR G 646 -27.15 -49.80 15.51
C TYR G 646 -28.65 -49.56 15.40
N ARG G 647 -29.20 -48.92 16.44
CA ARG G 647 -30.64 -48.70 16.61
C ARG G 647 -31.22 -47.66 15.65
N LEU G 648 -32.50 -47.83 15.30
CA LEU G 648 -33.25 -46.78 14.60
C LEU G 648 -33.39 -45.59 15.54
N ARG G 649 -33.56 -44.39 14.98
CA ARG G 649 -33.66 -43.22 15.84
C ARG G 649 -35.07 -42.99 16.40
N ASP G 650 -35.78 -44.08 16.69
CA ASP G 650 -37.18 -44.03 17.16
C ASP G 650 -37.53 -45.03 18.29
N ALA G 651 -38.14 -44.50 19.36
CA ALA G 651 -38.60 -45.30 20.50
C ALA G 651 -40.06 -44.98 20.85
N PRO G 656 -45.49 -45.29 17.25
CA PRO G 656 -45.28 -44.50 16.04
C PRO G 656 -43.91 -44.77 15.43
N SER G 657 -43.83 -44.79 14.09
CA SER G 657 -42.57 -45.08 13.38
C SER G 657 -42.61 -44.62 11.93
N GLN G 658 -41.51 -44.03 11.45
CA GLN G 658 -41.42 -43.63 10.03
C GLN G 658 -40.05 -43.77 9.37
N CYS G 659 -39.04 -43.17 9.98
CA CYS G 659 -37.71 -43.06 9.38
C CYS G 659 -36.91 -44.37 9.42
N THR G 660 -35.89 -44.45 8.57
CA THR G 660 -35.03 -45.64 8.46
C THR G 660 -33.64 -45.40 9.05
N LYS G 661 -33.31 -44.13 9.30
CA LYS G 661 -32.01 -43.73 9.82
C LYS G 661 -31.70 -44.41 11.15
N ARG G 662 -30.50 -44.94 11.25
CA ARG G 662 -30.05 -45.62 12.45
C ARG G 662 -28.80 -44.93 12.98
N TYR G 663 -28.74 -44.78 14.30
CA TYR G 663 -27.59 -44.17 14.96
C TYR G 663 -26.80 -45.21 15.74
N VAL G 664 -25.60 -44.84 16.16
CA VAL G 664 -24.64 -45.80 16.73
C VAL G 664 -24.55 -45.71 18.25
N ILE G 665 -24.68 -46.86 18.92
CA ILE G 665 -24.47 -46.96 20.37
C ILE G 665 -23.32 -47.92 20.68
N THR G 666 -22.18 -47.36 21.08
CA THR G 666 -20.97 -48.13 21.41
C THR G 666 -21.01 -48.72 22.82
N ASN G 667 -20.70 -50.01 22.89
CA ASN G 667 -20.50 -50.74 24.16
C ASN G 667 -21.61 -50.52 25.20
N PRO G 668 -22.84 -50.99 24.91
CA PRO G 668 -23.95 -50.75 25.85
C PRO G 668 -23.81 -51.63 27.09
N PRO G 669 -24.42 -51.21 28.23
CA PRO G 669 -24.26 -51.90 29.50
C PRO G 669 -24.95 -53.28 29.53
N TYR G 670 -24.58 -54.13 30.48
CA TYR G 670 -25.14 -55.48 30.61
C TYR G 670 -26.65 -55.47 30.82
N GLU G 671 -27.17 -54.34 31.26
CA GLU G 671 -28.59 -54.17 31.51
C GLU G 671 -29.18 -53.19 30.51
N PHE G 672 -29.19 -53.57 29.22
CA PHE G 672 -29.67 -52.66 28.17
C PHE G 672 -30.80 -53.29 27.35
N GLU G 673 -31.97 -52.66 27.38
CA GLU G 673 -33.16 -53.18 26.70
C GLU G 673 -33.00 -53.15 25.18
N MET G 674 -33.24 -54.29 24.55
CA MET G 674 -33.21 -54.41 23.09
C MET G 674 -34.59 -54.14 22.50
N VAL G 675 -34.67 -54.31 21.18
CA VAL G 675 -35.88 -54.12 20.39
C VAL G 675 -35.73 -55.12 19.24
N PRO G 676 -36.83 -55.49 18.56
CA PRO G 676 -36.65 -56.31 17.35
C PRO G 676 -35.90 -55.58 16.23
N THR G 677 -36.05 -54.26 16.17
CA THR G 677 -35.53 -53.46 15.06
C THR G 677 -34.03 -53.27 15.12
N ASP G 678 -33.42 -53.58 16.26
CA ASP G 678 -31.98 -53.37 16.48
C ASP G 678 -31.07 -54.14 15.53
N LEU G 679 -29.86 -53.63 15.36
CA LEU G 679 -28.81 -54.31 14.60
C LEU G 679 -27.55 -54.40 15.45
N ILE G 680 -26.70 -55.37 15.17
CA ILE G 680 -25.53 -55.62 16.01
C ILE G 680 -24.21 -55.47 15.27
N PHE G 681 -23.39 -54.52 15.73
CA PHE G 681 -22.00 -54.43 15.29
C PHE G 681 -21.25 -55.56 15.98
N CYS G 682 -20.47 -56.31 15.21
CA CYS G 682 -19.73 -57.43 15.77
C CYS G 682 -18.55 -57.89 14.93
N LEU G 683 -17.64 -58.60 15.60
CA LEU G 683 -16.49 -59.23 14.95
C LEU G 683 -16.69 -60.74 14.93
N MET G 684 -16.98 -61.27 13.75
CA MET G 684 -17.20 -62.71 13.57
C MET G 684 -15.89 -63.40 13.23
N GLN G 685 -15.81 -64.69 13.56
CA GLN G 685 -14.64 -65.50 13.24
C GLN G 685 -14.63 -65.92 11.77
N PHE G 686 -13.73 -66.80 11.40
CA PHE G 686 -13.67 -67.28 10.03
C PHE G 686 -13.77 -68.81 9.93
N LYS H 4 -9.91 25.26 -39.53
CA LYS H 4 -9.79 23.79 -39.67
C LYS H 4 -9.01 23.17 -38.50
N HIS H 5 -9.49 22.03 -38.00
CA HIS H 5 -8.81 21.33 -36.92
C HIS H 5 -8.90 19.84 -37.05
N ILE H 6 -7.99 19.11 -36.42
CA ILE H 6 -8.02 17.65 -36.45
C ILE H 6 -8.10 17.02 -35.06
N VAL H 7 -8.56 15.77 -35.02
CA VAL H 7 -8.65 15.02 -33.77
C VAL H 7 -7.73 13.80 -33.82
N VAL H 8 -6.74 13.77 -32.95
CA VAL H 8 -5.84 12.62 -32.84
C VAL H 8 -6.25 11.85 -31.60
N CYS H 9 -6.35 10.53 -31.74
CA CYS H 9 -6.79 9.67 -30.65
C CYS H 9 -6.09 8.31 -30.68
N GLY H 10 -6.57 7.38 -29.86
CA GLY H 10 -5.97 6.06 -29.75
C GLY H 10 -4.79 6.10 -28.80
N HIS H 11 -3.73 5.37 -29.15
CA HIS H 11 -2.54 5.28 -28.31
C HIS H 11 -1.70 6.53 -28.39
N ILE H 12 -1.91 7.40 -27.40
CA ILE H 12 -1.24 8.68 -27.31
C ILE H 12 -0.29 8.71 -26.11
N THR H 13 1.01 8.57 -26.40
CA THR H 13 2.05 8.63 -25.38
C THR H 13 2.82 9.90 -25.60
N LEU H 14 3.51 10.37 -24.57
CA LEU H 14 4.46 11.45 -24.72
C LEU H 14 5.33 11.28 -25.96
N GLU H 15 5.91 10.09 -26.11
CA GLU H 15 6.77 9.79 -27.26
C GLU H 15 6.02 9.87 -28.60
N SER H 16 4.77 9.43 -28.61
CA SER H 16 3.98 9.39 -29.85
C SER H 16 3.54 10.79 -30.28
N VAL H 17 3.12 11.59 -29.29
CA VAL H 17 2.74 12.97 -29.52
C VAL H 17 3.90 13.79 -30.06
N SER H 18 5.03 13.76 -29.36
CA SER H 18 6.21 14.51 -29.77
C SER H 18 6.64 14.14 -31.19
N ASN H 19 6.63 12.84 -31.50
CA ASN H 19 6.94 12.37 -32.84
C ASN H 19 5.94 12.85 -33.89
N PHE H 20 4.67 12.87 -33.53
CA PHE H 20 3.63 13.30 -34.43
C PHE H 20 3.78 14.78 -34.76
N LEU H 21 4.07 15.58 -33.74
CA LEU H 21 4.16 17.02 -33.91
C LEU H 21 5.35 17.43 -34.78
N LYS H 22 6.48 16.73 -34.61
CA LYS H 22 7.68 17.00 -35.40
C LYS H 22 7.38 16.87 -36.89
N ASP H 23 6.74 15.76 -37.26
CA ASP H 23 6.46 15.43 -38.66
C ASP H 23 5.38 16.30 -39.28
N PHE H 24 4.63 17.01 -38.44
CA PHE H 24 3.50 17.80 -38.92
C PHE H 24 3.90 19.16 -39.50
N LEU H 25 4.94 19.80 -38.93
CA LEU H 25 5.13 21.25 -39.13
C LEU H 25 6.53 21.73 -39.56
N HIS H 26 7.03 21.23 -40.69
CA HIS H 26 8.45 21.41 -41.02
C HIS H 26 8.76 22.34 -42.16
N LYS H 27 8.74 21.78 -43.38
CA LYS H 27 9.01 22.49 -44.63
C LYS H 27 7.71 22.68 -45.36
N ASP H 28 6.65 22.02 -44.89
CA ASP H 28 5.34 22.03 -45.52
C ASP H 28 4.83 23.45 -45.72
N ARG H 29 4.07 23.67 -46.79
CA ARG H 29 3.66 25.03 -47.22
C ARG H 29 2.99 25.87 -46.12
N ASP H 30 1.97 25.32 -45.47
CA ASP H 30 1.25 26.04 -44.41
C ASP H 30 0.88 25.13 -43.24
N ASP H 31 1.29 25.55 -42.05
CA ASP H 31 0.97 24.83 -40.81
C ASP H 31 0.02 25.66 -39.95
N VAL H 32 -0.07 26.96 -40.25
CA VAL H 32 -0.90 27.92 -39.51
C VAL H 32 -2.39 27.56 -39.49
N ASN H 33 -2.82 26.78 -40.50
CA ASN H 33 -4.22 26.43 -40.70
C ASN H 33 -4.83 25.45 -39.70
N VAL H 34 -4.07 24.42 -39.30
CA VAL H 34 -4.63 23.29 -38.56
C VAL H 34 -4.38 23.34 -37.05
N GLU H 35 -5.44 23.16 -36.28
CA GLU H 35 -5.33 23.00 -34.83
C GLU H 35 -5.44 21.50 -34.49
N ILE H 36 -4.45 21.01 -33.76
CA ILE H 36 -4.40 19.60 -33.39
C ILE H 36 -4.98 19.39 -32.00
N VAL H 37 -6.04 18.59 -31.93
CA VAL H 37 -6.67 18.28 -30.67
C VAL H 37 -6.45 16.81 -30.33
N PHE H 38 -5.60 16.56 -29.35
CA PHE H 38 -5.38 15.20 -28.86
C PHE H 38 -6.48 14.79 -27.89
N LEU H 39 -6.91 13.53 -28.02
CA LEU H 39 -7.88 12.95 -27.10
C LEU H 39 -7.38 11.61 -26.59
N HIS H 40 -6.97 11.58 -25.32
CA HIS H 40 -6.50 10.37 -24.66
C HIS H 40 -7.48 9.92 -23.63
N ASN H 41 -7.20 8.81 -22.96
CA ASN H 41 -7.98 8.42 -21.79
C ASN H 41 -7.12 8.13 -20.57
N ILE H 42 -5.81 8.37 -20.72
CA ILE H 42 -4.84 8.18 -19.65
C ILE H 42 -4.86 9.34 -18.65
N SER H 43 -4.17 9.15 -17.52
CA SER H 43 -4.03 10.17 -16.48
C SER H 43 -3.54 11.50 -17.06
N PRO H 44 -4.28 12.60 -16.79
CA PRO H 44 -4.04 13.92 -17.38
C PRO H 44 -2.56 14.33 -17.48
N ASN H 45 -1.84 14.26 -16.36
CA ASN H 45 -0.45 14.76 -16.26
C ASN H 45 -0.37 16.22 -16.77
N LEU H 46 -1.26 17.05 -16.25
CA LEU H 46 -1.43 18.43 -16.73
C LEU H 46 -0.11 19.17 -16.93
N GLU H 47 0.82 18.97 -16.01
CA GLU H 47 2.14 19.61 -16.06
C GLU H 47 2.90 19.35 -17.36
N LEU H 48 3.04 18.07 -17.74
CA LEU H 48 3.75 17.69 -18.97
C LEU H 48 3.06 18.28 -20.19
N GLU H 49 1.73 18.25 -20.17
CA GLU H 49 0.90 18.84 -21.22
C GLU H 49 1.01 20.37 -21.24
N ALA H 50 1.03 20.96 -20.05
CA ALA H 50 1.03 22.41 -19.90
C ALA H 50 2.07 23.09 -20.79
N LEU H 51 3.30 22.57 -20.76
CA LEU H 51 4.43 23.11 -21.53
C LEU H 51 4.20 23.02 -23.03
N PHE H 52 3.71 21.86 -23.49
CA PHE H 52 3.37 21.63 -24.89
C PHE H 52 2.54 22.77 -25.45
N LYS H 53 1.40 23.02 -24.80
CA LYS H 53 0.47 24.08 -25.21
C LYS H 53 1.14 25.45 -25.35
N ARG H 54 2.18 25.68 -24.54
CA ARG H 54 2.97 26.90 -24.60
C ARG H 54 3.86 27.01 -25.84
N HIS H 55 4.46 25.89 -26.27
CA HIS H 55 5.29 25.88 -27.49
C HIS H 55 4.47 25.94 -28.75
N PHE H 56 3.48 25.05 -28.87
CA PHE H 56 2.57 25.07 -30.01
C PHE H 56 1.20 25.59 -29.56
N THR H 57 0.76 26.70 -30.13
CA THR H 57 -0.53 27.30 -29.75
C THR H 57 -1.67 26.63 -30.53
N GLN H 58 -1.35 25.50 -31.16
CA GLN H 58 -2.29 24.81 -32.02
C GLN H 58 -2.71 23.48 -31.40
N VAL H 59 -2.27 23.26 -30.16
CA VAL H 59 -2.39 21.95 -29.52
C VAL H 59 -3.23 22.02 -28.26
N GLU H 60 -4.31 21.22 -28.21
CA GLU H 60 -5.16 21.10 -27.02
C GLU H 60 -5.35 19.64 -26.61
N PHE H 61 -5.33 19.39 -25.31
CA PHE H 61 -5.44 18.03 -24.76
C PHE H 61 -6.77 17.89 -24.02
N TYR H 62 -7.50 16.82 -24.31
CA TYR H 62 -8.72 16.51 -23.57
C TYR H 62 -8.72 15.03 -23.27
N GLN H 63 -9.10 14.65 -22.06
CA GLN H 63 -9.25 13.23 -21.76
C GLN H 63 -10.68 12.75 -21.89
N GLY H 64 -10.82 11.45 -22.09
CA GLY H 64 -12.10 10.83 -22.39
C GLY H 64 -11.94 9.73 -23.41
N SER H 65 -13.03 9.07 -23.75
CA SER H 65 -12.99 7.97 -24.71
C SER H 65 -13.49 8.42 -26.08
N VAL H 66 -13.13 7.65 -27.10
CA VAL H 66 -13.59 7.89 -28.46
C VAL H 66 -14.93 7.18 -28.65
N LEU H 67 -15.32 6.43 -27.62
CA LEU H 67 -16.54 5.64 -27.63
C LEU H 67 -17.65 6.34 -26.85
N ASN H 68 -17.42 7.60 -26.49
CA ASN H 68 -18.39 8.36 -25.72
C ASN H 68 -18.94 9.54 -26.51
N PRO H 69 -20.21 9.45 -26.93
CA PRO H 69 -20.85 10.45 -27.80
C PRO H 69 -20.69 11.86 -27.27
N HIS H 70 -20.64 12.00 -25.94
CA HIS H 70 -20.41 13.30 -25.31
C HIS H 70 -19.02 13.82 -25.61
N ASP H 71 -18.02 12.96 -25.43
CA ASP H 71 -16.63 13.35 -25.65
C ASP H 71 -16.35 13.71 -27.11
N LEU H 72 -16.91 12.93 -28.03
CA LEU H 72 -16.75 13.20 -29.46
C LEU H 72 -17.33 14.58 -29.82
N ALA H 73 -18.44 14.91 -29.18
CA ALA H 73 -19.06 16.21 -29.36
C ALA H 73 -18.26 17.32 -28.69
N ARG H 74 -17.63 16.99 -27.56
CA ARG H 74 -16.83 17.95 -26.81
C ARG H 74 -15.59 18.35 -27.57
N VAL H 75 -15.00 17.38 -28.25
CA VAL H 75 -13.82 17.58 -29.10
C VAL H 75 -14.25 18.08 -30.48
N LYS H 76 -15.55 18.07 -30.72
CA LYS H 76 -16.15 18.50 -31.97
C LYS H 76 -15.53 17.76 -33.16
N ILE H 77 -15.71 16.42 -33.12
CA ILE H 77 -15.21 15.52 -34.16
C ILE H 77 -15.92 15.74 -35.48
N GLU H 78 -17.22 16.07 -35.39
CA GLU H 78 -18.09 16.29 -36.55
C GLU H 78 -17.63 17.41 -37.50
N SER H 79 -17.03 18.46 -36.93
CA SER H 79 -16.52 19.61 -37.67
C SER H 79 -15.11 19.36 -38.17
N ALA H 80 -14.33 18.62 -37.38
CA ALA H 80 -12.92 18.36 -37.65
C ALA H 80 -12.62 17.86 -39.05
N ASP H 81 -11.57 18.42 -39.64
CA ASP H 81 -11.11 18.06 -40.98
C ASP H 81 -10.94 16.54 -41.11
N ALA H 82 -10.21 15.95 -40.16
CA ALA H 82 -9.92 14.51 -40.16
C ALA H 82 -9.62 14.01 -38.76
N CYS H 83 -9.74 12.70 -38.58
CA CYS H 83 -9.42 12.09 -37.30
C CYS H 83 -8.39 10.99 -37.48
N LEU H 84 -7.30 11.08 -36.71
CA LEU H 84 -6.21 10.12 -36.82
C LEU H 84 -6.16 9.22 -35.58
N ILE H 85 -6.13 7.92 -35.84
CA ILE H 85 -6.08 6.90 -34.78
C ILE H 85 -4.71 6.24 -34.74
N LEU H 86 -3.87 6.66 -33.80
CA LEU H 86 -2.56 6.04 -33.59
C LEU H 86 -2.69 4.71 -32.85
N ALA H 87 -1.88 3.74 -33.24
CA ALA H 87 -1.92 2.40 -32.65
C ALA H 87 -0.71 2.13 -31.79
N ASN H 88 -0.84 1.13 -30.92
CA ASN H 88 0.27 0.68 -30.11
C ASN H 88 1.13 -0.27 -30.91
N LYS H 89 2.10 0.29 -31.65
CA LYS H 89 2.96 -0.51 -32.53
C LYS H 89 3.61 -1.67 -31.75
N TYR H 90 4.13 -1.35 -30.57
CA TYR H 90 4.83 -2.32 -29.74
C TYR H 90 3.86 -2.91 -28.71
N CYS H 91 2.76 -3.43 -29.23
CA CYS H 91 1.66 -3.92 -28.42
C CYS H 91 1.94 -5.31 -27.87
N ALA H 92 1.12 -5.72 -26.89
CA ALA H 92 1.17 -7.08 -26.33
C ALA H 92 0.55 -8.11 -27.28
N ASP H 93 -0.71 -7.91 -27.64
CA ASP H 93 -1.40 -8.78 -28.61
C ASP H 93 -1.87 -7.95 -29.81
N PRO H 94 -1.16 -8.08 -30.95
CA PRO H 94 -1.46 -7.29 -32.15
C PRO H 94 -2.91 -7.39 -32.61
N ASP H 95 -3.46 -8.61 -32.64
CA ASP H 95 -4.85 -8.83 -33.05
C ASP H 95 -5.84 -8.07 -32.14
N ALA H 96 -5.58 -8.12 -30.84
CA ALA H 96 -6.40 -7.42 -29.86
C ALA H 96 -6.31 -5.90 -30.04
N GLU H 97 -5.14 -5.40 -30.44
CA GLU H 97 -4.96 -3.97 -30.67
C GLU H 97 -5.79 -3.48 -31.83
N ASP H 98 -5.72 -4.17 -32.96
CA ASP H 98 -6.52 -3.84 -34.12
C ASP H 98 -8.00 -3.92 -33.79
N ALA H 99 -8.39 -5.00 -33.12
CA ALA H 99 -9.75 -5.17 -32.64
C ALA H 99 -10.22 -3.91 -31.94
N SER H 100 -9.37 -3.40 -31.04
CA SER H 100 -9.67 -2.21 -30.26
C SER H 100 -9.77 -0.97 -31.15
N ASN H 101 -8.83 -0.84 -32.09
CA ASN H 101 -8.81 0.31 -33.00
C ASN H 101 -9.98 0.33 -33.97
N ILE H 102 -10.34 -0.85 -34.48
CA ILE H 102 -11.49 -0.97 -35.37
C ILE H 102 -12.75 -0.46 -34.67
N MET H 103 -12.92 -0.81 -33.40
CA MET H 103 -14.04 -0.32 -32.60
C MET H 103 -14.11 1.20 -32.58
N ARG H 104 -12.97 1.85 -32.46
CA ARG H 104 -12.91 3.32 -32.51
C ARG H 104 -13.44 3.81 -33.85
N VAL H 105 -12.95 3.22 -34.94
CA VAL H 105 -13.39 3.58 -36.27
C VAL H 105 -14.91 3.44 -36.34
N ILE H 106 -15.42 2.27 -35.94
CA ILE H 106 -16.86 2.06 -35.87
C ILE H 106 -17.54 3.20 -35.11
N SER H 107 -17.04 3.52 -33.92
CA SER H 107 -17.62 4.56 -33.07
C SER H 107 -17.57 5.96 -33.68
N ILE H 108 -16.39 6.35 -34.17
CA ILE H 108 -16.24 7.67 -34.81
C ILE H 108 -17.17 7.79 -36.02
N LYS H 109 -17.34 6.68 -36.74
CA LYS H 109 -18.26 6.64 -37.87
C LYS H 109 -19.71 6.67 -37.43
N ASN H 110 -20.00 6.02 -36.30
CA ASN H 110 -21.33 6.01 -35.72
C ASN H 110 -21.78 7.42 -35.38
N TYR H 111 -20.88 8.22 -34.79
CA TYR H 111 -21.23 9.57 -34.39
C TYR H 111 -21.42 10.49 -35.59
N HIS H 112 -20.49 10.45 -36.52
CA HIS H 112 -20.57 11.25 -37.73
C HIS H 112 -19.88 10.52 -38.85
N PRO H 113 -20.65 10.02 -39.82
CA PRO H 113 -20.13 9.13 -40.85
C PRO H 113 -19.22 9.82 -41.88
N LYS H 114 -19.55 11.06 -42.22
CA LYS H 114 -18.78 11.83 -43.20
C LYS H 114 -17.50 12.43 -42.60
N ILE H 115 -16.65 11.59 -42.03
CA ILE H 115 -15.38 12.02 -41.45
C ILE H 115 -14.25 11.31 -42.15
N ARG H 116 -13.13 12.02 -42.33
CA ARG H 116 -11.90 11.40 -42.81
C ARG H 116 -11.18 10.72 -41.64
N ILE H 117 -10.95 9.41 -41.77
CA ILE H 117 -10.24 8.64 -40.74
C ILE H 117 -8.95 8.04 -41.26
N ILE H 118 -7.81 8.47 -40.71
CA ILE H 118 -6.53 7.85 -40.98
C ILE H 118 -6.22 6.94 -39.80
N THR H 119 -5.97 5.65 -40.05
CA THR H 119 -5.74 4.72 -38.94
C THR H 119 -4.62 3.72 -39.19
N GLN H 120 -3.87 3.40 -38.13
CA GLN H 120 -2.80 2.43 -38.22
C GLN H 120 -3.31 1.02 -37.93
N MET H 121 -2.78 0.03 -38.65
CA MET H 121 -3.15 -1.36 -38.43
C MET H 121 -1.92 -2.23 -38.31
N LEU H 122 -1.94 -3.13 -37.32
CA LEU H 122 -0.78 -3.97 -37.03
C LEU H 122 -0.68 -5.22 -37.89
N GLN H 123 -1.82 -5.81 -38.22
CA GLN H 123 -1.85 -7.04 -39.02
C GLN H 123 -2.65 -6.74 -40.28
N TYR H 124 -2.25 -7.29 -41.42
CA TYR H 124 -3.01 -7.07 -42.65
C TYR H 124 -4.42 -7.64 -42.54
N HIS H 125 -4.53 -8.92 -42.18
CA HIS H 125 -5.83 -9.63 -42.20
C HIS H 125 -6.96 -8.86 -41.54
N ASN H 126 -6.62 -8.07 -40.53
CA ASN H 126 -7.56 -7.20 -39.84
C ASN H 126 -7.95 -5.98 -40.65
N LYS H 127 -7.02 -5.46 -41.45
CA LYS H 127 -7.26 -4.29 -42.31
C LYS H 127 -8.47 -4.50 -43.21
N ALA H 128 -8.64 -5.73 -43.70
CA ALA H 128 -9.81 -6.12 -44.49
C ALA H 128 -11.14 -5.76 -43.80
N HIS H 129 -11.27 -6.12 -42.52
CA HIS H 129 -12.50 -5.85 -41.74
C HIS H 129 -13.04 -4.46 -41.86
N LEU H 130 -12.14 -3.47 -42.04
CA LEU H 130 -12.53 -2.07 -42.11
C LEU H 130 -13.51 -1.77 -43.25
N LEU H 131 -13.55 -2.64 -44.24
CA LEU H 131 -14.44 -2.47 -45.39
C LEU H 131 -15.89 -2.84 -45.07
N ASN H 132 -16.06 -3.70 -44.07
CA ASN H 132 -17.39 -4.08 -43.57
C ASN H 132 -18.14 -2.93 -42.92
N ILE H 133 -17.39 -1.96 -42.41
CA ILE H 133 -17.98 -0.77 -41.83
C ILE H 133 -18.60 0.09 -42.93
N PRO H 134 -19.92 0.33 -42.83
CA PRO H 134 -20.71 1.05 -43.82
C PRO H 134 -20.16 2.41 -44.24
N SER H 135 -19.78 3.23 -43.26
CA SER H 135 -19.39 4.62 -43.54
C SER H 135 -17.94 4.74 -44.02
N TRP H 136 -17.22 3.62 -44.05
CA TRP H 136 -15.82 3.58 -44.47
C TRP H 136 -15.69 3.82 -45.95
N ASN H 137 -15.07 4.94 -46.31
CA ASN H 137 -14.91 5.33 -47.71
C ASN H 137 -13.49 5.22 -48.23
N TRP H 138 -13.17 4.08 -48.87
CA TRP H 138 -11.87 3.84 -49.48
C TRP H 138 -11.61 4.81 -50.61
N LYS H 139 -12.70 5.29 -51.23
CA LYS H 139 -12.69 6.23 -52.34
C LYS H 139 -12.69 7.69 -51.87
N GLU H 140 -13.28 7.97 -50.72
CA GLU H 140 -13.10 9.29 -50.09
C GLU H 140 -11.79 9.29 -49.30
N GLY H 141 -11.67 10.19 -48.32
CA GLY H 141 -10.42 10.39 -47.58
C GLY H 141 -9.90 9.27 -46.69
N ASP H 142 -10.82 8.40 -46.25
CA ASP H 142 -10.50 7.29 -45.34
C ASP H 142 -9.42 6.39 -45.93
N ASP H 143 -8.36 6.20 -45.16
CA ASP H 143 -7.26 5.32 -45.53
C ASP H 143 -6.66 4.69 -44.27
N ALA H 144 -6.23 3.44 -44.39
CA ALA H 144 -5.61 2.74 -43.28
C ALA H 144 -4.17 2.33 -43.60
N ILE H 145 -3.23 2.90 -42.86
CA ILE H 145 -1.83 2.55 -42.98
C ILE H 145 -1.57 1.21 -42.31
N CYS H 146 -1.43 0.14 -43.10
CA CYS H 146 -1.09 -1.15 -42.53
C CYS H 146 0.41 -1.26 -42.30
N LEU H 147 0.81 -1.25 -41.03
CA LEU H 147 2.21 -1.27 -40.66
C LEU H 147 2.88 -2.58 -41.05
N ALA H 148 2.16 -3.69 -40.91
CA ALA H 148 2.70 -5.01 -41.27
C ALA H 148 3.08 -5.10 -42.75
N GLU H 149 2.17 -4.65 -43.61
CA GLU H 149 2.34 -4.79 -45.06
C GLU H 149 3.45 -3.87 -45.59
N LEU H 150 3.60 -2.70 -44.99
CA LEU H 150 4.60 -1.74 -45.42
C LEU H 150 5.98 -2.11 -44.93
N LYS H 151 6.10 -2.44 -43.64
CA LYS H 151 7.38 -2.89 -43.08
C LYS H 151 7.93 -4.00 -43.97
N ALA H 152 7.07 -4.97 -44.27
CA ALA H 152 7.44 -6.12 -45.11
C ALA H 152 7.87 -5.67 -46.50
N GLY H 153 7.06 -4.85 -47.13
CA GLY H 153 7.34 -4.36 -48.46
C GLY H 153 8.65 -3.59 -48.58
N PHE H 154 8.92 -2.71 -47.61
CA PHE H 154 10.15 -1.92 -47.59
C PHE H 154 11.37 -2.83 -47.56
N ILE H 155 11.29 -3.87 -46.73
CA ILE H 155 12.36 -4.86 -46.63
C ILE H 155 12.44 -5.66 -47.92
N ALA H 156 11.29 -5.98 -48.49
CA ALA H 156 11.24 -6.69 -49.77
C ALA H 156 11.90 -5.89 -50.88
N GLN H 157 11.60 -4.59 -50.93
CA GLN H 157 12.17 -3.68 -51.91
C GLN H 157 13.68 -3.57 -51.78
N SER H 158 14.19 -3.85 -50.59
CA SER H 158 15.63 -3.88 -50.36
C SER H 158 16.32 -5.11 -50.94
N CYS H 159 15.57 -6.19 -51.12
CA CYS H 159 16.12 -7.40 -51.75
C CYS H 159 16.47 -7.15 -53.22
N LEU H 160 15.63 -6.34 -53.88
CA LEU H 160 15.84 -5.96 -55.27
C LEU H 160 16.96 -4.94 -55.38
N ALA H 161 16.85 -3.86 -54.60
CA ALA H 161 17.89 -2.85 -54.55
C ALA H 161 18.28 -2.54 -53.11
N GLN H 162 19.41 -3.08 -52.66
CA GLN H 162 19.82 -2.91 -51.28
C GLN H 162 19.99 -1.44 -50.90
N GLY H 163 19.36 -1.03 -49.81
CA GLY H 163 19.38 0.35 -49.36
C GLY H 163 18.13 1.11 -49.72
N LEU H 164 17.30 0.52 -50.58
CA LEU H 164 16.06 1.16 -50.98
C LEU H 164 15.17 1.44 -49.77
N SER H 165 15.10 0.48 -48.84
CA SER H 165 14.29 0.62 -47.61
C SER H 165 14.53 1.95 -46.90
N THR H 166 15.80 2.29 -46.68
CA THR H 166 16.12 3.52 -45.94
C THR H 166 16.07 4.76 -46.84
N MET H 167 16.23 4.54 -48.14
CA MET H 167 16.09 5.62 -49.11
C MET H 167 14.63 6.05 -49.22
N LEU H 168 13.77 5.05 -49.26
CA LEU H 168 12.33 5.24 -49.39
C LEU H 168 11.72 5.72 -48.08
N ALA H 169 12.48 5.62 -46.99
CA ALA H 169 12.01 6.03 -45.68
C ALA H 169 12.36 7.48 -45.37
N ASN H 170 13.61 7.86 -45.60
CA ASN H 170 14.09 9.24 -45.40
C ASN H 170 13.35 10.22 -46.30
N LEU H 171 12.97 9.70 -47.46
CA LEU H 171 12.19 10.40 -48.47
C LEU H 171 10.82 10.83 -47.91
N PHE H 172 10.28 10.01 -47.01
CA PHE H 172 8.92 10.20 -46.49
C PHE H 172 8.81 11.01 -45.21
N SER H 173 9.81 10.88 -44.35
CA SER H 173 9.85 11.62 -43.12
C SER H 173 10.31 13.05 -43.39
N MET H 174 9.46 14.01 -43.01
CA MET H 174 9.77 15.44 -43.22
C MET H 174 11.03 15.81 -42.43
N ARG H 175 12.09 16.15 -43.16
CA ARG H 175 13.38 16.53 -42.59
C ARG H 175 14.07 17.58 -43.43
N SER H 176 14.83 18.45 -42.78
CA SER H 176 15.52 19.57 -43.45
C SER H 176 17.02 19.37 -43.65
N TYR H 177 17.62 20.27 -44.43
CA TYR H 177 19.02 20.21 -44.83
C TYR H 177 19.97 20.54 -43.67
N ILE H 178 21.07 19.81 -43.57
CA ILE H 178 21.96 19.94 -42.41
C ILE H 178 23.34 20.56 -42.71
N LYS H 179 23.90 20.27 -43.88
CA LYS H 179 25.17 20.90 -44.34
C LYS H 179 26.34 20.71 -43.39
N ILE H 180 26.77 19.48 -43.20
CA ILE H 180 27.97 19.22 -42.40
C ILE H 180 29.20 19.72 -43.20
N GLU H 181 30.06 20.47 -42.52
CA GLU H 181 31.18 21.14 -43.17
C GLU H 181 32.28 20.17 -43.59
N GLU H 182 32.68 19.28 -42.68
CA GLU H 182 33.74 18.33 -42.93
C GLU H 182 33.37 17.27 -43.96
N ASP H 183 34.36 16.81 -44.71
CA ASP H 183 34.17 15.77 -45.74
C ASP H 183 34.12 14.37 -45.12
N THR H 184 32.91 13.83 -45.02
CA THR H 184 32.65 12.43 -44.66
C THR H 184 31.33 12.05 -45.32
N TRP H 185 31.02 10.75 -45.34
CA TRP H 185 29.80 10.28 -45.96
C TRP H 185 28.57 10.93 -45.39
N GLN H 186 28.61 11.32 -44.12
CA GLN H 186 27.49 12.01 -43.47
C GLN H 186 26.99 13.15 -44.35
N LYS H 187 27.92 13.99 -44.80
CA LYS H 187 27.63 15.13 -45.67
C LYS H 187 26.71 14.74 -46.83
N TYR H 188 27.18 13.77 -47.61
CA TYR H 188 26.49 13.34 -48.83
C TYR H 188 25.18 12.66 -48.53
N TYR H 189 25.18 11.82 -47.50
CA TYR H 189 24.00 11.11 -47.03
C TYR H 189 22.90 12.10 -46.63
N LEU H 190 23.28 13.10 -45.84
CA LEU H 190 22.35 14.11 -45.31
C LEU H 190 21.84 15.05 -46.38
N GLU H 191 22.71 15.38 -47.34
CA GLU H 191 22.32 16.19 -48.48
C GLU H 191 21.17 15.52 -49.23
N GLY H 192 21.13 14.19 -49.19
CA GLY H 192 20.02 13.42 -49.72
C GLY H 192 18.84 13.39 -48.77
N VAL H 193 19.11 13.09 -47.50
CA VAL H 193 18.07 13.00 -46.46
C VAL H 193 17.13 14.20 -46.44
N ALA H 194 17.70 15.37 -46.73
CA ALA H 194 16.98 16.66 -46.77
C ALA H 194 15.72 16.63 -47.63
N ASN H 195 15.58 15.57 -48.40
CA ASN H 195 14.42 15.36 -49.23
C ASN H 195 13.16 14.91 -48.48
N GLU H 196 12.06 15.20 -49.14
CA GLU H 196 10.73 14.83 -48.75
C GLU H 196 10.00 14.86 -50.09
N MET H 197 9.07 13.93 -50.29
CA MET H 197 8.39 13.81 -51.59
C MET H 197 7.06 14.55 -51.63
N TYR H 198 6.97 15.55 -52.49
CA TYR H 198 5.79 16.40 -52.57
C TYR H 198 4.93 16.18 -53.81
N THR H 199 3.68 16.60 -53.72
CA THR H 199 2.72 16.47 -54.82
C THR H 199 2.44 17.83 -55.44
N GLU H 200 2.42 17.88 -56.78
CA GLU H 200 2.17 19.13 -57.51
C GLU H 200 1.54 18.90 -58.89
N TYR H 201 0.72 19.86 -59.31
CA TYR H 201 0.14 19.87 -60.64
C TYR H 201 1.12 20.40 -61.68
N LEU H 202 1.13 19.76 -62.85
CA LEU H 202 2.01 20.13 -63.95
C LEU H 202 1.52 21.41 -64.62
N SER H 203 2.47 22.27 -65.01
CA SER H 203 2.16 23.48 -65.77
C SER H 203 1.51 23.12 -67.11
N SER H 204 0.60 23.97 -67.56
CA SER H 204 -0.07 23.80 -68.86
C SER H 204 0.93 23.57 -69.98
N ALA H 205 2.14 24.09 -69.81
CA ALA H 205 3.21 24.01 -70.82
C ALA H 205 3.54 22.58 -71.25
N PHE H 206 3.51 21.65 -70.29
CA PHE H 206 3.95 20.28 -70.54
C PHE H 206 2.94 19.43 -71.30
N VAL H 207 1.69 19.88 -71.36
CA VAL H 207 0.61 19.12 -72.01
C VAL H 207 1.03 18.54 -73.36
N GLY H 208 0.82 17.24 -73.53
CA GLY H 208 1.06 16.59 -74.82
C GLY H 208 2.46 16.00 -74.97
N LEU H 209 3.42 16.55 -74.24
CA LEU H 209 4.79 16.04 -74.25
C LEU H 209 4.83 14.63 -73.67
N SER H 210 5.91 13.90 -73.95
CA SER H 210 6.12 12.58 -73.38
C SER H 210 6.69 12.72 -71.97
N PHE H 211 6.23 11.88 -71.04
CA PHE H 211 6.72 11.92 -69.66
C PHE H 211 8.24 12.06 -69.59
N PRO H 212 9.01 11.18 -70.29
CA PRO H 212 10.47 11.27 -70.32
C PRO H 212 11.02 12.66 -70.61
N THR H 213 10.49 13.31 -71.64
CA THR H 213 10.96 14.66 -72.01
C THR H 213 10.55 15.68 -70.94
N VAL H 214 9.35 15.53 -70.39
CA VAL H 214 8.88 16.37 -69.27
C VAL H 214 9.83 16.21 -68.09
N CYS H 215 10.13 14.96 -67.75
CA CYS H 215 11.00 14.62 -66.65
C CYS H 215 12.38 15.28 -66.75
N GLU H 216 12.94 15.27 -67.97
CA GLU H 216 14.23 15.92 -68.24
C GLU H 216 14.15 17.42 -68.00
N LEU H 217 13.11 18.05 -68.55
CA LEU H 217 12.91 19.49 -68.38
C LEU H 217 12.82 19.87 -66.91
N CYS H 218 12.10 19.06 -66.14
CA CYS H 218 11.94 19.31 -64.71
C CYS H 218 13.26 19.20 -63.96
N TYR H 219 14.06 18.20 -64.32
CA TYR H 219 15.35 18.00 -63.66
C TYR H 219 16.41 19.00 -64.11
N VAL H 220 16.41 19.31 -65.41
CA VAL H 220 17.42 20.18 -66.00
C VAL H 220 17.13 21.66 -65.73
N LYS H 221 15.89 22.07 -66.00
CA LYS H 221 15.47 23.47 -65.82
C LYS H 221 15.11 23.82 -64.37
N LEU H 222 14.62 22.84 -63.61
CA LEU H 222 14.12 23.11 -62.26
C LEU H 222 14.82 22.36 -61.11
N LYS H 223 15.58 21.31 -61.44
CA LYS H 223 16.23 20.47 -60.42
C LYS H 223 15.22 19.66 -59.56
N LEU H 224 13.99 19.54 -60.05
CA LEU H 224 12.97 18.71 -59.42
C LEU H 224 12.91 17.34 -60.08
N LEU H 225 13.27 16.31 -59.34
CA LEU H 225 13.19 14.94 -59.82
C LEU H 225 11.74 14.43 -59.77
N LEU H 226 11.13 14.27 -60.93
CA LEU H 226 9.77 13.77 -61.03
C LEU H 226 9.78 12.24 -61.20
N ILE H 227 8.88 11.55 -60.50
CA ILE H 227 8.84 10.08 -60.55
C ILE H 227 7.53 9.44 -61.01
N ALA H 228 6.42 10.15 -60.91
CA ALA H 228 5.13 9.57 -61.31
C ALA H 228 4.04 10.60 -61.58
N ILE H 229 3.13 10.23 -62.48
CA ILE H 229 1.95 11.03 -62.80
C ILE H 229 0.69 10.37 -62.24
N GLU H 230 -0.42 11.12 -62.21
CA GLU H 230 -1.71 10.57 -61.76
C GLU H 230 -2.77 10.71 -62.86
N TYR H 231 -2.66 9.87 -63.88
CA TYR H 231 -3.52 9.92 -65.08
C TYR H 231 -5.01 9.79 -64.78
N LYS H 232 -5.80 10.66 -65.40
CA LYS H 232 -7.24 10.68 -65.21
C LYS H 232 -7.92 9.71 -66.18
N LYS H 242 -8.38 7.96 -59.16
CA LYS H 242 -7.93 7.46 -60.46
C LYS H 242 -6.58 6.73 -60.35
N ARG H 243 -6.25 5.95 -61.37
CA ARG H 243 -5.01 5.16 -61.42
C ARG H 243 -3.78 6.06 -61.51
N ILE H 244 -2.69 5.63 -60.88
CA ILE H 244 -1.42 6.37 -60.90
C ILE H 244 -0.32 5.54 -61.57
N LEU H 245 0.51 6.20 -62.38
CA LEU H 245 1.58 5.53 -63.14
C LEU H 245 2.98 6.00 -62.72
N ILE H 246 3.78 5.08 -62.19
CA ILE H 246 5.16 5.36 -61.74
C ILE H 246 6.14 5.14 -62.89
N ASN H 247 6.88 6.20 -63.22
CA ASN H 247 7.78 6.24 -64.40
C ASN H 247 7.19 5.66 -65.69
N PRO H 248 6.16 6.33 -66.26
CA PRO H 248 5.61 5.76 -67.49
C PRO H 248 6.61 5.86 -68.65
N GLY H 249 6.43 5.01 -69.67
CA GLY H 249 7.25 5.04 -70.88
C GLY H 249 7.08 6.34 -71.64
N ASN H 250 7.78 6.47 -72.76
CA ASN H 250 7.77 7.73 -73.54
C ASN H 250 6.42 8.09 -74.17
N HIS H 251 5.52 7.12 -74.29
CA HIS H 251 4.25 7.29 -75.00
C HIS H 251 3.27 8.10 -74.23
N VAL H 252 3.26 7.93 -72.91
CA VAL H 252 2.36 8.66 -72.02
C VAL H 252 2.51 10.18 -72.17
N LYS H 253 1.40 10.83 -72.51
CA LYS H 253 1.38 12.28 -72.71
C LYS H 253 0.42 12.95 -71.73
N MET H 254 0.79 14.16 -71.29
CA MET H 254 0.08 14.88 -70.23
C MET H 254 -1.33 15.32 -70.61
N GLN H 255 -2.27 15.08 -69.71
CA GLN H 255 -3.67 15.35 -69.96
C GLN H 255 -4.12 16.57 -69.18
N GLU H 256 -4.13 17.72 -69.86
CA GLU H 256 -4.49 19.01 -69.27
C GLU H 256 -3.70 19.24 -67.97
N GLY H 257 -4.40 19.25 -66.84
CA GLY H 257 -3.78 19.35 -65.52
C GLY H 257 -3.58 17.98 -64.92
N THR H 258 -2.37 17.44 -65.10
CA THR H 258 -2.00 16.17 -64.52
C THR H 258 -1.36 16.44 -63.15
N LEU H 259 -1.44 15.46 -62.26
CA LEU H 259 -0.81 15.53 -60.95
C LEU H 259 0.48 14.73 -60.95
N GLY H 260 1.56 15.35 -60.49
CA GLY H 260 2.88 14.73 -60.52
C GLY H 260 3.54 14.64 -59.15
N PHE H 261 4.20 13.51 -58.90
CA PHE H 261 4.90 13.33 -57.64
C PHE H 261 6.37 13.65 -57.81
N PHE H 262 6.82 14.66 -57.07
CA PHE H 262 8.19 15.16 -57.16
C PHE H 262 8.99 14.86 -55.91
N ILE H 263 10.31 14.85 -56.05
CA ILE H 263 11.20 14.65 -54.92
C ILE H 263 12.09 15.89 -54.82
N ALA H 264 11.67 16.86 -54.03
CA ALA H 264 12.46 18.08 -53.86
C ALA H 264 12.71 18.41 -52.39
N SER H 265 13.74 19.22 -52.16
CA SER H 265 14.17 19.62 -50.82
C SER H 265 13.02 20.12 -49.96
N ASP H 266 12.35 21.17 -50.44
CA ASP H 266 11.34 21.90 -49.70
C ASP H 266 10.01 21.84 -50.47
N ALA H 267 8.88 21.98 -49.78
CA ALA H 267 7.57 22.01 -50.42
C ALA H 267 7.39 23.17 -51.41
N LYS H 268 7.98 24.32 -51.10
CA LYS H 268 7.93 25.52 -51.97
C LYS H 268 8.75 25.36 -53.26
N GLU H 269 9.79 24.54 -53.20
CA GLU H 269 10.60 24.20 -54.37
C GLU H 269 9.74 23.59 -55.48
N VAL H 270 8.80 22.73 -55.09
CA VAL H 270 7.96 21.99 -56.03
C VAL H 270 6.91 22.88 -56.68
N LYS H 271 6.55 23.97 -56.01
CA LYS H 271 5.57 24.92 -56.54
C LYS H 271 5.99 25.43 -57.93
N ARG H 272 7.30 25.57 -58.13
CA ARG H 272 7.89 26.04 -59.39
C ARG H 272 7.59 25.19 -60.63
N ALA H 273 7.18 23.94 -60.43
CA ALA H 273 6.82 23.05 -61.55
C ALA H 273 5.51 23.50 -62.20
N PHE H 274 5.14 24.75 -61.92
CA PHE H 274 3.86 25.30 -62.31
C PHE H 274 4.02 26.65 -63.05
N PHE H 275 4.96 26.70 -64.01
CA PHE H 275 5.23 27.91 -64.79
C PHE H 275 5.70 27.61 -66.22
N LYS H 349 -2.88 -21.66 -66.06
CA LYS H 349 -3.01 -20.61 -65.03
C LYS H 349 -1.66 -20.28 -64.39
N ARG H 350 -0.97 -19.29 -64.96
CA ARG H 350 0.37 -18.90 -64.51
C ARG H 350 0.40 -17.59 -63.70
N TYR H 351 -0.75 -16.91 -63.61
CA TYR H 351 -0.86 -15.63 -62.91
C TYR H 351 -2.06 -15.57 -61.97
N ASP H 352 -2.04 -14.61 -61.05
CA ASP H 352 -3.16 -14.31 -60.16
C ASP H 352 -4.33 -13.77 -60.96
N SER H 353 -5.52 -13.71 -60.34
CA SER H 353 -6.71 -13.16 -60.99
C SER H 353 -6.42 -11.81 -61.67
N THR H 354 -5.64 -10.97 -60.98
CA THR H 354 -5.25 -9.66 -61.49
C THR H 354 -4.22 -9.75 -62.61
N GLY H 355 -3.38 -10.78 -62.56
CA GLY H 355 -2.26 -10.93 -63.49
C GLY H 355 -1.11 -10.05 -63.05
N MET H 356 -1.17 -9.61 -61.78
CA MET H 356 -0.14 -8.77 -61.20
C MET H 356 0.96 -9.61 -60.59
N PHE H 357 0.59 -10.77 -60.04
CA PHE H 357 1.52 -11.63 -59.30
C PHE H 357 1.60 -13.04 -59.89
N HIS H 358 2.78 -13.66 -59.78
CA HIS H 358 2.99 -15.03 -60.25
C HIS H 358 2.26 -16.02 -59.40
N TRP H 359 1.22 -16.63 -59.98
CA TRP H 359 0.46 -17.65 -59.29
C TRP H 359 0.99 -19.02 -59.60
N CYS H 360 0.84 -19.92 -58.64
CA CYS H 360 1.28 -21.30 -58.75
C CYS H 360 0.23 -22.17 -58.03
N PRO H 361 -0.01 -23.39 -58.53
CA PRO H 361 -1.02 -24.23 -57.87
C PRO H 361 -0.68 -24.41 -56.40
N SER H 362 -1.66 -24.18 -55.53
CA SER H 362 -1.45 -24.34 -54.09
C SER H 362 -0.75 -25.67 -53.80
N LYS H 363 0.44 -25.59 -53.21
CA LYS H 363 1.25 -26.76 -52.90
C LYS H 363 1.08 -27.18 -51.42
N GLU H 364 1.22 -28.47 -51.15
CA GLU H 364 1.17 -28.99 -49.77
C GLU H 364 2.51 -28.74 -49.10
N ILE H 365 2.46 -28.25 -47.86
CA ILE H 365 3.66 -27.75 -47.17
C ILE H 365 4.86 -28.71 -47.16
N GLU H 366 4.59 -29.99 -46.91
CA GLU H 366 5.63 -31.02 -46.85
C GLU H 366 6.41 -31.20 -48.15
N LYS H 367 5.82 -30.78 -49.26
CA LYS H 367 6.48 -30.79 -50.57
C LYS H 367 7.60 -29.76 -50.64
N VAL H 368 7.50 -28.72 -49.79
CA VAL H 368 8.43 -27.59 -49.79
C VAL H 368 9.57 -27.74 -48.79
N ILE H 369 9.31 -28.42 -47.66
CA ILE H 369 10.29 -28.64 -46.60
C ILE H 369 11.56 -29.33 -47.10
N LEU H 370 12.69 -28.66 -46.97
CA LEU H 370 14.00 -29.25 -47.28
C LEU H 370 14.63 -29.82 -46.03
N THR H 371 15.25 -30.99 -46.16
CA THR H 371 16.11 -31.53 -45.11
C THR H 371 17.36 -30.66 -45.12
N ARG H 372 18.20 -30.75 -44.09
CA ARG H 372 19.47 -30.04 -44.11
C ARG H 372 20.33 -30.50 -45.29
N SER H 373 20.31 -31.80 -45.56
CA SER H 373 21.03 -32.40 -46.69
C SER H 373 20.47 -31.97 -48.04
N GLU H 374 19.19 -32.28 -48.28
CA GLU H 374 18.52 -31.87 -49.52
C GLU H 374 18.81 -30.42 -49.91
N ALA H 375 18.98 -29.57 -48.90
CA ALA H 375 19.29 -28.15 -49.09
C ALA H 375 20.76 -27.92 -49.41
N SER H 376 21.65 -28.60 -48.69
CA SER H 376 23.08 -28.47 -48.90
C SER H 376 23.47 -29.01 -50.27
N MET H 377 22.70 -30.00 -50.74
CA MET H 377 22.85 -30.58 -52.07
C MET H 377 22.73 -29.52 -53.17
N THR H 378 21.66 -28.72 -53.09
CA THR H 378 21.42 -27.65 -54.04
C THR H 378 22.29 -26.44 -53.71
N VAL H 379 23.09 -26.02 -54.68
CA VAL H 379 23.89 -24.80 -54.58
C VAL H 379 23.03 -23.61 -55.00
N LEU H 380 22.29 -23.06 -54.04
CA LEU H 380 21.39 -21.93 -54.28
C LEU H 380 22.16 -20.62 -54.28
N SER H 381 21.83 -19.74 -55.23
CA SER H 381 22.40 -18.39 -55.29
C SER H 381 21.42 -17.41 -55.91
N GLY H 382 21.61 -16.13 -55.62
CA GLY H 382 20.70 -15.08 -56.09
C GLY H 382 19.32 -15.22 -55.46
N HIS H 383 19.28 -15.78 -54.26
CA HIS H 383 18.04 -16.05 -53.56
C HIS H 383 17.90 -15.17 -52.36
N VAL H 384 16.76 -15.27 -51.67
CA VAL H 384 16.53 -14.53 -50.43
C VAL H 384 16.39 -15.53 -49.30
N VAL H 385 17.22 -15.38 -48.28
CA VAL H 385 17.14 -16.23 -47.09
C VAL H 385 16.49 -15.44 -45.95
N VAL H 386 15.18 -15.60 -45.82
CA VAL H 386 14.45 -15.00 -44.71
C VAL H 386 14.50 -16.01 -43.57
N CYS H 387 15.18 -15.64 -42.50
CA CYS H 387 15.25 -16.53 -41.35
C CYS H 387 14.53 -15.91 -40.17
N ILE H 388 13.46 -16.58 -39.76
CA ILE H 388 12.59 -16.09 -38.67
C ILE H 388 12.77 -16.87 -37.39
N PHE H 389 12.87 -16.13 -36.29
CA PHE H 389 12.76 -16.70 -34.97
C PHE H 389 11.28 -16.77 -34.62
N GLY H 390 10.92 -17.73 -33.78
CA GLY H 390 9.54 -17.83 -33.33
C GLY H 390 9.06 -19.25 -33.09
N ASP H 391 8.08 -19.37 -32.21
CA ASP H 391 7.42 -20.64 -31.94
C ASP H 391 5.94 -20.52 -32.33
N VAL H 392 5.17 -21.57 -32.07
CA VAL H 392 3.76 -21.66 -32.51
C VAL H 392 2.87 -20.54 -31.92
N THR H 393 3.21 -20.08 -30.72
CA THR H 393 2.45 -19.07 -29.99
C THR H 393 3.04 -17.66 -30.16
N SER H 394 3.36 -17.28 -31.38
CA SER H 394 3.88 -15.95 -31.67
C SER H 394 2.92 -15.18 -32.53
N ALA H 395 3.11 -13.86 -32.60
CA ALA H 395 2.36 -13.03 -33.53
C ALA H 395 2.75 -13.41 -34.95
N LEU H 396 1.80 -13.32 -35.88
CA LEU H 396 2.10 -13.58 -37.28
C LEU H 396 2.72 -12.35 -37.91
N VAL H 397 3.94 -12.50 -38.40
CA VAL H 397 4.67 -11.39 -39.01
C VAL H 397 3.97 -10.91 -40.29
N GLY H 398 3.23 -11.82 -40.95
CA GLY H 398 2.56 -11.50 -42.21
C GLY H 398 3.51 -11.66 -43.38
N LEU H 399 4.12 -12.84 -43.48
CA LEU H 399 5.11 -13.13 -44.51
C LEU H 399 4.57 -12.98 -45.91
N ARG H 400 3.24 -13.13 -46.06
CA ARG H 400 2.56 -12.85 -47.31
C ARG H 400 3.11 -11.57 -47.95
N ASN H 401 3.22 -10.52 -47.15
CA ASN H 401 3.63 -9.19 -47.62
C ASN H 401 5.11 -9.04 -47.93
N LEU H 402 5.93 -10.01 -47.51
CA LEU H 402 7.33 -10.01 -47.88
C LEU H 402 7.51 -10.66 -49.24
N VAL H 403 6.86 -11.80 -49.46
CA VAL H 403 7.00 -12.52 -50.73
C VAL H 403 6.27 -11.83 -51.89
N MET H 404 5.12 -11.23 -51.62
CA MET H 404 4.28 -10.68 -52.69
C MET H 404 5.00 -9.74 -53.66
N PRO H 405 5.67 -8.70 -53.14
CA PRO H 405 6.45 -7.81 -53.99
C PRO H 405 7.61 -8.52 -54.71
N LEU H 406 8.05 -9.64 -54.15
CA LEU H 406 9.11 -10.43 -54.77
C LEU H 406 8.54 -11.36 -55.85
N ARG H 407 7.22 -11.43 -55.90
CA ARG H 407 6.54 -12.25 -56.89
C ARG H 407 5.65 -11.43 -57.83
N ALA H 408 5.99 -10.16 -58.02
CA ALA H 408 5.24 -9.33 -58.96
C ALA H 408 5.49 -9.81 -60.40
N SER H 409 4.55 -9.52 -61.29
CA SER H 409 4.61 -10.02 -62.67
C SER H 409 5.59 -9.27 -63.57
N ASN H 410 6.22 -8.22 -63.05
CA ASN H 410 7.14 -7.40 -63.83
C ASN H 410 8.50 -8.06 -64.00
N PHE H 411 8.66 -9.23 -63.38
CA PHE H 411 9.89 -10.02 -63.48
C PHE H 411 9.56 -11.33 -64.17
N HIS H 412 10.49 -11.83 -64.96
CA HIS H 412 10.33 -13.11 -65.62
C HIS H 412 10.52 -14.19 -64.61
N TYR H 413 9.86 -15.33 -64.83
CA TYR H 413 10.01 -16.50 -63.96
C TYR H 413 11.49 -16.86 -63.77
N HIS H 414 12.28 -16.68 -64.84
CA HIS H 414 13.74 -16.83 -64.82
C HIS H 414 14.38 -15.87 -63.85
N GLU H 415 13.89 -14.63 -63.82
CA GLU H 415 14.44 -13.57 -62.97
C GLU H 415 14.04 -13.71 -61.50
N LEU H 416 12.97 -14.45 -61.22
CA LEU H 416 12.42 -14.57 -59.85
C LEU H 416 13.41 -15.13 -58.84
N LYS H 417 13.47 -14.50 -57.67
CA LYS H 417 14.39 -14.92 -56.60
C LYS H 417 13.72 -15.93 -55.70
N PRO H 418 14.29 -17.15 -55.58
CA PRO H 418 13.68 -18.13 -54.69
C PRO H 418 13.82 -17.71 -53.23
N ILE H 419 12.85 -18.10 -52.41
CA ILE H 419 12.82 -17.68 -51.02
C ILE H 419 12.94 -18.89 -50.10
N VAL H 420 13.91 -18.84 -49.19
CA VAL H 420 14.10 -19.90 -48.21
C VAL H 420 13.88 -19.40 -46.79
N PHE H 421 12.88 -19.96 -46.13
CA PHE H 421 12.62 -19.66 -44.73
C PHE H 421 13.38 -20.62 -43.83
N VAL H 422 14.15 -20.06 -42.91
CA VAL H 422 14.87 -20.85 -41.91
C VAL H 422 14.25 -20.56 -40.54
N GLY H 423 13.38 -21.46 -40.08
CA GLY H 423 12.69 -21.28 -38.80
C GLY H 423 12.19 -22.55 -38.17
N SER H 424 11.23 -22.41 -37.25
CA SER H 424 10.54 -23.56 -36.70
C SER H 424 9.36 -23.91 -37.61
N LEU H 425 9.26 -25.19 -37.95
CA LEU H 425 8.22 -25.67 -38.84
C LEU H 425 6.85 -25.39 -38.23
N ASP H 426 6.71 -25.66 -36.93
CA ASP H 426 5.45 -25.42 -36.20
C ASP H 426 4.96 -23.99 -36.36
N TYR H 427 5.87 -23.03 -36.20
CA TYR H 427 5.54 -21.63 -36.44
C TYR H 427 5.16 -21.43 -37.91
N LEU H 428 6.02 -21.89 -38.81
CA LEU H 428 5.85 -21.56 -40.22
C LEU H 428 4.53 -22.01 -40.83
N ARG H 429 4.15 -23.26 -40.55
CA ARG H 429 2.97 -23.86 -41.17
C ARG H 429 1.69 -23.05 -41.02
N ARG H 430 1.50 -22.43 -39.86
CA ARG H 430 0.32 -21.62 -39.62
C ARG H 430 0.27 -20.40 -40.53
N GLU H 431 1.42 -19.78 -40.77
CA GLU H 431 1.53 -18.71 -41.76
C GLU H 431 1.50 -19.22 -43.19
N TRP H 432 2.05 -20.41 -43.37
CA TRP H 432 2.24 -21.00 -44.70
C TRP H 432 1.06 -20.90 -45.62
N GLU H 433 -0.14 -21.10 -45.09
CA GLU H 433 -1.36 -21.19 -45.91
C GLU H 433 -1.55 -20.02 -46.89
N THR H 434 -1.02 -18.85 -46.55
CA THR H 434 -1.05 -17.70 -47.48
C THR H 434 -0.02 -17.81 -48.61
N LEU H 435 1.01 -18.61 -48.39
CA LEU H 435 2.12 -18.66 -49.33
C LEU H 435 2.05 -19.79 -50.37
N HIS H 436 1.24 -20.82 -50.11
CA HIS H 436 1.27 -22.00 -50.99
C HIS H 436 1.11 -21.68 -52.44
N ASN H 437 0.48 -20.54 -52.74
CA ASN H 437 0.26 -20.10 -54.11
C ASN H 437 1.50 -19.58 -54.83
N PHE H 438 2.46 -19.06 -54.07
CA PHE H 438 3.65 -18.47 -54.69
C PHE H 438 4.69 -19.52 -55.10
N PRO H 439 5.40 -19.29 -56.22
CA PRO H 439 6.40 -20.23 -56.69
C PRO H 439 7.78 -20.00 -56.07
N LYS H 440 8.62 -21.02 -56.16
CA LYS H 440 10.01 -20.98 -55.68
C LYS H 440 10.11 -20.56 -54.21
N VAL H 441 9.28 -21.19 -53.38
CA VAL H 441 9.29 -20.97 -51.92
C VAL H 441 9.77 -22.24 -51.21
N PHE H 442 10.63 -22.08 -50.20
CA PHE H 442 11.24 -23.22 -49.53
C PHE H 442 11.35 -23.01 -48.04
N ILE H 443 11.29 -24.10 -47.30
CA ILE H 443 11.40 -24.07 -45.84
C ILE H 443 12.50 -25.01 -45.39
N LEU H 444 13.45 -24.50 -44.60
CA LEU H 444 14.45 -25.35 -43.98
C LEU H 444 14.30 -25.24 -42.47
N PRO H 445 13.64 -26.24 -41.85
CA PRO H 445 13.47 -26.23 -40.40
C PRO H 445 14.82 -26.19 -39.66
N GLY H 446 14.88 -25.36 -38.63
CA GLY H 446 16.12 -25.10 -37.88
C GLY H 446 16.27 -23.64 -37.46
N THR H 447 17.29 -23.36 -36.65
CA THR H 447 17.51 -22.01 -36.13
C THR H 447 18.51 -21.20 -36.97
N PRO H 448 18.25 -19.90 -37.17
CA PRO H 448 19.19 -18.99 -37.84
C PRO H 448 20.52 -18.81 -37.10
N LEU H 449 20.67 -19.46 -35.95
CA LEU H 449 21.89 -19.38 -35.17
C LEU H 449 22.82 -20.56 -35.43
N SER H 450 22.30 -21.62 -36.03
CA SER H 450 23.13 -22.79 -36.39
C SER H 450 23.70 -22.58 -37.78
N ARG H 451 25.01 -22.67 -37.88
CA ARG H 451 25.69 -22.46 -39.16
C ARG H 451 25.44 -23.62 -40.10
N ALA H 452 25.20 -24.80 -39.54
CA ALA H 452 24.82 -25.97 -40.33
C ALA H 452 23.67 -25.64 -41.26
N ASP H 453 22.56 -25.16 -40.69
CA ASP H 453 21.39 -24.76 -41.47
C ASP H 453 21.74 -23.64 -42.43
N LEU H 454 22.57 -22.71 -41.96
CA LEU H 454 22.95 -21.53 -42.74
C LEU H 454 23.88 -21.84 -43.92
N ARG H 455 24.87 -22.69 -43.68
CA ARG H 455 25.79 -23.11 -44.74
C ARG H 455 25.05 -23.94 -45.78
N ALA H 456 24.05 -24.70 -45.32
CA ALA H 456 23.22 -25.51 -46.21
C ALA H 456 22.54 -24.69 -47.29
N VAL H 457 22.00 -23.54 -46.90
CA VAL H 457 21.32 -22.66 -47.84
C VAL H 457 22.23 -21.67 -48.53
N ASN H 458 23.54 -21.85 -48.36
CA ASN H 458 24.54 -21.09 -49.12
C ASN H 458 24.32 -19.58 -49.04
N ILE H 459 24.38 -19.04 -47.83
CA ILE H 459 24.14 -17.61 -47.62
C ILE H 459 25.08 -16.72 -48.44
N ASN H 460 26.36 -17.10 -48.47
CA ASN H 460 27.37 -16.40 -49.28
C ASN H 460 26.86 -15.90 -50.62
N LEU H 461 25.91 -16.65 -51.18
CA LEU H 461 25.40 -16.43 -52.53
C LEU H 461 24.14 -15.57 -52.65
N CYS H 462 23.33 -15.52 -51.60
CA CYS H 462 22.05 -14.79 -51.63
C CYS H 462 22.18 -13.29 -51.93
N ASP H 463 21.13 -12.74 -52.52
CA ASP H 463 21.07 -11.31 -52.80
C ASP H 463 20.66 -10.51 -51.59
N MET H 464 20.02 -11.17 -50.63
CA MET H 464 19.54 -10.54 -49.41
C MET H 464 19.18 -11.58 -48.36
N CYS H 465 19.58 -11.31 -47.13
CA CYS H 465 19.24 -12.17 -46.00
C CYS H 465 18.47 -11.35 -44.96
N VAL H 466 17.18 -11.63 -44.84
CA VAL H 466 16.30 -10.88 -43.96
C VAL H 466 16.23 -11.58 -42.61
N ILE H 467 16.52 -10.81 -41.55
CA ILE H 467 16.43 -11.31 -40.18
C ILE H 467 15.25 -10.69 -39.43
N LEU H 468 14.28 -11.52 -39.07
CA LEU H 468 13.06 -11.06 -38.41
C LEU H 468 12.94 -11.65 -37.02
N SER H 469 12.34 -10.89 -36.11
CA SER H 469 12.05 -11.37 -34.77
C SER H 469 10.55 -11.38 -34.53
N ALA H 470 10.00 -12.56 -34.26
CA ALA H 470 8.58 -12.65 -33.92
C ALA H 470 8.37 -12.27 -32.45
N ASN H 471 7.38 -11.42 -32.21
CA ASN H 471 7.07 -10.89 -30.87
C ASN H 471 6.51 -11.91 -29.87
N ALA H 478 10.01 -7.45 -22.99
CA ALA H 478 9.70 -8.46 -24.00
C ALA H 478 10.36 -8.18 -25.34
N SER H 479 10.64 -6.91 -25.63
CA SER H 479 11.40 -6.50 -26.82
C SER H 479 12.92 -6.67 -26.63
N LEU H 480 13.33 -6.75 -25.37
CA LEU H 480 14.68 -7.17 -24.97
C LEU H 480 15.03 -8.53 -25.58
N GLN H 481 14.00 -9.36 -25.75
CA GLN H 481 14.13 -10.68 -26.38
C GLN H 481 14.45 -10.64 -27.89
N ASP H 482 14.59 -9.44 -28.46
CA ASP H 482 15.10 -9.30 -29.84
C ASP H 482 16.64 -9.41 -29.89
N LYS H 483 17.26 -9.56 -28.70
CA LYS H 483 18.69 -9.86 -28.52
C LYS H 483 19.18 -10.91 -29.52
N GLU H 484 18.29 -11.85 -29.86
CA GLU H 484 18.52 -12.92 -30.83
C GLU H 484 18.92 -12.41 -32.22
N CYS H 485 18.21 -11.40 -32.74
CA CYS H 485 18.48 -10.85 -34.06
C CYS H 485 19.90 -10.34 -34.21
N ILE H 486 20.36 -9.62 -33.20
CA ILE H 486 21.74 -9.12 -33.12
C ILE H 486 22.69 -10.32 -33.19
N LEU H 487 22.47 -11.32 -32.34
CA LEU H 487 23.27 -12.56 -32.34
C LEU H 487 23.36 -13.22 -33.71
N ALA H 488 22.22 -13.37 -34.37
CA ALA H 488 22.15 -13.98 -35.71
C ALA H 488 22.96 -13.14 -36.67
N SER H 489 22.70 -11.84 -36.69
CA SER H 489 23.43 -10.90 -37.53
C SER H 489 24.94 -11.03 -37.34
N LEU H 490 25.40 -11.01 -36.09
CA LEU H 490 26.82 -11.10 -35.76
C LEU H 490 27.42 -12.44 -36.18
N ASN H 491 26.68 -13.51 -35.90
CA ASN H 491 26.99 -14.87 -36.35
C ASN H 491 27.41 -14.91 -37.82
N ILE H 492 26.50 -14.47 -38.68
CA ILE H 492 26.67 -14.51 -40.12
C ILE H 492 27.88 -13.70 -40.58
N LYS H 493 28.08 -12.51 -40.00
CA LYS H 493 29.21 -11.64 -40.34
C LYS H 493 30.56 -12.30 -40.04
N SER H 494 30.58 -13.24 -39.10
CA SER H 494 31.83 -13.86 -38.65
C SER H 494 32.09 -15.23 -39.25
N MET H 495 31.32 -15.60 -40.27
CA MET H 495 31.53 -16.85 -40.98
C MET H 495 32.56 -16.65 -42.09
N GLN H 496 33.13 -17.73 -42.58
CA GLN H 496 33.98 -17.71 -43.76
C GLN H 496 33.58 -18.85 -44.67
N PHE H 497 33.00 -18.52 -45.81
CA PHE H 497 32.42 -19.53 -46.70
C PHE H 497 33.47 -20.33 -47.51
N ASP H 498 34.55 -19.68 -47.95
CA ASP H 498 35.59 -20.29 -48.82
C ASP H 498 35.16 -20.37 -50.29
N THR H 502 34.66 -15.36 -50.93
CA THR H 502 33.76 -14.54 -50.09
C THR H 502 34.10 -14.67 -48.59
N THR H 503 33.63 -13.69 -47.82
CA THR H 503 33.78 -13.69 -46.36
C THR H 503 32.53 -13.14 -45.69
N GLY H 504 32.19 -13.67 -44.51
CA GLY H 504 30.93 -13.39 -43.83
C GLY H 504 30.47 -11.95 -43.76
N SER H 505 31.43 -11.02 -43.64
CA SER H 505 31.13 -9.59 -43.49
C SER H 505 30.55 -8.95 -44.76
N ASN H 506 30.70 -9.64 -45.88
CA ASN H 506 30.27 -9.12 -47.17
C ASN H 506 28.96 -9.74 -47.67
N ILE H 507 28.06 -10.03 -46.76
CA ILE H 507 26.78 -10.64 -47.10
C ILE H 507 25.65 -9.62 -46.93
N PRO H 508 24.76 -9.51 -47.93
CA PRO H 508 23.62 -8.60 -47.84
C PRO H 508 22.64 -9.01 -46.75
N ILE H 509 22.73 -8.32 -45.61
CA ILE H 509 21.86 -8.59 -44.47
C ILE H 509 20.98 -7.38 -44.20
N ILE H 510 19.78 -7.63 -43.70
CA ILE H 510 18.89 -6.58 -43.23
C ILE H 510 18.14 -7.03 -41.97
N THR H 511 18.56 -6.49 -40.83
CA THR H 511 18.04 -6.92 -39.55
C THR H 511 16.87 -6.01 -39.17
N GLU H 512 15.70 -6.62 -38.94
CA GLU H 512 14.56 -5.87 -38.45
C GLU H 512 14.70 -5.70 -36.95
N LEU H 513 14.84 -4.46 -36.52
CA LEU H 513 14.96 -4.14 -35.11
C LEU H 513 13.67 -3.60 -34.54
N VAL H 514 13.42 -3.88 -33.26
CA VAL H 514 12.21 -3.40 -32.61
C VAL H 514 12.52 -2.14 -31.81
N ASN H 515 13.76 -2.05 -31.35
CA ASN H 515 14.19 -0.94 -30.50
C ASN H 515 15.29 -0.13 -31.17
N ASP H 516 14.92 1.04 -31.70
CA ASP H 516 15.88 1.90 -32.41
C ASP H 516 17.24 2.03 -31.69
N SER H 517 17.24 1.98 -30.37
CA SER H 517 18.46 2.05 -29.56
C SER H 517 19.45 0.93 -29.88
N ASN H 518 18.93 -0.26 -30.16
CA ASN H 518 19.77 -1.45 -30.37
C ASN H 518 20.62 -1.42 -31.64
N VAL H 519 20.38 -0.43 -32.49
CA VAL H 519 21.09 -0.31 -33.77
C VAL H 519 22.59 -0.23 -33.53
N GLN H 520 22.96 0.42 -32.43
CA GLN H 520 24.36 0.54 -32.03
C GLN H 520 25.15 -0.74 -32.26
N PHE H 521 24.53 -1.87 -31.89
CA PHE H 521 25.23 -3.15 -31.79
C PHE H 521 25.58 -3.86 -33.09
N LEU H 522 24.72 -3.78 -34.10
CA LEU H 522 24.92 -4.61 -35.31
C LEU H 522 26.17 -4.31 -36.13
N ASP H 523 26.43 -3.04 -36.38
CA ASP H 523 27.71 -2.65 -36.95
C ASP H 523 28.59 -2.18 -35.80
N GLN H 524 29.82 -2.71 -35.75
CA GLN H 524 30.70 -2.49 -34.59
C GLN H 524 31.89 -1.57 -34.85
N ASP H 525 31.87 -0.88 -35.98
CA ASP H 525 32.89 0.14 -36.27
C ASP H 525 32.30 1.57 -36.29
N ASP H 526 30.97 1.68 -36.18
CA ASP H 526 30.29 2.98 -36.23
C ASP H 526 30.35 3.73 -34.90
N ASP H 527 30.10 5.04 -34.94
CA ASP H 527 30.01 5.87 -33.74
C ASP H 527 28.64 5.72 -33.09
N ASP H 528 28.64 5.36 -31.80
CA ASP H 528 27.40 5.01 -31.09
C ASP H 528 27.00 6.01 -30.03
N ASP H 529 25.69 6.23 -29.92
CA ASP H 529 25.08 7.05 -28.89
C ASP H 529 23.59 6.71 -28.88
N PRO H 530 23.04 6.38 -27.70
CA PRO H 530 21.62 6.05 -27.58
C PRO H 530 20.71 7.20 -28.01
N ASP H 531 21.13 8.44 -27.77
CA ASP H 531 20.33 9.63 -28.06
C ASP H 531 20.24 9.96 -29.56
N THR H 532 21.32 9.68 -30.28
CA THR H 532 21.39 9.87 -31.74
C THR H 532 20.21 9.20 -32.47
N GLU H 533 19.52 9.98 -33.31
CA GLU H 533 18.37 9.50 -34.06
C GLU H 533 18.72 8.36 -35.00
N LEU H 534 17.75 7.50 -35.30
CA LEU H 534 18.01 6.30 -36.10
C LEU H 534 18.48 6.60 -37.50
N TYR H 535 17.80 7.51 -38.19
CA TYR H 535 18.17 7.84 -39.56
C TYR H 535 19.65 8.24 -39.72
N LEU H 536 20.27 8.69 -38.63
CA LEU H 536 21.66 9.13 -38.65
C LEU H 536 22.70 8.02 -38.43
N THR H 537 22.26 6.87 -37.93
CA THR H 537 23.17 5.75 -37.67
C THR H 537 23.65 5.10 -38.94
N GLN H 538 24.90 4.65 -38.91
CA GLN H 538 25.49 4.01 -40.08
C GLN H 538 24.65 2.84 -40.59
N PRO H 539 24.33 1.88 -39.70
CA PRO H 539 23.61 0.68 -40.13
C PRO H 539 22.33 1.00 -40.87
N PHE H 540 21.65 2.07 -40.47
CA PHE H 540 20.44 2.51 -41.15
C PHE H 540 20.79 3.19 -42.47
N ALA H 541 21.77 4.07 -42.44
CA ALA H 541 22.23 4.76 -43.63
C ALA H 541 22.53 3.79 -44.77
N CYS H 542 22.91 2.56 -44.42
CA CYS H 542 23.33 1.59 -45.41
C CYS H 542 22.23 0.59 -45.82
N GLY H 543 21.15 0.52 -45.05
CA GLY H 543 20.09 -0.44 -45.35
C GLY H 543 20.39 -1.80 -44.76
N THR H 544 21.15 -1.79 -43.66
CA THR H 544 21.45 -2.97 -42.86
C THR H 544 20.35 -3.19 -41.82
N ALA H 545 19.73 -2.09 -41.39
CA ALA H 545 18.71 -2.13 -40.35
C ALA H 545 17.43 -1.42 -40.77
N PHE H 546 16.33 -1.83 -40.16
CA PHE H 546 15.03 -1.23 -40.38
C PHE H 546 14.08 -1.50 -39.23
N ALA H 547 13.52 -0.44 -38.65
CA ALA H 547 12.60 -0.55 -37.52
C ALA H 547 11.21 -0.11 -37.92
N VAL H 548 10.20 -0.65 -37.24
CA VAL H 548 8.81 -0.28 -37.47
C VAL H 548 8.64 1.20 -37.18
N SER H 549 9.49 1.69 -36.28
CA SER H 549 9.51 3.09 -35.82
C SER H 549 9.47 4.10 -36.95
N VAL H 550 10.33 3.85 -37.94
CA VAL H 550 10.51 4.73 -39.10
C VAL H 550 9.21 5.16 -39.81
N LEU H 551 8.24 4.25 -39.88
CA LEU H 551 7.01 4.50 -40.61
C LEU H 551 6.01 5.42 -39.90
N ASP H 552 6.18 5.62 -38.59
CA ASP H 552 5.30 6.50 -37.81
C ASP H 552 5.10 7.87 -38.47
N SER H 553 6.12 8.34 -39.18
CA SER H 553 6.08 9.61 -39.90
C SER H 553 4.96 9.69 -40.93
N LEU H 554 4.62 8.53 -41.51
CA LEU H 554 3.65 8.41 -42.60
C LEU H 554 2.29 8.96 -42.22
N MET H 555 1.90 8.72 -40.98
CA MET H 555 0.63 9.19 -40.44
C MET H 555 0.28 10.62 -40.85
N SER H 556 1.12 11.57 -40.46
CA SER H 556 0.90 12.97 -40.80
C SER H 556 1.04 13.15 -42.31
N ALA H 557 2.07 12.57 -42.89
CA ALA H 557 2.35 12.70 -44.31
C ALA H 557 1.20 12.24 -45.23
N THR H 558 0.49 11.19 -44.84
CA THR H 558 -0.64 10.67 -45.63
C THR H 558 -1.90 11.44 -45.37
N TYR H 559 -1.93 12.17 -44.27
CA TYR H 559 -3.01 13.12 -44.04
C TYR H 559 -2.93 14.19 -45.13
N PHE H 560 -1.75 14.79 -45.29
CA PHE H 560 -1.55 15.89 -46.23
C PHE H 560 -1.82 15.51 -47.68
N ASN H 561 -1.37 14.32 -48.10
CA ASN H 561 -1.60 13.85 -49.46
C ASN H 561 -2.02 12.41 -49.49
N ASP H 562 -3.31 12.18 -49.79
CA ASP H 562 -3.86 10.83 -49.91
C ASP H 562 -3.03 10.01 -50.88
N ASN H 563 -2.63 10.66 -51.97
CA ASN H 563 -1.89 10.05 -53.06
C ASN H 563 -0.61 9.41 -52.58
N ILE H 564 0.15 10.16 -51.78
CA ILE H 564 1.42 9.68 -51.24
C ILE H 564 1.32 8.23 -50.75
N LEU H 565 0.33 7.95 -49.91
CA LEU H 565 0.11 6.60 -49.37
C LEU H 565 -0.20 5.57 -50.46
N THR H 566 -1.02 5.95 -51.43
CA THR H 566 -1.35 5.04 -52.52
C THR H 566 -0.18 4.87 -53.49
N LEU H 567 0.66 5.88 -53.62
CA LEU H 567 1.90 5.73 -54.37
C LEU H 567 2.74 4.65 -53.72
N ILE H 568 3.16 4.87 -52.48
CA ILE H 568 4.07 3.94 -51.79
C ILE H 568 3.55 2.51 -51.77
N ARG H 569 2.28 2.34 -51.41
CA ARG H 569 1.71 1.02 -51.32
C ARG H 569 1.86 0.35 -52.69
N THR H 570 1.50 1.08 -53.75
CA THR H 570 1.61 0.60 -55.12
C THR H 570 3.06 0.27 -55.43
N LEU H 571 3.96 1.21 -55.13
CA LEU H 571 5.38 1.03 -55.39
C LEU H 571 5.96 -0.17 -54.65
N VAL H 572 5.64 -0.28 -53.36
CA VAL H 572 6.29 -1.24 -52.48
C VAL H 572 5.81 -2.69 -52.62
N THR H 573 4.50 -2.89 -52.74
CA THR H 573 3.94 -4.25 -52.79
C THR H 573 3.85 -4.87 -54.20
N GLY H 574 4.09 -4.06 -55.23
CA GLY H 574 3.97 -4.52 -56.61
C GLY H 574 2.62 -4.12 -57.16
N GLY H 575 1.54 -4.64 -56.55
CA GLY H 575 0.18 -4.42 -57.02
C GLY H 575 -0.82 -3.94 -55.99
N ALA H 576 -2.02 -3.60 -56.45
CA ALA H 576 -3.10 -3.11 -55.60
C ALA H 576 -4.44 -3.26 -56.33
N LEU H 580 -9.56 -5.33 -56.99
CA LEU H 580 -8.28 -4.95 -56.40
C LEU H 580 -8.20 -5.45 -54.95
N GLU H 581 -8.72 -4.63 -54.04
CA GLU H 581 -8.80 -4.95 -52.62
C GLU H 581 -9.90 -5.96 -52.31
N ALA H 582 -11.03 -5.88 -53.01
CA ALA H 582 -12.19 -6.76 -52.77
C ALA H 582 -11.91 -8.23 -53.04
N LEU H 583 -11.35 -8.54 -54.21
CA LEU H 583 -10.88 -9.89 -54.51
C LEU H 583 -9.94 -10.32 -53.38
N LEU H 584 -9.02 -9.43 -53.02
CA LEU H 584 -8.08 -9.65 -51.91
C LEU H 584 -8.78 -9.72 -50.55
N ALA H 585 -9.91 -9.01 -50.42
CA ALA H 585 -10.60 -8.87 -49.13
C ALA H 585 -11.57 -10.00 -48.81
N GLU H 586 -12.41 -10.37 -49.79
CA GLU H 586 -13.45 -11.38 -49.60
C GLU H 586 -12.84 -12.69 -49.10
N GLU H 587 -11.75 -13.10 -49.76
CA GLU H 587 -10.93 -14.21 -49.28
C GLU H 587 -9.48 -13.79 -49.07
N ASN H 588 -8.92 -14.23 -47.95
CA ASN H 588 -7.50 -14.00 -47.66
C ASN H 588 -6.62 -14.86 -48.58
N ALA H 589 -7.11 -16.05 -48.92
CA ALA H 589 -6.50 -16.86 -49.97
C ALA H 589 -6.68 -16.17 -51.33
N LEU H 590 -5.66 -16.25 -52.18
CA LEU H 590 -5.65 -15.49 -53.42
C LEU H 590 -5.98 -16.32 -54.68
N ARG H 591 -6.91 -15.81 -55.48
CA ARG H 591 -7.39 -16.51 -56.68
C ARG H 591 -6.42 -16.41 -57.85
N GLY H 592 -6.21 -17.52 -58.53
CA GLY H 592 -5.40 -17.53 -59.74
C GLY H 592 -6.26 -17.86 -60.93
N GLY H 593 -6.02 -17.18 -62.05
CA GLY H 593 -6.82 -17.39 -63.25
C GLY H 593 -6.02 -17.52 -64.54
N TYR H 594 -6.69 -17.98 -65.58
CA TYR H 594 -6.11 -17.99 -66.92
C TYR H 594 -5.89 -16.56 -67.41
N SER H 595 -4.76 -16.33 -68.07
CA SER H 595 -4.41 -15.01 -68.56
C SER H 595 -5.20 -14.59 -69.80
N THR H 596 -5.73 -13.38 -69.77
CA THR H 596 -6.35 -12.73 -70.93
C THR H 596 -5.36 -11.71 -71.47
N PRO H 597 -5.53 -11.25 -72.73
CA PRO H 597 -4.54 -10.29 -73.24
C PRO H 597 -4.64 -8.96 -72.48
N GLN H 598 -5.76 -8.76 -71.79
CA GLN H 598 -5.94 -7.62 -70.91
C GLN H 598 -5.16 -7.77 -69.59
N THR H 599 -4.95 -9.01 -69.13
CA THR H 599 -4.18 -9.27 -67.91
C THR H 599 -2.66 -9.29 -68.18
N LEU H 600 -2.27 -9.99 -69.24
CA LEU H 600 -0.88 -10.00 -69.70
C LEU H 600 -0.39 -8.58 -70.01
N ALA H 601 -1.34 -7.65 -70.08
CA ALA H 601 -1.05 -6.23 -70.30
C ALA H 601 -0.54 -5.56 -69.04
N ASN H 602 -0.96 -6.08 -67.89
CA ASN H 602 -0.59 -5.49 -66.62
C ASN H 602 0.86 -5.70 -66.21
N ARG H 603 1.52 -6.65 -66.85
CA ARG H 603 2.93 -6.93 -66.60
C ARG H 603 3.83 -5.73 -66.90
N ASP H 604 3.26 -4.72 -67.56
CA ASP H 604 4.01 -3.59 -68.08
C ASP H 604 4.56 -2.59 -67.03
N ARG H 605 4.18 -2.78 -65.77
CA ARG H 605 4.65 -1.94 -64.67
C ARG H 605 6.19 -1.91 -64.59
N CYS H 606 6.73 -0.75 -64.22
CA CYS H 606 8.17 -0.61 -64.01
C CYS H 606 8.65 -1.49 -62.88
N ARG H 607 9.95 -1.45 -62.61
CA ARG H 607 10.51 -2.23 -61.52
C ARG H 607 11.77 -1.59 -60.96
N VAL H 608 11.94 -1.73 -59.65
CA VAL H 608 13.13 -1.24 -58.97
C VAL H 608 14.30 -2.11 -59.35
N ALA H 609 15.45 -1.48 -59.54
CA ALA H 609 16.69 -2.22 -59.78
C ALA H 609 17.91 -1.38 -59.41
N GLN H 610 19.00 -2.09 -59.12
CA GLN H 610 20.25 -1.46 -58.77
C GLN H 610 21.29 -1.84 -59.82
N LEU H 611 21.96 -0.84 -60.38
CA LEU H 611 22.86 -1.07 -61.50
C LEU H 611 24.27 -0.59 -61.19
N ALA H 612 25.25 -1.16 -61.91
CA ALA H 612 26.65 -0.79 -61.77
C ALA H 612 27.13 0.04 -62.96
N LEU H 613 28.10 0.92 -62.71
CA LEU H 613 28.72 1.68 -63.77
C LEU H 613 29.77 0.84 -64.48
N TYR H 614 30.50 0.05 -63.70
CA TYR H 614 31.55 -0.85 -64.22
C TYR H 614 31.14 -1.66 -65.47
N ASP H 615 29.99 -2.34 -65.39
CA ASP H 615 29.50 -3.16 -66.50
C ASP H 615 28.50 -2.39 -67.35
N GLY H 616 28.19 -1.18 -66.88
CA GLY H 616 27.15 -0.34 -67.46
C GLY H 616 27.25 -0.05 -68.95
N PRO H 617 26.09 0.09 -69.62
CA PRO H 617 26.05 0.61 -70.98
C PRO H 617 26.45 2.08 -70.96
N PHE H 618 26.07 2.76 -69.87
CA PHE H 618 26.44 4.15 -69.64
C PHE H 618 27.70 4.27 -68.77
N ALA H 619 28.54 3.23 -68.83
CA ALA H 619 29.78 3.13 -68.05
C ALA H 619 30.77 4.27 -68.28
N ASP H 620 30.87 4.71 -69.53
CA ASP H 620 31.80 5.78 -69.94
C ASP H 620 31.70 7.04 -69.08
N LEU H 621 30.49 7.32 -68.57
CA LEU H 621 30.24 8.47 -67.69
C LEU H 621 30.92 8.35 -66.34
N GLY H 622 31.06 7.12 -65.84
CA GLY H 622 31.79 6.84 -64.59
C GLY H 622 33.27 7.14 -64.70
N ASP H 623 33.93 7.20 -63.54
CA ASP H 623 35.36 7.57 -63.42
C ASP H 623 35.58 9.08 -63.47
N GLY H 624 34.52 9.85 -63.17
CA GLY H 624 34.63 11.30 -63.06
C GLY H 624 33.47 12.11 -63.61
N GLY H 625 32.66 11.49 -64.47
CA GLY H 625 31.55 12.19 -65.13
C GLY H 625 30.48 12.66 -64.17
N CYS H 626 29.69 13.65 -64.61
CA CYS H 626 28.60 14.19 -63.79
C CYS H 626 27.36 13.32 -63.87
N TYR H 627 26.69 13.17 -62.73
CA TYR H 627 25.46 12.39 -62.62
C TYR H 627 24.38 12.96 -63.52
N GLY H 628 24.28 14.29 -63.54
CA GLY H 628 23.34 14.98 -64.43
C GLY H 628 23.47 14.55 -65.87
N ASP H 629 24.71 14.51 -66.36
CA ASP H 629 25.02 14.05 -67.71
C ASP H 629 24.55 12.60 -67.93
N LEU H 630 24.75 11.75 -66.92
CA LEU H 630 24.30 10.36 -67.00
C LEU H 630 22.78 10.23 -66.96
N PHE H 631 22.18 10.86 -65.96
CA PHE H 631 20.74 10.72 -65.75
C PHE H 631 19.98 10.82 -67.06
N CYS H 632 20.11 11.95 -67.74
CA CYS H 632 19.38 12.24 -68.99
C CYS H 632 19.63 11.15 -70.04
N LYS H 633 20.91 10.84 -70.26
CA LYS H 633 21.30 9.78 -71.18
C LYS H 633 20.55 8.49 -70.84
N ALA H 634 20.63 8.08 -69.58
CA ALA H 634 19.93 6.90 -69.08
C ALA H 634 18.41 6.94 -69.32
N LEU H 635 17.81 8.11 -69.15
CA LEU H 635 16.38 8.30 -69.35
C LEU H 635 15.97 8.19 -70.82
N LYS H 636 16.50 9.06 -71.67
CA LYS H 636 16.13 9.13 -73.09
C LYS H 636 16.42 7.85 -73.87
N THR H 637 17.51 7.17 -73.51
CA THR H 637 17.95 5.98 -74.22
C THR H 637 17.19 4.68 -73.84
N TYR H 638 16.88 4.49 -72.56
CA TYR H 638 16.17 3.26 -72.11
C TYR H 638 14.91 3.51 -71.28
N ASN H 639 14.50 4.78 -71.16
CA ASN H 639 13.40 5.19 -70.30
C ASN H 639 13.59 4.78 -68.84
N MET H 640 14.84 4.83 -68.39
CA MET H 640 15.20 4.55 -67.00
C MET H 640 15.21 5.82 -66.16
N LEU H 641 14.69 5.72 -64.94
CA LEU H 641 14.77 6.82 -63.99
C LEU H 641 15.81 6.51 -62.94
N CYS H 642 16.82 7.37 -62.85
CA CYS H 642 17.81 7.24 -61.81
C CYS H 642 17.50 8.26 -60.73
N PHE H 643 17.29 7.78 -59.52
CA PHE H 643 17.01 8.65 -58.40
C PHE H 643 18.02 8.59 -57.26
N GLY H 644 19.04 7.74 -57.38
CA GLY H 644 20.00 7.64 -56.32
C GLY H 644 21.29 6.91 -56.64
N ILE H 645 22.37 7.39 -56.01
CA ILE H 645 23.65 6.68 -56.00
C ILE H 645 23.78 5.91 -54.69
N TYR H 646 24.25 4.67 -54.77
CA TYR H 646 24.49 3.83 -53.60
C TYR H 646 25.99 3.65 -53.43
N ARG H 647 26.65 4.74 -53.04
CA ARG H 647 28.10 4.84 -52.97
C ARG H 647 28.68 4.05 -51.80
N LEU H 648 29.92 3.58 -51.95
CA LEU H 648 30.71 3.05 -50.83
C LEU H 648 30.99 4.18 -49.85
N ARG H 649 31.22 3.85 -48.58
CA ARG H 649 31.45 4.90 -47.60
C ARG H 649 32.90 5.39 -47.57
N ASP H 650 33.56 5.43 -48.74
CA ASP H 650 34.98 5.80 -48.83
C ASP H 650 35.35 6.66 -50.04
N ALA H 651 36.06 7.77 -49.78
CA ALA H 651 36.52 8.70 -50.81
C ALA H 651 38.02 8.99 -50.67
N PRO H 656 43.18 4.99 -50.58
CA PRO H 656 42.93 3.97 -49.57
C PRO H 656 41.50 3.42 -49.64
N SER H 657 41.33 2.13 -49.39
CA SER H 657 40.02 1.47 -49.46
C SER H 657 40.01 0.13 -48.74
N GLN H 658 38.93 -0.14 -47.99
CA GLN H 658 38.77 -1.44 -47.33
C GLN H 658 37.35 -2.02 -47.27
N CYS H 659 36.42 -1.23 -46.73
CA CYS H 659 35.06 -1.69 -46.44
C CYS H 659 34.17 -1.85 -47.68
N THR H 660 33.10 -2.61 -47.53
CA THR H 660 32.16 -2.88 -48.63
C THR H 660 30.84 -2.14 -48.43
N LYS H 661 30.62 -1.65 -47.21
CA LYS H 661 29.38 -0.97 -46.84
C LYS H 661 29.11 0.24 -47.74
N ARG H 662 27.88 0.32 -48.21
CA ARG H 662 27.45 1.41 -49.08
C ARG H 662 26.31 2.16 -48.44
N TYR H 663 26.34 3.49 -48.56
CA TYR H 663 25.28 4.33 -48.02
C TYR H 663 24.48 4.97 -49.16
N VAL H 664 23.33 5.54 -48.81
CA VAL H 664 22.36 5.97 -49.80
C VAL H 664 22.36 7.48 -49.99
N ILE H 665 22.44 7.91 -51.25
CA ILE H 665 22.32 9.33 -51.61
C ILE H 665 21.13 9.55 -52.55
N THR H 666 20.06 10.13 -52.00
CA THR H 666 18.82 10.41 -52.74
C THR H 666 18.90 11.67 -53.61
N ASN H 667 18.50 11.52 -54.87
CA ASN H 667 18.35 12.64 -55.82
C ASN H 667 19.54 13.61 -55.85
N PRO H 668 20.70 13.14 -56.35
CA PRO H 668 21.87 14.02 -56.36
C PRO H 668 21.76 15.10 -57.46
N PRO H 669 22.45 16.25 -57.29
CA PRO H 669 22.31 17.37 -58.22
C PRO H 669 22.91 17.08 -59.59
N TYR H 670 22.54 17.88 -60.58
CA TYR H 670 23.03 17.71 -61.96
C TYR H 670 24.55 17.80 -62.08
N GLU H 671 25.18 18.40 -61.08
CA GLU H 671 26.62 18.56 -61.05
C GLU H 671 27.23 17.72 -59.94
N PHE H 672 27.12 16.41 -60.06
CA PHE H 672 27.60 15.50 -59.00
C PHE H 672 28.62 14.51 -59.52
N GLU H 673 29.84 14.58 -58.99
CA GLU H 673 30.95 13.72 -59.42
C GLU H 673 30.69 12.24 -59.10
N MET H 674 30.82 11.40 -60.12
CA MET H 674 30.67 9.95 -59.95
C MET H 674 32.02 9.31 -59.63
N VAL H 675 32.01 7.98 -59.55
CA VAL H 675 33.19 7.15 -59.28
C VAL H 675 32.88 5.84 -60.03
N PRO H 676 33.92 5.02 -60.34
CA PRO H 676 33.60 3.68 -60.90
C PRO H 676 32.84 2.77 -59.93
N THR H 677 33.08 2.95 -58.62
CA THR H 677 32.53 2.07 -57.59
C THR H 677 31.04 2.29 -57.33
N ASP H 678 30.49 3.38 -57.83
CA ASP H 678 29.09 3.74 -57.59
C ASP H 678 28.07 2.73 -58.10
N LEU H 679 26.88 2.75 -57.50
CA LEU H 679 25.74 1.98 -57.94
C LEU H 679 24.55 2.90 -58.13
N ILE H 680 23.61 2.50 -58.98
CA ILE H 680 22.48 3.35 -59.33
C ILE H 680 21.13 2.76 -58.95
N PHE H 681 20.41 3.45 -58.07
CA PHE H 681 19.02 3.15 -57.82
C PHE H 681 18.24 3.67 -59.01
N CYS H 682 17.36 2.82 -59.55
CA CYS H 682 16.58 3.22 -60.72
C CYS H 682 15.30 2.40 -60.94
N LEU H 683 14.39 2.99 -61.72
CA LEU H 683 13.17 2.31 -62.12
C LEU H 683 13.29 2.01 -63.62
N MET H 684 13.45 0.73 -63.92
CA MET H 684 13.54 0.26 -65.30
C MET H 684 12.17 -0.10 -65.86
N GLN H 685 12.03 -0.03 -67.18
CA GLN H 685 10.78 -0.39 -67.85
C GLN H 685 10.65 -1.91 -67.97
N PHE H 686 9.65 -2.37 -68.71
CA PHE H 686 9.48 -3.79 -68.90
C PHE H 686 9.50 -4.19 -70.38
#